data_8F0G
#
_entry.id   8F0G
#
_cell.length_a   1.00
_cell.length_b   1.00
_cell.length_c   1.00
_cell.angle_alpha   90.00
_cell.angle_beta   90.00
_cell.angle_gamma   90.00
#
_symmetry.space_group_name_H-M   'P 1'
#
loop_
_entity.id
_entity.type
_entity.pdbx_description
1 polymer 'Antibody 1C3 Fab Heavy Chain'
2 polymer 'Antibody 1C3 Fab Light Chain'
3 polymer 'Spike glycoprotein'
4 branched 2-acetamido-2-deoxy-beta-D-glucopyranose-(1-4)-2-acetamido-2-deoxy-beta-D-glucopyranose
5 non-polymer 2-acetamido-2-deoxy-beta-D-glucopyranose
#
loop_
_entity_poly.entity_id
_entity_poly.type
_entity_poly.pdbx_seq_one_letter_code
_entity_poly.pdbx_strand_id
1 'polypeptide(L)'
;QVQLLESGGGLVQPGRSLRLSCAASGFTFDDYAMHWVRQPPGKGLEWVSGSSWNSGSVVYADSVKGRFTISRDSAKNSLH
LQMNSLRVEDTALYYCAKAVDPTRGSYSPDYGFDIWGQGTMVTVSS
;
X
2 'polypeptide(L)'
;DAIRMTQSPSSLSASVGDRVTITCRASQSISSYLNWYQQKPGKAPNLLIYAASSLESGVPSRFSGSGSGTDFTLTISSLQ
PEDFATYYCQQSYSTPLTFGGGTKVEIK
;
Y
3 'polypeptide(L)'
;MGVKVLFALICIAVAEAQCVNLTTRTQLPPAYTNSFTRGVYYPDKVFRSSVLHSTQDLFLPFFSNVTWFHVISGTNGTKR
FDNPVLPFNDGVYFASIEKSNIIRGWIFGTTLDSKTQSLLIVNNATNVVIKVCEFQFCNDPFLDHKNNKSWMESEFRVYS
SANNCTFEYVSQPFLMDLEGKQGNFKNLREFVFKNIDGYFKIYSKHTPIIVREPEDLPQGFSALEPLVDLPIGINITRFQ
TLLALHRSYLTPGDSSSGWTAGAAAYYVGYLQPRTFLLKYNENGTITDAVDCALDPLSETKCTLKSFTVEKGIYQTSNFR
VQPTESIVRFPNITNLCPFDEVFNATRFASVYAWNRKRISNCVADYSVLYNLAPFFTFKCYGVSPTKLNDLCFTNVYADS
FVIRGDEVRQIAPGQTGNIADYNYKLPDDFTGCVIAWNSNKLDSKVSGNYNYLYRLFRKSNLKPFERDISTEIYQAGNKP
CNGVAGFNCYFPLRSYSFRPTYGVGHQPYRVVVLSFELLHAPATVCGPKKSTNLVKNKCVNFNFNGLKGTGVLTESNKKF
LPFQQFGRDIADTTDAVRDPQTLEILDITPCSFGGVSVITPGTNTSNQVAVLYQGVNCTEVPVAIHADQLTPTWRVYSTG
SNVFQTRAGCLIGAEYVNNSYECDIPIGAGICASYQTQTKSHGSASSVASQSIIAYTMSLGAENSVAYSNNSIAIPTNFT
ISVTTEILPVSMTKTSVDCTMYICGDSTECSNLLLQYGSFCTQLKRALTGIAVEQDKNTQEVFAQVKQIYKTPPIKYFGG
FNFSQILPDPSKPSKRSPIEDLLFNKVTLADAGFIKQYGDCLGDIAARDLICAQKFKGLTVLPPLLTDEMIAQYTSALLA
GTITSGWTFGAGPALQIPFPMQMAYRFNGIGVTQNVLYENQKLIANQFNSAIGKIQDSLSSTPSALGKLQDVVNHNAQAL
NTLVKQLSSKFGAISSVLNDIFSRLDPPEAEVQIDRLITGRLQSLQTYVTQQLIRAAEIRASANLAATKMSECVLGQSKR
VDFCGKGYHLMSFPQSAPHGVVFLHVTYVPAQEKNFTTAPAICHDGKAHFPREGVFVSNGTHWFVTQRNFYEPQIITTDN
TFVSGNCDVVIGIVNNTVYDPLQPELDSFKEELDKYFKNHTSPDVDLGDISGINASVVNIQKEIDRLNEVAKNLNESLID
LQELGKYEQ
;
A,B,C
#
loop_
_chem_comp.id
_chem_comp.type
_chem_comp.name
_chem_comp.formula
NAG D-saccharide, beta linking 2-acetamido-2-deoxy-beta-D-glucopyranose 'C8 H15 N O6'
#
# COMPACT_ATOMS: atom_id res chain seq x y z
N GLN A 3 73.88 -19.05 -9.59
CA GLN A 3 75.17 -18.43 -9.93
C GLN A 3 75.65 -18.90 -11.29
N LEU A 4 75.59 -18.01 -12.27
CA LEU A 4 75.98 -18.33 -13.65
C LEU A 4 77.44 -17.95 -13.90
N LEU A 5 78.33 -18.57 -13.13
CA LEU A 5 79.75 -18.35 -13.33
C LEU A 5 80.22 -18.94 -14.65
N GLU A 6 81.07 -18.20 -15.34
CA GLU A 6 81.54 -18.60 -16.66
C GLU A 6 83.07 -18.59 -16.69
N SER A 7 83.62 -19.06 -17.81
CA SER A 7 85.07 -19.08 -17.98
C SER A 7 85.55 -17.94 -18.85
N LEU A 11 93.73 -15.57 -28.73
CA LEU A 11 92.53 -14.75 -28.86
C LEU A 11 92.69 -13.76 -30.01
N VAL A 12 93.88 -13.16 -30.11
CA VAL A 12 94.14 -12.19 -31.16
C VAL A 12 94.20 -12.85 -32.52
N GLN A 13 94.68 -14.08 -32.60
CA GLN A 13 94.86 -14.73 -33.89
C GLN A 13 93.50 -14.97 -34.55
N PRO A 14 93.43 -14.87 -35.88
CA PRO A 14 92.15 -15.10 -36.55
C PRO A 14 91.58 -16.49 -36.35
N GLY A 15 92.43 -17.51 -36.22
CA GLY A 15 91.93 -18.86 -36.07
C GLY A 15 92.11 -19.43 -34.68
N ARG A 16 91.02 -19.55 -33.94
CA ARG A 16 91.04 -20.10 -32.60
C ARG A 16 89.93 -21.13 -32.44
N SER A 17 90.08 -21.99 -31.43
CA SER A 17 89.09 -23.00 -31.09
C SER A 17 88.86 -23.03 -29.59
N LEU A 18 88.76 -21.86 -28.97
CA LEU A 18 88.60 -21.77 -27.53
C LEU A 18 87.20 -22.20 -27.13
N ARG A 19 87.10 -22.90 -26.00
CA ARG A 19 85.83 -23.40 -25.48
C ARG A 19 85.37 -22.50 -24.34
N LEU A 20 84.16 -21.98 -24.46
CA LEU A 20 83.56 -21.11 -23.45
C LEU A 20 82.45 -21.86 -22.74
N SER A 21 82.59 -22.00 -21.42
CA SER A 21 81.63 -22.72 -20.61
C SER A 21 81.18 -21.84 -19.45
N CYS A 22 79.88 -21.89 -19.15
CA CYS A 22 79.29 -21.13 -18.06
C CYS A 22 78.67 -22.09 -17.06
N ALA A 23 79.33 -22.25 -15.91
CA ALA A 23 78.81 -23.12 -14.87
C ALA A 23 77.54 -22.55 -14.26
N ALA A 24 76.66 -23.44 -13.80
CA ALA A 24 75.37 -23.06 -13.24
C ALA A 24 75.29 -23.52 -11.79
N SER A 25 74.83 -22.62 -10.92
CA SER A 25 74.67 -22.94 -9.51
C SER A 25 73.41 -22.26 -8.98
N GLY A 26 72.86 -22.84 -7.92
CA GLY A 26 71.66 -22.30 -7.32
C GLY A 26 70.40 -22.70 -8.05
N PHE A 27 70.16 -22.11 -9.22
CA PHE A 27 68.98 -22.46 -10.00
C PHE A 27 69.16 -23.83 -10.65
N THR A 28 68.03 -24.43 -11.01
CA THR A 28 68.03 -25.79 -11.56
C THR A 28 68.13 -25.74 -13.07
N PHE A 29 69.04 -26.53 -13.62
CA PHE A 29 69.25 -26.60 -15.04
C PHE A 29 68.05 -27.26 -15.72
N ASP A 30 68.01 -27.16 -17.05
CA ASP A 30 66.99 -27.76 -17.89
C ASP A 30 65.59 -27.21 -17.63
N ASP A 31 65.49 -26.05 -16.98
CA ASP A 31 64.20 -25.44 -16.73
C ASP A 31 63.96 -24.19 -17.54
N TYR A 32 65.00 -23.47 -17.93
CA TYR A 32 64.86 -22.25 -18.70
C TYR A 32 65.76 -22.30 -19.93
N ALA A 33 65.91 -21.19 -20.61
CA ALA A 33 66.70 -21.10 -21.84
C ALA A 33 67.93 -20.24 -21.58
N MET A 34 69.04 -20.87 -21.22
CA MET A 34 70.30 -20.15 -21.12
C MET A 34 70.74 -19.64 -22.49
N HIS A 35 71.15 -18.38 -22.53
CA HIS A 35 71.57 -17.72 -23.77
C HIS A 35 72.93 -17.09 -23.57
N TRP A 36 73.62 -16.86 -24.68
CA TRP A 36 74.91 -16.19 -24.69
C TRP A 36 74.77 -14.87 -25.41
N VAL A 37 75.31 -13.80 -24.81
CA VAL A 37 75.22 -12.46 -25.37
C VAL A 37 76.62 -11.85 -25.41
N ARG A 38 76.99 -11.30 -26.55
CA ARG A 38 78.30 -10.67 -26.74
C ARG A 38 78.17 -9.17 -26.64
N GLN A 39 79.05 -8.56 -25.84
CA GLN A 39 79.07 -7.11 -25.64
C GLN A 39 80.47 -6.57 -25.94
N PRO A 40 80.69 -6.04 -27.13
CA PRO A 40 81.98 -5.42 -27.44
C PRO A 40 82.21 -4.22 -26.55
N PRO A 41 83.46 -3.97 -26.15
CA PRO A 41 83.75 -2.80 -25.31
C PRO A 41 83.38 -1.51 -26.02
N GLY A 42 82.80 -0.58 -25.26
CA GLY A 42 82.36 0.68 -25.82
C GLY A 42 81.06 0.61 -26.59
N LYS A 43 80.40 -0.54 -26.62
CA LYS A 43 79.17 -0.71 -27.37
C LYS A 43 78.17 -1.47 -26.52
N GLY A 44 76.97 -1.66 -27.07
CA GLY A 44 75.89 -2.31 -26.37
C GLY A 44 75.94 -3.82 -26.49
N LEU A 45 74.91 -4.45 -25.94
CA LEU A 45 74.79 -5.90 -25.95
C LEU A 45 74.29 -6.38 -27.32
N GLU A 46 74.47 -7.68 -27.56
CA GLU A 46 74.01 -8.30 -28.81
C GLU A 46 73.88 -9.80 -28.57
N TRP A 47 72.66 -10.31 -28.63
CA TRP A 47 72.43 -11.73 -28.44
C TRP A 47 73.02 -12.53 -29.61
N VAL A 48 73.74 -13.59 -29.29
CA VAL A 48 74.47 -14.33 -30.30
C VAL A 48 74.10 -15.81 -30.30
N SER A 49 73.64 -16.32 -29.16
CA SER A 49 73.35 -17.73 -29.03
C SER A 49 72.11 -17.95 -28.19
N GLY A 50 71.42 -19.05 -28.46
CA GLY A 50 70.22 -19.41 -27.73
C GLY A 50 69.96 -20.89 -27.66
N SER A 51 69.74 -21.42 -26.47
CA SER A 51 69.46 -22.82 -26.24
C SER A 51 68.02 -23.00 -25.78
N SER A 52 67.58 -24.25 -25.74
CA SER A 52 66.22 -24.58 -25.33
C SER A 52 66.23 -25.74 -24.35
N TRP A 53 65.52 -25.58 -23.24
CA TRP A 53 65.36 -26.68 -22.29
C TRP A 53 64.32 -27.68 -22.76
N ASN A 54 63.27 -27.22 -23.43
CA ASN A 54 62.18 -28.11 -23.79
C ASN A 54 62.59 -29.10 -24.87
N SER A 55 63.37 -28.67 -25.84
CA SER A 55 63.79 -29.52 -26.94
C SER A 55 65.23 -29.17 -27.32
N GLY A 56 65.75 -29.90 -28.30
CA GLY A 56 67.08 -29.66 -28.82
C GLY A 56 67.17 -28.57 -29.86
N SER A 57 66.06 -27.92 -30.18
CA SER A 57 66.08 -26.83 -31.13
C SER A 57 66.95 -25.70 -30.62
N VAL A 58 67.78 -25.14 -31.50
CA VAL A 58 68.76 -24.13 -31.13
C VAL A 58 68.78 -23.04 -32.20
N VAL A 59 68.80 -21.78 -31.75
CA VAL A 59 68.84 -20.63 -32.64
C VAL A 59 70.03 -19.77 -32.28
N TYR A 60 70.84 -19.42 -33.27
CA TYR A 60 71.95 -18.50 -33.10
C TYR A 60 71.61 -17.15 -33.71
N ALA A 61 72.55 -16.22 -33.61
CA ALA A 61 72.40 -14.93 -34.27
C ALA A 61 72.48 -15.09 -35.77
N ASP A 62 71.69 -14.31 -36.48
CA ASP A 62 71.66 -14.39 -37.93
C ASP A 62 72.69 -13.51 -38.60
N SER A 63 73.53 -12.81 -37.82
CA SER A 63 74.58 -12.01 -38.42
C SER A 63 75.54 -12.88 -39.22
N VAL A 64 75.93 -14.01 -38.65
CA VAL A 64 76.76 -14.99 -39.34
C VAL A 64 76.31 -16.38 -38.87
N LYS A 65 76.08 -17.27 -39.82
CA LYS A 65 75.60 -18.60 -39.50
C LYS A 65 76.73 -19.61 -39.51
N GLY A 66 76.46 -20.76 -38.92
CA GLY A 66 77.42 -21.86 -38.92
C GLY A 66 78.53 -21.73 -37.91
N ARG A 67 79.13 -20.55 -37.81
CA ARG A 67 80.23 -20.35 -36.87
C ARG A 67 79.78 -20.53 -35.43
N PHE A 68 78.60 -20.01 -35.10
CA PHE A 68 78.08 -20.15 -33.74
C PHE A 68 77.57 -21.57 -33.53
N THR A 69 78.00 -22.18 -32.42
CA THR A 69 77.49 -23.48 -32.02
C THR A 69 77.38 -23.55 -30.50
N ILE A 70 76.27 -24.13 -30.02
CA ILE A 70 76.00 -24.24 -28.59
C ILE A 70 75.55 -25.66 -28.30
N SER A 71 75.73 -26.08 -27.05
CA SER A 71 75.34 -27.41 -26.61
C SER A 71 74.80 -27.32 -25.19
N ARG A 72 74.40 -28.47 -24.65
CA ARG A 72 73.88 -28.54 -23.29
C ARG A 72 74.43 -29.77 -22.59
N ASP A 73 74.49 -29.69 -21.27
CA ASP A 73 74.97 -30.80 -20.45
C ASP A 73 74.37 -30.69 -19.05
N SER A 74 73.48 -31.62 -18.72
CA SER A 74 72.75 -31.55 -17.45
C SER A 74 73.57 -32.00 -16.26
N ALA A 75 74.54 -32.90 -16.46
CA ALA A 75 75.30 -33.41 -15.32
C ALA A 75 76.20 -32.33 -14.74
N LYS A 76 76.83 -31.52 -15.59
CA LYS A 76 77.74 -30.48 -15.15
C LYS A 76 77.15 -29.08 -15.27
N ASN A 77 75.92 -28.92 -15.75
CA ASN A 77 75.18 -27.66 -15.69
C ASN A 77 75.95 -26.52 -16.38
N SER A 78 76.12 -26.66 -17.68
CA SER A 78 76.83 -25.65 -18.45
C SER A 78 76.29 -25.63 -19.87
N LEU A 79 76.92 -24.81 -20.72
CA LEU A 79 76.59 -24.76 -22.13
C LEU A 79 77.74 -25.21 -23.01
N HIS A 80 78.98 -24.87 -22.63
CA HIS A 80 80.17 -25.21 -23.39
C HIS A 80 80.08 -24.71 -24.83
N LEU A 81 80.02 -23.39 -24.97
CA LEU A 81 80.01 -22.80 -26.30
C LEU A 81 81.35 -22.99 -26.98
N GLN A 82 81.31 -23.42 -28.24
CA GLN A 82 82.51 -23.62 -29.04
C GLN A 82 82.60 -22.50 -30.07
N MET A 83 83.76 -21.86 -30.13
CA MET A 83 84.01 -20.76 -31.06
C MET A 83 85.15 -21.13 -31.98
N ASN A 84 84.94 -20.96 -33.28
CA ASN A 84 85.92 -21.28 -34.30
C ASN A 84 86.18 -20.05 -35.17
N SER A 85 87.46 -19.83 -35.50
CA SER A 85 87.87 -18.71 -36.35
C SER A 85 87.39 -17.38 -35.79
N LEU A 86 87.88 -17.05 -34.60
CA LEU A 86 87.48 -15.83 -33.93
C LEU A 86 88.04 -14.61 -34.66
N ARG A 87 87.15 -13.68 -35.02
CA ARG A 87 87.59 -12.45 -35.67
C ARG A 87 88.28 -11.54 -34.67
N VAL A 88 89.17 -10.69 -35.20
CA VAL A 88 89.88 -9.75 -34.33
C VAL A 88 88.93 -8.78 -33.67
N GLU A 89 87.95 -8.27 -34.44
CA GLU A 89 86.97 -7.36 -33.88
C GLU A 89 85.91 -8.09 -33.06
N ASP A 90 85.77 -9.39 -33.23
CA ASP A 90 84.78 -10.16 -32.49
C ASP A 90 85.14 -10.32 -31.03
N THR A 91 86.35 -9.97 -30.63
CA THR A 91 86.75 -10.09 -29.24
C THR A 91 85.89 -9.21 -28.34
N ALA A 92 85.29 -9.82 -27.33
CA ALA A 92 84.39 -9.11 -26.42
C ALA A 92 84.27 -9.92 -25.14
N LEU A 93 83.68 -9.29 -24.12
CA LEU A 93 83.43 -9.95 -22.85
C LEU A 93 82.07 -10.62 -22.96
N TYR A 94 82.06 -11.95 -22.99
CA TYR A 94 80.84 -12.69 -23.26
C TYR A 94 80.06 -12.90 -21.98
N TYR A 95 78.74 -12.97 -22.12
CA TYR A 95 77.81 -13.12 -21.01
C TYR A 95 76.93 -14.33 -21.21
N CYS A 96 76.68 -15.06 -20.13
CA CYS A 96 75.73 -16.18 -20.13
C CYS A 96 74.53 -15.79 -19.27
N ALA A 97 73.36 -15.71 -19.90
CA ALA A 97 72.14 -15.26 -19.24
C ALA A 97 71.10 -16.36 -19.19
N LYS A 98 70.29 -16.34 -18.15
CA LYS A 98 69.23 -17.32 -17.95
C LYS A 98 67.87 -16.71 -18.32
N ALA A 99 67.05 -17.49 -18.99
CA ALA A 99 65.72 -17.02 -19.34
C ALA A 99 64.82 -16.98 -18.10
N VAL A 100 63.77 -16.17 -18.18
CA VAL A 100 62.82 -16.02 -17.09
C VAL A 100 62.00 -17.29 -16.94
N ASP A 101 61.25 -17.40 -15.85
CA ASP A 101 60.46 -18.59 -15.59
C ASP A 101 59.41 -18.78 -16.67
N PRO A 102 59.34 -19.95 -17.31
CA PRO A 102 58.30 -20.19 -18.31
C PRO A 102 56.91 -20.19 -17.75
N THR A 103 56.75 -20.29 -16.43
CA THR A 103 55.41 -20.26 -15.85
C THR A 103 54.72 -18.94 -16.07
N ARG A 104 55.46 -17.89 -16.42
CA ARG A 104 54.83 -16.61 -16.72
C ARG A 104 53.90 -16.72 -17.92
N GLY A 105 54.32 -17.43 -18.95
CA GLY A 105 53.48 -17.56 -20.13
C GLY A 105 53.34 -16.24 -20.87
N SER A 106 52.20 -16.10 -21.56
CA SER A 106 51.87 -14.90 -22.34
C SER A 106 52.97 -14.60 -23.34
N TYR A 107 53.62 -13.45 -23.26
CA TYR A 107 54.70 -13.09 -24.15
C TYR A 107 55.92 -13.95 -23.87
N SER A 108 56.78 -14.05 -24.88
CA SER A 108 57.90 -14.97 -24.91
C SER A 108 58.74 -14.94 -23.66
N PRO A 109 58.69 -15.96 -22.83
CA PRO A 109 59.52 -15.99 -21.63
C PRO A 109 60.95 -16.39 -21.92
N ASP A 110 61.14 -17.32 -22.85
CA ASP A 110 62.49 -17.81 -23.12
C ASP A 110 63.34 -16.74 -23.78
N TYR A 111 62.77 -15.94 -24.67
CA TYR A 111 63.56 -14.92 -25.33
C TYR A 111 63.98 -13.81 -24.36
N GLY A 112 63.23 -13.62 -23.28
CA GLY A 112 63.56 -12.59 -22.30
C GLY A 112 64.75 -13.00 -21.44
N PHE A 113 65.83 -12.23 -21.49
CA PHE A 113 67.05 -12.55 -20.75
C PHE A 113 66.85 -12.19 -19.27
N ASP A 114 67.71 -12.73 -18.39
CA ASP A 114 67.66 -12.44 -16.96
C ASP A 114 68.97 -12.88 -16.31
N ILE A 115 69.29 -12.30 -15.15
CA ILE A 115 70.51 -12.66 -14.41
C ILE A 115 71.74 -12.13 -15.16
N TRP A 116 71.96 -12.59 -16.40
CA TRP A 116 73.09 -12.13 -17.20
C TRP A 116 74.43 -12.60 -16.64
N GLY A 117 74.42 -13.63 -15.81
CA GLY A 117 75.64 -14.21 -15.25
C GLY A 117 76.35 -13.24 -14.34
N GLN A 118 77.57 -13.60 -13.92
CA GLN A 118 78.36 -12.75 -13.04
C GLN A 118 79.75 -12.57 -13.65
N GLY A 119 80.27 -11.33 -13.61
CA GLY A 119 81.55 -11.06 -14.20
C GLY A 119 81.51 -11.05 -15.72
N ALA B 2 64.37 -8.65 -40.38
CA ALA B 2 64.38 -8.72 -38.92
C ALA B 2 63.74 -7.49 -38.30
N ILE B 3 64.11 -7.19 -37.06
CA ILE B 3 63.59 -6.06 -36.32
C ILE B 3 64.75 -5.19 -35.88
N ARG B 4 64.67 -3.90 -36.17
CA ARG B 4 65.68 -2.92 -35.80
C ARG B 4 65.07 -1.83 -34.96
N MET B 5 65.87 -1.27 -34.04
CA MET B 5 65.43 -0.16 -33.22
C MET B 5 66.55 0.87 -33.09
N THR B 6 66.13 2.08 -32.74
CA THR B 6 67.07 3.16 -32.42
C THR B 6 66.34 4.09 -31.46
N GLN B 7 66.75 4.08 -30.20
CA GLN B 7 66.05 4.88 -29.19
C GLN B 7 66.19 6.36 -29.51
N SER B 8 65.05 7.06 -29.53
CA SER B 8 65.06 8.48 -29.87
C SER B 8 65.87 9.32 -28.90
N PRO B 9 65.70 9.22 -27.58
CA PRO B 9 66.58 9.97 -26.68
C PRO B 9 68.01 9.46 -26.75
N SER B 10 68.95 10.38 -26.52
CA SER B 10 70.36 10.03 -26.56
C SER B 10 71.14 10.83 -25.53
N ARG B 19 62.42 12.92 -14.21
CA ARG B 19 61.41 12.66 -15.24
C ARG B 19 62.04 12.39 -16.60
N VAL B 20 62.88 11.36 -16.65
CA VAL B 20 63.58 10.99 -17.87
C VAL B 20 62.74 9.96 -18.62
N THR B 21 62.42 10.24 -19.87
CA THR B 21 61.63 9.36 -20.71
C THR B 21 62.49 8.85 -21.87
N ILE B 22 62.53 7.54 -22.04
CA ILE B 22 63.30 6.90 -23.10
C ILE B 22 62.34 6.14 -23.99
N THR B 23 62.40 6.41 -25.29
CA THR B 23 61.50 5.81 -26.27
C THR B 23 62.31 5.09 -27.33
N CYS B 24 62.03 3.81 -27.55
CA CYS B 24 62.63 3.04 -28.62
C CYS B 24 61.55 2.69 -29.64
N ARG B 25 61.85 2.96 -30.91
CA ARG B 25 60.91 2.81 -32.01
C ARG B 25 61.30 1.62 -32.86
N ALA B 26 60.30 0.82 -33.23
CA ALA B 26 60.50 -0.36 -34.06
C ALA B 26 59.76 -0.20 -35.37
N SER B 27 60.34 -0.77 -36.43
CA SER B 27 59.74 -0.64 -37.76
C SER B 27 58.38 -1.33 -37.84
N GLN B 28 58.27 -2.53 -37.26
CA GLN B 28 57.05 -3.30 -37.33
C GLN B 28 56.27 -3.22 -36.02
N SER B 29 55.02 -3.67 -36.07
CA SER B 29 54.14 -3.63 -34.91
C SER B 29 54.54 -4.71 -33.93
N ILE B 30 55.35 -4.33 -32.93
CA ILE B 30 55.78 -5.29 -31.93
C ILE B 30 54.63 -5.69 -31.03
N SER B 31 53.80 -4.73 -30.63
CA SER B 31 52.60 -4.98 -29.83
C SER B 31 52.96 -5.63 -28.49
N SER B 32 53.71 -4.88 -27.68
CA SER B 32 54.01 -5.23 -26.30
C SER B 32 54.79 -6.54 -26.20
N TYR B 33 55.98 -6.53 -26.78
CA TYR B 33 56.94 -7.63 -26.67
C TYR B 33 58.31 -7.07 -26.34
N LEU B 34 58.38 -6.10 -25.44
CA LEU B 34 59.60 -5.36 -25.17
C LEU B 34 60.08 -5.59 -23.74
N ASN B 35 61.37 -5.40 -23.53
CA ASN B 35 61.97 -5.45 -22.21
C ASN B 35 62.93 -4.27 -22.06
N TRP B 36 63.01 -3.73 -20.85
CA TRP B 36 63.90 -2.63 -20.53
C TRP B 36 64.97 -3.13 -19.58
N TYR B 37 66.22 -2.95 -19.97
CA TYR B 37 67.36 -3.53 -19.27
C TYR B 37 68.27 -2.42 -18.76
N GLN B 38 68.67 -2.52 -17.49
CA GLN B 38 69.61 -1.58 -16.88
C GLN B 38 70.91 -2.29 -16.58
N GLN B 39 72.01 -1.78 -17.12
CA GLN B 39 73.32 -2.40 -16.99
C GLN B 39 74.23 -1.48 -16.18
N LYS B 40 74.60 -1.92 -14.98
CA LYS B 40 75.53 -1.17 -14.16
C LYS B 40 76.93 -1.21 -14.78
N PRO B 41 77.73 -0.17 -14.57
CA PRO B 41 79.09 -0.16 -15.14
C PRO B 41 79.95 -1.32 -14.67
N GLY B 42 79.80 -1.76 -13.43
CA GLY B 42 80.64 -2.83 -12.91
C GLY B 42 79.92 -4.15 -12.75
N LYS B 43 78.62 -4.17 -12.99
CA LYS B 43 77.80 -5.36 -12.81
C LYS B 43 77.12 -5.74 -14.11
N ALA B 44 76.48 -6.89 -14.11
CA ALA B 44 75.71 -7.37 -15.25
C ALA B 44 74.38 -6.63 -15.34
N PRO B 45 73.81 -6.52 -16.53
CA PRO B 45 72.50 -5.88 -16.68
C PRO B 45 71.41 -6.61 -15.91
N ASN B 46 70.47 -5.83 -15.40
CA ASN B 46 69.36 -6.36 -14.61
C ASN B 46 68.05 -6.04 -15.31
N LEU B 47 66.98 -6.71 -14.87
CA LEU B 47 65.67 -6.57 -15.46
C LEU B 47 64.87 -5.48 -14.76
N LEU B 48 64.24 -4.62 -15.55
CA LEU B 48 63.40 -3.58 -15.02
C LEU B 48 61.95 -3.72 -15.43
N ILE B 49 61.67 -3.86 -16.73
CA ILE B 49 60.32 -3.92 -17.25
C ILE B 49 60.16 -5.18 -18.08
N TYR B 50 59.08 -5.91 -17.86
CA TYR B 50 58.75 -7.09 -18.63
C TYR B 50 57.44 -6.85 -19.37
N ALA B 51 57.30 -7.50 -20.52
CA ALA B 51 56.12 -7.39 -21.37
C ALA B 51 55.82 -5.95 -21.76
N ALA B 52 56.83 -5.09 -21.70
CA ALA B 52 56.75 -3.68 -22.05
C ALA B 52 55.92 -2.88 -21.08
N SER B 53 55.26 -3.56 -20.12
CA SER B 53 54.58 -2.86 -19.03
C SER B 53 54.45 -3.86 -17.88
N SER B 54 55.41 -3.80 -16.95
CA SER B 54 55.39 -4.63 -15.74
C SER B 54 56.61 -4.26 -14.91
N LEU B 55 56.64 -4.73 -13.68
CA LEU B 55 57.78 -4.55 -12.80
C LEU B 55 58.20 -5.90 -12.22
N GLU B 56 59.48 -6.19 -12.31
CA GLU B 56 60.01 -7.43 -11.76
C GLU B 56 60.11 -7.33 -10.24
N SER B 57 60.20 -8.49 -9.60
CA SER B 57 60.28 -8.54 -8.14
C SER B 57 61.54 -7.84 -7.66
N GLY B 58 61.38 -6.99 -6.65
CA GLY B 58 62.49 -6.25 -6.08
C GLY B 58 62.81 -4.94 -6.77
N VAL B 59 62.29 -4.72 -7.97
CA VAL B 59 62.58 -3.48 -8.68
C VAL B 59 61.80 -2.34 -8.04
N PRO B 60 62.44 -1.20 -7.77
CA PRO B 60 61.70 -0.06 -7.21
C PRO B 60 60.61 0.41 -8.16
N SER B 61 59.52 0.90 -7.58
CA SER B 61 58.36 1.34 -8.35
C SER B 61 58.61 2.62 -9.12
N ARG B 62 59.73 3.30 -8.90
CA ARG B 62 60.00 4.53 -9.62
C ARG B 62 60.07 4.29 -11.13
N PHE B 63 60.62 3.17 -11.54
CA PHE B 63 60.63 2.80 -12.94
C PHE B 63 59.22 2.48 -13.41
N SER B 64 58.94 2.80 -14.66
CA SER B 64 57.62 2.56 -15.24
C SER B 64 57.75 2.41 -16.75
N GLY B 65 57.04 1.44 -17.30
CA GLY B 65 57.03 1.23 -18.73
C GLY B 65 55.64 1.35 -19.33
N SER B 66 55.49 2.20 -20.34
CA SER B 66 54.19 2.44 -20.96
C SER B 66 54.35 2.48 -22.47
N GLY B 67 53.25 2.23 -23.16
CA GLY B 67 53.22 2.24 -24.61
C GLY B 67 53.13 0.84 -25.19
N SER B 68 52.62 0.77 -26.41
CA SER B 68 52.45 -0.49 -27.11
C SER B 68 52.47 -0.24 -28.62
N GLY B 69 52.69 -1.31 -29.38
CA GLY B 69 52.74 -1.20 -30.81
C GLY B 69 54.08 -0.72 -31.33
N THR B 70 54.15 0.51 -31.82
CA THR B 70 55.38 1.09 -32.31
C THR B 70 55.88 2.23 -31.43
N ASP B 71 55.20 2.52 -30.34
CA ASP B 71 55.58 3.59 -29.42
C ASP B 71 55.69 3.02 -28.02
N PHE B 72 56.83 3.23 -27.38
CA PHE B 72 57.07 2.77 -26.02
C PHE B 72 57.78 3.87 -25.25
N THR B 73 57.64 3.83 -23.92
CA THR B 73 58.21 4.86 -23.07
C THR B 73 58.61 4.27 -21.72
N LEU B 74 59.86 4.48 -21.34
CA LEU B 74 60.34 4.14 -20.00
C LEU B 74 60.47 5.43 -19.22
N THR B 75 59.66 5.60 -18.20
CA THR B 75 59.60 6.83 -17.42
C THR B 75 60.14 6.57 -16.02
N ILE B 76 61.18 7.31 -15.65
CA ILE B 76 61.73 7.29 -14.30
C ILE B 76 61.51 8.67 -13.70
N SER B 77 60.69 8.73 -12.64
CA SER B 77 60.27 10.00 -12.09
C SER B 77 61.30 10.55 -11.11
N SER B 78 61.50 11.86 -11.15
CA SER B 78 62.32 12.65 -10.24
C SER B 78 63.81 12.39 -10.40
N LEU B 79 64.22 11.47 -11.28
CA LEU B 79 65.62 11.15 -11.49
C LEU B 79 66.31 10.78 -10.18
N GLN B 80 65.87 9.66 -9.64
CA GLN B 80 66.42 9.16 -8.39
C GLN B 80 67.92 8.91 -8.56
N PRO B 81 68.74 9.25 -7.56
CA PRO B 81 70.19 9.10 -7.71
C PRO B 81 70.64 7.65 -7.82
N GLU B 82 71.96 7.45 -7.91
CA GLU B 82 72.59 6.16 -8.19
C GLU B 82 71.82 5.36 -9.24
N ASP B 83 71.41 6.03 -10.30
CA ASP B 83 70.73 5.39 -11.42
C ASP B 83 71.36 5.81 -12.75
N PHE B 84 72.68 6.00 -12.76
CA PHE B 84 73.37 6.44 -13.95
C PHE B 84 73.64 5.32 -14.94
N ALA B 85 73.21 4.10 -14.64
CA ALA B 85 73.52 2.97 -15.50
C ALA B 85 72.80 3.07 -16.84
N THR B 86 73.33 2.37 -17.84
CA THR B 86 72.76 2.38 -19.17
C THR B 86 71.40 1.70 -19.19
N TYR B 87 70.55 2.14 -20.10
CA TYR B 87 69.23 1.58 -20.30
C TYR B 87 69.09 1.08 -21.73
N TYR B 88 68.67 -0.17 -21.88
CA TYR B 88 68.57 -0.84 -23.17
C TYR B 88 67.13 -1.28 -23.42
N CYS B 89 66.77 -1.33 -24.70
CA CYS B 89 65.44 -1.73 -25.15
C CYS B 89 65.59 -2.93 -26.08
N GLN B 90 64.93 -4.04 -25.74
CA GLN B 90 65.08 -5.29 -26.48
C GLN B 90 63.71 -5.90 -26.72
N GLN B 91 63.54 -6.53 -27.88
CA GLN B 91 62.28 -7.12 -28.29
C GLN B 91 62.37 -8.64 -28.28
N SER B 92 61.23 -9.28 -28.01
CA SER B 92 61.10 -10.73 -28.09
C SER B 92 60.10 -11.15 -29.17
N TYR B 93 59.80 -10.27 -30.12
CA TYR B 93 58.80 -10.59 -31.13
C TYR B 93 59.23 -11.75 -32.01
N SER B 94 60.46 -11.71 -32.52
CA SER B 94 60.92 -12.75 -33.42
C SER B 94 62.44 -12.80 -33.40
N THR B 95 62.98 -13.97 -33.71
CA THR B 95 64.41 -14.13 -33.80
C THR B 95 64.95 -13.38 -35.02
N PRO B 96 66.19 -12.86 -34.94
CA PRO B 96 67.11 -12.90 -33.81
C PRO B 96 66.77 -11.90 -32.72
N LEU B 97 67.30 -12.11 -31.53
CA LEU B 97 67.08 -11.20 -30.41
C LEU B 97 67.98 -9.98 -30.59
N THR B 98 67.37 -8.83 -30.85
CA THR B 98 68.10 -7.60 -31.15
C THR B 98 67.88 -6.57 -30.05
N PHE B 99 68.97 -5.98 -29.57
CA PHE B 99 68.89 -4.92 -28.59
C PHE B 99 68.76 -3.57 -29.28
N GLY B 100 68.43 -2.55 -28.50
CA GLY B 100 68.29 -1.21 -29.00
C GLY B 100 69.61 -0.49 -29.14
N GLY B 101 69.52 0.79 -29.51
CA GLY B 101 70.73 1.58 -29.66
C GLY B 101 71.48 1.78 -28.36
N GLY B 102 70.75 2.02 -27.27
CA GLY B 102 71.37 2.22 -25.99
C GLY B 102 71.51 3.67 -25.60
N THR B 103 71.10 4.01 -24.39
CA THR B 103 71.15 5.38 -23.90
C THR B 103 71.29 5.38 -22.39
N LYS B 104 72.23 6.17 -21.88
CA LYS B 104 72.42 6.34 -20.44
C LYS B 104 72.07 7.76 -20.04
N VAL B 105 71.40 7.89 -18.90
CA VAL B 105 71.01 9.20 -18.41
C VAL B 105 72.23 9.97 -17.95
N GLU B 106 72.31 11.24 -18.34
CA GLU B 106 73.43 12.09 -17.99
C GLU B 106 72.98 13.17 -17.00
N ILE B 107 73.88 13.56 -16.11
CA ILE B 107 73.60 14.57 -15.10
C ILE B 107 74.65 15.66 -15.12
N PRO C 30 19.91 -22.42 -46.01
CA PRO C 30 19.16 -23.13 -44.98
C PRO C 30 17.71 -22.70 -44.93
N ALA C 31 16.81 -23.67 -44.89
CA ALA C 31 15.39 -23.36 -44.80
C ALA C 31 15.04 -22.90 -43.40
N TYR C 32 13.98 -22.10 -43.30
CA TYR C 32 13.54 -21.52 -42.04
C TYR C 32 12.05 -21.77 -41.87
N THR C 33 11.65 -22.13 -40.64
CA THR C 33 10.25 -22.41 -40.36
C THR C 33 9.92 -21.93 -38.96
N ASN C 34 8.67 -21.53 -38.77
CA ASN C 34 8.20 -20.96 -37.53
C ASN C 34 7.84 -22.04 -36.54
N SER C 35 8.18 -21.83 -35.28
CA SER C 35 7.86 -22.78 -34.22
C SER C 35 6.66 -22.25 -33.43
N PHE C 36 5.52 -22.91 -33.57
CA PHE C 36 4.30 -22.46 -32.93
C PHE C 36 4.20 -23.08 -31.54
N THR C 37 4.76 -22.39 -30.55
CA THR C 37 4.67 -22.76 -29.14
C THR C 37 5.14 -24.19 -28.90
N ARG C 38 6.41 -24.41 -29.15
CA ARG C 38 7.03 -25.71 -29.01
C ARG C 38 8.20 -25.63 -28.05
N GLY C 39 8.54 -26.78 -27.46
CA GLY C 39 9.72 -26.87 -26.63
C GLY C 39 9.52 -26.66 -25.15
N VAL C 40 8.29 -26.67 -24.67
CA VAL C 40 8.02 -26.51 -23.25
C VAL C 40 8.28 -27.81 -22.53
N TYR C 41 9.10 -27.76 -21.49
CA TYR C 41 9.48 -28.95 -20.74
C TYR C 41 9.31 -28.70 -19.25
N TYR C 42 9.16 -29.77 -18.49
CA TYR C 42 8.98 -29.68 -17.05
C TYR C 42 10.22 -29.11 -16.38
N PRO C 43 10.15 -27.91 -15.83
CA PRO C 43 11.33 -27.33 -15.18
C PRO C 43 11.82 -28.11 -13.98
N ASP C 44 10.94 -28.74 -13.21
CA ASP C 44 11.33 -29.42 -11.99
C ASP C 44 10.58 -30.74 -11.88
N LYS C 45 10.90 -31.49 -10.84
CA LYS C 45 10.28 -32.79 -10.58
C LYS C 45 9.15 -32.71 -9.56
N VAL C 46 8.75 -31.53 -9.17
CA VAL C 46 7.68 -31.34 -8.19
C VAL C 46 6.34 -31.49 -8.89
N PHE C 47 5.46 -32.27 -8.30
CA PHE C 47 4.12 -32.49 -8.84
C PHE C 47 3.21 -31.35 -8.44
N ARG C 48 2.59 -30.69 -9.40
CA ARG C 48 1.62 -29.63 -9.15
C ARG C 48 0.38 -29.88 -9.99
N SER C 49 -0.78 -29.65 -9.41
CA SER C 49 -2.05 -29.91 -10.08
C SER C 49 -2.96 -28.70 -10.00
N SER C 50 -3.47 -28.30 -11.16
CA SER C 50 -4.43 -27.20 -11.27
C SER C 50 -3.90 -25.94 -10.61
N VAL C 51 -2.80 -25.45 -11.16
CA VAL C 51 -2.15 -24.26 -10.63
C VAL C 51 -1.41 -23.58 -11.78
N LEU C 52 -1.20 -22.28 -11.66
CA LEU C 52 -0.46 -21.50 -12.65
C LEU C 52 0.90 -21.17 -12.05
N HIS C 53 1.94 -21.84 -12.52
CA HIS C 53 3.29 -21.68 -12.00
C HIS C 53 4.13 -20.90 -12.99
N SER C 54 4.85 -19.90 -12.50
CA SER C 54 5.74 -19.08 -13.31
C SER C 54 7.18 -19.34 -12.91
N THR C 55 8.01 -19.67 -13.89
CA THR C 55 9.41 -20.00 -13.64
C THR C 55 10.29 -19.32 -14.66
N GLN C 56 11.55 -19.11 -14.28
CA GLN C 56 12.54 -18.49 -15.14
C GLN C 56 13.68 -19.48 -15.38
N ASP C 57 13.85 -19.88 -16.62
CA ASP C 57 14.90 -20.83 -17.01
C ASP C 57 15.15 -20.67 -18.49
N LEU C 58 15.88 -21.61 -19.08
CA LEU C 58 16.20 -21.58 -20.49
C LEU C 58 15.13 -22.33 -21.28
N PHE C 59 14.40 -21.61 -22.13
CA PHE C 59 13.34 -22.19 -22.94
C PHE C 59 13.47 -21.71 -24.38
N LEU C 60 12.86 -22.46 -25.29
CA LEU C 60 12.79 -22.02 -26.67
C LEU C 60 11.76 -20.91 -26.81
N PRO C 61 12.13 -19.75 -27.34
CA PRO C 61 11.18 -18.65 -27.40
C PRO C 61 9.96 -18.99 -28.24
N PHE C 62 8.81 -18.48 -27.82
CA PHE C 62 7.58 -18.70 -28.55
C PHE C 62 7.61 -17.99 -29.90
N PHE C 63 7.08 -18.66 -30.91
CA PHE C 63 7.08 -18.15 -32.28
C PHE C 63 8.48 -17.78 -32.74
N SER C 64 9.43 -18.57 -32.31
CA SER C 64 10.81 -18.47 -32.77
C SER C 64 10.92 -19.17 -34.11
N ASN C 65 12.14 -19.24 -34.63
CA ASN C 65 12.37 -19.63 -36.01
C ASN C 65 13.50 -20.65 -36.13
N VAL C 66 13.21 -21.72 -36.87
CA VAL C 66 13.92 -22.98 -36.80
C VAL C 66 14.53 -23.32 -38.15
N THR C 67 15.77 -23.77 -38.15
CA THR C 67 16.47 -24.16 -39.36
C THR C 67 15.94 -25.49 -39.86
N TRP C 68 15.06 -25.45 -40.85
CA TRP C 68 14.43 -26.64 -41.39
C TRP C 68 15.43 -27.37 -42.26
N PHE C 69 16.23 -28.21 -41.64
CA PHE C 69 17.17 -29.04 -42.37
C PHE C 69 16.43 -30.22 -42.97
N HIS C 70 16.47 -30.34 -44.29
CA HIS C 70 15.75 -31.37 -45.01
C HIS C 70 16.75 -32.37 -45.56
N VAL C 71 16.56 -33.64 -45.23
CA VAL C 71 17.43 -34.69 -45.73
C VAL C 71 17.05 -35.01 -47.17
N ILE C 72 18.06 -35.06 -48.04
CA ILE C 72 17.84 -35.35 -49.46
C ILE C 72 17.28 -36.75 -49.64
N ASP C 82 23.39 -30.77 -45.86
CA ASP C 82 22.58 -31.90 -45.44
C ASP C 82 22.71 -32.13 -43.95
N ASN C 83 23.91 -32.47 -43.48
CA ASN C 83 24.18 -32.70 -42.06
C ASN C 83 25.42 -31.92 -41.66
N PRO C 84 25.32 -30.60 -41.56
CA PRO C 84 26.47 -29.78 -41.20
C PRO C 84 26.64 -29.65 -39.70
N VAL C 85 27.84 -29.22 -39.31
CA VAL C 85 28.13 -28.98 -37.91
C VAL C 85 27.49 -27.68 -37.47
N LEU C 86 26.67 -27.75 -36.43
CA LEU C 86 25.94 -26.57 -35.96
C LEU C 86 26.40 -26.21 -34.55
N PRO C 87 26.26 -24.95 -34.13
CA PRO C 87 26.75 -24.53 -32.81
C PRO C 87 25.78 -24.84 -31.67
N PHE C 88 26.25 -25.54 -30.64
CA PHE C 88 25.40 -25.80 -29.47
C PHE C 88 25.59 -24.68 -28.45
N ASN C 89 24.78 -23.63 -28.54
CA ASN C 89 24.92 -22.50 -27.61
C ASN C 89 23.65 -22.38 -26.79
N ASP C 90 23.78 -22.38 -25.47
CA ASP C 90 22.61 -22.26 -24.57
C ASP C 90 21.61 -23.37 -24.84
N GLY C 91 22.10 -24.57 -25.11
CA GLY C 91 21.25 -25.69 -25.39
C GLY C 91 20.71 -25.64 -26.80
N VAL C 92 20.18 -26.78 -27.27
CA VAL C 92 19.59 -26.84 -28.61
C VAL C 92 18.30 -27.66 -28.57
N TYR C 93 17.27 -27.19 -29.24
CA TYR C 93 16.01 -27.93 -29.35
C TYR C 93 16.05 -28.75 -30.62
N PHE C 94 15.81 -30.05 -30.52
CA PHE C 94 15.90 -30.96 -31.64
C PHE C 94 14.57 -31.68 -31.84
N ALA C 95 14.15 -31.83 -33.09
CA ALA C 95 12.95 -32.57 -33.42
C ALA C 95 13.16 -33.27 -34.75
N SER C 96 12.45 -34.37 -34.96
CA SER C 96 12.57 -35.14 -36.17
C SER C 96 11.22 -35.66 -36.63
N ILE C 97 11.03 -35.72 -37.93
CA ILE C 97 9.77 -36.16 -38.53
C ILE C 97 10.03 -37.45 -39.29
N GLU C 98 10.97 -38.24 -38.82
CA GLU C 98 11.35 -39.46 -39.52
C GLU C 98 10.24 -40.50 -39.44
N LYS C 99 9.97 -41.15 -40.57
CA LYS C 99 9.01 -42.25 -40.58
C LYS C 99 9.60 -43.51 -39.99
N SER C 100 10.87 -43.78 -40.26
CA SER C 100 11.56 -44.95 -39.73
C SER C 100 12.81 -44.50 -39.00
N ASN C 101 13.59 -45.46 -38.51
CA ASN C 101 14.80 -45.16 -37.77
C ASN C 101 15.87 -44.66 -38.73
N ILE C 102 16.07 -43.34 -38.75
CA ILE C 102 17.07 -42.71 -39.61
C ILE C 102 18.09 -41.91 -38.79
N ILE C 103 17.62 -41.13 -37.83
CA ILE C 103 18.50 -40.36 -36.95
C ILE C 103 19.00 -41.31 -35.87
N ARG C 104 20.26 -41.69 -35.95
CA ARG C 104 20.84 -42.68 -35.05
C ARG C 104 21.48 -42.06 -33.82
N GLY C 105 21.50 -40.75 -33.70
CA GLY C 105 22.07 -40.11 -32.55
C GLY C 105 22.74 -38.81 -32.92
N TRP C 106 23.58 -38.31 -32.02
CA TRP C 106 24.28 -37.05 -32.22
C TRP C 106 25.68 -37.14 -31.64
N ILE C 107 26.52 -36.18 -32.00
CA ILE C 107 27.87 -36.04 -31.47
C ILE C 107 28.00 -34.63 -30.92
N PHE C 108 28.48 -34.51 -29.70
CA PHE C 108 28.63 -33.22 -29.06
C PHE C 108 30.08 -32.97 -28.67
N GLY C 109 30.54 -31.74 -28.81
CA GLY C 109 31.92 -31.44 -28.49
C GLY C 109 32.26 -30.03 -28.93
N THR C 110 33.56 -29.74 -28.98
CA THR C 110 34.04 -28.43 -29.40
C THR C 110 34.76 -28.47 -30.74
N THR C 111 35.59 -29.47 -30.99
CA THR C 111 36.26 -29.60 -32.28
C THR C 111 36.03 -30.94 -32.95
N LEU C 112 35.43 -31.91 -32.27
CA LEU C 112 35.10 -33.20 -32.86
C LEU C 112 36.33 -33.89 -33.43
N ASP C 113 37.43 -33.85 -32.70
CA ASP C 113 38.65 -34.53 -33.12
C ASP C 113 39.25 -35.32 -31.97
N SER C 114 40.44 -35.88 -32.17
CA SER C 114 41.09 -36.66 -31.13
C SER C 114 41.82 -35.80 -30.12
N LYS C 115 42.05 -34.52 -30.42
CA LYS C 115 42.75 -33.66 -29.48
C LYS C 115 41.95 -33.46 -28.21
N THR C 116 40.64 -33.29 -28.33
CA THR C 116 39.76 -33.12 -27.19
C THR C 116 38.76 -34.27 -27.13
N GLN C 117 38.05 -34.36 -26.00
CA GLN C 117 37.04 -35.37 -25.80
C GLN C 117 35.68 -34.89 -26.27
N SER C 118 34.85 -35.81 -26.73
CA SER C 118 33.55 -35.52 -27.29
C SER C 118 32.52 -36.48 -26.74
N LEU C 119 31.26 -36.09 -26.82
CA LEU C 119 30.14 -36.90 -26.35
C LEU C 119 29.46 -37.58 -27.52
N LEU C 120 29.22 -38.88 -27.39
CA LEU C 120 28.56 -39.68 -28.41
C LEU C 120 27.33 -40.33 -27.83
N ILE C 121 26.19 -40.12 -28.47
CA ILE C 121 24.91 -40.63 -27.98
C ILE C 121 24.25 -41.51 -29.02
N VAL C 122 25.06 -42.23 -29.80
CA VAL C 122 24.50 -43.14 -30.79
C VAL C 122 23.70 -44.24 -30.13
N ASN C 123 22.75 -44.80 -30.87
CA ASN C 123 21.89 -45.83 -30.32
C ASN C 123 21.37 -46.71 -31.44
N ASN C 124 21.39 -48.02 -31.22
CA ASN C 124 20.75 -48.96 -32.12
C ASN C 124 19.38 -49.34 -31.58
N ALA C 125 18.75 -50.33 -32.19
CA ALA C 125 17.40 -50.71 -31.78
C ALA C 125 17.38 -51.35 -30.40
N THR C 126 18.44 -52.06 -30.01
CA THR C 126 18.42 -52.78 -28.74
C THR C 126 18.54 -51.83 -27.56
N ASN C 127 19.48 -50.90 -27.61
CA ASN C 127 19.75 -50.05 -26.46
C ASN C 127 20.46 -48.79 -26.92
N VAL C 128 20.60 -47.83 -26.00
CA VAL C 128 21.28 -46.57 -26.25
C VAL C 128 22.70 -46.68 -25.72
N VAL C 129 23.62 -45.99 -26.39
CA VAL C 129 25.03 -45.98 -26.03
C VAL C 129 25.46 -44.55 -25.80
N ILE C 130 25.98 -44.27 -24.61
CA ILE C 130 26.50 -42.95 -24.27
C ILE C 130 27.91 -43.12 -23.77
N LYS C 131 28.88 -42.53 -24.47
CA LYS C 131 30.28 -42.61 -24.09
C LYS C 131 30.94 -41.26 -24.31
N VAL C 132 31.93 -40.96 -23.49
CA VAL C 132 32.63 -39.69 -23.53
C VAL C 132 34.10 -39.99 -23.78
N CYS C 133 34.55 -39.80 -25.02
CA CYS C 133 35.94 -40.02 -25.39
C CYS C 133 36.31 -39.01 -26.47
N GLU C 134 37.58 -39.06 -26.89
CA GLU C 134 38.01 -38.22 -27.99
C GLU C 134 37.26 -38.56 -29.27
N PHE C 135 37.12 -39.84 -29.56
CA PHE C 135 36.32 -40.31 -30.68
C PHE C 135 36.79 -39.72 -32.02
N GLN C 136 38.02 -40.06 -32.39
CA GLN C 136 38.51 -39.66 -33.71
C GLN C 136 37.64 -40.26 -34.80
N PHE C 137 36.88 -39.42 -35.48
CA PHE C 137 35.87 -39.88 -36.42
C PHE C 137 36.47 -40.08 -37.80
N CYS C 138 35.62 -40.32 -38.79
CA CYS C 138 36.07 -40.52 -40.16
C CYS C 138 36.05 -39.21 -40.94
N VAL C 158 31.97 -45.51 -36.86
CA VAL C 158 31.74 -44.11 -36.54
C VAL C 158 33.05 -43.46 -36.13
N TYR C 159 33.60 -43.88 -35.02
CA TYR C 159 34.85 -43.37 -34.51
C TYR C 159 35.97 -44.36 -34.79
N SER C 160 37.10 -43.87 -35.31
CA SER C 160 38.20 -44.75 -35.67
C SER C 160 38.87 -45.31 -34.42
N SER C 161 39.18 -44.46 -33.45
CA SER C 161 39.88 -44.92 -32.26
C SER C 161 39.68 -43.91 -31.14
N ALA C 162 39.79 -44.39 -29.90
CA ALA C 162 39.69 -43.54 -28.73
C ALA C 162 40.31 -44.27 -27.56
N ASN C 163 41.36 -43.70 -26.97
CA ASN C 163 42.07 -44.37 -25.88
C ASN C 163 41.62 -43.89 -24.51
N ASN C 164 41.39 -42.59 -24.35
CA ASN C 164 40.86 -42.07 -23.09
C ASN C 164 39.43 -42.55 -22.91
N CYS C 165 39.12 -43.00 -21.71
CA CYS C 165 37.79 -43.48 -21.37
C CYS C 165 37.44 -43.00 -19.97
N THR C 166 36.43 -42.15 -19.87
CA THR C 166 36.03 -41.58 -18.60
C THR C 166 34.55 -41.75 -18.28
N PHE C 167 33.72 -42.20 -19.22
CA PHE C 167 32.29 -42.31 -18.98
C PHE C 167 31.69 -43.31 -19.95
N GLU C 168 30.71 -44.06 -19.48
CA GLU C 168 29.96 -44.98 -20.33
C GLU C 168 28.65 -45.31 -19.64
N TYR C 169 27.53 -45.02 -20.29
CA TYR C 169 26.21 -45.24 -19.73
C TYR C 169 25.34 -45.92 -20.78
N VAL C 170 24.69 -47.01 -20.39
CA VAL C 170 23.84 -47.80 -21.29
C VAL C 170 22.44 -47.84 -20.71
N SER C 171 21.45 -47.56 -21.54
CA SER C 171 20.05 -47.58 -21.12
C SER C 171 19.19 -48.01 -22.30
N GLN C 172 17.88 -47.83 -22.14
CA GLN C 172 16.94 -48.18 -23.19
C GLN C 172 17.02 -47.18 -24.34
N PRO C 173 16.67 -47.59 -25.55
CA PRO C 173 16.76 -46.68 -26.70
C PRO C 173 15.87 -45.46 -26.53
N PHE C 174 16.36 -44.32 -27.02
CA PHE C 174 15.58 -43.09 -26.98
C PHE C 174 14.61 -42.99 -28.15
N LEU C 175 15.07 -43.36 -29.34
CA LEU C 175 14.25 -43.28 -30.55
C LEU C 175 13.14 -44.32 -30.52
N PHE C 185 5.73 -40.41 -42.39
CA PHE C 185 6.19 -39.37 -41.50
C PHE C 185 5.19 -39.19 -40.37
N LYS C 186 5.21 -40.11 -39.41
CA LYS C 186 4.24 -40.14 -38.32
C LYS C 186 4.96 -40.28 -36.98
N ASN C 187 5.98 -39.47 -36.77
CA ASN C 187 6.73 -39.50 -35.53
C ASN C 187 7.31 -38.13 -35.25
N LEU C 188 7.02 -37.58 -34.08
CA LEU C 188 7.56 -36.31 -33.61
C LEU C 188 8.37 -36.62 -32.36
N ARG C 189 9.64 -36.94 -32.53
CA ARG C 189 10.52 -37.30 -31.42
C ARG C 189 11.37 -36.09 -31.06
N GLU C 190 10.76 -35.16 -30.31
CA GLU C 190 11.44 -33.95 -29.91
C GLU C 190 12.48 -34.22 -28.84
N PHE C 191 13.47 -33.34 -28.77
CA PHE C 191 14.53 -33.43 -27.79
C PHE C 191 15.00 -32.05 -27.38
N VAL C 192 15.47 -31.91 -26.14
CA VAL C 192 16.04 -30.68 -25.63
C VAL C 192 17.28 -31.04 -24.84
N PHE C 193 18.42 -30.50 -25.22
CA PHE C 193 19.69 -30.79 -24.55
C PHE C 193 20.19 -29.54 -23.85
N LYS C 194 20.60 -29.68 -22.61
CA LYS C 194 21.12 -28.58 -21.83
C LYS C 194 22.36 -29.02 -21.07
N ASN C 195 23.39 -28.17 -21.09
CA ASN C 195 24.65 -28.42 -20.39
C ASN C 195 24.91 -27.25 -19.47
N ILE C 196 24.40 -27.35 -18.24
CA ILE C 196 24.53 -26.31 -17.24
C ILE C 196 25.28 -26.88 -16.04
N ASP C 197 26.35 -26.22 -15.64
CA ASP C 197 27.17 -26.62 -14.50
C ASP C 197 27.64 -28.06 -14.64
N GLY C 198 28.04 -28.44 -15.85
CA GLY C 198 28.52 -29.77 -16.08
C GLY C 198 27.49 -30.86 -15.91
N TYR C 199 26.27 -30.64 -16.40
CA TYR C 199 25.19 -31.61 -16.28
C TYR C 199 24.45 -31.65 -17.61
N PHE C 200 24.51 -32.76 -18.31
CA PHE C 200 23.81 -32.93 -19.57
C PHE C 200 22.42 -33.45 -19.29
N LYS C 201 21.41 -32.63 -19.56
CA LYS C 201 20.01 -32.97 -19.33
C LYS C 201 19.31 -33.17 -20.66
N ILE C 202 18.59 -34.27 -20.79
CA ILE C 202 17.89 -34.64 -22.02
C ILE C 202 16.42 -34.77 -21.71
N TYR C 203 15.60 -34.06 -22.46
CA TYR C 203 14.14 -34.17 -22.40
C TYR C 203 13.62 -34.69 -23.73
N SER C 204 12.52 -35.42 -23.69
CA SER C 204 12.01 -36.05 -24.89
C SER C 204 10.50 -36.27 -24.80
N LYS C 205 9.89 -36.49 -25.96
CA LYS C 205 8.48 -36.82 -26.05
C LYS C 205 8.24 -37.51 -27.39
N HIS C 206 7.18 -38.31 -27.45
CA HIS C 206 6.81 -39.04 -28.64
C HIS C 206 5.34 -38.80 -28.96
N THR C 207 5.06 -38.43 -30.19
CA THR C 207 3.70 -38.12 -30.61
C THR C 207 3.52 -38.31 -32.11
N PRO C 208 2.56 -39.12 -32.54
CA PRO C 208 2.31 -39.24 -33.97
C PRO C 208 1.81 -37.94 -34.57
N ILE C 209 2.10 -37.75 -35.85
CA ILE C 209 1.77 -36.53 -36.57
C ILE C 209 0.69 -36.76 -37.61
N ILE C 210 0.87 -37.76 -38.48
CA ILE C 210 -0.04 -38.03 -39.57
C ILE C 210 -0.22 -36.80 -40.45
N ASP C 216 6.04 -29.35 -42.15
CA ASP C 216 6.05 -28.20 -41.25
C ASP C 216 5.91 -28.66 -39.79
N LEU C 217 6.27 -27.78 -38.87
CA LEU C 217 6.18 -28.11 -37.44
C LEU C 217 4.72 -28.22 -37.03
N PRO C 218 4.30 -29.32 -36.41
CA PRO C 218 2.88 -29.47 -36.03
C PRO C 218 2.51 -28.51 -34.92
N GLN C 219 1.56 -27.63 -35.21
CA GLN C 219 1.07 -26.69 -34.21
C GLN C 219 0.32 -27.44 -33.11
N GLY C 220 0.48 -26.99 -31.89
CA GLY C 220 -0.14 -27.62 -30.75
C GLY C 220 0.73 -27.46 -29.52
N PHE C 221 0.37 -28.19 -28.48
CA PHE C 221 1.10 -28.13 -27.22
C PHE C 221 1.39 -29.53 -26.70
N SER C 222 2.62 -29.72 -26.23
CA SER C 222 3.04 -31.01 -25.67
C SER C 222 4.27 -30.80 -24.83
N ALA C 223 4.20 -31.17 -23.56
CA ALA C 223 5.31 -31.01 -22.65
C ALA C 223 6.35 -32.10 -22.85
N LEU C 224 7.56 -31.85 -22.36
CA LEU C 224 8.66 -32.79 -22.45
C LEU C 224 9.05 -33.26 -21.06
N GLU C 225 9.28 -34.55 -20.90
CA GLU C 225 9.65 -35.09 -19.61
C GLU C 225 11.14 -35.39 -19.55
N PRO C 226 11.78 -35.18 -18.42
CA PRO C 226 13.19 -35.51 -18.29
C PRO C 226 13.46 -36.99 -18.47
N LEU C 227 14.59 -37.30 -19.11
CA LEU C 227 14.97 -38.68 -19.34
C LEU C 227 16.25 -39.06 -18.60
N VAL C 228 17.35 -38.36 -18.86
CA VAL C 228 18.65 -38.75 -18.31
C VAL C 228 19.42 -37.49 -17.96
N ASP C 229 20.06 -37.50 -16.79
CA ASP C 229 20.95 -36.42 -16.37
C ASP C 229 22.33 -37.00 -16.13
N LEU C 230 23.33 -36.48 -16.82
CA LEU C 230 24.68 -37.04 -16.74
C LEU C 230 25.68 -36.00 -16.26
N PRO C 231 26.71 -36.43 -15.54
CA PRO C 231 27.78 -35.52 -15.10
C PRO C 231 28.89 -35.37 -16.14
N ILE C 232 28.57 -34.71 -17.24
CA ILE C 232 29.52 -34.48 -18.31
C ILE C 232 30.19 -33.13 -18.10
N GLY C 233 31.52 -33.14 -18.04
CA GLY C 233 32.26 -31.93 -17.79
C GLY C 233 33.13 -31.50 -18.95
N ILE C 234 32.59 -31.57 -20.16
CA ILE C 234 33.34 -31.28 -21.38
C ILE C 234 32.75 -30.04 -22.03
N ASN C 235 33.57 -29.29 -22.76
CA ASN C 235 33.01 -28.38 -23.74
C ASN C 235 32.05 -29.06 -24.68
N ILE C 236 30.89 -28.44 -24.86
CA ILE C 236 29.94 -28.79 -25.90
C ILE C 236 29.55 -27.49 -26.60
N THR C 237 30.26 -27.17 -27.68
CA THR C 237 30.01 -25.95 -28.43
C THR C 237 29.44 -26.18 -29.83
N ARG C 238 29.75 -27.31 -30.45
CA ARG C 238 29.21 -27.67 -31.75
C ARG C 238 28.71 -29.09 -31.69
N PHE C 239 27.58 -29.35 -32.33
CA PHE C 239 26.99 -30.68 -32.37
C PHE C 239 26.65 -31.05 -33.80
N GLN C 240 26.76 -32.33 -34.12
CA GLN C 240 26.54 -32.84 -35.47
C GLN C 240 25.52 -33.96 -35.42
N THR C 241 24.52 -33.89 -36.29
CA THR C 241 23.51 -34.92 -36.36
C THR C 241 24.01 -36.12 -37.15
N LEU C 242 23.65 -37.32 -36.70
CA LEU C 242 24.06 -38.56 -37.34
C LEU C 242 22.94 -39.08 -38.24
N LEU C 243 23.31 -39.53 -39.42
CA LEU C 243 22.37 -40.07 -40.39
C LEU C 243 22.70 -41.53 -40.68
N ALA C 244 21.67 -42.30 -41.02
CA ALA C 244 21.82 -43.72 -41.30
C ALA C 244 21.47 -44.05 -42.74
N LEU C 245 21.93 -43.22 -43.67
CA LEU C 245 21.68 -43.45 -45.08
C LEU C 245 22.41 -44.67 -45.58
N ALA C 263 14.57 -38.64 -46.46
CA ALA C 263 13.39 -39.31 -45.93
C ALA C 263 13.13 -38.86 -44.49
N ALA C 264 13.67 -37.71 -44.12
CA ALA C 264 13.48 -37.16 -42.79
C ALA C 264 13.72 -35.67 -42.84
N ALA C 265 13.25 -34.97 -41.81
CA ALA C 265 13.42 -33.53 -41.70
C ALA C 265 13.65 -33.19 -40.23
N TYR C 266 14.91 -33.00 -39.86
CA TYR C 266 15.26 -32.69 -38.49
C TYR C 266 15.41 -31.20 -38.30
N TYR C 267 14.80 -30.67 -37.25
CA TYR C 267 14.81 -29.26 -36.94
C TYR C 267 15.72 -28.97 -35.76
N VAL C 268 16.36 -27.80 -35.78
CA VAL C 268 17.27 -27.37 -34.74
C VAL C 268 16.87 -26.00 -34.26
N GLY C 269 16.54 -25.87 -32.98
CA GLY C 269 16.24 -24.60 -32.37
C GLY C 269 17.28 -24.20 -31.34
N TYR C 270 17.12 -23.01 -30.80
CA TYR C 270 18.06 -22.49 -29.81
C TYR C 270 17.30 -21.93 -28.62
N LEU C 271 17.80 -22.19 -27.43
CA LEU C 271 17.15 -21.78 -26.19
C LEU C 271 17.79 -20.51 -25.64
N GLN C 272 16.95 -19.60 -25.15
CA GLN C 272 17.37 -18.35 -24.54
C GLN C 272 16.64 -18.16 -23.24
N PRO C 273 17.22 -17.44 -22.28
CA PRO C 273 16.54 -17.24 -21.00
C PRO C 273 15.25 -16.45 -21.14
N ARG C 274 14.14 -17.09 -20.77
CA ARG C 274 12.81 -16.50 -20.85
C ARG C 274 12.03 -16.86 -19.60
N THR C 275 10.97 -16.10 -19.35
CA THR C 275 10.06 -16.36 -18.24
C THR C 275 8.76 -16.91 -18.80
N PHE C 276 8.38 -18.11 -18.36
CA PHE C 276 7.20 -18.81 -18.84
C PHE C 276 6.21 -19.00 -17.71
N LEU C 277 4.95 -18.76 -17.98
CA LEU C 277 3.86 -18.98 -17.04
C LEU C 277 3.15 -20.27 -17.44
N LEU C 278 3.47 -21.35 -16.76
CA LEU C 278 2.94 -22.67 -17.09
C LEU C 278 1.63 -22.92 -16.35
N LYS C 279 0.65 -23.46 -17.08
CA LYS C 279 -0.62 -23.87 -16.49
C LYS C 279 -0.61 -25.38 -16.31
N TYR C 280 -0.85 -25.83 -15.09
CA TYR C 280 -0.84 -27.24 -14.77
C TYR C 280 -2.26 -27.79 -14.76
N ASN C 281 -2.42 -28.97 -15.33
CA ASN C 281 -3.73 -29.62 -15.38
C ASN C 281 -4.09 -30.25 -14.04
N GLU C 282 -5.34 -30.68 -13.93
CA GLU C 282 -5.79 -31.35 -12.73
C GLU C 282 -5.07 -32.68 -12.51
N ASN C 283 -4.57 -33.29 -13.57
CA ASN C 283 -3.84 -34.54 -13.46
C ASN C 283 -2.34 -34.35 -13.35
N GLY C 284 -1.88 -33.12 -13.31
CA GLY C 284 -0.46 -32.86 -13.15
C GLY C 284 0.34 -32.74 -14.42
N THR C 285 -0.30 -32.36 -15.53
CA THR C 285 0.37 -32.21 -16.81
C THR C 285 0.30 -30.77 -17.27
N ILE C 286 1.31 -30.35 -18.01
CA ILE C 286 1.36 -29.00 -18.56
C ILE C 286 0.55 -28.98 -19.84
N THR C 287 -0.54 -28.22 -19.84
CA THR C 287 -1.42 -28.14 -21.00
C THR C 287 -1.25 -26.85 -21.77
N ASP C 288 -0.96 -25.74 -21.11
CA ASP C 288 -0.81 -24.46 -21.79
C ASP C 288 0.20 -23.61 -21.07
N ALA C 289 0.87 -22.73 -21.82
CA ALA C 289 1.86 -21.82 -21.24
C ALA C 289 2.01 -20.63 -22.16
N VAL C 290 2.54 -19.54 -21.59
CA VAL C 290 2.74 -18.31 -22.34
C VAL C 290 4.18 -17.85 -22.19
N ASP C 291 4.63 -17.08 -23.15
CA ASP C 291 5.95 -16.48 -23.15
C ASP C 291 5.82 -15.02 -22.78
N CYS C 292 6.22 -14.69 -21.56
CA CYS C 292 6.06 -13.34 -21.05
C CYS C 292 6.87 -12.31 -21.80
N ALA C 293 7.86 -12.73 -22.58
CA ALA C 293 8.67 -11.80 -23.35
C ALA C 293 8.31 -11.78 -24.82
N LEU C 294 7.20 -12.39 -25.21
CA LEU C 294 6.86 -12.47 -26.61
C LEU C 294 6.24 -11.18 -27.13
N ASP C 295 5.10 -10.79 -26.60
CA ASP C 295 4.36 -9.63 -27.08
C ASP C 295 3.72 -8.94 -25.89
N PRO C 296 3.31 -7.68 -26.05
CA PRO C 296 2.71 -6.97 -24.91
C PRO C 296 1.52 -7.66 -24.30
N LEU C 297 0.70 -8.35 -25.09
CA LEU C 297 -0.45 -9.03 -24.52
C LEU C 297 0.00 -10.13 -23.57
N SER C 298 1.03 -10.88 -23.94
CA SER C 298 1.54 -11.92 -23.05
C SER C 298 2.16 -11.33 -21.80
N GLU C 299 2.69 -10.11 -21.88
CA GLU C 299 3.20 -9.46 -20.69
C GLU C 299 2.07 -9.20 -19.70
N THR C 300 0.90 -8.78 -20.20
CA THR C 300 -0.24 -8.56 -19.33
C THR C 300 -0.71 -9.85 -18.68
N LYS C 301 -0.72 -10.95 -19.43
CA LYS C 301 -1.10 -12.23 -18.84
C LYS C 301 -0.11 -12.64 -17.77
N CYS C 302 1.18 -12.42 -18.03
CA CYS C 302 2.19 -12.76 -17.03
C CYS C 302 2.01 -11.93 -15.76
N THR C 303 1.74 -10.63 -15.91
CA THR C 303 1.55 -9.78 -14.74
C THR C 303 0.28 -10.14 -13.99
N LEU C 304 -0.80 -10.39 -14.72
CA LEU C 304 -2.07 -10.72 -14.08
C LEU C 304 -2.10 -12.15 -13.55
N LYS C 305 -1.11 -12.96 -13.86
CA LYS C 305 -1.05 -14.37 -13.42
C LYS C 305 -2.30 -15.13 -13.84
N SER C 306 -2.76 -14.88 -15.06
CA SER C 306 -3.93 -15.55 -15.58
C SER C 306 -3.80 -15.67 -17.08
N PHE C 307 -4.53 -16.62 -17.64
CA PHE C 307 -4.54 -16.85 -19.07
C PHE C 307 -5.66 -16.12 -19.78
N THR C 308 -6.48 -15.37 -19.06
CA THR C 308 -7.57 -14.61 -19.65
C THR C 308 -7.53 -13.20 -19.09
N VAL C 309 -7.57 -12.21 -19.98
CA VAL C 309 -7.51 -10.80 -19.61
C VAL C 309 -8.80 -10.12 -20.03
N GLU C 310 -9.44 -9.43 -19.10
CA GLU C 310 -10.69 -8.74 -19.38
C GLU C 310 -10.41 -7.37 -19.99
N LYS C 311 -11.48 -6.67 -20.35
CA LYS C 311 -11.36 -5.35 -20.95
C LYS C 311 -10.87 -4.34 -19.95
N GLY C 312 -10.17 -3.33 -20.45
CA GLY C 312 -9.65 -2.25 -19.65
C GLY C 312 -8.22 -1.96 -19.98
N ILE C 313 -7.56 -1.21 -19.12
CA ILE C 313 -6.15 -0.88 -19.26
C ILE C 313 -5.41 -1.45 -18.04
N TYR C 314 -4.23 -2.02 -18.28
CA TYR C 314 -3.47 -2.68 -17.24
C TYR C 314 -2.02 -2.26 -17.31
N GLN C 315 -1.43 -1.94 -16.17
CA GLN C 315 -0.01 -1.65 -16.09
C GLN C 315 0.78 -2.94 -15.91
N THR C 316 1.81 -3.13 -16.71
CA THR C 316 2.56 -4.38 -16.75
C THR C 316 4.00 -4.14 -16.33
N SER C 317 4.51 -4.97 -15.45
CA SER C 317 5.92 -4.93 -15.10
C SER C 317 6.76 -5.44 -16.27
N ASN C 318 7.91 -4.80 -16.47
CA ASN C 318 8.73 -5.06 -17.66
C ASN C 318 9.28 -6.48 -17.62
N PHE C 319 8.77 -7.33 -18.51
CA PHE C 319 9.29 -8.67 -18.71
C PHE C 319 10.09 -8.78 -20.00
N ARG C 320 10.45 -7.66 -20.62
CA ARG C 320 11.16 -7.67 -21.88
C ARG C 320 12.59 -8.17 -21.70
N VAL C 321 13.23 -8.50 -22.81
CA VAL C 321 14.59 -9.02 -22.78
C VAL C 321 15.56 -7.92 -22.36
N GLN C 322 16.36 -8.21 -21.35
CA GLN C 322 17.35 -7.28 -20.83
C GLN C 322 18.63 -7.30 -21.67
N PRO C 323 19.37 -6.19 -21.69
CA PRO C 323 20.64 -6.19 -22.41
C PRO C 323 21.64 -7.14 -21.77
N THR C 324 22.49 -7.73 -22.62
CA THR C 324 23.48 -8.70 -22.17
C THR C 324 24.89 -8.32 -22.62
N GLU C 325 25.11 -7.02 -22.84
CA GLU C 325 26.41 -6.53 -23.27
C GLU C 325 27.00 -5.65 -22.19
N SER C 326 28.27 -5.88 -21.86
CA SER C 326 28.97 -5.14 -20.81
C SER C 326 30.30 -4.62 -21.34
N ILE C 327 30.63 -3.39 -20.95
CA ILE C 327 31.90 -2.78 -21.29
C ILE C 327 32.57 -2.29 -20.01
N VAL C 328 33.87 -2.52 -19.91
CA VAL C 328 34.67 -2.13 -18.75
C VAL C 328 35.81 -1.27 -19.24
N ARG C 329 35.93 -0.06 -18.67
CA ARG C 329 36.97 0.87 -19.05
C ARG C 329 37.70 1.35 -17.81
N PHE C 330 39.02 1.22 -17.81
CA PHE C 330 39.89 1.62 -16.71
C PHE C 330 41.10 2.33 -17.29
N PRO C 331 41.75 3.17 -16.49
CA PRO C 331 42.94 3.88 -16.99
C PRO C 331 44.02 2.90 -17.43
N ASN C 332 44.72 3.28 -18.50
CA ASN C 332 45.75 2.44 -19.09
C ASN C 332 47.15 2.75 -18.59
N ILE C 333 47.27 3.32 -17.39
CA ILE C 333 48.58 3.64 -16.83
C ILE C 333 49.14 2.41 -16.14
N THR C 334 50.47 2.34 -16.08
CA THR C 334 51.18 1.21 -15.50
C THR C 334 52.28 1.71 -14.56
N ASN C 335 51.92 2.65 -13.69
CA ASN C 335 52.87 3.26 -12.77
C ASN C 335 53.05 2.46 -11.49
N LEU C 336 52.37 1.34 -11.33
CA LEU C 336 52.39 0.52 -10.11
C LEU C 336 51.94 1.42 -8.96
N CYS C 337 52.61 1.39 -7.80
CA CYS C 337 52.32 2.30 -6.70
C CYS C 337 53.54 2.35 -5.79
N PRO C 338 53.67 3.39 -4.99
CA PRO C 338 54.84 3.49 -4.10
C PRO C 338 54.72 2.68 -2.83
N PHE C 339 53.82 1.70 -2.81
CA PHE C 339 53.66 0.86 -1.62
C PHE C 339 54.95 0.16 -1.22
N ASP C 340 55.83 -0.11 -2.18
CA ASP C 340 57.04 -0.86 -1.88
C ASP C 340 57.98 -0.07 -0.99
N GLU C 341 58.20 1.20 -1.30
CA GLU C 341 59.16 1.99 -0.53
C GLU C 341 58.64 2.33 0.86
N VAL C 342 57.35 2.18 1.11
CA VAL C 342 56.83 2.42 2.45
C VAL C 342 57.42 1.42 3.44
N PHE C 343 57.52 0.16 3.03
CA PHE C 343 58.07 -0.88 3.88
C PHE C 343 59.59 -0.71 4.04
N ASN C 355 55.07 9.84 10.20
CA ASN C 355 55.01 9.12 8.94
C ASN C 355 53.60 9.20 8.34
N ARG C 356 53.32 10.31 7.66
CA ARG C 356 52.01 10.55 7.03
C ARG C 356 52.25 10.86 5.56
N LYS C 357 52.16 9.84 4.71
CA LYS C 357 52.33 9.99 3.27
C LYS C 357 51.14 9.39 2.55
N ARG C 358 50.59 10.14 1.61
CA ARG C 358 49.51 9.66 0.77
C ARG C 358 50.05 9.16 -0.56
N ILE C 359 49.27 8.31 -1.20
CA ILE C 359 49.60 7.75 -2.51
C ILE C 359 48.48 8.09 -3.48
N SER C 360 48.86 8.48 -4.69
CA SER C 360 47.89 8.86 -5.71
C SER C 360 48.54 8.74 -7.07
N ASN C 361 47.69 8.79 -8.11
CA ASN C 361 48.14 8.69 -9.49
C ASN C 361 48.96 7.43 -9.72
N CYS C 362 48.51 6.32 -9.14
CA CYS C 362 49.21 5.06 -9.27
C CYS C 362 48.21 3.93 -9.19
N VAL C 363 48.57 2.79 -9.76
CA VAL C 363 47.69 1.62 -9.83
C VAL C 363 48.01 0.71 -8.66
N ALA C 364 47.04 0.52 -7.78
CA ALA C 364 47.23 -0.21 -6.53
C ALA C 364 47.22 -1.70 -6.81
N ASP C 365 48.39 -2.27 -7.04
CA ASP C 365 48.54 -3.71 -7.21
C ASP C 365 48.58 -4.34 -5.82
N TYR C 366 47.42 -4.71 -5.31
CA TYR C 366 47.30 -5.22 -3.96
C TYR C 366 47.89 -6.61 -3.80
N SER C 367 48.26 -7.28 -4.89
CA SER C 367 48.90 -8.57 -4.78
C SER C 367 50.28 -8.50 -4.14
N VAL C 368 50.85 -7.31 -4.02
CA VAL C 368 52.16 -7.16 -3.40
C VAL C 368 52.10 -7.50 -1.92
N VAL C 383 35.42 -3.68 3.43
CA VAL C 383 35.87 -3.95 2.08
C VAL C 383 36.34 -5.39 1.96
N SER C 384 35.90 -6.07 0.93
CA SER C 384 36.24 -7.48 0.74
C SER C 384 37.67 -7.61 0.23
N PRO C 385 38.54 -8.35 0.92
CA PRO C 385 39.90 -8.53 0.40
C PRO C 385 39.95 -9.25 -0.94
N THR C 386 39.00 -10.13 -1.21
CA THR C 386 38.99 -10.83 -2.49
C THR C 386 38.79 -9.86 -3.64
N LYS C 387 37.88 -8.91 -3.48
CA LYS C 387 37.63 -7.89 -4.49
C LYS C 387 38.38 -6.59 -4.20
N LEU C 388 39.53 -6.68 -3.55
CA LEU C 388 40.24 -5.48 -3.14
C LEU C 388 40.79 -4.71 -4.33
N ASN C 389 41.19 -5.40 -5.39
CA ASN C 389 41.77 -4.76 -6.57
C ASN C 389 40.74 -4.46 -7.64
N ASP C 390 39.50 -4.89 -7.47
CA ASP C 390 38.49 -4.68 -8.51
C ASP C 390 38.04 -3.23 -8.56
N LEU C 391 37.80 -2.61 -7.40
CA LEU C 391 37.30 -1.25 -7.40
C LEU C 391 38.40 -0.24 -7.66
N CYS C 392 38.03 1.03 -7.70
CA CYS C 392 38.97 2.13 -7.94
C CYS C 392 38.54 3.33 -7.10
N PHE C 393 39.13 3.46 -5.92
CA PHE C 393 38.91 4.60 -5.05
C PHE C 393 39.98 5.67 -5.30
N THR C 394 40.04 6.67 -4.44
CA THR C 394 41.03 7.72 -4.56
C THR C 394 41.38 8.25 -3.18
N ASN C 395 42.39 9.10 -3.14
CA ASN C 395 42.84 9.73 -1.90
C ASN C 395 43.20 8.68 -0.84
N VAL C 396 44.21 7.89 -1.16
CA VAL C 396 44.66 6.82 -0.29
C VAL C 396 45.83 7.31 0.55
N TYR C 397 45.70 7.22 1.87
CA TYR C 397 46.73 7.64 2.80
C TYR C 397 47.40 6.43 3.43
N ALA C 398 48.72 6.49 3.57
CA ALA C 398 49.51 5.42 4.17
C ALA C 398 50.16 5.97 5.44
N ASP C 399 49.44 5.90 6.55
CA ASP C 399 49.96 6.33 7.85
C ASP C 399 50.44 5.12 8.64
N SER C 400 51.40 4.40 8.05
CA SER C 400 51.92 3.17 8.63
C SER C 400 53.19 3.48 9.40
N PHE C 401 53.13 3.36 10.72
CA PHE C 401 54.29 3.54 11.57
C PHE C 401 54.06 2.81 12.89
N VAL C 402 55.15 2.50 13.58
CA VAL C 402 55.09 1.79 14.84
C VAL C 402 55.63 2.67 15.96
N VAL C 511 50.23 -4.00 10.02
CA VAL C 511 50.54 -2.78 10.75
C VAL C 511 50.59 -1.63 9.75
N VAL C 512 49.78 -1.76 8.70
CA VAL C 512 49.69 -0.77 7.64
C VAL C 512 48.30 -0.17 7.63
N VAL C 513 48.23 1.16 7.62
CA VAL C 513 46.97 1.89 7.64
C VAL C 513 46.67 2.37 6.22
N LEU C 514 45.51 1.99 5.70
CA LEU C 514 45.09 2.37 4.36
C LEU C 514 43.69 2.98 4.45
N SER C 515 43.61 4.31 4.31
CA SER C 515 42.36 5.03 4.37
C SER C 515 41.99 5.55 3.00
N PHE C 516 40.75 5.31 2.59
CA PHE C 516 40.28 5.71 1.28
C PHE C 516 38.77 5.89 1.33
N GLU C 517 38.20 6.25 0.19
CA GLU C 517 36.76 6.46 0.11
C GLU C 517 36.08 5.31 -0.65
N ALA C 521 35.16 13.57 -6.60
CA ALA C 521 34.43 12.56 -7.37
C ALA C 521 35.33 11.71 -8.28
N PRO C 522 36.21 12.33 -9.08
CA PRO C 522 37.10 11.53 -9.91
C PRO C 522 38.07 10.72 -9.08
N ALA C 523 38.45 9.55 -9.61
CA ALA C 523 39.33 8.63 -8.92
C ALA C 523 40.65 8.48 -9.68
N THR C 524 41.75 8.37 -8.94
CA THR C 524 43.08 8.24 -9.50
C THR C 524 43.73 6.91 -9.19
N VAL C 525 43.52 6.35 -8.01
CA VAL C 525 44.14 5.09 -7.62
C VAL C 525 43.21 3.98 -8.10
N CYS C 526 43.40 3.55 -9.33
CA CYS C 526 42.59 2.51 -9.95
C CYS C 526 43.31 1.17 -9.89
N GLY C 527 42.62 0.16 -9.36
CA GLY C 527 43.17 -1.17 -9.28
C GLY C 527 43.33 -1.80 -10.66
N PRO C 528 44.29 -2.70 -10.79
CA PRO C 528 44.52 -3.34 -12.09
C PRO C 528 43.35 -4.18 -12.53
N LYS C 529 43.10 -4.18 -13.83
CA LYS C 529 42.02 -4.94 -14.43
C LYS C 529 42.22 -4.90 -15.94
N LYS C 530 41.31 -5.54 -16.67
CA LYS C 530 41.33 -5.56 -18.13
C LYS C 530 40.28 -4.59 -18.67
N SER C 531 40.70 -3.70 -19.55
CA SER C 531 39.83 -2.69 -20.12
C SER C 531 39.32 -3.17 -21.47
N THR C 532 38.03 -3.47 -21.55
CA THR C 532 37.43 -3.93 -22.78
C THR C 532 37.13 -2.75 -23.71
N ASN C 533 36.88 -3.07 -24.97
CA ASN C 533 36.56 -2.05 -25.96
C ASN C 533 35.21 -1.42 -25.65
N LEU C 534 35.06 -0.17 -26.04
CA LEU C 534 33.83 0.59 -25.81
C LEU C 534 32.97 0.62 -27.06
N VAL C 535 31.67 0.69 -26.86
CA VAL C 535 30.69 0.75 -27.93
C VAL C 535 29.75 1.93 -27.68
N LYS C 536 29.09 2.38 -28.74
CA LYS C 536 28.19 3.52 -28.66
C LYS C 536 26.93 3.20 -29.45
N ASN C 537 25.91 4.03 -29.23
CA ASN C 537 24.62 3.88 -29.91
C ASN C 537 24.02 2.50 -29.71
N LYS C 538 24.11 1.99 -28.49
CA LYS C 538 23.56 0.68 -28.15
C LYS C 538 23.31 0.63 -26.66
N CYS C 539 22.16 0.08 -26.27
CA CYS C 539 21.82 -0.05 -24.86
C CYS C 539 22.65 -1.17 -24.23
N VAL C 540 23.79 -0.81 -23.63
CA VAL C 540 24.69 -1.79 -23.05
C VAL C 540 25.06 -1.35 -21.65
N ASN C 541 25.47 -2.31 -20.83
CA ASN C 541 25.95 -1.99 -19.50
C ASN C 541 27.36 -1.44 -19.54
N PHE C 542 27.65 -0.48 -18.65
CA PHE C 542 28.97 0.14 -18.64
C PHE C 542 29.53 0.15 -17.22
N ASN C 543 30.87 0.04 -17.10
CA ASN C 543 31.52 0.06 -15.79
C ASN C 543 32.70 1.02 -15.81
N PHE C 544 32.49 2.26 -16.26
CA PHE C 544 33.55 3.26 -16.26
C PHE C 544 34.09 3.39 -14.84
N ASN C 545 35.38 3.07 -14.63
CA ASN C 545 35.94 3.08 -13.28
C ASN C 545 34.97 2.37 -12.35
N GLY C 546 34.48 3.05 -11.32
CA GLY C 546 33.53 2.45 -10.41
C GLY C 546 32.09 2.57 -10.89
N LEU C 547 31.79 3.62 -11.65
CA LEU C 547 30.43 3.87 -12.13
C LEU C 547 29.88 2.62 -12.78
N LYS C 548 28.66 2.21 -12.39
CA LYS C 548 28.03 1.03 -12.99
C LYS C 548 26.57 1.34 -13.30
N GLY C 549 26.18 1.18 -14.57
CA GLY C 549 24.82 1.47 -14.98
C GLY C 549 24.56 0.99 -16.40
N THR C 550 23.33 1.22 -16.87
CA THR C 550 22.92 0.85 -18.21
C THR C 550 22.41 2.07 -18.95
N GLY C 551 22.78 2.20 -20.21
CA GLY C 551 22.37 3.33 -21.01
C GLY C 551 22.89 3.22 -22.41
N VAL C 552 22.61 4.25 -23.19
CA VAL C 552 23.03 4.33 -24.59
C VAL C 552 24.05 5.46 -24.69
N LEU C 553 25.31 5.09 -24.76
CA LEU C 553 26.38 6.07 -24.85
C LEU C 553 26.32 6.78 -26.19
N THR C 554 26.55 8.10 -26.17
CA THR C 554 26.53 8.90 -27.38
C THR C 554 27.45 10.09 -27.20
N GLU C 555 27.85 10.67 -28.33
CA GLU C 555 28.73 11.83 -28.29
C GLU C 555 28.02 13.03 -27.69
N SER C 556 28.75 13.80 -26.87
CA SER C 556 28.19 14.98 -26.23
C SER C 556 29.31 15.94 -25.87
N ASN C 557 28.95 17.18 -25.62
CA ASN C 557 29.90 18.21 -25.26
C ASN C 557 30.06 18.31 -23.75
N ASP C 575 24.73 12.24 -16.31
CA ASP C 575 24.58 12.00 -17.73
C ASP C 575 25.92 12.01 -18.43
N ALA C 576 26.79 12.94 -18.03
CA ALA C 576 28.10 13.06 -18.64
C ALA C 576 29.08 12.10 -18.00
N VAL C 577 29.77 11.33 -18.83
CA VAL C 577 30.78 10.38 -18.38
C VAL C 577 32.05 10.58 -19.19
N ARG C 578 33.19 10.52 -18.52
CA ARG C 578 34.49 10.71 -19.14
C ARG C 578 35.25 9.40 -19.11
N ASP C 579 35.72 8.97 -20.28
CA ASP C 579 36.45 7.70 -20.35
C ASP C 579 37.81 7.85 -19.71
N PRO C 580 38.18 6.97 -18.78
CA PRO C 580 39.52 7.08 -18.19
C PRO C 580 40.64 6.91 -19.20
N GLN C 581 40.44 6.09 -20.23
CA GLN C 581 41.50 5.89 -21.22
C GLN C 581 41.72 7.16 -22.03
N THR C 582 40.65 7.77 -22.53
CA THR C 582 40.73 8.96 -23.34
C THR C 582 39.71 9.97 -22.86
N LEU C 583 40.15 11.20 -22.62
CA LEU C 583 39.25 12.24 -22.16
C LEU C 583 38.16 12.50 -23.19
N GLU C 584 36.92 12.11 -22.87
CA GLU C 584 35.83 12.22 -23.84
C GLU C 584 34.52 12.22 -23.06
N ILE C 585 33.80 13.33 -23.14
CA ILE C 585 32.52 13.45 -22.46
C ILE C 585 31.44 12.79 -23.30
N LEU C 586 30.70 11.86 -22.69
CA LEU C 586 29.65 11.12 -23.36
C LEU C 586 28.35 11.21 -22.57
N ASP C 587 27.24 11.38 -23.27
CA ASP C 587 25.93 11.41 -22.63
C ASP C 587 25.38 10.01 -22.47
N ILE C 588 24.74 9.78 -21.32
CA ILE C 588 24.18 8.47 -20.98
C ILE C 588 22.67 8.61 -20.99
N THR C 589 22.03 8.16 -22.05
CA THR C 589 20.58 8.16 -22.13
C THR C 589 20.05 6.83 -21.58
N PRO C 590 19.21 6.85 -20.54
CA PRO C 590 18.71 5.60 -19.98
C PRO C 590 17.88 4.83 -21.01
N CYS C 591 18.00 3.50 -20.96
CA CYS C 591 17.30 2.60 -21.86
C CYS C 591 16.57 1.53 -21.08
N SER C 592 15.92 1.91 -19.99
CA SER C 592 15.17 0.98 -19.15
C SER C 592 13.88 1.66 -18.74
N PHE C 593 12.81 1.39 -19.47
CA PHE C 593 11.48 1.94 -19.20
C PHE C 593 10.60 0.80 -18.75
N GLY C 594 10.48 0.63 -17.44
CA GLY C 594 9.69 -0.46 -16.87
C GLY C 594 8.21 -0.20 -16.77
N GLY C 595 7.76 1.01 -17.05
CA GLY C 595 6.37 1.36 -16.95
C GLY C 595 5.68 1.36 -18.30
N VAL C 596 4.83 0.36 -18.55
CA VAL C 596 4.10 0.22 -19.79
C VAL C 596 2.65 -0.04 -19.47
N SER C 597 1.75 0.70 -20.09
CA SER C 597 0.32 0.50 -19.95
C SER C 597 -0.24 -0.08 -21.24
N VAL C 598 -1.00 -1.17 -21.13
CA VAL C 598 -1.51 -1.89 -22.28
C VAL C 598 -3.02 -1.81 -22.27
N ILE C 599 -3.59 -1.41 -23.41
CA ILE C 599 -5.03 -1.32 -23.58
C ILE C 599 -5.51 -2.54 -24.34
N THR C 600 -6.40 -3.30 -23.73
CA THR C 600 -6.94 -4.50 -24.32
C THR C 600 -8.45 -4.45 -24.29
N PRO C 601 -9.12 -4.91 -25.36
CA PRO C 601 -10.57 -4.99 -25.34
C PRO C 601 -11.08 -6.29 -24.76
N GLY C 602 -10.20 -7.06 -24.11
CA GLY C 602 -10.58 -8.34 -23.55
C GLY C 602 -10.11 -9.49 -24.40
N THR C 603 -9.32 -10.40 -23.83
CA THR C 603 -8.78 -11.52 -24.60
C THR C 603 -9.90 -12.24 -25.32
N ASN C 604 -11.04 -12.43 -24.65
CA ASN C 604 -12.18 -13.09 -25.26
C ASN C 604 -12.63 -12.30 -26.48
N THR C 605 -12.75 -10.98 -26.34
CA THR C 605 -13.24 -10.16 -27.44
C THR C 605 -12.26 -10.21 -28.62
N SER C 606 -10.97 -9.96 -28.38
CA SER C 606 -9.98 -9.93 -29.46
C SER C 606 -8.58 -9.99 -28.87
N ASN C 607 -7.59 -10.24 -29.73
CA ASN C 607 -6.20 -10.27 -29.27
C ASN C 607 -5.53 -8.93 -29.50
N GLN C 608 -6.02 -8.15 -30.46
CA GLN C 608 -5.45 -6.83 -30.78
C GLN C 608 -5.25 -6.04 -29.50
N VAL C 609 -4.10 -5.36 -29.36
CA VAL C 609 -3.82 -4.57 -28.17
C VAL C 609 -3.15 -3.27 -28.57
N ALA C 610 -3.32 -2.21 -27.75
CA ALA C 610 -2.67 -0.93 -28.02
C ALA C 610 -1.79 -0.58 -26.82
N VAL C 611 -0.57 -0.10 -27.06
CA VAL C 611 0.38 0.17 -25.97
C VAL C 611 0.49 1.65 -25.69
N LEU C 612 0.55 2.04 -24.42
CA LEU C 612 0.71 3.44 -24.03
C LEU C 612 1.94 3.59 -23.16
N TYR C 613 2.81 4.53 -23.51
CA TYR C 613 3.99 4.87 -22.74
C TYR C 613 3.75 6.20 -22.04
N GLN C 614 4.03 6.26 -20.75
CA GLN C 614 3.67 7.41 -19.94
C GLN C 614 4.78 8.46 -19.99
N GLY C 615 4.40 9.66 -20.42
CA GLY C 615 5.31 10.79 -20.38
C GLY C 615 6.55 10.67 -21.25
N VAL C 616 6.40 10.13 -22.45
CA VAL C 616 7.51 9.98 -23.37
C VAL C 616 7.08 10.48 -24.75
N ASN C 617 8.03 11.06 -25.46
CA ASN C 617 7.85 11.40 -26.87
C ASN C 617 7.65 10.14 -27.67
N CYS C 618 7.23 10.30 -28.91
CA CYS C 618 7.11 9.18 -29.82
C CYS C 618 8.39 8.87 -30.57
N THR C 619 9.41 9.71 -30.41
CA THR C 619 10.70 9.46 -31.04
C THR C 619 11.66 8.73 -30.11
N GLU C 620 11.54 8.95 -28.82
CA GLU C 620 12.41 8.29 -27.84
C GLU C 620 11.91 6.90 -27.47
N VAL C 621 10.76 6.47 -27.98
CA VAL C 621 10.27 5.14 -27.65
C VAL C 621 11.24 4.04 -28.07
N PRO C 622 11.75 4.03 -29.30
CA PRO C 622 12.74 2.99 -29.64
C PRO C 622 13.98 3.02 -28.76
N VAL C 623 14.45 4.20 -28.39
CA VAL C 623 15.61 4.30 -27.52
C VAL C 623 15.28 3.86 -26.11
N ALA C 624 14.12 4.26 -25.61
CA ALA C 624 13.78 3.99 -24.21
C ALA C 624 13.65 2.50 -23.93
N ILE C 625 13.00 1.77 -24.84
CA ILE C 625 12.75 0.34 -24.63
C ILE C 625 13.73 -0.52 -25.42
N HIS C 626 14.74 0.09 -26.02
CA HIS C 626 15.75 -0.59 -26.84
C HIS C 626 15.12 -1.64 -27.75
N ALA C 627 14.26 -1.16 -28.64
CA ALA C 627 13.53 -2.04 -29.55
C ALA C 627 14.45 -2.82 -30.47
N ASP C 628 15.69 -2.35 -30.65
CA ASP C 628 16.63 -3.09 -31.48
C ASP C 628 16.93 -4.45 -30.86
N GLN C 629 17.10 -4.51 -29.54
CA GLN C 629 17.35 -5.75 -28.85
C GLN C 629 16.09 -6.49 -28.48
N LEU C 630 14.91 -5.93 -28.78
CA LEU C 630 13.65 -6.57 -28.43
C LEU C 630 13.25 -7.58 -29.49
N THR C 631 12.19 -8.33 -29.21
CA THR C 631 11.68 -9.31 -30.15
C THR C 631 11.02 -8.62 -31.34
N PRO C 632 10.98 -9.29 -32.49
CA PRO C 632 10.31 -8.69 -33.65
C PRO C 632 8.84 -8.36 -33.45
N THR C 633 8.14 -9.11 -32.60
CA THR C 633 6.76 -8.80 -32.31
C THR C 633 6.59 -7.52 -31.50
N TRP C 634 7.56 -7.20 -30.64
CA TRP C 634 7.49 -5.98 -29.85
C TRP C 634 7.78 -4.74 -30.68
N ARG C 635 8.55 -4.87 -31.76
CA ARG C 635 8.87 -3.71 -32.57
C ARG C 635 7.64 -3.17 -33.28
N VAL C 636 6.63 -3.99 -33.50
CA VAL C 636 5.41 -3.53 -34.15
C VAL C 636 4.71 -2.48 -33.28
N TYR C 637 4.70 -2.70 -31.98
CA TYR C 637 4.09 -1.76 -31.05
C TYR C 637 5.06 -0.71 -30.55
N SER C 638 6.30 -0.71 -31.04
CA SER C 638 7.28 0.31 -30.66
C SER C 638 7.29 1.47 -31.62
N THR C 639 7.09 1.23 -32.91
CA THR C 639 7.08 2.30 -33.89
C THR C 639 6.27 1.84 -35.09
N GLY C 640 5.18 2.54 -35.38
CA GLY C 640 4.33 2.20 -36.50
C GLY C 640 3.57 3.37 -37.07
N SER C 641 2.63 3.10 -37.96
CA SER C 641 1.83 4.17 -38.55
C SER C 641 0.81 4.72 -37.57
N ASN C 642 0.21 3.86 -36.75
CA ASN C 642 -0.81 4.29 -35.80
C ASN C 642 -0.13 4.83 -34.55
N VAL C 643 0.39 6.05 -34.68
CA VAL C 643 1.06 6.76 -33.61
C VAL C 643 0.28 8.03 -33.32
N PHE C 644 -0.11 8.23 -32.05
CA PHE C 644 -0.88 9.42 -31.67
C PHE C 644 -0.43 9.89 -30.28
N GLN C 645 0.46 10.88 -30.23
CA GLN C 645 0.97 11.37 -28.95
C GLN C 645 -0.17 11.97 -28.13
N THR C 646 -0.18 11.72 -26.82
CA THR C 646 -1.19 12.25 -25.91
C THR C 646 -0.50 12.94 -24.74
N ARG C 647 -1.24 13.77 -24.00
CA ARG C 647 -0.67 14.42 -22.82
C ARG C 647 -0.12 13.35 -21.89
N ALA C 648 -0.82 12.22 -21.77
CA ALA C 648 -0.36 11.12 -20.94
C ALA C 648 0.97 10.58 -21.48
N GLY C 649 1.09 10.46 -22.81
CA GLY C 649 2.29 9.94 -23.45
C GLY C 649 1.99 9.48 -24.87
N CYS C 650 2.90 8.69 -25.43
CA CYS C 650 2.74 8.24 -26.81
C CYS C 650 1.86 6.99 -26.86
N LEU C 651 0.94 6.95 -27.82
CA LEU C 651 0.02 5.82 -27.96
C LEU C 651 0.26 5.13 -29.28
N ILE C 652 0.46 3.82 -29.24
CA ILE C 652 0.74 3.02 -30.44
C ILE C 652 -0.24 1.86 -30.50
N GLY C 653 -0.77 1.62 -31.69
CA GLY C 653 -1.72 0.55 -31.90
C GLY C 653 -3.16 1.00 -31.99
N ALA C 654 -3.43 2.29 -31.88
CA ALA C 654 -4.78 2.81 -31.99
C ALA C 654 -4.78 3.99 -32.94
N GLU C 655 -5.88 4.15 -33.68
CA GLU C 655 -6.05 5.25 -34.62
C GLU C 655 -6.94 6.33 -34.02
N TYR C 656 -6.50 7.58 -34.15
CA TYR C 656 -7.22 8.71 -33.58
C TYR C 656 -8.36 9.09 -34.50
N VAL C 657 -9.58 9.04 -33.98
CA VAL C 657 -10.78 9.36 -34.75
C VAL C 657 -11.22 10.77 -34.38
N ASN C 658 -11.56 11.57 -35.40
CA ASN C 658 -11.99 12.94 -35.18
C ASN C 658 -13.35 13.03 -34.51
N ASN C 659 -14.14 11.97 -34.53
CA ASN C 659 -15.44 11.98 -33.88
C ASN C 659 -15.29 11.75 -32.38
N SER C 660 -16.37 11.98 -31.65
CA SER C 660 -16.38 11.85 -30.19
C SER C 660 -17.57 11.00 -29.76
N TYR C 661 -17.32 10.06 -28.86
CA TYR C 661 -18.35 9.21 -28.29
C TYR C 661 -18.15 9.13 -26.78
N GLU C 662 -18.98 8.32 -26.13
CA GLU C 662 -18.84 8.13 -24.69
C GLU C 662 -17.59 7.33 -24.37
N CYS C 663 -17.07 7.53 -23.17
CA CYS C 663 -15.83 6.86 -22.76
C CYS C 663 -16.08 5.39 -22.50
N ASP C 664 -15.18 4.55 -23.02
CA ASP C 664 -15.21 3.12 -22.79
C ASP C 664 -14.01 2.65 -21.98
N ILE C 665 -12.80 2.93 -22.44
CA ILE C 665 -11.59 2.61 -21.70
C ILE C 665 -10.81 3.89 -21.47
N PRO C 666 -10.75 4.41 -20.27
CA PRO C 666 -10.07 5.68 -20.03
C PRO C 666 -8.58 5.60 -20.31
N ILE C 667 -8.02 6.69 -20.84
CA ILE C 667 -6.59 6.80 -21.10
C ILE C 667 -5.98 7.93 -20.31
N GLY C 668 -6.49 9.12 -20.47
CA GLY C 668 -6.00 10.28 -19.75
C GLY C 668 -6.14 11.55 -20.57
N ALA C 669 -6.32 12.66 -19.87
CA ALA C 669 -6.42 13.98 -20.48
C ALA C 669 -7.53 14.03 -21.51
N GLY C 670 -8.68 13.48 -21.14
CA GLY C 670 -9.84 13.51 -22.00
C GLY C 670 -9.78 12.60 -23.19
N ILE C 671 -8.98 11.55 -23.15
CA ILE C 671 -8.86 10.60 -24.24
C ILE C 671 -9.36 9.23 -23.81
N CYS C 672 -10.23 8.62 -24.60
CA CYS C 672 -10.76 7.29 -24.29
C CYS C 672 -10.63 6.40 -25.50
N ALA C 673 -10.50 5.08 -25.28
CA ALA C 673 -10.29 4.16 -26.38
C ALA C 673 -11.33 3.04 -26.35
N SER C 674 -11.60 2.42 -27.51
CA SER C 674 -12.53 1.32 -27.60
C SER C 674 -12.23 0.47 -28.83
N TYR C 675 -12.65 -0.81 -28.80
CA TYR C 675 -12.45 -1.71 -29.95
C TYR C 675 -13.70 -1.71 -30.82
N GLN C 676 -13.75 -0.81 -31.79
CA GLN C 676 -14.92 -0.73 -32.67
C GLN C 676 -15.02 -1.93 -33.59
N GLN C 691 -13.31 -4.45 -34.74
CA GLN C 691 -12.44 -4.49 -35.90
C GLN C 691 -11.03 -4.03 -35.54
N SER C 692 -10.95 -2.89 -34.85
CA SER C 692 -9.67 -2.34 -34.46
C SER C 692 -9.87 -1.43 -33.25
N ILE C 693 -8.78 -1.12 -32.58
CA ILE C 693 -8.80 -0.23 -31.43
C ILE C 693 -8.74 1.21 -31.90
N ILE C 694 -9.70 2.03 -31.48
CA ILE C 694 -9.81 3.42 -31.88
C ILE C 694 -9.72 4.29 -30.64
N ALA C 695 -8.94 5.36 -30.73
CA ALA C 695 -8.79 6.35 -29.67
C ALA C 695 -9.43 7.65 -30.11
N TYR C 696 -10.04 8.36 -29.17
CA TYR C 696 -10.77 9.58 -29.47
C TYR C 696 -10.84 10.43 -28.21
N THR C 697 -11.66 11.48 -28.26
CA THR C 697 -11.91 12.35 -27.12
C THR C 697 -13.33 12.11 -26.62
N MET C 698 -13.46 11.89 -25.32
CA MET C 698 -14.78 11.60 -24.76
C MET C 698 -15.71 12.79 -24.89
N SER C 699 -16.98 12.52 -25.14
CA SER C 699 -18.00 13.55 -25.31
C SER C 699 -18.83 13.65 -24.05
N LEU C 700 -19.00 14.88 -23.57
CA LEU C 700 -19.77 15.08 -22.34
C LEU C 700 -21.23 14.67 -22.51
N GLY C 701 -21.83 15.01 -23.63
CA GLY C 701 -23.21 14.65 -23.87
C GLY C 701 -23.79 15.44 -25.02
N ALA C 702 -25.07 15.22 -25.25
CA ALA C 702 -25.76 15.91 -26.32
C ALA C 702 -25.87 17.40 -26.03
N GLU C 703 -25.70 18.21 -27.06
CA GLU C 703 -25.76 19.66 -26.92
C GLU C 703 -27.19 20.13 -27.13
N ASN C 704 -27.93 20.26 -26.04
CA ASN C 704 -29.30 20.73 -26.10
C ASN C 704 -29.39 22.16 -25.56
N SER C 705 -30.01 23.05 -26.32
CA SER C 705 -30.14 24.45 -25.93
C SER C 705 -31.55 24.77 -25.50
N VAL C 706 -31.72 25.41 -24.35
CA VAL C 706 -33.05 25.83 -23.89
C VAL C 706 -33.15 27.33 -24.11
N ALA C 707 -34.36 27.86 -24.18
CA ALA C 707 -34.55 29.28 -24.47
C ALA C 707 -35.00 30.04 -23.23
N TYR C 708 -34.22 31.00 -22.74
CA TYR C 708 -34.66 31.82 -21.62
C TYR C 708 -35.60 32.91 -22.12
N SER C 709 -36.70 32.51 -22.74
CA SER C 709 -37.66 33.49 -23.21
C SER C 709 -38.54 33.95 -22.06
N ASN C 710 -38.41 35.23 -21.68
CA ASN C 710 -39.28 35.74 -20.63
C ASN C 710 -40.71 35.72 -21.15
N ASN C 711 -41.69 35.88 -20.25
CA ASN C 711 -43.10 35.78 -20.64
C ASN C 711 -43.32 34.51 -21.44
N SER C 712 -42.62 33.44 -21.06
CA SER C 712 -42.73 32.13 -21.70
C SER C 712 -42.51 31.01 -20.68
N ILE C 713 -43.37 29.98 -20.69
CA ILE C 713 -43.27 28.90 -19.72
C ILE C 713 -43.64 27.59 -20.39
N ALA C 714 -43.02 26.50 -19.92
CA ALA C 714 -43.29 25.16 -20.43
C ALA C 714 -43.76 24.25 -19.30
N ILE C 715 -45.03 23.84 -19.33
CA ILE C 715 -45.59 23.01 -18.26
C ILE C 715 -45.93 21.62 -18.78
N PRO C 716 -45.63 20.56 -18.05
CA PRO C 716 -45.88 19.20 -18.54
C PRO C 716 -47.35 18.87 -18.73
N THR C 717 -47.63 18.01 -19.71
CA THR C 717 -49.00 17.57 -19.95
C THR C 717 -49.11 16.06 -19.81
N ASN C 718 -48.06 15.42 -19.34
CA ASN C 718 -48.01 13.97 -19.16
C ASN C 718 -46.97 13.67 -18.11
N PHE C 719 -46.81 12.39 -17.79
CA PHE C 719 -45.81 12.00 -16.81
C PHE C 719 -45.45 10.55 -17.01
N THR C 720 -44.32 10.15 -16.45
CA THR C 720 -43.83 8.78 -16.56
C THR C 720 -43.28 8.33 -15.23
N ILE C 721 -43.71 7.16 -14.77
CA ILE C 721 -43.23 6.57 -13.53
C ILE C 721 -42.14 5.56 -13.86
N SER C 722 -40.97 5.73 -13.27
CA SER C 722 -39.83 4.88 -13.54
C SER C 722 -39.24 4.37 -12.24
N VAL C 723 -38.63 3.19 -12.29
CA VAL C 723 -37.99 2.58 -11.13
C VAL C 723 -36.51 2.47 -11.41
N THR C 724 -35.69 3.05 -10.55
CA THR C 724 -34.25 2.97 -10.66
C THR C 724 -33.75 1.81 -9.81
N THR C 725 -32.44 1.71 -9.63
CA THR C 725 -31.85 0.66 -8.82
C THR C 725 -30.61 1.18 -8.15
N GLU C 726 -30.60 1.19 -6.83
CA GLU C 726 -29.45 1.60 -6.04
C GLU C 726 -28.89 0.41 -5.27
N ILE C 727 -27.61 0.14 -5.43
CA ILE C 727 -26.94 -0.99 -4.81
C ILE C 727 -25.82 -0.48 -3.93
N LEU C 728 -25.84 -0.89 -2.66
CA LEU C 728 -24.86 -0.43 -1.68
C LEU C 728 -24.41 -1.61 -0.83
N PRO C 729 -23.11 -1.86 -0.74
CA PRO C 729 -22.63 -2.88 0.18
C PRO C 729 -22.88 -2.48 1.62
N VAL C 730 -23.11 -3.48 2.46
CA VAL C 730 -23.47 -3.26 3.85
C VAL C 730 -22.43 -3.88 4.77
N SER C 731 -21.81 -4.95 4.35
CA SER C 731 -20.86 -5.64 5.21
C SER C 731 -19.94 -6.50 4.37
N MET C 732 -18.95 -7.11 5.02
CA MET C 732 -18.04 -8.01 4.33
C MET C 732 -17.93 -9.32 5.08
N THR C 733 -16.99 -10.17 4.70
CA THR C 733 -16.83 -11.48 5.34
C THR C 733 -15.92 -11.35 6.53
N LYS C 734 -16.40 -11.76 7.69
CA LYS C 734 -15.59 -11.78 8.89
C LYS C 734 -14.52 -12.85 8.77
N THR C 735 -13.31 -12.53 9.24
CA THR C 735 -12.19 -13.47 9.13
C THR C 735 -11.41 -13.49 10.42
N SER C 736 -10.79 -14.64 10.70
CA SER C 736 -9.91 -14.82 11.84
C SER C 736 -8.64 -15.50 11.41
N VAL C 737 -7.53 -15.10 11.99
CA VAL C 737 -6.21 -15.58 11.60
C VAL C 737 -5.50 -16.14 12.81
N ASP C 738 -4.98 -17.36 12.69
CA ASP C 738 -4.15 -17.95 13.73
C ASP C 738 -2.72 -17.47 13.55
N CYS C 739 -2.25 -16.65 14.47
CA CYS C 739 -0.91 -16.08 14.34
C CYS C 739 0.15 -17.16 14.39
N THR C 740 0.02 -18.13 15.29
CA THR C 740 1.03 -19.15 15.43
C THR C 740 1.03 -20.10 14.24
N MET C 741 -0.14 -20.56 13.85
CA MET C 741 -0.22 -21.55 12.77
C MET C 741 0.26 -20.98 11.45
N TYR C 742 -0.15 -19.76 11.13
CA TYR C 742 0.28 -19.16 9.87
C TYR C 742 1.78 -18.95 9.84
N ILE C 743 2.36 -18.49 10.93
CA ILE C 743 3.79 -18.24 10.96
C ILE C 743 4.56 -19.54 11.08
N CYS C 744 4.24 -20.36 12.06
CA CYS C 744 4.93 -21.62 12.32
C CYS C 744 4.02 -22.75 11.85
N GLY C 745 4.44 -23.46 10.83
CA GLY C 745 3.69 -24.58 10.32
C GLY C 745 3.85 -25.83 11.14
N ASP C 746 3.28 -25.83 12.34
CA ASP C 746 3.36 -26.95 13.28
C ASP C 746 4.80 -27.26 13.67
N SER C 747 5.67 -26.26 13.65
CA SER C 747 7.05 -26.40 14.04
C SER C 747 7.18 -25.96 15.50
N THR C 748 7.53 -26.90 16.37
CA THR C 748 7.65 -26.58 17.78
C THR C 748 8.74 -25.56 18.05
N GLU C 749 9.89 -25.70 17.39
CA GLU C 749 11.00 -24.77 17.61
C GLU C 749 10.62 -23.36 17.19
N CYS C 750 9.85 -23.22 16.12
CA CYS C 750 9.38 -21.91 15.72
C CYS C 750 8.48 -21.30 16.78
N SER C 751 7.70 -22.13 17.48
CA SER C 751 6.77 -21.61 18.48
C SER C 751 7.50 -20.94 19.62
N ASN C 752 8.56 -21.58 20.13
CA ASN C 752 9.31 -20.95 21.22
C ASN C 752 10.01 -19.70 20.76
N LEU C 753 10.57 -19.72 19.55
CA LEU C 753 11.22 -18.52 19.02
C LEU C 753 10.22 -17.41 18.76
N LEU C 754 8.98 -17.76 18.45
CA LEU C 754 7.95 -16.75 18.27
C LEU C 754 7.69 -16.00 19.57
N LEU C 755 7.88 -16.67 20.71
CA LEU C 755 7.63 -16.03 22.00
C LEU C 755 8.55 -14.83 22.21
N GLN C 756 9.81 -14.97 21.83
CA GLN C 756 10.75 -13.88 22.02
C GLN C 756 10.66 -12.87 20.89
N TYR C 757 9.44 -12.44 20.60
CA TYR C 757 9.22 -11.40 19.61
C TYR C 757 8.34 -10.29 20.14
N GLY C 758 7.35 -10.62 20.96
CA GLY C 758 6.45 -9.64 21.51
C GLY C 758 5.04 -10.17 21.60
N SER C 759 4.06 -9.29 21.51
CA SER C 759 2.66 -9.66 21.56
C SER C 759 1.95 -9.31 20.26
N PHE C 760 2.60 -9.54 19.13
CA PHE C 760 1.97 -9.21 17.85
C PHE C 760 0.72 -10.02 17.61
N CYS C 761 0.71 -11.28 18.04
CA CYS C 761 -0.44 -12.13 17.81
C CYS C 761 -1.67 -11.60 18.52
N THR C 762 -1.50 -11.10 19.74
CA THR C 762 -2.64 -10.59 20.49
C THR C 762 -3.25 -9.37 19.82
N GLN C 763 -2.42 -8.43 19.41
CA GLN C 763 -2.94 -7.24 18.76
C GLN C 763 -3.60 -7.56 17.43
N LEU C 764 -3.02 -8.47 16.66
CA LEU C 764 -3.65 -8.87 15.42
C LEU C 764 -4.98 -9.54 15.67
N LYS C 765 -5.07 -10.38 16.69
CA LYS C 765 -6.34 -11.02 17.03
C LYS C 765 -7.36 -9.99 17.45
N ARG C 766 -6.96 -9.02 18.28
CA ARG C 766 -7.89 -8.00 18.72
C ARG C 766 -8.33 -7.11 17.58
N ALA C 767 -7.42 -6.74 16.69
CA ALA C 767 -7.78 -5.89 15.57
C ALA C 767 -8.78 -6.55 14.66
N LEU C 768 -8.59 -7.82 14.36
CA LEU C 768 -9.55 -8.54 13.52
C LEU C 768 -10.87 -8.76 14.25
N THR C 769 -10.83 -8.94 15.56
CA THR C 769 -12.06 -9.13 16.31
C THR C 769 -12.93 -7.88 16.25
N GLY C 770 -12.32 -6.71 16.33
CA GLY C 770 -13.09 -5.48 16.24
C GLY C 770 -13.80 -5.33 14.91
N ILE C 771 -13.15 -5.72 13.83
CA ILE C 771 -13.78 -5.69 12.53
C ILE C 771 -14.94 -6.67 12.48
N ALA C 772 -14.74 -7.87 13.01
CA ALA C 772 -15.77 -8.89 12.95
C ALA C 772 -17.03 -8.47 13.68
N VAL C 773 -16.88 -7.95 14.89
CA VAL C 773 -18.06 -7.53 15.64
C VAL C 773 -18.69 -6.32 15.01
N GLU C 774 -17.93 -5.53 14.27
CA GLU C 774 -18.48 -4.36 13.60
C GLU C 774 -19.36 -4.77 12.43
N GLN C 775 -19.02 -5.84 11.75
CA GLN C 775 -19.80 -6.27 10.60
C GLN C 775 -21.21 -6.65 11.00
N ASP C 776 -21.36 -7.35 12.11
CA ASP C 776 -22.70 -7.66 12.60
C ASP C 776 -23.45 -6.41 13.01
N LYS C 777 -22.75 -5.43 13.56
CA LYS C 777 -23.39 -4.17 13.89
C LYS C 777 -23.86 -3.45 12.64
N ASN C 778 -23.09 -3.52 11.56
CA ASN C 778 -23.45 -2.79 10.36
C ASN C 778 -24.77 -3.27 9.78
N THR C 779 -24.97 -4.58 9.71
CA THR C 779 -26.21 -5.10 9.17
C THR C 779 -27.38 -4.96 10.12
N GLN C 780 -27.12 -4.78 11.41
CA GLN C 780 -28.21 -4.62 12.37
C GLN C 780 -28.84 -3.24 12.26
N GLU C 781 -28.03 -2.21 12.05
CA GLU C 781 -28.56 -0.86 11.95
C GLU C 781 -29.27 -0.60 10.63
N VAL C 782 -29.05 -1.42 9.62
CA VAL C 782 -29.67 -1.21 8.33
C VAL C 782 -31.01 -1.90 8.24
N PHE C 783 -31.07 -3.19 8.57
CA PHE C 783 -32.27 -3.98 8.43
C PHE C 783 -33.14 -3.97 9.69
N ALA C 784 -32.55 -4.15 10.86
CA ALA C 784 -33.30 -4.19 12.11
C ALA C 784 -33.60 -2.77 12.57
N GLN C 785 -34.45 -2.11 11.81
CA GLN C 785 -34.91 -0.77 12.14
C GLN C 785 -36.31 -0.74 12.73
N VAL C 786 -37.13 -1.74 12.45
CA VAL C 786 -38.44 -1.90 13.08
C VAL C 786 -38.46 -3.25 13.76
N LYS C 787 -38.98 -3.29 14.98
CA LYS C 787 -39.00 -4.55 15.73
C LYS C 787 -40.26 -5.36 15.48
N GLN C 788 -41.35 -4.72 15.10
CA GLN C 788 -42.59 -5.42 14.83
C GLN C 788 -42.50 -6.07 13.45
N ILE C 789 -42.55 -7.40 13.41
CA ILE C 789 -42.45 -8.13 12.15
C ILE C 789 -43.87 -8.20 11.59
N TYR C 790 -44.24 -7.20 10.79
CA TYR C 790 -45.56 -7.15 10.19
C TYR C 790 -45.72 -8.26 9.16
N LYS C 791 -46.91 -8.83 9.11
CA LYS C 791 -47.20 -9.97 8.27
C LYS C 791 -47.85 -9.52 6.96
N THR C 792 -47.39 -10.10 5.86
CA THR C 792 -47.95 -9.77 4.56
C THR C 792 -49.39 -10.27 4.46
N PRO C 793 -50.33 -9.44 4.03
CA PRO C 793 -51.71 -9.90 3.95
C PRO C 793 -51.88 -10.99 2.93
N PRO C 794 -52.81 -11.92 3.15
CA PRO C 794 -53.02 -13.00 2.18
C PRO C 794 -53.52 -12.50 0.84
N ILE C 795 -54.52 -11.62 0.85
CA ILE C 795 -55.03 -11.06 -0.38
C ILE C 795 -54.01 -10.08 -0.95
N LYS C 796 -53.71 -10.24 -2.24
CA LYS C 796 -52.68 -9.44 -2.88
C LYS C 796 -53.26 -8.39 -3.82
N TYR C 797 -54.50 -7.99 -3.62
CA TYR C 797 -55.12 -6.95 -4.43
C TYR C 797 -54.88 -5.60 -3.77
N PHE C 798 -54.18 -4.72 -4.48
CA PHE C 798 -53.82 -3.41 -3.97
C PHE C 798 -54.26 -2.32 -4.93
N GLY C 799 -55.48 -2.40 -5.42
CA GLY C 799 -55.99 -1.40 -6.33
C GLY C 799 -55.37 -1.41 -7.70
N GLY C 800 -54.85 -2.55 -8.14
CA GLY C 800 -54.23 -2.68 -9.43
C GLY C 800 -52.72 -2.71 -9.41
N PHE C 801 -52.11 -2.37 -8.30
CA PHE C 801 -50.66 -2.40 -8.20
C PHE C 801 -50.21 -3.83 -7.96
N ASN C 802 -49.23 -4.28 -8.73
CA ASN C 802 -48.72 -5.64 -8.66
C ASN C 802 -47.39 -5.63 -7.92
N PHE C 803 -47.27 -6.43 -6.88
CA PHE C 803 -46.06 -6.52 -6.09
C PHE C 803 -45.50 -7.93 -6.02
N SER C 804 -45.83 -8.77 -6.98
CA SER C 804 -45.41 -10.16 -6.94
C SER C 804 -43.90 -10.29 -7.05
N GLN C 805 -43.26 -9.38 -7.77
CA GLN C 805 -41.82 -9.49 -7.96
C GLN C 805 -41.06 -9.20 -6.67
N ILE C 806 -41.63 -8.40 -5.77
CA ILE C 806 -40.92 -8.01 -4.57
C ILE C 806 -41.45 -8.74 -3.34
N LEU C 807 -42.71 -9.13 -3.35
CA LEU C 807 -43.28 -9.85 -2.23
C LEU C 807 -42.74 -11.28 -2.22
N PRO C 808 -42.52 -11.86 -1.05
CA PRO C 808 -42.04 -13.24 -0.97
C PRO C 808 -43.06 -14.21 -1.53
N ASP C 809 -42.55 -15.31 -2.11
CA ASP C 809 -43.40 -16.36 -2.67
C ASP C 809 -43.44 -17.54 -1.72
N PRO C 810 -44.60 -17.88 -1.18
CA PRO C 810 -44.65 -19.01 -0.23
C PRO C 810 -44.33 -20.35 -0.86
N SER C 811 -44.38 -20.47 -2.18
CA SER C 811 -44.11 -21.76 -2.82
C SER C 811 -42.68 -22.21 -2.57
N LYS C 812 -41.71 -21.44 -3.03
CA LYS C 812 -40.32 -21.79 -2.82
C LYS C 812 -39.96 -21.65 -1.35
N PRO C 813 -39.30 -22.65 -0.75
CA PRO C 813 -39.01 -22.57 0.69
C PRO C 813 -37.95 -21.55 1.05
N SER C 814 -37.24 -20.99 0.07
CA SER C 814 -36.23 -19.98 0.38
C SER C 814 -36.85 -18.67 0.83
N LYS C 815 -38.14 -18.47 0.58
CA LYS C 815 -38.88 -17.28 0.97
C LYS C 815 -38.29 -15.99 0.39
N ARG C 816 -37.55 -16.08 -0.69
CA ARG C 816 -36.97 -14.91 -1.33
C ARG C 816 -37.79 -14.52 -2.55
N SER C 817 -37.97 -13.22 -2.74
CA SER C 817 -38.75 -12.70 -3.85
C SER C 817 -38.07 -13.02 -5.17
N PRO C 818 -38.83 -13.04 -6.26
CA PRO C 818 -38.20 -13.32 -7.56
C PRO C 818 -37.06 -12.40 -7.90
N ILE C 819 -37.16 -11.13 -7.54
CA ILE C 819 -36.02 -10.23 -7.73
C ILE C 819 -34.87 -10.64 -6.84
N GLU C 820 -35.14 -11.01 -5.60
CA GLU C 820 -34.09 -11.47 -4.71
C GLU C 820 -33.48 -12.79 -5.16
N ASP C 821 -34.21 -13.58 -5.93
CA ASP C 821 -33.63 -14.82 -6.46
C ASP C 821 -32.47 -14.53 -7.40
N LEU C 822 -32.62 -13.53 -8.25
CA LEU C 822 -31.56 -13.20 -9.20
C LEU C 822 -30.30 -12.75 -8.47
N LEU C 823 -30.46 -11.95 -7.42
CA LEU C 823 -29.30 -11.48 -6.68
C LEU C 823 -28.55 -12.64 -6.04
N PHE C 824 -29.27 -13.59 -5.47
CA PHE C 824 -28.61 -14.75 -4.89
C PHE C 824 -28.01 -15.64 -5.96
N ASN C 825 -28.71 -15.81 -7.09
CA ASN C 825 -28.18 -16.62 -8.17
C ASN C 825 -26.90 -16.02 -8.73
N LYS C 826 -26.86 -14.71 -8.92
CA LYS C 826 -25.65 -14.04 -9.35
C LYS C 826 -24.77 -13.76 -8.15
N VAL C 827 -23.73 -12.96 -8.35
CA VAL C 827 -22.79 -12.60 -7.27
C VAL C 827 -22.15 -13.84 -6.69
N CYS C 852 -12.29 -22.84 2.45
CA CYS C 852 -11.97 -23.68 1.30
C CYS C 852 -10.57 -24.27 1.44
N ALA C 853 -9.58 -23.50 1.02
CA ALA C 853 -8.19 -23.92 1.08
C ALA C 853 -7.38 -23.18 2.12
N GLN C 854 -7.82 -22.00 2.55
CA GLN C 854 -7.10 -21.24 3.55
C GLN C 854 -7.21 -21.83 4.94
N LYS C 855 -8.10 -22.80 5.14
CA LYS C 855 -8.25 -23.40 6.45
C LYS C 855 -6.99 -24.09 6.90
N PHE C 856 -6.32 -24.79 5.98
CA PHE C 856 -5.10 -25.50 6.34
C PHE C 856 -3.99 -24.55 6.77
N LYS C 857 -4.01 -23.30 6.32
CA LYS C 857 -2.99 -22.33 6.69
C LYS C 857 -3.33 -21.56 7.96
N GLY C 858 -4.49 -21.80 8.56
CA GLY C 858 -4.88 -21.10 9.76
C GLY C 858 -5.78 -19.91 9.57
N LEU C 859 -6.20 -19.63 8.34
CA LEU C 859 -7.09 -18.52 8.05
C LEU C 859 -8.48 -19.06 7.78
N THR C 860 -9.46 -18.60 8.54
CA THR C 860 -10.83 -19.06 8.44
C THR C 860 -11.78 -17.87 8.34
N VAL C 861 -13.07 -18.16 8.22
CA VAL C 861 -14.10 -17.14 8.19
C VAL C 861 -15.11 -17.45 9.29
N LEU C 862 -15.85 -16.43 9.68
CA LEU C 862 -16.85 -16.59 10.73
C LEU C 862 -18.24 -16.38 10.16
N PRO C 863 -19.19 -17.22 10.50
CA PRO C 863 -20.54 -17.09 9.98
C PRO C 863 -21.17 -15.78 10.42
N PRO C 864 -21.95 -15.15 9.56
CA PRO C 864 -22.62 -13.91 9.96
C PRO C 864 -23.66 -14.15 11.03
N LEU C 865 -23.84 -13.13 11.87
CA LEU C 865 -24.81 -13.25 12.96
C LEU C 865 -26.23 -13.40 12.43
N LEU C 866 -26.57 -12.65 11.41
CA LEU C 866 -27.90 -12.71 10.81
C LEU C 866 -27.86 -13.59 9.56
N THR C 867 -28.64 -14.66 9.57
CA THR C 867 -28.68 -15.55 8.43
C THR C 867 -29.44 -14.90 7.29
N ASP C 868 -29.26 -15.46 6.10
CA ASP C 868 -29.95 -14.94 4.92
C ASP C 868 -31.45 -15.08 5.04
N GLU C 869 -31.92 -16.17 5.62
CA GLU C 869 -33.34 -16.34 5.82
C GLU C 869 -33.90 -15.28 6.75
N MET C 870 -33.19 -14.99 7.84
CA MET C 870 -33.67 -13.99 8.77
C MET C 870 -33.55 -12.60 8.21
N ILE C 871 -32.52 -12.33 7.43
CA ILE C 871 -32.39 -11.03 6.78
C ILE C 871 -33.53 -10.81 5.79
N ALA C 872 -33.85 -11.83 5.01
CA ALA C 872 -34.98 -11.71 4.08
C ALA C 872 -36.28 -11.53 4.82
N GLN C 873 -36.40 -12.09 6.02
CA GLN C 873 -37.60 -11.87 6.82
C GLN C 873 -37.70 -10.43 7.27
N TYR C 874 -36.57 -9.80 7.57
CA TYR C 874 -36.60 -8.38 7.93
C TYR C 874 -37.09 -7.53 6.78
N THR C 875 -36.67 -7.85 5.56
CA THR C 875 -37.15 -7.11 4.40
C THR C 875 -38.64 -7.28 4.21
N SER C 876 -39.16 -8.47 4.44
CA SER C 876 -40.59 -8.68 4.29
C SER C 876 -41.38 -7.83 5.27
N ALA C 877 -40.90 -7.71 6.50
CA ALA C 877 -41.57 -6.88 7.48
C ALA C 877 -41.57 -5.43 7.05
N LEU C 878 -40.44 -4.94 6.56
CA LEU C 878 -40.39 -3.58 6.05
C LEU C 878 -41.27 -3.43 4.83
N LEU C 879 -41.26 -4.42 3.94
CA LEU C 879 -42.06 -4.33 2.73
C LEU C 879 -43.55 -4.35 3.05
N ALA C 880 -43.98 -5.21 3.97
CA ALA C 880 -45.39 -5.32 4.30
C ALA C 880 -45.90 -4.05 4.96
N GLY C 881 -45.10 -3.45 5.82
CA GLY C 881 -45.55 -2.24 6.50
C GLY C 881 -45.76 -1.08 5.56
N THR C 882 -44.86 -0.90 4.59
CA THR C 882 -44.99 0.21 3.66
C THR C 882 -46.22 0.08 2.80
N ILE C 883 -46.49 -1.11 2.30
CA ILE C 883 -47.68 -1.30 1.49
C ILE C 883 -48.94 -1.10 2.31
N THR C 884 -48.96 -1.64 3.53
CA THR C 884 -50.13 -1.50 4.38
C THR C 884 -50.35 -0.04 4.78
N SER C 885 -49.30 0.64 5.24
CA SER C 885 -49.44 2.04 5.62
C SER C 885 -48.06 2.66 5.56
N GLY C 886 -47.83 3.50 4.57
CA GLY C 886 -46.53 4.12 4.42
C GLY C 886 -46.27 5.24 5.40
N TRP C 887 -44.99 5.46 5.68
CA TRP C 887 -44.51 6.59 6.47
C TRP C 887 -45.17 6.67 7.84
N THR C 888 -45.84 5.62 8.28
CA THR C 888 -46.50 5.62 9.57
C THR C 888 -45.90 4.62 10.55
N PHE C 889 -45.63 3.39 10.11
CA PHE C 889 -45.07 2.40 11.01
C PHE C 889 -43.65 2.71 11.41
N GLY C 890 -42.97 3.58 10.69
CA GLY C 890 -41.65 4.01 11.12
C GLY C 890 -41.63 5.08 12.18
N ALA C 891 -42.78 5.64 12.51
CA ALA C 891 -42.91 6.66 13.54
C ALA C 891 -44.20 6.39 14.28
N GLY C 892 -44.11 5.65 15.37
CA GLY C 892 -45.25 5.27 16.15
C GLY C 892 -45.92 3.99 15.68
N PRO C 893 -47.12 3.72 16.17
CA PRO C 893 -47.82 2.50 15.78
C PRO C 893 -48.24 2.54 14.33
N ALA C 894 -48.40 1.35 13.75
CA ALA C 894 -48.75 1.21 12.36
C ALA C 894 -50.25 1.36 12.17
N LEU C 895 -50.66 2.26 11.31
CA LEU C 895 -52.07 2.43 10.97
C LEU C 895 -52.39 1.58 9.74
N GLN C 896 -53.55 1.78 9.13
CA GLN C 896 -53.94 1.07 7.92
C GLN C 896 -54.50 2.07 6.94
N ILE C 897 -53.84 2.23 5.80
CA ILE C 897 -54.25 3.16 4.75
C ILE C 897 -54.40 2.35 3.47
N PRO C 898 -55.50 2.47 2.75
CA PRO C 898 -55.61 1.82 1.45
C PRO C 898 -54.53 2.33 0.51
N PHE C 899 -53.97 1.43 -0.29
CA PHE C 899 -52.88 1.81 -1.18
C PHE C 899 -53.26 2.89 -2.20
N PRO C 900 -54.41 2.85 -2.86
CA PRO C 900 -54.78 3.97 -3.71
C PRO C 900 -54.82 5.27 -2.97
N MET C 901 -55.24 5.27 -1.71
CA MET C 901 -55.21 6.49 -0.92
C MET C 901 -53.77 6.86 -0.55
N GLN C 902 -52.93 5.88 -0.29
CA GLN C 902 -51.54 6.19 0.04
C GLN C 902 -50.82 6.85 -1.11
N MET C 903 -51.01 6.36 -2.32
CA MET C 903 -50.35 6.97 -3.47
C MET C 903 -50.87 8.36 -3.73
N ALA C 904 -52.13 8.61 -3.42
CA ALA C 904 -52.73 9.91 -3.67
C ALA C 904 -52.11 10.99 -2.81
N TYR C 905 -51.53 10.64 -1.67
CA TYR C 905 -50.89 11.64 -0.83
C TYR C 905 -49.41 11.74 -1.09
N ARG C 906 -48.74 10.64 -1.44
CA ARG C 906 -47.37 10.75 -1.92
C ARG C 906 -47.30 11.60 -3.18
N PHE C 907 -48.36 11.62 -3.98
CA PHE C 907 -48.46 12.59 -5.06
C PHE C 907 -48.59 14.01 -4.51
N ASN C 908 -49.30 14.18 -3.42
CA ASN C 908 -49.45 15.48 -2.81
C ASN C 908 -48.14 16.00 -2.24
N GLY C 909 -47.20 15.13 -1.94
CA GLY C 909 -45.92 15.57 -1.42
C GLY C 909 -45.01 16.20 -2.45
N ILE C 910 -45.22 15.93 -3.73
CA ILE C 910 -44.41 16.50 -4.79
C ILE C 910 -45.14 17.62 -5.51
N GLY C 911 -46.12 18.24 -4.85
CA GLY C 911 -46.86 19.32 -5.45
C GLY C 911 -47.77 18.93 -6.59
N VAL C 912 -48.42 17.78 -6.48
CA VAL C 912 -49.38 17.32 -7.46
C VAL C 912 -50.69 17.05 -6.73
N THR C 913 -51.80 17.53 -7.28
CA THR C 913 -53.10 17.41 -6.64
C THR C 913 -53.55 15.96 -6.60
N GLN C 914 -54.44 15.66 -5.65
CA GLN C 914 -54.89 14.29 -5.45
C GLN C 914 -55.72 13.78 -6.62
N ASN C 915 -56.40 14.66 -7.34
CA ASN C 915 -57.26 14.22 -8.43
C ASN C 915 -56.47 13.56 -9.54
N VAL C 916 -55.19 13.89 -9.68
CA VAL C 916 -54.39 13.29 -10.74
C VAL C 916 -54.27 11.79 -10.54
N LEU C 917 -54.01 11.35 -9.32
CA LEU C 917 -53.89 9.93 -9.03
C LEU C 917 -55.19 9.20 -9.27
N TYR C 918 -56.29 9.76 -8.82
CA TYR C 918 -57.57 9.08 -8.93
C TYR C 918 -58.05 9.05 -10.36
N GLU C 919 -57.94 10.15 -11.08
CA GLU C 919 -58.43 10.20 -12.44
C GLU C 919 -57.56 9.45 -13.42
N ASN C 920 -56.36 9.04 -13.03
CA ASN C 920 -55.46 8.27 -13.89
C ASN C 920 -54.93 7.05 -13.18
N GLN C 921 -55.76 6.44 -12.33
CA GLN C 921 -55.32 5.31 -11.54
C GLN C 921 -54.98 4.11 -12.40
N LYS C 922 -55.78 3.84 -13.43
CA LYS C 922 -55.54 2.67 -14.27
C LYS C 922 -54.21 2.77 -15.00
N LEU C 923 -53.93 3.93 -15.58
CA LEU C 923 -52.66 4.10 -16.29
C LEU C 923 -51.49 4.06 -15.35
N ILE C 924 -51.62 4.69 -14.18
CA ILE C 924 -50.51 4.75 -13.23
C ILE C 924 -50.16 3.34 -12.75
N ALA C 925 -51.16 2.55 -12.44
CA ALA C 925 -50.90 1.16 -12.06
C ALA C 925 -50.29 0.39 -13.20
N ASN C 926 -50.77 0.63 -14.42
CA ASN C 926 -50.23 -0.06 -15.57
C ASN C 926 -48.77 0.31 -15.81
N GLN C 927 -48.43 1.59 -15.70
CA GLN C 927 -47.04 2.01 -15.88
C GLN C 927 -46.16 1.42 -14.79
N PHE C 928 -46.66 1.39 -13.56
CA PHE C 928 -45.88 0.81 -12.48
C PHE C 928 -45.63 -0.66 -12.71
N ASN C 929 -46.63 -1.39 -13.19
CA ASN C 929 -46.47 -2.83 -13.42
C ASN C 929 -45.44 -3.10 -14.50
N SER C 930 -45.50 -2.36 -15.60
CA SER C 930 -44.53 -2.56 -16.68
C SER C 930 -43.12 -2.20 -16.23
N ALA C 931 -42.97 -1.13 -15.46
CA ALA C 931 -41.66 -0.73 -15.00
C ALA C 931 -41.05 -1.76 -14.06
N ILE C 932 -41.87 -2.36 -13.20
CA ILE C 932 -41.37 -3.35 -12.26
C ILE C 932 -40.83 -4.56 -13.00
N GLY C 933 -41.53 -5.01 -14.03
CA GLY C 933 -41.09 -6.20 -14.75
C GLY C 933 -39.73 -6.04 -15.39
N LYS C 934 -39.44 -4.86 -15.92
CA LYS C 934 -38.15 -4.64 -16.57
C LYS C 934 -37.00 -4.66 -15.58
N ILE C 935 -37.27 -4.45 -14.30
CA ILE C 935 -36.19 -4.48 -13.31
C ILE C 935 -35.54 -5.85 -13.25
N GLN C 936 -36.34 -6.90 -13.25
CA GLN C 936 -35.78 -8.24 -13.24
C GLN C 936 -34.96 -8.50 -14.49
N ASP C 937 -35.46 -8.09 -15.65
CA ASP C 937 -34.74 -8.29 -16.89
C ASP C 937 -33.47 -7.47 -16.95
N SER C 938 -33.54 -6.21 -16.48
CA SER C 938 -32.36 -5.36 -16.54
C SER C 938 -31.23 -5.89 -15.66
N LEU C 939 -31.56 -6.35 -14.47
CA LEU C 939 -30.54 -6.92 -13.59
C LEU C 939 -29.96 -8.20 -14.18
N SER C 940 -30.80 -9.02 -14.80
CA SER C 940 -30.34 -10.27 -15.39
C SER C 940 -29.43 -10.03 -16.58
N SER C 941 -29.49 -8.85 -17.19
CA SER C 941 -28.60 -8.55 -18.31
C SER C 941 -27.14 -8.44 -17.89
N THR C 942 -26.87 -8.34 -16.59
CA THR C 942 -25.57 -8.19 -15.93
C THR C 942 -24.56 -7.41 -16.76
N PRO C 943 -24.82 -6.12 -17.03
CA PRO C 943 -23.81 -5.25 -17.66
C PRO C 943 -22.93 -4.58 -16.61
N SER C 944 -22.33 -5.39 -15.73
CA SER C 944 -21.59 -4.89 -14.56
C SER C 944 -22.49 -4.04 -13.66
N ALA C 945 -23.79 -4.34 -13.66
CA ALA C 945 -24.71 -3.61 -12.81
C ALA C 945 -24.47 -3.93 -11.33
N LEU C 946 -24.19 -5.18 -11.02
CA LEU C 946 -23.94 -5.62 -9.65
C LEU C 946 -22.47 -5.56 -9.27
N GLY C 947 -21.71 -4.67 -9.90
CA GLY C 947 -20.30 -4.60 -9.62
C GLY C 947 -19.97 -4.11 -8.23
N LYS C 948 -20.88 -3.36 -7.61
CA LYS C 948 -20.64 -2.86 -6.27
C LYS C 948 -20.52 -4.01 -5.29
N LEU C 949 -21.41 -5.00 -5.39
CA LEU C 949 -21.34 -6.14 -4.50
C LEU C 949 -20.24 -7.11 -4.92
N GLN C 950 -19.96 -7.21 -6.21
CA GLN C 950 -18.97 -8.16 -6.69
C GLN C 950 -17.58 -7.81 -6.20
N ASP C 951 -17.25 -6.53 -6.17
CA ASP C 951 -15.92 -6.11 -5.72
C ASP C 951 -15.67 -6.48 -4.28
N VAL C 952 -16.70 -6.42 -3.44
CA VAL C 952 -16.53 -6.78 -2.03
C VAL C 952 -16.15 -8.24 -1.90
N VAL C 953 -16.81 -9.11 -2.65
CA VAL C 953 -16.50 -10.54 -2.56
C VAL C 953 -15.11 -10.82 -3.10
N ASN C 954 -14.75 -10.23 -4.23
CA ASN C 954 -13.46 -10.51 -4.84
C ASN C 954 -12.31 -10.01 -4.00
N HIS C 955 -12.45 -8.82 -3.41
CA HIS C 955 -11.35 -8.26 -2.64
C HIS C 955 -11.01 -9.12 -1.44
N ASN C 956 -12.01 -9.63 -0.75
CA ASN C 956 -11.75 -10.52 0.37
C ASN C 956 -11.05 -11.79 -0.10
N ALA C 957 -11.50 -12.36 -1.21
CA ALA C 957 -10.84 -13.55 -1.74
C ALA C 957 -9.44 -13.22 -2.23
N GLN C 958 -9.27 -12.09 -2.88
CA GLN C 958 -7.95 -11.73 -3.40
C GLN C 958 -6.95 -11.53 -2.27
N ALA C 959 -7.36 -10.82 -1.23
CA ALA C 959 -6.46 -10.61 -0.10
C ALA C 959 -6.14 -11.92 0.60
N LEU C 960 -7.13 -12.78 0.78
CA LEU C 960 -6.90 -14.07 1.41
C LEU C 960 -5.97 -14.92 0.55
N ASN C 961 -6.17 -14.93 -0.75
CA ASN C 961 -5.32 -15.71 -1.63
C ASN C 961 -3.90 -15.18 -1.63
N THR C 962 -3.73 -13.86 -1.60
CA THR C 962 -2.40 -13.28 -1.62
C THR C 962 -1.63 -13.67 -0.38
N LEU C 963 -2.28 -13.66 0.78
CA LEU C 963 -1.59 -14.04 2.02
C LEU C 963 -1.15 -15.48 1.98
N VAL C 964 -1.94 -16.35 1.37
CA VAL C 964 -1.54 -17.75 1.22
C VAL C 964 -0.34 -17.86 0.29
N LYS C 965 -0.32 -17.09 -0.79
CA LYS C 965 0.85 -17.04 -1.66
C LYS C 965 2.10 -16.59 -0.92
N GLN C 966 1.97 -15.69 0.04
CA GLN C 966 3.14 -15.11 0.67
C GLN C 966 3.94 -16.12 1.44
N LEU C 967 3.36 -17.27 1.76
CA LEU C 967 4.10 -18.33 2.44
C LEU C 967 5.09 -19.03 1.53
N SER C 968 5.00 -18.81 0.22
CA SER C 968 5.91 -19.44 -0.72
C SER C 968 7.20 -18.68 -0.89
N SER C 969 7.35 -17.52 -0.27
CA SER C 969 8.56 -16.72 -0.36
C SER C 969 9.52 -17.06 0.76
N LYS C 970 10.81 -16.90 0.49
CA LYS C 970 11.83 -17.22 1.47
C LYS C 970 12.31 -16.00 2.26
N PHE C 971 12.10 -14.79 1.77
CA PHE C 971 12.50 -13.57 2.43
C PHE C 971 13.98 -13.60 2.79
N GLY C 972 14.79 -14.05 1.87
CA GLY C 972 16.23 -14.12 2.07
C GLY C 972 16.75 -15.34 2.77
N ALA C 973 15.89 -16.29 3.10
CA ALA C 973 16.32 -17.50 3.77
C ALA C 973 16.73 -18.56 2.75
N ILE C 974 17.31 -19.64 3.25
CA ILE C 974 17.74 -20.72 2.37
C ILE C 974 16.55 -21.37 1.71
N SER C 975 15.50 -21.66 2.49
CA SER C 975 14.31 -22.28 1.95
C SER C 975 13.09 -21.77 2.71
N SER C 976 11.94 -21.86 2.05
CA SER C 976 10.71 -21.41 2.66
C SER C 976 10.13 -22.39 3.67
N VAL C 977 10.63 -23.61 3.71
CA VAL C 977 10.14 -24.63 4.65
C VAL C 977 10.89 -24.48 5.96
N LEU C 978 10.15 -24.34 7.06
CA LEU C 978 10.79 -24.18 8.36
C LEU C 978 11.56 -25.42 8.78
N ASN C 979 10.97 -26.60 8.59
CA ASN C 979 11.64 -27.84 8.99
C ASN C 979 12.86 -28.13 8.14
N ASP C 980 12.92 -27.59 6.93
CA ASP C 980 14.08 -27.80 6.08
C ASP C 980 15.32 -27.16 6.70
N ILE C 981 15.18 -25.97 7.26
CA ILE C 981 16.32 -25.28 7.82
C ILE C 981 16.87 -26.03 9.02
N PHE C 982 15.99 -26.50 9.90
CA PHE C 982 16.43 -27.22 11.09
C PHE C 982 17.11 -28.53 10.72
N SER C 983 16.57 -29.23 9.72
CA SER C 983 17.14 -30.52 9.33
C SER C 983 18.48 -30.36 8.63
N ARG C 984 18.82 -29.18 8.16
CA ARG C 984 20.06 -28.97 7.42
C ARG C 984 21.08 -28.18 8.22
N LEU C 985 20.69 -27.09 8.85
CA LEU C 985 21.62 -26.19 9.51
C LEU C 985 21.68 -26.44 11.00
N ASP C 986 22.83 -26.13 11.60
CA ASP C 986 23.02 -26.28 13.02
C ASP C 986 22.18 -25.25 13.79
N PRO C 987 21.75 -25.58 14.99
CA PRO C 987 20.92 -24.66 15.79
C PRO C 987 21.56 -23.30 16.01
N PRO C 988 22.87 -23.22 16.23
CA PRO C 988 23.46 -21.89 16.40
C PRO C 988 23.27 -20.97 15.21
N GLU C 989 23.26 -21.51 13.99
CA GLU C 989 23.15 -20.67 12.80
C GLU C 989 21.82 -20.79 12.07
N ALA C 990 21.03 -21.83 12.33
CA ALA C 990 19.73 -21.94 11.70
C ALA C 990 18.76 -20.88 12.19
N GLU C 991 18.98 -20.34 13.38
CA GLU C 991 18.07 -19.32 13.90
C GLU C 991 18.12 -18.05 13.07
N VAL C 992 19.29 -17.71 12.54
CA VAL C 992 19.42 -16.49 11.75
C VAL C 992 18.53 -16.55 10.52
N GLN C 993 18.53 -17.69 9.83
CA GLN C 993 17.64 -17.85 8.69
C GLN C 993 16.19 -17.84 9.11
N ILE C 994 15.88 -18.41 10.27
CA ILE C 994 14.50 -18.42 10.76
C ILE C 994 14.02 -17.01 11.04
N ASP C 995 14.86 -16.19 11.65
CA ASP C 995 14.46 -14.82 11.95
C ASP C 995 14.10 -14.05 10.68
N ARG C 996 14.79 -14.33 9.58
CA ARG C 996 14.41 -13.70 8.33
C ARG C 996 13.03 -14.14 7.90
N LEU C 997 12.71 -15.42 8.06
CA LEU C 997 11.39 -15.91 7.68
C LEU C 997 10.32 -15.43 8.63
N ILE C 998 10.60 -15.40 9.93
CA ILE C 998 9.60 -14.98 10.90
C ILE C 998 9.24 -13.51 10.70
N THR C 999 10.24 -12.67 10.54
CA THR C 999 9.97 -11.25 10.34
C THR C 999 9.26 -11.02 9.02
N GLY C 1000 9.66 -11.72 7.98
CA GLY C 1000 9.02 -11.54 6.69
C GLY C 1000 7.56 -11.94 6.70
N ARG C 1001 7.23 -13.04 7.35
CA ARG C 1001 5.84 -13.45 7.43
C ARG C 1001 5.04 -12.54 8.35
N LEU C 1002 5.67 -11.96 9.36
CA LEU C 1002 4.95 -11.06 10.25
C LEU C 1002 4.48 -9.82 9.52
N GLN C 1003 5.31 -9.26 8.65
CA GLN C 1003 4.92 -8.05 7.92
C GLN C 1003 3.76 -8.30 6.99
N SER C 1004 3.66 -9.50 6.44
CA SER C 1004 2.52 -9.82 5.59
C SER C 1004 1.23 -9.80 6.40
N LEU C 1005 1.26 -10.32 7.61
CA LEU C 1005 0.07 -10.27 8.46
C LEU C 1005 -0.29 -8.84 8.81
N GLN C 1006 0.69 -8.02 9.15
CA GLN C 1006 0.43 -6.62 9.47
C GLN C 1006 -0.12 -5.88 8.26
N THR C 1007 0.40 -6.17 7.09
CA THR C 1007 -0.12 -5.53 5.89
C THR C 1007 -1.56 -5.95 5.62
N TYR C 1008 -1.88 -7.22 5.81
CA TYR C 1008 -3.22 -7.69 5.52
C TYR C 1008 -4.25 -7.07 6.44
N VAL C 1009 -3.95 -7.00 7.73
CA VAL C 1009 -4.91 -6.44 8.67
C VAL C 1009 -5.09 -4.96 8.42
N THR C 1010 -4.03 -4.26 8.02
CA THR C 1010 -4.15 -2.85 7.73
C THR C 1010 -5.08 -2.60 6.55
N GLN C 1011 -5.00 -3.43 5.52
CA GLN C 1011 -5.93 -3.29 4.41
C GLN C 1011 -7.36 -3.54 4.86
N GLN C 1012 -7.56 -4.51 5.73
CA GLN C 1012 -8.90 -4.77 6.23
C GLN C 1012 -9.45 -3.59 7.02
N LEU C 1013 -8.62 -2.98 7.84
CA LEU C 1013 -9.08 -1.85 8.63
C LEU C 1013 -9.51 -0.69 7.75
N ILE C 1014 -8.72 -0.38 6.73
CA ILE C 1014 -9.08 0.69 5.82
C ILE C 1014 -10.34 0.34 5.05
N ARG C 1015 -10.45 -0.89 4.58
CA ARG C 1015 -11.63 -1.31 3.85
C ARG C 1015 -12.86 -1.34 4.74
N ALA C 1016 -12.69 -1.65 6.02
CA ALA C 1016 -13.82 -1.66 6.93
C ALA C 1016 -14.43 -0.27 7.09
N ALA C 1017 -13.60 0.75 7.14
CA ALA C 1017 -14.11 2.11 7.26
C ALA C 1017 -14.93 2.49 6.04
N GLU C 1018 -14.48 2.12 4.85
CA GLU C 1018 -15.23 2.43 3.65
C GLU C 1018 -16.58 1.73 3.65
N ILE C 1019 -16.61 0.47 4.04
CA ILE C 1019 -17.87 -0.26 4.10
C ILE C 1019 -18.78 0.34 5.17
N ARG C 1020 -18.23 0.68 6.32
CA ARG C 1020 -19.02 1.29 7.38
C ARG C 1020 -19.61 2.61 6.93
N ALA C 1021 -18.85 3.39 6.18
CA ALA C 1021 -19.39 4.62 5.61
C ALA C 1021 -20.53 4.31 4.65
N SER C 1022 -20.37 3.28 3.83
CA SER C 1022 -21.45 2.87 2.96
C SER C 1022 -22.60 2.26 3.75
N ALA C 1023 -22.30 1.54 4.82
CA ALA C 1023 -23.37 0.98 5.63
C ALA C 1023 -24.19 2.08 6.29
N ASN C 1024 -23.55 3.13 6.76
CA ASN C 1024 -24.27 4.25 7.34
C ASN C 1024 -25.13 4.95 6.30
N LEU C 1025 -24.62 5.09 5.08
CA LEU C 1025 -25.42 5.68 4.02
C LEU C 1025 -26.61 4.80 3.69
N ALA C 1026 -26.42 3.49 3.67
CA ALA C 1026 -27.54 2.58 3.43
C ALA C 1026 -28.57 2.66 4.54
N ALA C 1027 -28.12 2.78 5.78
CA ALA C 1027 -29.05 2.92 6.88
C ALA C 1027 -29.84 4.20 6.76
N THR C 1028 -29.19 5.29 6.38
CA THR C 1028 -29.90 6.55 6.18
C THR C 1028 -30.91 6.44 5.06
N LYS C 1029 -30.52 5.84 3.94
CA LYS C 1029 -31.47 5.64 2.85
C LYS C 1029 -32.54 4.66 3.19
N MET C 1030 -32.32 3.80 4.18
CA MET C 1030 -33.35 2.87 4.62
C MET C 1030 -34.55 3.59 5.17
N SER C 1031 -34.33 4.63 5.95
CA SER C 1031 -35.40 5.34 6.62
C SER C 1031 -35.90 6.55 5.84
N GLU C 1032 -35.00 7.36 5.31
CA GLU C 1032 -35.40 8.58 4.64
C GLU C 1032 -36.07 8.33 3.30
N CYS C 1033 -36.04 7.11 2.79
CA CYS C 1033 -36.67 6.78 1.52
C CYS C 1033 -37.79 5.78 1.66
N VAL C 1034 -37.60 4.70 2.41
CA VAL C 1034 -38.62 3.67 2.54
C VAL C 1034 -39.53 3.94 3.73
N LEU C 1035 -38.97 4.30 4.87
CA LEU C 1035 -39.79 4.64 6.03
C LEU C 1035 -40.50 5.96 5.88
N GLY C 1036 -40.20 6.74 4.85
CA GLY C 1036 -40.89 8.00 4.62
C GLY C 1036 -40.40 8.62 3.32
N GLN C 1037 -41.20 9.57 2.83
CA GLN C 1037 -40.86 10.28 1.61
C GLN C 1037 -39.72 11.25 1.84
N SER C 1038 -38.98 11.55 0.79
CA SER C 1038 -37.81 12.42 0.87
C SER C 1038 -37.97 13.62 -0.06
N LYS C 1039 -37.57 14.78 0.43
CA LYS C 1039 -37.58 15.98 -0.37
C LYS C 1039 -36.21 16.30 -0.96
N ARG C 1040 -35.16 15.60 -0.56
CA ARG C 1040 -33.84 15.88 -1.07
C ARG C 1040 -33.75 15.51 -2.55
N VAL C 1041 -33.13 16.37 -3.34
CA VAL C 1041 -32.99 16.14 -4.76
C VAL C 1041 -31.92 15.10 -5.01
N ASP C 1042 -32.21 14.16 -5.91
CA ASP C 1042 -31.34 13.06 -6.32
C ASP C 1042 -31.14 12.03 -5.23
N PHE C 1043 -31.69 12.23 -4.05
CA PHE C 1043 -31.67 11.22 -2.99
C PHE C 1043 -32.89 10.33 -3.14
N CYS C 1044 -32.69 9.04 -2.96
CA CYS C 1044 -33.74 8.05 -3.17
C CYS C 1044 -34.29 8.13 -4.60
N GLY C 1045 -33.41 7.86 -5.55
CA GLY C 1045 -33.77 7.85 -6.95
C GLY C 1045 -33.59 9.19 -7.63
N LYS C 1046 -33.74 9.17 -8.95
CA LYS C 1046 -33.60 10.36 -9.77
C LYS C 1046 -34.98 10.87 -10.16
N GLY C 1047 -35.25 12.11 -9.88
CA GLY C 1047 -36.54 12.72 -10.11
C GLY C 1047 -37.29 12.94 -8.82
N TYR C 1048 -38.55 13.35 -8.97
CA TYR C 1048 -39.41 13.57 -7.83
C TYR C 1048 -39.72 12.23 -7.17
N HIS C 1049 -39.11 11.98 -6.03
CA HIS C 1049 -39.26 10.68 -5.38
C HIS C 1049 -40.66 10.46 -4.88
N LEU C 1050 -41.14 9.22 -5.00
CA LEU C 1050 -42.44 8.81 -4.49
C LEU C 1050 -42.31 7.84 -3.33
N MET C 1051 -41.64 6.71 -3.53
CA MET C 1051 -41.47 5.71 -2.48
C MET C 1051 -40.44 4.70 -2.98
N SER C 1052 -40.04 3.78 -2.11
CA SER C 1052 -38.95 2.88 -2.45
C SER C 1052 -39.21 1.51 -1.86
N PHE C 1053 -38.49 0.51 -2.36
CA PHE C 1053 -38.55 -0.86 -1.88
C PHE C 1053 -37.17 -1.35 -1.48
N PRO C 1054 -37.03 -2.06 -0.39
CA PRO C 1054 -35.76 -2.70 -0.06
C PRO C 1054 -35.69 -4.12 -0.56
N GLN C 1055 -34.48 -4.55 -0.94
CA GLN C 1055 -34.25 -5.92 -1.36
C GLN C 1055 -32.92 -6.40 -0.81
N SER C 1056 -32.92 -7.56 -0.15
CA SER C 1056 -31.72 -8.12 0.44
C SER C 1056 -30.80 -8.66 -0.65
N ALA C 1057 -29.51 -8.72 -0.34
CA ALA C 1057 -28.50 -9.19 -1.27
C ALA C 1057 -27.30 -9.67 -0.46
N PRO C 1058 -26.48 -10.53 -1.03
CA PRO C 1058 -25.28 -10.96 -0.32
C PRO C 1058 -24.33 -9.80 -0.09
N HIS C 1059 -24.09 -9.52 1.19
CA HIS C 1059 -23.19 -8.47 1.61
C HIS C 1059 -23.60 -7.12 1.04
N GLY C 1060 -24.87 -6.80 1.16
CA GLY C 1060 -25.36 -5.52 0.69
C GLY C 1060 -26.86 -5.51 0.60
N VAL C 1061 -27.38 -4.36 0.19
CA VAL C 1061 -28.82 -4.18 0.02
C VAL C 1061 -29.07 -3.50 -1.31
N VAL C 1062 -30.25 -3.76 -1.89
CA VAL C 1062 -30.63 -3.21 -3.17
C VAL C 1062 -31.94 -2.45 -2.99
N PHE C 1063 -31.97 -1.20 -3.43
CA PHE C 1063 -33.14 -0.35 -3.32
C PHE C 1063 -33.84 -0.26 -4.66
N LEU C 1064 -35.15 -0.13 -4.62
CA LEU C 1064 -35.98 0.02 -5.81
C LEU C 1064 -36.72 1.35 -5.69
N HIS C 1065 -36.09 2.42 -6.12
CA HIS C 1065 -36.68 3.74 -6.00
C HIS C 1065 -37.72 4.00 -7.07
N VAL C 1066 -38.90 4.45 -6.67
CA VAL C 1066 -39.97 4.82 -7.58
C VAL C 1066 -40.06 6.33 -7.62
N THR C 1067 -39.90 6.92 -8.79
CA THR C 1067 -39.84 8.36 -8.96
C THR C 1067 -40.89 8.83 -9.96
N TYR C 1068 -41.19 10.11 -9.93
CA TYR C 1068 -42.13 10.76 -10.82
C TYR C 1068 -41.36 11.66 -11.75
N VAL C 1069 -41.39 11.37 -13.04
CA VAL C 1069 -40.65 12.08 -14.07
C VAL C 1069 -41.65 12.72 -15.02
N PRO C 1070 -41.71 14.04 -15.10
CA PRO C 1070 -42.59 14.70 -16.06
C PRO C 1070 -42.14 14.49 -17.49
N ALA C 1071 -43.09 14.65 -18.41
CA ALA C 1071 -42.81 14.48 -19.82
C ALA C 1071 -43.86 15.22 -20.63
N GLN C 1072 -43.56 15.38 -21.92
CA GLN C 1072 -44.46 16.01 -22.90
C GLN C 1072 -44.81 17.43 -22.49
N GLU C 1073 -43.78 18.27 -22.47
CA GLU C 1073 -43.95 19.68 -22.16
C GLU C 1073 -44.61 20.41 -23.32
N LYS C 1074 -45.10 21.61 -23.03
CA LYS C 1074 -45.72 22.45 -24.04
C LYS C 1074 -45.48 23.91 -23.67
N ASN C 1075 -45.23 24.74 -24.67
CA ASN C 1075 -44.94 26.15 -24.45
C ASN C 1075 -46.20 26.93 -24.14
N PHE C 1076 -46.10 27.86 -23.20
CA PHE C 1076 -47.20 28.75 -22.86
C PHE C 1076 -46.63 30.11 -22.48
N THR C 1077 -47.45 31.14 -22.61
CA THR C 1077 -47.09 32.48 -22.18
C THR C 1077 -47.53 32.71 -20.75
N THR C 1078 -46.73 33.47 -20.01
CA THR C 1078 -46.96 33.66 -18.59
C THR C 1078 -46.73 35.11 -18.19
N ALA C 1079 -47.33 35.50 -17.08
CA ALA C 1079 -47.13 36.81 -16.49
C ALA C 1079 -47.03 36.65 -14.98
N PRO C 1080 -46.27 37.50 -14.30
CA PRO C 1080 -46.20 37.40 -12.85
C PRO C 1080 -47.52 37.55 -12.17
N ALA C 1081 -48.40 38.40 -12.69
CA ALA C 1081 -49.72 38.57 -12.10
C ALA C 1081 -50.64 39.17 -13.15
N ILE C 1082 -51.93 39.15 -12.87
CA ILE C 1082 -52.91 39.73 -13.77
C ILE C 1082 -53.55 40.92 -13.07
N CYS C 1083 -54.06 41.84 -13.87
CA CYS C 1083 -54.64 43.10 -13.40
C CYS C 1083 -56.14 43.06 -13.59
N HIS C 1084 -56.88 43.00 -12.49
CA HIS C 1084 -58.33 43.07 -12.50
C HIS C 1084 -58.78 44.12 -11.51
N ASP C 1085 -59.66 45.02 -11.97
CA ASP C 1085 -60.18 46.10 -11.13
C ASP C 1085 -59.07 46.96 -10.56
N GLY C 1086 -57.98 47.12 -11.30
CA GLY C 1086 -56.87 47.95 -10.86
C GLY C 1086 -56.18 47.47 -9.61
N LYS C 1087 -55.91 46.17 -9.52
CA LYS C 1087 -55.21 45.63 -8.38
C LYS C 1087 -54.48 44.36 -8.79
N ALA C 1088 -53.41 44.06 -8.08
CA ALA C 1088 -52.61 42.88 -8.38
C ALA C 1088 -53.33 41.61 -7.95
N HIS C 1089 -53.09 40.54 -8.70
CA HIS C 1089 -53.81 39.29 -8.52
C HIS C 1089 -52.86 38.11 -8.57
N PHE C 1090 -51.83 38.14 -7.74
CA PHE C 1090 -50.84 37.07 -7.75
C PHE C 1090 -51.51 35.72 -7.53
N PRO C 1091 -51.11 34.69 -8.26
CA PRO C 1091 -51.72 33.37 -8.06
C PRO C 1091 -51.36 32.76 -6.73
N ARG C 1092 -52.29 31.98 -6.19
CA ARG C 1092 -52.08 31.34 -4.90
C ARG C 1092 -50.94 30.33 -4.95
N GLU C 1093 -51.11 29.26 -5.72
CA GLU C 1093 -50.11 28.19 -5.79
C GLU C 1093 -49.97 27.66 -7.20
N GLY C 1094 -49.94 28.55 -8.19
CA GLY C 1094 -49.86 28.12 -9.58
C GLY C 1094 -49.10 29.12 -10.44
N VAL C 1095 -49.08 28.93 -11.75
CA VAL C 1095 -48.40 29.82 -12.65
C VAL C 1095 -49.41 30.35 -13.67
N PHE C 1096 -49.51 31.68 -13.80
CA PHE C 1096 -50.46 32.27 -14.73
C PHE C 1096 -50.16 31.87 -16.17
N VAL C 1097 -50.99 31.04 -16.78
CA VAL C 1097 -50.79 30.62 -18.16
C VAL C 1097 -51.96 31.11 -19.00
N SER C 1098 -51.73 31.20 -20.30
CA SER C 1098 -52.71 31.73 -21.24
C SER C 1098 -52.93 30.75 -22.37
N ASN C 1099 -54.20 30.53 -22.72
CA ASN C 1099 -54.50 29.76 -23.92
C ASN C 1099 -54.01 30.46 -25.17
N GLY C 1100 -53.88 31.78 -25.11
CA GLY C 1100 -53.55 32.60 -26.25
C GLY C 1100 -54.38 33.86 -26.21
N THR C 1101 -55.59 33.76 -25.67
CA THR C 1101 -56.47 34.90 -25.44
C THR C 1101 -56.94 35.02 -24.01
N HIS C 1102 -57.25 33.89 -23.36
CA HIS C 1102 -57.70 33.88 -21.97
C HIS C 1102 -56.52 33.64 -21.03
N TRP C 1103 -56.79 33.61 -19.74
CA TRP C 1103 -55.77 33.37 -18.73
C TRP C 1103 -56.28 32.35 -17.73
N PHE C 1104 -55.48 31.33 -17.44
CA PHE C 1104 -55.84 30.27 -16.51
C PHE C 1104 -54.70 30.06 -15.52
N VAL C 1105 -54.99 29.40 -14.40
CA VAL C 1105 -53.98 29.11 -13.39
C VAL C 1105 -53.80 27.60 -13.31
N THR C 1106 -52.57 27.12 -13.45
CA THR C 1106 -52.31 25.69 -13.48
C THR C 1106 -51.20 25.32 -12.51
N GLN C 1107 -51.18 24.05 -12.11
CA GLN C 1107 -50.13 23.54 -11.23
C GLN C 1107 -48.81 23.55 -11.98
N ARG C 1108 -47.70 23.44 -11.26
CA ARG C 1108 -46.43 23.55 -11.96
C ARG C 1108 -45.90 22.23 -12.47
N ASN C 1109 -46.28 21.10 -11.87
CA ASN C 1109 -45.73 19.80 -12.24
C ASN C 1109 -46.63 19.07 -13.24
N PHE C 1110 -47.78 19.64 -13.60
CA PHE C 1110 -48.68 19.05 -14.59
C PHE C 1110 -49.59 20.16 -15.09
N TYR C 1111 -50.24 19.93 -16.22
CA TYR C 1111 -51.11 20.94 -16.82
C TYR C 1111 -52.55 20.68 -16.47
N GLU C 1112 -53.21 21.66 -15.85
CA GLU C 1112 -54.60 21.53 -15.44
C GLU C 1112 -55.25 22.89 -15.44
N PRO C 1113 -55.87 23.29 -16.54
CA PRO C 1113 -56.46 24.63 -16.61
C PRO C 1113 -57.55 24.84 -15.56
N GLN C 1114 -57.61 26.05 -15.03
CA GLN C 1114 -58.60 26.40 -14.02
C GLN C 1114 -58.92 27.87 -14.13
N ILE C 1115 -60.21 28.21 -14.02
CA ILE C 1115 -60.64 29.60 -14.14
C ILE C 1115 -60.12 30.40 -12.95
N ILE C 1116 -59.72 31.63 -13.22
CA ILE C 1116 -59.17 32.52 -12.19
C ILE C 1116 -60.32 33.04 -11.34
N THR C 1117 -60.38 32.62 -10.08
CA THR C 1117 -61.38 33.10 -9.15
C THR C 1117 -60.70 33.68 -7.92
N THR C 1118 -61.49 34.00 -6.89
CA THR C 1118 -60.93 34.50 -5.65
C THR C 1118 -60.40 33.40 -4.75
N ASP C 1119 -60.76 32.15 -5.01
CA ASP C 1119 -60.26 31.05 -4.19
C ASP C 1119 -58.80 30.74 -4.49
N ASN C 1120 -58.42 30.76 -5.76
CA ASN C 1120 -57.08 30.43 -6.19
C ASN C 1120 -56.24 31.66 -6.46
N THR C 1121 -56.72 32.84 -6.12
CA THR C 1121 -55.99 34.07 -6.38
C THR C 1121 -56.20 35.05 -5.24
N PHE C 1122 -55.13 35.68 -4.79
CA PHE C 1122 -55.18 36.68 -3.73
C PHE C 1122 -54.62 37.99 -4.24
N VAL C 1123 -55.09 39.07 -3.63
CA VAL C 1123 -54.73 40.43 -4.03
C VAL C 1123 -53.71 40.97 -3.04
N SER C 1124 -52.60 41.47 -3.56
CA SER C 1124 -51.55 41.99 -2.69
C SER C 1124 -50.92 43.28 -3.21
N GLY C 1125 -51.47 43.90 -4.24
CA GLY C 1125 -50.87 45.10 -4.78
C GLY C 1125 -51.85 46.05 -5.41
N ASN C 1126 -51.35 46.97 -6.25
CA ASN C 1126 -52.21 47.96 -6.87
C ASN C 1126 -51.91 48.13 -8.36
N CYS C 1127 -51.34 47.11 -9.01
CA CYS C 1127 -51.11 47.12 -10.45
C CYS C 1127 -50.22 48.27 -10.91
N ASP C 1128 -49.27 48.67 -10.07
CA ASP C 1128 -48.35 49.74 -10.40
C ASP C 1128 -46.90 49.29 -10.39
N VAL C 1129 -46.47 48.57 -9.35
CA VAL C 1129 -45.07 48.19 -9.24
C VAL C 1129 -44.77 46.85 -9.90
N VAL C 1130 -45.76 45.99 -10.08
CA VAL C 1130 -45.53 44.67 -10.65
C VAL C 1130 -45.10 44.81 -12.10
N ILE C 1131 -44.02 44.13 -12.46
CA ILE C 1131 -43.47 44.22 -13.81
C ILE C 1131 -44.17 43.22 -14.71
N GLY C 1132 -44.65 43.69 -15.85
CA GLY C 1132 -45.26 42.81 -16.84
C GLY C 1132 -46.53 42.15 -16.39
N ILE C 1133 -47.42 42.91 -15.77
CA ILE C 1133 -48.71 42.38 -15.31
C ILE C 1133 -49.72 42.59 -16.41
N VAL C 1134 -50.20 41.50 -17.00
CA VAL C 1134 -51.13 41.57 -18.11
C VAL C 1134 -52.57 41.53 -17.59
N ASN C 1135 -53.38 42.49 -18.02
CA ASN C 1135 -54.73 42.63 -17.50
C ASN C 1135 -55.63 41.49 -17.95
N ASN C 1136 -56.59 41.15 -17.09
CA ASN C 1136 -57.63 40.17 -17.37
C ASN C 1136 -58.71 40.30 -16.31
N THR C 1137 -59.87 39.74 -16.61
CA THR C 1137 -61.00 39.80 -15.70
C THR C 1137 -60.95 38.63 -14.70
N VAL C 1138 -61.57 38.85 -13.55
CA VAL C 1138 -61.65 37.85 -12.49
C VAL C 1138 -63.08 37.79 -11.98
N TYR C 1139 -63.61 36.58 -11.85
CA TYR C 1139 -64.95 36.38 -11.30
C TYR C 1139 -65.01 36.85 -9.86
N GLN D 272 33.50 20.73 25.19
CA GLN D 272 32.19 20.64 25.80
C GLN D 272 31.19 20.03 24.83
N PRO D 273 30.55 18.94 25.23
CA PRO D 273 29.59 18.26 24.36
C PRO D 273 28.34 19.10 24.14
N ARG D 274 28.04 19.37 22.87
CA ARG D 274 26.87 20.15 22.48
C ARG D 274 26.28 19.55 21.21
N THR D 275 25.16 20.09 20.77
CA THR D 275 24.51 19.70 19.53
C THR D 275 24.43 20.91 18.62
N PHE D 276 24.89 20.76 17.38
CA PHE D 276 24.92 21.86 16.43
C PHE D 276 24.21 21.46 15.14
N LEU D 277 23.44 22.39 14.59
CA LEU D 277 22.77 22.21 13.31
C LEU D 277 23.59 22.91 12.25
N LEU D 278 24.39 22.13 11.53
CA LEU D 278 25.28 22.67 10.51
C LEU D 278 24.55 22.84 9.20
N LYS D 279 24.72 24.00 8.58
CA LYS D 279 24.08 24.34 7.31
C LYS D 279 25.14 24.49 6.23
N TYR D 280 24.87 23.93 5.06
CA TYR D 280 25.80 23.97 3.94
C TYR D 280 25.14 24.65 2.74
N ASN D 281 25.96 25.28 1.91
CA ASN D 281 25.51 26.01 0.73
C ASN D 281 25.90 25.29 -0.56
N GLU D 282 25.78 23.96 -0.55
CA GLU D 282 26.12 23.10 -1.68
C GLU D 282 27.60 23.20 -2.06
N ASN D 283 28.44 23.61 -1.13
CA ASN D 283 29.87 23.73 -1.37
C ASN D 283 30.69 23.20 -0.22
N GLY D 284 30.08 22.56 0.77
CA GLY D 284 30.80 22.01 1.89
C GLY D 284 31.35 23.05 2.84
N THR D 285 30.78 24.24 2.84
CA THR D 285 31.20 25.31 3.72
C THR D 285 30.01 25.73 4.57
N ILE D 286 30.26 26.01 5.84
CA ILE D 286 29.19 26.42 6.74
C ILE D 286 28.90 27.92 6.60
N THR D 287 27.66 28.25 6.26
CA THR D 287 27.24 29.65 6.20
C THR D 287 26.76 30.12 7.56
N ASP D 288 26.01 29.28 8.26
CA ASP D 288 25.54 29.58 9.60
C ASP D 288 25.28 28.27 10.33
N ALA D 289 25.32 28.32 11.66
CA ALA D 289 25.10 27.15 12.48
C ALA D 289 24.17 27.50 13.64
N VAL D 290 23.21 26.63 13.90
CA VAL D 290 22.29 26.81 15.01
C VAL D 290 22.86 26.08 16.22
N ASP D 291 23.10 26.83 17.29
CA ASP D 291 23.63 26.25 18.53
C ASP D 291 22.44 25.81 19.38
N CYS D 292 22.13 24.52 19.31
CA CYS D 292 21.02 23.98 20.07
C CYS D 292 21.35 23.99 21.55
N ALA D 293 20.30 23.91 22.36
CA ALA D 293 20.38 23.90 23.82
C ALA D 293 20.90 25.21 24.37
N LEU D 294 21.12 26.21 23.51
CA LEU D 294 21.50 27.53 24.00
C LEU D 294 20.32 28.27 24.63
N ASP D 295 19.16 28.19 23.97
CA ASP D 295 17.95 28.83 24.47
C ASP D 295 16.76 28.14 23.80
N PRO D 296 15.55 28.33 24.32
CA PRO D 296 14.39 27.67 23.71
C PRO D 296 14.19 28.04 22.26
N LEU D 297 14.56 29.24 21.84
CA LEU D 297 14.41 29.62 20.44
C LEU D 297 15.29 28.78 19.54
N SER D 298 16.55 28.60 19.92
CA SER D 298 17.46 27.80 19.09
C SER D 298 17.12 26.32 19.16
N GLU D 299 16.67 25.84 20.30
CA GLU D 299 16.33 24.43 20.43
C GLU D 299 15.17 24.07 19.52
N THR D 300 14.21 24.98 19.36
CA THR D 300 13.09 24.73 18.45
C THR D 300 13.58 24.58 17.03
N LYS D 301 14.53 25.40 16.61
CA LYS D 301 15.11 25.25 15.28
C LYS D 301 15.83 23.91 15.15
N CYS D 302 16.50 23.47 16.22
CA CYS D 302 17.16 22.17 16.20
C CYS D 302 16.15 21.04 16.02
N THR D 303 15.02 21.12 16.72
CA THR D 303 13.98 20.11 16.55
C THR D 303 13.33 20.21 15.18
N LEU D 304 13.02 21.42 14.73
CA LEU D 304 12.40 21.62 13.43
C LEU D 304 13.36 21.40 12.28
N LYS D 305 14.66 21.33 12.55
CA LYS D 305 15.67 21.13 11.51
C LYS D 305 15.57 22.19 10.41
N SER D 306 15.31 23.44 10.82
CA SER D 306 15.21 24.52 9.86
C SER D 306 15.59 25.81 10.55
N PHE D 307 16.29 26.69 9.83
CA PHE D 307 16.67 27.96 10.41
C PHE D 307 15.49 28.88 10.59
N THR D 308 14.43 28.70 9.80
CA THR D 308 13.24 29.55 9.89
C THR D 308 12.13 28.80 10.61
N VAL D 309 11.51 29.47 11.58
CA VAL D 309 10.42 28.89 12.36
C VAL D 309 9.16 29.68 12.08
N GLU D 310 8.10 29.01 11.62
CA GLU D 310 6.84 29.68 11.34
C GLU D 310 6.15 30.05 12.66
N LYS D 311 5.18 30.96 12.59
CA LYS D 311 4.41 31.32 13.79
C LYS D 311 3.67 30.09 14.30
N GLY D 312 3.68 29.88 15.62
CA GLY D 312 2.96 28.75 16.21
C GLY D 312 3.67 28.24 17.44
N ILE D 313 3.04 27.23 18.09
CA ILE D 313 3.62 26.61 19.29
C ILE D 313 4.20 25.27 18.90
N TYR D 314 5.38 24.93 19.43
CA TYR D 314 6.07 23.69 19.08
C TYR D 314 6.59 23.02 20.34
N GLN D 315 6.79 21.69 20.29
CA GLN D 315 7.33 20.97 21.43
C GLN D 315 8.76 20.53 21.13
N THR D 316 9.67 20.81 22.06
CA THR D 316 11.08 20.52 21.86
C THR D 316 11.40 19.07 22.18
N SER D 317 12.65 18.68 21.93
CA SER D 317 13.13 17.33 22.19
C SER D 317 13.95 17.24 23.47
N ASN D 318 13.91 18.26 24.31
CA ASN D 318 14.61 18.28 25.59
C ASN D 318 16.11 18.13 25.41
N PHE D 319 16.68 19.03 24.61
CA PHE D 319 18.12 19.09 24.41
C PHE D 319 18.83 19.90 25.49
N ARG D 320 18.07 20.55 26.39
CA ARG D 320 18.68 21.43 27.38
C ARG D 320 19.57 20.67 28.35
N VAL D 321 19.14 19.50 28.78
CA VAL D 321 19.85 18.76 29.81
C VAL D 321 21.00 17.98 29.17
N GLN D 322 22.08 17.85 29.93
CA GLN D 322 23.23 17.08 29.53
C GLN D 322 23.65 16.18 30.66
N PRO D 323 24.20 15.00 30.36
CA PRO D 323 24.62 14.09 31.43
C PRO D 323 25.74 14.68 32.26
N THR D 324 25.73 14.37 33.56
CA THR D 324 26.76 14.81 34.48
C THR D 324 27.86 13.74 34.55
N GLU D 325 28.81 13.92 35.45
CA GLU D 325 29.89 12.94 35.60
C GLU D 325 29.32 11.60 36.06
N SER D 326 29.76 10.53 35.41
CA SER D 326 29.28 9.21 35.76
C SER D 326 29.77 8.80 37.14
N ILE D 327 28.92 8.08 37.87
CA ILE D 327 29.24 7.61 39.21
C ILE D 327 29.45 6.10 39.14
N VAL D 328 30.67 5.67 39.44
CA VAL D 328 30.99 4.24 39.48
C VAL D 328 30.64 3.71 40.86
N ARG D 329 29.85 2.64 40.88
CA ARG D 329 29.42 2.03 42.14
C ARG D 329 29.56 0.52 42.09
N SER D 531 34.47 1.81 43.06
CA SER D 531 33.25 2.51 43.50
C SER D 531 33.59 3.89 44.05
N THR D 532 33.17 4.92 43.33
CA THR D 532 33.44 6.30 43.72
C THR D 532 32.29 6.83 44.59
N ASN D 533 32.27 8.14 44.83
CA ASN D 533 31.27 8.74 45.67
C ASN D 533 29.90 8.71 44.99
N LEU D 534 28.86 8.92 45.79
CA LEU D 534 27.48 8.92 45.33
C LEU D 534 26.94 10.34 45.30
N VAL D 535 26.16 10.65 44.27
CA VAL D 535 25.57 11.97 44.08
C VAL D 535 24.06 11.82 43.99
N LYS D 536 23.34 12.64 44.74
CA LYS D 536 21.89 12.61 44.75
C LYS D 536 21.34 13.83 44.00
N ASN D 537 20.09 13.70 43.57
CA ASN D 537 19.35 14.72 42.83
C ASN D 537 20.22 15.41 41.78
N LYS D 538 20.72 14.60 40.86
CA LYS D 538 21.57 15.10 39.79
C LYS D 538 21.34 14.25 38.55
N CYS D 539 21.90 14.70 37.42
CA CYS D 539 21.80 14.00 36.15
C CYS D 539 22.97 13.07 35.90
N VAL D 540 23.56 12.53 36.96
CA VAL D 540 24.71 11.64 36.80
C VAL D 540 24.29 10.32 36.18
N ASN D 541 25.26 9.63 35.58
CA ASN D 541 25.03 8.32 34.97
C ASN D 541 25.25 7.25 36.01
N PHE D 542 24.17 6.62 36.45
CA PHE D 542 24.27 5.58 37.47
C PHE D 542 24.95 4.34 36.91
N ASN D 543 25.76 3.70 37.74
CA ASN D 543 26.48 2.49 37.34
C ASN D 543 26.48 1.45 38.44
N PHE D 544 25.35 1.29 39.12
CA PHE D 544 25.26 0.27 40.17
C PHE D 544 25.31 -1.12 39.58
N ASN D 545 26.26 -1.93 40.05
CA ASN D 545 26.42 -3.32 39.60
C ASN D 545 26.57 -3.41 38.09
N GLY D 546 27.29 -2.44 37.51
CA GLY D 546 27.54 -2.45 36.09
C GLY D 546 26.37 -2.06 35.22
N LEU D 547 25.29 -1.55 35.81
CA LEU D 547 24.11 -1.17 35.05
C LEU D 547 24.27 0.27 34.59
N LYS D 548 24.46 0.46 33.28
CA LYS D 548 24.63 1.80 32.73
C LYS D 548 23.29 2.53 32.67
N GLY D 549 23.34 3.81 32.30
CA GLY D 549 22.15 4.62 32.19
C GLY D 549 22.26 5.93 32.93
N THR D 550 21.47 6.92 32.52
CA THR D 550 21.47 8.24 33.13
C THR D 550 20.15 8.48 33.83
N GLY D 551 20.22 8.93 35.08
CA GLY D 551 19.01 9.15 35.84
C GLY D 551 19.28 9.94 37.10
N VAL D 552 18.27 9.99 37.95
CA VAL D 552 18.33 10.72 39.21
C VAL D 552 18.17 9.71 40.34
N LEU D 553 19.08 9.77 41.31
CA LEU D 553 19.09 8.76 42.37
C LEU D 553 17.91 8.91 43.32
N THR D 554 17.61 10.14 43.72
CA THR D 554 16.51 10.48 44.65
C THR D 554 16.74 9.72 45.97
N GLU D 555 15.70 9.26 46.64
CA GLU D 555 15.78 8.68 47.97
C GLU D 555 15.31 7.22 47.95
N SER D 556 15.18 6.65 49.14
CA SER D 556 14.82 5.24 49.32
C SER D 556 13.32 5.13 49.60
N ASN D 557 12.62 4.37 48.78
CA ASN D 557 11.19 4.16 48.92
C ASN D 557 10.86 2.77 48.41
N LYS D 558 9.58 2.53 48.15
CA LYS D 558 9.04 1.33 47.52
C LYS D 558 9.14 0.08 48.38
N LYS D 559 9.58 0.20 49.64
CA LYS D 559 9.58 -0.90 50.59
C LYS D 559 10.37 -2.11 50.05
N PHE D 560 11.67 -1.89 49.87
CA PHE D 560 12.53 -2.96 49.39
C PHE D 560 12.64 -4.07 50.42
N LEU D 561 12.67 -5.30 49.94
CA LEU D 561 12.71 -6.50 50.76
C LEU D 561 13.89 -7.36 50.33
N PRO D 562 14.35 -8.28 51.18
CA PRO D 562 15.44 -9.17 50.76
C PRO D 562 15.14 -9.93 49.48
N PHE D 563 13.90 -10.37 49.30
CA PHE D 563 13.53 -10.98 48.03
C PHE D 563 13.33 -9.93 46.94
N GLN D 564 12.80 -8.76 47.31
CA GLN D 564 12.50 -7.70 46.35
C GLN D 564 13.72 -6.81 46.21
N GLN D 565 14.62 -7.19 45.30
CA GLN D 565 15.81 -6.42 44.99
C GLN D 565 15.84 -6.14 43.49
N PHE D 566 16.44 -5.01 43.12
CA PHE D 566 16.47 -4.56 41.71
C PHE D 566 15.05 -4.44 41.15
N GLY D 567 14.15 -3.88 41.96
CA GLY D 567 12.75 -3.83 41.58
C GLY D 567 12.49 -2.88 40.42
N ARG D 568 11.40 -3.16 39.70
CA ARG D 568 11.00 -2.38 38.55
C ARG D 568 9.48 -2.32 38.49
N ASP D 569 8.98 -1.18 38.03
CA ASP D 569 7.54 -0.98 37.89
C ASP D 569 7.09 -1.42 36.49
N ILE D 570 5.86 -1.05 36.12
CA ILE D 570 5.36 -1.39 34.79
C ILE D 570 6.21 -0.74 33.71
N ALA D 571 6.80 0.42 34.01
CA ALA D 571 7.72 1.05 33.08
C ALA D 571 9.04 0.30 32.98
N ASP D 572 9.29 -0.65 33.86
CA ASP D 572 10.50 -1.49 33.85
C ASP D 572 11.71 -0.56 34.03
N THR D 573 12.82 -0.82 33.34
CA THR D 573 14.05 -0.05 33.41
C THR D 573 14.63 0.03 34.80
N THR D 574 14.17 -0.80 35.73
CA THR D 574 14.67 -0.86 37.09
C THR D 574 14.64 0.52 37.74
N ASP D 575 13.41 1.03 37.92
CA ASP D 575 13.24 2.37 38.46
C ASP D 575 13.79 2.49 39.88
N ALA D 576 13.93 1.39 40.60
CA ALA D 576 14.49 1.41 41.94
C ALA D 576 15.66 0.44 42.03
N VAL D 577 16.73 0.86 42.69
CA VAL D 577 17.94 0.06 42.81
C VAL D 577 18.42 0.11 44.25
N ARG D 578 19.14 -0.93 44.67
CA ARG D 578 19.79 -1.00 45.96
C ARG D 578 21.27 -0.68 45.81
N ASP D 579 21.80 0.06 46.77
CA ASP D 579 23.20 0.45 46.73
C ASP D 579 24.11 -0.78 46.82
N PRO D 580 25.22 -0.81 46.07
CA PRO D 580 26.14 -1.95 46.21
C PRO D 580 26.95 -1.90 47.49
N GLN D 581 27.45 -0.71 47.86
CA GLN D 581 28.29 -0.61 49.05
C GLN D 581 27.45 -0.65 50.32
N THR D 582 26.29 -0.03 50.33
CA THR D 582 25.43 0.05 51.50
C THR D 582 24.10 -0.63 51.21
N LEU D 583 23.16 -0.51 52.15
CA LEU D 583 21.85 -1.13 52.03
C LEU D 583 20.76 -0.15 51.67
N GLU D 584 21.11 1.09 51.33
CA GLU D 584 20.10 2.08 50.98
C GLU D 584 19.53 1.81 49.58
N ILE D 585 18.42 2.48 49.29
CA ILE D 585 17.70 2.30 48.03
C ILE D 585 17.68 3.62 47.27
N LEU D 586 17.84 3.54 45.96
CA LEU D 586 17.79 4.71 45.09
C LEU D 586 16.72 4.50 44.03
N ASP D 587 15.86 5.50 43.87
CA ASP D 587 14.78 5.45 42.89
C ASP D 587 15.20 6.22 41.65
N ILE D 588 15.45 5.51 40.56
CA ILE D 588 15.92 6.14 39.33
C ILE D 588 14.79 6.91 38.67
N THR D 589 15.06 8.15 38.29
CA THR D 589 14.11 9.03 37.62
C THR D 589 14.74 9.61 36.37
N PRO D 590 14.01 9.62 35.25
CA PRO D 590 14.56 10.19 34.02
C PRO D 590 14.92 11.66 34.19
N CYS D 591 15.96 12.08 33.49
CA CYS D 591 16.53 13.41 33.64
C CYS D 591 15.63 14.44 32.95
N SER D 592 14.74 15.06 33.72
CA SER D 592 13.95 16.21 33.28
C SER D 592 13.12 15.89 32.04
N PHE D 593 12.17 14.98 32.24
CA PHE D 593 11.25 14.63 31.17
C PHE D 593 10.13 15.65 31.09
N GLY D 594 10.49 16.94 31.02
CA GLY D 594 9.48 17.98 31.04
C GLY D 594 8.61 18.00 29.80
N GLY D 595 9.22 17.82 28.63
CA GLY D 595 8.50 17.92 27.38
C GLY D 595 7.95 19.32 27.16
N VAL D 596 8.80 20.34 27.38
CA VAL D 596 8.35 21.72 27.32
C VAL D 596 7.92 22.08 25.91
N SER D 597 7.02 23.06 25.81
CA SER D 597 6.52 23.56 24.54
C SER D 597 6.93 25.01 24.37
N VAL D 598 7.45 25.38 23.21
CA VAL D 598 7.94 26.74 22.97
C VAL D 598 7.00 27.45 22.01
N ILE D 599 6.56 28.66 22.37
CA ILE D 599 5.67 29.46 21.52
C ILE D 599 6.51 30.50 20.79
N THR D 600 6.35 30.62 19.46
CA THR D 600 7.16 31.55 18.68
C THR D 600 6.30 32.46 17.81
N PRO D 601 6.52 33.78 17.84
CA PRO D 601 5.76 34.67 16.96
C PRO D 601 6.26 34.61 15.53
N GLY D 602 6.93 33.52 15.17
CA GLY D 602 7.48 33.37 13.83
C GLY D 602 8.79 34.10 13.66
N THR D 603 9.74 33.48 12.96
CA THR D 603 11.03 34.11 12.76
C THR D 603 10.97 35.29 11.79
N ASN D 604 9.87 35.42 11.04
CA ASN D 604 9.71 36.57 10.17
C ASN D 604 9.67 37.86 10.97
N THR D 605 8.97 37.85 12.10
CA THR D 605 8.94 38.99 12.99
C THR D 605 10.12 38.88 13.96
N SER D 606 10.11 39.72 14.99
CA SER D 606 11.17 39.69 15.97
C SER D 606 11.13 38.39 16.79
N ASN D 607 12.29 37.98 17.26
CA ASN D 607 12.41 36.73 18.00
C ASN D 607 11.90 36.90 19.42
N GLN D 608 11.00 36.01 19.83
CA GLN D 608 10.47 35.98 21.19
C GLN D 608 10.01 34.57 21.50
N VAL D 609 10.00 34.23 22.79
CA VAL D 609 9.64 32.89 23.23
C VAL D 609 8.87 32.96 24.53
N ALA D 610 8.04 31.94 24.76
CA ALA D 610 7.34 31.80 26.03
C ALA D 610 7.15 30.30 26.26
N VAL D 611 8.04 29.72 27.04
CA VAL D 611 8.04 28.27 27.25
C VAL D 611 6.88 27.87 28.14
N LEU D 612 6.10 26.90 27.70
CA LEU D 612 4.99 26.36 28.46
C LEU D 612 5.39 25.01 29.02
N TYR D 613 5.26 24.85 30.32
CA TYR D 613 5.65 23.62 31.00
C TYR D 613 4.41 22.77 31.23
N GLN D 614 4.43 21.54 30.74
CA GLN D 614 3.28 20.66 30.83
C GLN D 614 3.36 19.85 32.11
N GLY D 615 2.39 20.03 33.00
CA GLY D 615 2.31 19.28 34.23
C GLY D 615 3.06 19.91 35.39
N VAL D 616 4.12 20.64 35.11
CA VAL D 616 4.95 21.23 36.15
C VAL D 616 4.29 22.52 36.62
N ASN D 617 4.19 22.67 37.93
CA ASN D 617 3.49 23.79 38.54
C ASN D 617 4.40 25.02 38.59
N CYS D 618 3.97 26.02 39.34
CA CYS D 618 4.61 27.33 39.32
C CYS D 618 6.08 27.27 39.71
N THR D 619 6.52 26.23 40.43
CA THR D 619 7.92 26.18 40.84
C THR D 619 8.85 26.16 39.65
N GLU D 620 8.59 25.27 38.69
CA GLU D 620 9.38 25.22 37.44
C GLU D 620 10.87 25.10 37.74
N VAL D 621 11.24 24.00 38.42
CA VAL D 621 12.66 23.73 38.69
C VAL D 621 12.96 22.26 38.42
N PRO D 622 12.78 21.78 37.17
CA PRO D 622 13.13 20.39 36.85
C PRO D 622 14.63 20.17 36.94
N VAL D 623 15.43 21.06 36.33
CA VAL D 623 16.88 20.99 36.38
C VAL D 623 17.42 22.41 36.44
N ALA D 624 17.55 22.96 37.67
CA ALA D 624 17.99 24.34 37.81
C ALA D 624 19.34 24.58 37.13
N ILE D 625 20.19 23.55 37.09
CA ILE D 625 21.51 23.65 36.45
C ILE D 625 21.31 23.64 34.94
N HIS D 626 21.68 24.74 34.27
CA HIS D 626 21.55 24.87 32.81
C HIS D 626 22.14 26.21 32.39
N ALA D 627 22.42 26.39 31.10
CA ALA D 627 23.06 27.62 30.67
C ALA D 627 22.29 28.83 31.18
N ASP D 628 23.02 29.89 31.50
CA ASP D 628 22.38 31.07 32.06
C ASP D 628 21.58 31.86 31.03
N GLN D 629 21.79 31.60 29.75
CA GLN D 629 21.08 32.36 28.72
C GLN D 629 19.59 32.08 28.77
N LEU D 630 19.20 30.82 28.88
CA LEU D 630 17.80 30.45 28.89
C LEU D 630 17.22 30.34 30.29
N THR D 631 17.99 30.66 31.32
CA THR D 631 17.43 30.67 32.67
C THR D 631 16.28 31.65 32.83
N PRO D 632 16.36 32.90 32.37
CA PRO D 632 15.18 33.77 32.44
C PRO D 632 13.98 33.23 31.70
N THR D 633 14.20 32.58 30.56
CA THR D 633 13.10 31.93 29.83
C THR D 633 12.97 30.50 30.33
N TRP D 634 12.51 30.38 31.57
CA TRP D 634 12.38 29.10 32.22
C TRP D 634 11.49 28.13 31.45
N ASN D 642 7.18 37.45 35.31
CA ASN D 642 6.35 36.96 34.22
C ASN D 642 6.03 35.50 34.39
N VAL D 643 5.27 35.17 35.43
CA VAL D 643 4.90 33.80 35.75
C VAL D 643 3.38 33.71 35.79
N PHE D 644 2.83 32.78 35.01
CA PHE D 644 1.39 32.54 34.98
C PHE D 644 1.16 31.04 35.03
N GLN D 645 0.23 30.61 35.89
CA GLN D 645 -0.07 29.19 36.06
C GLN D 645 -1.37 28.86 35.35
N THR D 646 -1.29 28.10 34.27
CA THR D 646 -2.46 27.65 33.54
C THR D 646 -2.84 26.24 33.94
N ARG D 647 -3.98 25.78 33.42
CA ARG D 647 -4.39 24.42 33.68
C ARG D 647 -3.40 23.42 33.09
N ALA D 648 -2.88 23.71 31.91
CA ALA D 648 -1.84 22.85 31.34
C ALA D 648 -0.59 22.90 32.17
N GLY D 649 -0.23 24.07 32.68
CA GLY D 649 0.94 24.19 33.51
C GLY D 649 1.37 25.65 33.62
N CYS D 650 2.58 25.83 34.12
CA CYS D 650 3.13 27.18 34.32
C CYS D 650 3.71 27.69 33.02
N LEU D 651 3.32 28.91 32.65
CA LEU D 651 3.81 29.58 31.45
C LEU D 651 4.74 30.72 31.86
N ILE D 652 5.95 30.72 31.32
CA ILE D 652 6.95 31.73 31.63
C ILE D 652 7.49 32.30 30.33
N GLY D 653 7.52 33.61 30.22
CA GLY D 653 7.95 34.29 29.02
C GLY D 653 6.94 35.24 28.44
N ALA D 654 5.76 35.39 29.04
CA ALA D 654 4.74 36.30 28.54
C ALA D 654 3.94 36.82 29.72
N GLU D 655 3.29 37.95 29.51
CA GLU D 655 2.48 38.59 30.54
C GLU D 655 1.02 38.28 30.30
N TYR D 656 0.34 37.81 31.34
CA TYR D 656 -1.07 37.48 31.25
C TYR D 656 -1.91 38.75 31.25
N VAL D 657 -2.86 38.85 30.34
CA VAL D 657 -3.72 40.01 30.20
C VAL D 657 -5.12 39.64 30.60
N ASN D 658 -5.71 40.38 31.54
CA ASN D 658 -7.05 40.02 32.01
C ASN D 658 -8.08 40.18 30.89
N ASN D 659 -7.75 40.96 29.85
CA ASN D 659 -8.65 41.20 28.75
C ASN D 659 -8.76 39.92 27.90
N SER D 660 -9.86 39.77 27.15
CA SER D 660 -10.05 38.61 26.31
C SER D 660 -10.17 39.01 24.84
N TYR D 661 -9.65 38.17 23.93
CA TYR D 661 -9.71 38.46 22.49
C TYR D 661 -9.90 37.15 21.72
N GLU D 662 -10.14 37.23 20.40
CA GLU D 662 -10.24 36.01 19.61
C GLU D 662 -8.92 35.26 19.66
N CYS D 663 -8.97 33.93 19.75
CA CYS D 663 -7.74 33.15 19.88
C CYS D 663 -6.80 33.34 18.68
N ASP D 664 -5.49 33.44 18.94
CA ASP D 664 -4.51 33.58 17.86
C ASP D 664 -3.61 32.36 17.86
N ILE D 665 -2.71 32.22 18.84
CA ILE D 665 -1.85 31.04 18.96
C ILE D 665 -2.38 30.17 20.09
N PRO D 666 -3.04 29.06 19.80
CA PRO D 666 -3.64 28.24 20.87
C PRO D 666 -2.59 27.62 21.78
N ILE D 667 -2.72 27.84 23.08
CA ILE D 667 -1.77 27.24 24.03
C ILE D 667 -2.44 26.16 24.85
N GLY D 668 -3.75 26.01 24.73
CA GLY D 668 -4.51 25.01 25.44
C GLY D 668 -5.05 25.55 26.74
N ALA D 669 -5.92 24.76 27.38
CA ALA D 669 -6.48 25.16 28.66
C ALA D 669 -7.17 26.52 28.56
N GLY D 670 -7.81 26.78 27.43
CA GLY D 670 -8.56 28.01 27.25
C GLY D 670 -7.70 29.24 27.31
N ILE D 671 -6.43 29.14 26.94
CA ILE D 671 -5.53 30.28 26.91
C ILE D 671 -4.88 30.34 25.53
N CYS D 672 -4.64 31.54 25.02
CA CYS D 672 -4.05 31.74 23.71
C CYS D 672 -2.93 32.79 23.78
N ALA D 673 -2.14 32.92 22.71
CA ALA D 673 -1.01 33.84 22.72
C ALA D 673 -1.06 34.79 21.53
N SER D 674 -0.53 36.00 21.70
CA SER D 674 -0.49 37.00 20.62
C SER D 674 0.69 37.94 20.82
N TYR D 675 1.49 38.17 19.78
CA TYR D 675 2.70 39.02 19.92
C TYR D 675 2.34 40.47 20.21
N GLN D 691 4.61 43.99 20.31
CA GLN D 691 6.04 43.90 20.54
C GLN D 691 6.38 42.71 21.43
N SER D 692 5.46 42.37 22.34
CA SER D 692 5.65 41.27 23.26
C SER D 692 4.44 40.36 23.22
N ILE D 693 4.68 39.05 23.25
CA ILE D 693 3.58 38.09 23.26
C ILE D 693 2.82 38.16 24.59
N ILE D 694 1.50 38.15 24.50
CA ILE D 694 0.63 38.27 25.66
C ILE D 694 -0.32 37.09 25.70
N ALA D 695 -0.49 36.48 26.86
CA ALA D 695 -1.42 35.37 27.02
C ALA D 695 -2.79 35.90 27.45
N TYR D 696 -3.83 35.59 26.68
CA TYR D 696 -5.17 36.09 26.97
C TYR D 696 -6.19 34.97 26.90
N THR D 697 -7.11 34.91 27.87
CA THR D 697 -8.16 33.90 27.84
C THR D 697 -9.05 34.11 26.62
N MET D 698 -9.32 33.05 25.87
CA MET D 698 -10.13 33.19 24.66
C MET D 698 -11.55 33.60 24.99
N SER D 699 -12.19 34.28 24.05
CA SER D 699 -13.56 34.76 24.19
C SER D 699 -14.49 33.96 23.29
N LEU D 700 -15.59 33.48 23.85
CA LEU D 700 -16.54 32.69 23.09
C LEU D 700 -17.36 33.52 22.11
N GLY D 701 -17.35 34.83 22.23
CA GLY D 701 -18.11 35.67 21.32
C GLY D 701 -18.65 36.88 22.05
N ALA D 702 -19.34 37.72 21.27
CA ALA D 702 -19.93 38.93 21.83
C ALA D 702 -21.11 38.58 22.74
N GLU D 703 -21.15 39.19 23.91
CA GLU D 703 -22.23 38.93 24.83
C GLU D 703 -23.55 39.50 24.31
N ASN D 704 -24.59 38.70 24.35
CA ASN D 704 -25.90 39.10 23.87
C ASN D 704 -26.97 38.59 24.81
N SER D 705 -28.09 39.31 24.87
CA SER D 705 -29.22 38.90 25.70
C SER D 705 -30.49 39.10 24.92
N VAL D 706 -31.40 38.14 25.02
CA VAL D 706 -32.70 38.20 24.38
C VAL D 706 -33.74 38.55 25.43
N ALA D 707 -34.49 39.62 25.18
CA ALA D 707 -35.53 40.06 26.09
C ALA D 707 -36.80 39.22 25.87
N TYR D 708 -36.71 37.97 26.31
CA TYR D 708 -37.84 37.05 26.19
C TYR D 708 -39.03 37.56 26.97
N SER D 709 -40.18 37.60 26.33
CA SER D 709 -41.40 38.08 26.98
C SER D 709 -42.60 37.56 26.20
N ASN D 710 -43.57 37.00 26.92
CA ASN D 710 -44.82 36.59 26.32
C ASN D 710 -45.62 37.81 25.88
N ASN D 711 -46.56 37.57 25.00
CA ASN D 711 -47.26 38.59 24.24
C ASN D 711 -46.29 39.65 23.70
N SER D 712 -45.23 39.19 23.06
CA SER D 712 -44.26 40.07 22.41
C SER D 712 -43.57 39.30 21.31
N ILE D 713 -43.50 39.88 20.12
CA ILE D 713 -42.91 39.24 18.95
C ILE D 713 -42.11 40.26 18.17
N ALA D 714 -40.95 39.86 17.69
CA ALA D 714 -40.09 40.70 16.86
C ALA D 714 -40.14 40.20 15.42
N ILE D 715 -40.87 40.91 14.58
CA ILE D 715 -41.08 40.54 13.18
C ILE D 715 -40.13 41.37 12.31
N PRO D 716 -39.33 40.75 11.47
CA PRO D 716 -38.42 41.51 10.60
C PRO D 716 -39.17 42.36 9.60
N THR D 717 -38.58 43.51 9.25
CA THR D 717 -39.12 44.42 8.26
C THR D 717 -38.23 44.60 7.04
N ASN D 718 -37.05 44.00 7.02
CA ASN D 718 -36.12 44.06 5.91
C ASN D 718 -35.43 42.73 5.73
N PHE D 719 -34.98 42.47 4.52
CA PHE D 719 -34.16 41.31 4.22
C PHE D 719 -32.78 41.74 3.76
N THR D 720 -31.93 40.76 3.47
CA THR D 720 -30.59 41.06 2.98
C THR D 720 -30.09 39.84 2.24
N ILE D 721 -29.83 39.99 0.94
CA ILE D 721 -29.30 38.91 0.13
C ILE D 721 -27.80 38.83 0.35
N SER D 722 -27.34 37.68 0.83
CA SER D 722 -25.95 37.46 1.15
C SER D 722 -25.42 36.28 0.38
N VAL D 723 -24.19 36.37 -0.09
CA VAL D 723 -23.53 35.30 -0.81
C VAL D 723 -22.32 34.86 -0.01
N THR D 724 -22.16 33.56 0.16
CA THR D 724 -21.05 32.99 0.91
C THR D 724 -20.31 31.99 0.06
N THR D 725 -19.02 31.86 0.29
CA THR D 725 -18.16 30.99 -0.48
C THR D 725 -17.82 29.75 0.32
N GLU D 726 -17.97 28.58 -0.30
CA GLU D 726 -17.64 27.31 0.32
C GLU D 726 -16.67 26.56 -0.57
N ILE D 727 -15.59 26.05 0.03
CA ILE D 727 -14.51 25.38 -0.70
C ILE D 727 -14.44 23.94 -0.25
N LEU D 728 -14.43 23.02 -1.20
CA LEU D 728 -14.39 21.59 -0.90
C LEU D 728 -13.45 20.86 -1.85
N PRO D 729 -12.40 20.22 -1.36
CA PRO D 729 -11.56 19.40 -2.22
C PRO D 729 -12.33 18.22 -2.78
N VAL D 730 -11.99 17.84 -4.00
CA VAL D 730 -12.72 16.81 -4.72
C VAL D 730 -11.81 15.64 -5.07
N SER D 731 -10.53 15.89 -5.29
CA SER D 731 -9.65 14.82 -5.74
C SER D 731 -8.22 15.13 -5.36
N MET D 732 -7.42 14.08 -5.27
CA MET D 732 -5.99 14.18 -5.02
C MET D 732 -5.22 14.08 -6.33
N THR D 733 -3.90 13.95 -6.24
CA THR D 733 -3.05 13.78 -7.40
C THR D 733 -2.68 12.32 -7.52
N LYS D 734 -2.95 11.72 -8.69
CA LYS D 734 -2.61 10.33 -8.90
C LYS D 734 -1.11 10.14 -8.95
N THR D 735 -0.63 9.11 -8.27
CA THR D 735 0.79 8.77 -8.25
C THR D 735 0.97 7.29 -8.52
N SER D 736 1.84 6.96 -9.45
CA SER D 736 2.17 5.58 -9.77
C SER D 736 3.66 5.37 -9.63
N VAL D 737 4.05 4.23 -9.05
CA VAL D 737 5.44 3.93 -8.77
C VAL D 737 5.78 2.55 -9.30
N ASP D 738 6.94 2.44 -9.94
CA ASP D 738 7.49 1.16 -10.36
C ASP D 738 8.37 0.64 -9.22
N CYS D 739 7.91 -0.42 -8.56
CA CYS D 739 8.59 -0.91 -7.37
C CYS D 739 9.98 -1.42 -7.70
N THR D 740 10.13 -2.12 -8.82
CA THR D 740 11.44 -2.63 -9.19
C THR D 740 12.44 -1.51 -9.43
N MET D 741 12.01 -0.46 -10.11
CA MET D 741 12.90 0.64 -10.40
C MET D 741 13.21 1.45 -9.16
N TYR D 742 12.26 1.52 -8.21
CA TYR D 742 12.45 2.39 -7.07
C TYR D 742 13.49 1.86 -6.11
N ILE D 743 13.44 0.56 -5.82
CA ILE D 743 14.31 0.00 -4.79
C ILE D 743 15.54 -0.68 -5.38
N CYS D 744 15.47 -1.10 -6.63
CA CYS D 744 16.57 -1.75 -7.33
C CYS D 744 16.87 -0.92 -8.57
N GLY D 745 17.71 0.10 -8.41
CA GLY D 745 18.05 0.96 -9.52
C GLY D 745 19.23 0.39 -10.30
N ASP D 746 19.05 0.33 -11.62
CA ASP D 746 20.10 -0.04 -12.59
C ASP D 746 20.90 -1.29 -12.19
N SER D 747 20.30 -2.16 -11.38
CA SER D 747 20.98 -3.34 -10.89
C SER D 747 20.11 -4.56 -11.19
N THR D 748 20.51 -5.34 -12.19
CA THR D 748 19.79 -6.57 -12.50
C THR D 748 19.94 -7.59 -11.38
N GLU D 749 21.11 -7.60 -10.72
CA GLU D 749 21.31 -8.51 -9.59
C GLU D 749 20.36 -8.18 -8.45
N CYS D 750 20.09 -6.90 -8.23
CA CYS D 750 19.09 -6.52 -7.23
C CYS D 750 17.72 -7.05 -7.61
N SER D 751 17.35 -6.96 -8.88
CA SER D 751 16.08 -7.51 -9.32
C SER D 751 16.03 -9.01 -9.16
N ASN D 752 17.18 -9.67 -9.29
CA ASN D 752 17.22 -11.10 -9.05
C ASN D 752 16.91 -11.43 -7.60
N LEU D 753 17.19 -10.51 -6.69
CA LEU D 753 16.85 -10.71 -5.29
C LEU D 753 15.49 -10.16 -4.92
N LEU D 754 14.95 -9.23 -5.71
CA LEU D 754 13.67 -8.64 -5.39
C LEU D 754 12.53 -9.62 -5.63
N LEU D 755 12.55 -10.30 -6.78
CA LEU D 755 11.48 -11.26 -7.06
C LEU D 755 11.51 -12.43 -6.09
N GLN D 756 12.62 -12.63 -5.38
CA GLN D 756 12.66 -13.63 -4.34
C GLN D 756 11.77 -13.24 -3.17
N TYR D 757 11.57 -11.95 -2.95
CA TYR D 757 10.74 -11.50 -1.83
C TYR D 757 9.27 -11.86 -2.04
N GLY D 758 8.80 -11.87 -3.28
CA GLY D 758 7.44 -12.26 -3.59
C GLY D 758 6.65 -11.14 -4.25
N SER D 759 5.33 -11.16 -4.02
CA SER D 759 4.43 -10.19 -4.60
C SER D 759 4.23 -8.96 -3.72
N PHE D 760 5.19 -8.65 -2.86
CA PHE D 760 5.09 -7.46 -2.04
C PHE D 760 5.05 -6.21 -2.89
N CYS D 761 5.86 -6.17 -3.95
CA CYS D 761 5.83 -5.03 -4.85
C CYS D 761 4.50 -4.94 -5.59
N THR D 762 3.94 -6.07 -5.98
CA THR D 762 2.69 -6.06 -6.73
C THR D 762 1.55 -5.51 -5.89
N GLN D 763 1.53 -5.85 -4.61
CA GLN D 763 0.45 -5.38 -3.74
C GLN D 763 0.47 -3.86 -3.63
N LEU D 764 1.64 -3.27 -3.48
CA LEU D 764 1.72 -1.82 -3.40
C LEU D 764 1.28 -1.16 -4.69
N LYS D 765 1.67 -1.71 -5.82
CA LYS D 765 1.26 -1.16 -7.10
C LYS D 765 -0.24 -1.28 -7.29
N ARG D 766 -0.83 -2.40 -6.92
CA ARG D 766 -2.27 -2.57 -7.07
C ARG D 766 -3.03 -1.62 -6.16
N ALA D 767 -2.53 -1.39 -4.96
CA ALA D 767 -3.21 -0.50 -4.04
C ALA D 767 -3.26 0.92 -4.58
N LEU D 768 -2.16 1.40 -5.16
CA LEU D 768 -2.15 2.73 -5.72
C LEU D 768 -3.03 2.82 -6.95
N THR D 769 -3.23 1.73 -7.66
CA THR D 769 -4.12 1.74 -8.81
C THR D 769 -5.55 2.04 -8.40
N GLY D 770 -6.00 1.46 -7.30
CA GLY D 770 -7.34 1.74 -6.83
C GLY D 770 -7.52 3.20 -6.43
N ILE D 771 -6.50 3.80 -5.84
CA ILE D 771 -6.58 5.21 -5.51
C ILE D 771 -6.67 6.04 -6.76
N ALA D 772 -5.87 5.71 -7.77
CA ALA D 772 -5.84 6.50 -8.99
C ALA D 772 -7.17 6.46 -9.71
N VAL D 773 -7.78 5.29 -9.82
CA VAL D 773 -9.06 5.21 -10.50
C VAL D 773 -10.18 5.81 -9.68
N GLU D 774 -9.99 5.94 -8.38
CA GLU D 774 -11.02 6.54 -7.55
C GLU D 774 -11.09 8.04 -7.73
N GLN D 775 -9.97 8.69 -8.02
CA GLN D 775 -9.97 10.13 -8.20
C GLN D 775 -10.84 10.53 -9.39
N ASP D 776 -10.77 9.79 -10.48
CA ASP D 776 -11.63 10.07 -11.63
C ASP D 776 -13.09 9.84 -11.28
N LYS D 777 -13.38 8.85 -10.45
CA LYS D 777 -14.75 8.64 -10.02
C LYS D 777 -15.25 9.80 -9.19
N ASN D 778 -14.40 10.35 -8.33
CA ASN D 778 -14.82 11.49 -7.51
C ASN D 778 -15.20 12.68 -8.37
N THR D 779 -14.43 12.96 -9.40
CA THR D 779 -14.79 14.03 -10.31
C THR D 779 -16.07 13.71 -11.06
N GLN D 780 -16.26 12.46 -11.44
CA GLN D 780 -17.48 12.05 -12.12
C GLN D 780 -18.69 12.12 -11.22
N GLU D 781 -18.50 12.23 -9.91
CA GLU D 781 -19.60 12.32 -8.98
C GLU D 781 -20.03 13.75 -8.74
N VAL D 782 -19.10 14.64 -8.44
CA VAL D 782 -19.43 16.04 -8.21
C VAL D 782 -19.97 16.68 -9.49
N PHE D 783 -19.20 16.62 -10.55
CA PHE D 783 -19.64 17.08 -11.85
C PHE D 783 -20.23 15.89 -12.61
N ALA D 784 -20.51 16.08 -13.88
CA ALA D 784 -21.07 15.04 -14.74
C ALA D 784 -22.38 14.48 -14.21
N GLN D 785 -23.12 15.30 -13.49
CA GLN D 785 -24.42 14.90 -12.99
C GLN D 785 -25.53 15.17 -13.98
N VAL D 786 -25.29 16.00 -14.99
CA VAL D 786 -26.26 16.26 -16.04
C VAL D 786 -25.59 15.97 -17.36
N LYS D 787 -26.03 14.91 -18.05
CA LYS D 787 -25.40 14.54 -19.31
C LYS D 787 -25.67 15.58 -20.39
N GLN D 788 -26.84 16.19 -20.40
CA GLN D 788 -27.13 17.22 -21.38
C GLN D 788 -26.25 18.44 -21.15
N ILE D 789 -25.77 19.05 -22.22
CA ILE D 789 -24.92 20.23 -22.12
C ILE D 789 -25.72 21.42 -22.61
N TYR D 790 -26.20 22.27 -21.71
CA TYR D 790 -27.02 23.40 -22.09
C TYR D 790 -26.13 24.60 -22.43
N LYS D 791 -26.69 25.59 -23.12
CA LYS D 791 -25.90 26.74 -23.54
C LYS D 791 -26.54 28.04 -23.08
N THR D 792 -25.75 28.97 -22.55
CA THR D 792 -26.29 30.24 -22.09
C THR D 792 -27.02 30.97 -23.21
N PRO D 793 -28.21 31.52 -22.96
CA PRO D 793 -28.96 32.18 -24.02
C PRO D 793 -28.20 33.32 -24.63
N PRO D 794 -28.37 33.62 -25.94
CA PRO D 794 -27.69 34.79 -26.52
C PRO D 794 -27.88 36.02 -25.65
N ILE D 795 -29.14 36.46 -25.52
CA ILE D 795 -29.45 37.60 -24.66
C ILE D 795 -29.08 37.24 -23.22
N LYS D 796 -28.67 38.22 -22.43
CA LYS D 796 -28.34 37.94 -21.05
C LYS D 796 -29.17 38.81 -20.11
N TYR D 797 -30.35 39.25 -20.54
CA TYR D 797 -31.24 40.02 -19.67
C TYR D 797 -32.02 39.09 -18.76
N PHE D 798 -31.44 38.74 -17.63
CA PHE D 798 -32.11 37.86 -16.68
C PHE D 798 -32.82 38.70 -15.62
N GLY D 799 -33.84 39.43 -16.06
CA GLY D 799 -34.61 40.26 -15.14
C GLY D 799 -33.75 41.16 -14.27
N GLY D 800 -32.84 41.90 -14.88
CA GLY D 800 -32.02 42.83 -14.15
C GLY D 800 -30.91 42.20 -13.35
N PHE D 801 -30.95 40.89 -13.14
CA PHE D 801 -29.89 40.20 -12.43
C PHE D 801 -28.65 40.11 -13.31
N ASN D 802 -27.49 40.15 -12.69
CA ASN D 802 -26.20 40.12 -13.38
C ASN D 802 -25.49 38.83 -13.05
N PHE D 803 -25.05 38.12 -14.09
CA PHE D 803 -24.29 36.89 -13.93
C PHE D 803 -22.97 36.92 -14.68
N SER D 804 -22.54 38.10 -15.11
CA SER D 804 -21.34 38.20 -15.93
C SER D 804 -20.09 37.75 -15.20
N GLN D 805 -20.14 37.66 -13.89
CA GLN D 805 -18.97 37.22 -13.13
C GLN D 805 -18.90 35.71 -12.98
N ILE D 806 -19.93 34.98 -13.39
CA ILE D 806 -19.94 33.53 -13.20
C ILE D 806 -20.12 32.81 -14.53
N LEU D 807 -20.76 33.45 -15.51
CA LEU D 807 -20.91 32.80 -16.79
C LEU D 807 -19.59 32.82 -17.55
N PRO D 808 -19.35 31.84 -18.41
CA PRO D 808 -18.08 31.80 -19.14
C PRO D 808 -17.86 33.03 -19.99
N ASP D 809 -16.61 33.49 -20.02
CA ASP D 809 -16.24 34.68 -20.77
C ASP D 809 -15.84 34.29 -22.19
N PRO D 810 -16.55 34.77 -23.22
CA PRO D 810 -16.15 34.44 -24.59
C PRO D 810 -14.75 34.88 -24.95
N SER D 811 -14.29 36.00 -24.40
CA SER D 811 -12.94 36.47 -24.71
C SER D 811 -11.88 35.57 -24.11
N LYS D 812 -12.19 34.91 -23.01
CA LYS D 812 -11.20 34.04 -22.37
C LYS D 812 -10.91 32.84 -23.25
N PRO D 813 -9.64 32.56 -23.55
CA PRO D 813 -9.32 31.39 -24.38
C PRO D 813 -9.77 30.08 -23.77
N SER D 814 -9.68 29.95 -22.44
CA SER D 814 -10.07 28.74 -21.74
C SER D 814 -11.52 28.75 -21.32
N LYS D 815 -12.27 29.80 -21.64
CA LYS D 815 -13.67 29.95 -21.32
C LYS D 815 -13.95 29.94 -19.83
N ARG D 816 -12.93 30.08 -18.99
CA ARG D 816 -13.15 30.12 -17.56
C ARG D 816 -13.76 31.44 -17.15
N SER D 817 -14.68 31.40 -16.19
CA SER D 817 -15.32 32.60 -15.69
C SER D 817 -14.34 33.45 -14.92
N PRO D 818 -14.60 34.75 -14.80
CA PRO D 818 -13.67 35.61 -14.06
C PRO D 818 -13.41 35.15 -12.64
N ILE D 819 -14.42 34.63 -11.95
CA ILE D 819 -14.18 34.08 -10.62
C ILE D 819 -13.35 32.81 -10.72
N GLU D 820 -13.63 31.98 -11.71
CA GLU D 820 -12.84 30.77 -11.89
C GLU D 820 -11.39 31.09 -12.21
N ASP D 821 -11.17 32.13 -13.00
CA ASP D 821 -9.81 32.51 -13.33
C ASP D 821 -9.05 32.94 -12.09
N LEU D 822 -9.71 33.65 -11.19
CA LEU D 822 -9.07 34.06 -9.95
C LEU D 822 -8.69 32.85 -9.11
N LEU D 823 -9.57 31.86 -9.05
CA LEU D 823 -9.27 30.66 -8.27
C LEU D 823 -8.10 29.89 -8.85
N PHE D 824 -8.02 29.79 -10.17
CA PHE D 824 -6.97 29.01 -10.80
C PHE D 824 -5.60 29.61 -10.52
N ASN D 825 -5.49 30.93 -10.58
CA ASN D 825 -4.20 31.56 -10.36
C ASN D 825 -3.72 31.38 -8.93
N LYS D 826 -4.62 31.44 -7.96
CA LYS D 826 -4.20 31.37 -6.57
C LYS D 826 -3.62 30.01 -6.22
N VAL D 827 -4.21 28.93 -6.72
CA VAL D 827 -3.72 27.60 -6.40
C VAL D 827 -2.48 27.30 -7.22
N THR D 828 -1.39 26.94 -6.55
CA THR D 828 -0.14 26.65 -7.23
C THR D 828 0.27 25.19 -7.06
N LYS D 857 14.42 7.53 -9.05
CA LYS D 857 13.13 8.02 -9.48
C LYS D 857 12.08 6.94 -9.39
N GLY D 858 11.44 6.65 -10.52
CA GLY D 858 10.39 5.65 -10.56
C GLY D 858 9.01 6.17 -10.24
N LEU D 859 8.88 7.42 -9.82
CA LEU D 859 7.60 8.01 -9.51
C LEU D 859 6.99 8.65 -10.75
N THR D 860 5.67 8.68 -10.79
CA THR D 860 4.94 9.23 -11.93
C THR D 860 3.69 9.93 -11.45
N VAL D 861 3.34 11.02 -12.11
CA VAL D 861 2.13 11.78 -11.80
C VAL D 861 1.22 11.65 -13.01
N LEU D 862 0.27 10.74 -12.94
CA LEU D 862 -0.65 10.53 -14.04
C LEU D 862 -1.59 11.71 -14.18
N PRO D 863 -1.92 12.11 -15.40
CA PRO D 863 -2.83 13.22 -15.62
C PRO D 863 -4.27 12.80 -15.36
N PRO D 864 -5.09 13.71 -14.87
CA PRO D 864 -6.50 13.40 -14.65
C PRO D 864 -7.23 13.16 -15.96
N LEU D 865 -8.24 12.29 -15.90
CA LEU D 865 -9.02 12.00 -17.09
C LEU D 865 -9.79 13.20 -17.58
N LEU D 866 -10.39 13.95 -16.68
CA LEU D 866 -11.19 15.13 -17.03
C LEU D 866 -10.31 16.36 -16.89
N THR D 867 -9.97 16.96 -18.02
CA THR D 867 -9.18 18.18 -18.01
C THR D 867 -10.01 19.38 -17.60
N ASP D 868 -9.33 20.49 -17.32
CA ASP D 868 -10.02 21.67 -16.84
C ASP D 868 -10.98 22.21 -17.89
N GLU D 869 -10.60 22.17 -19.15
CA GLU D 869 -11.48 22.66 -20.20
C GLU D 869 -12.78 21.87 -20.28
N MET D 870 -12.75 20.60 -19.90
CA MET D 870 -13.98 19.81 -19.88
C MET D 870 -14.70 19.94 -18.55
N ILE D 871 -13.98 20.05 -17.45
CA ILE D 871 -14.63 20.26 -16.15
C ILE D 871 -15.35 21.58 -16.14
N ALA D 872 -14.71 22.63 -16.65
CA ALA D 872 -15.37 23.93 -16.72
C ALA D 872 -16.58 23.87 -17.65
N GLN D 873 -16.52 23.08 -18.69
CA GLN D 873 -17.69 22.91 -19.55
C GLN D 873 -18.83 22.25 -18.79
N TYR D 874 -18.51 21.27 -17.93
CA TYR D 874 -19.54 20.69 -17.08
C TYR D 874 -20.12 21.72 -16.13
N THR D 875 -19.28 22.57 -15.56
CA THR D 875 -19.77 23.62 -14.67
C THR D 875 -20.67 24.59 -15.42
N SER D 876 -20.30 24.96 -16.63
CA SER D 876 -21.12 25.87 -17.40
C SER D 876 -22.48 25.26 -17.71
N ALA D 877 -22.52 23.97 -17.98
CA ALA D 877 -23.80 23.33 -18.25
C ALA D 877 -24.73 23.40 -17.05
N LEU D 878 -24.22 23.13 -15.86
CA LEU D 878 -25.04 23.26 -14.67
C LEU D 878 -25.40 24.71 -14.42
N LEU D 879 -24.47 25.62 -14.62
CA LEU D 879 -24.75 27.02 -14.41
C LEU D 879 -25.79 27.52 -15.40
N ALA D 880 -25.68 27.15 -16.66
CA ALA D 880 -26.68 27.54 -17.64
C ALA D 880 -28.00 26.81 -17.47
N GLY D 881 -28.00 25.67 -16.83
CA GLY D 881 -29.22 24.95 -16.57
C GLY D 881 -29.98 25.42 -15.36
N THR D 882 -29.39 26.27 -14.53
CA THR D 882 -30.06 26.82 -13.36
C THR D 882 -30.52 28.24 -13.55
N ILE D 883 -29.81 29.02 -14.36
CA ILE D 883 -30.25 30.38 -14.65
C ILE D 883 -31.59 30.36 -15.36
N THR D 884 -31.70 29.51 -16.37
CA THR D 884 -32.95 29.26 -17.05
C THR D 884 -33.43 27.85 -16.75
N SER D 885 -34.67 27.58 -17.13
CA SER D 885 -35.28 26.27 -16.95
C SER D 885 -35.44 25.91 -15.48
N GLY D 886 -35.03 26.79 -14.58
CA GLY D 886 -35.17 26.52 -13.18
C GLY D 886 -34.44 25.29 -12.72
N TRP D 887 -34.97 24.66 -11.68
CA TRP D 887 -34.32 23.49 -11.13
C TRP D 887 -34.85 22.21 -11.74
N THR D 888 -35.92 22.31 -12.51
CA THR D 888 -36.57 21.15 -13.10
C THR D 888 -35.57 20.28 -13.84
N PHE D 889 -34.57 20.88 -14.46
CA PHE D 889 -33.64 20.11 -15.27
C PHE D 889 -32.92 19.04 -14.50
N GLY D 890 -32.91 19.12 -13.19
CA GLY D 890 -32.30 18.10 -12.38
C GLY D 890 -33.18 16.92 -12.09
N ALA D 891 -34.42 16.92 -12.56
CA ALA D 891 -35.35 15.83 -12.33
C ALA D 891 -36.01 15.33 -13.61
N GLY D 892 -35.52 15.71 -14.77
CA GLY D 892 -36.09 15.30 -16.03
C GLY D 892 -35.84 16.31 -17.12
N PRO D 893 -36.82 16.54 -17.98
CA PRO D 893 -36.66 17.53 -19.03
C PRO D 893 -36.58 18.94 -18.46
N ALA D 894 -35.86 19.81 -19.16
CA ALA D 894 -35.71 21.19 -18.75
C ALA D 894 -36.91 22.00 -19.22
N LEU D 895 -37.59 22.67 -18.29
CA LEU D 895 -38.79 23.43 -18.59
C LEU D 895 -38.48 24.91 -18.39
N GLN D 896 -38.44 25.67 -19.48
CA GLN D 896 -38.08 27.09 -19.41
C GLN D 896 -38.97 27.84 -18.43
N ILE D 897 -38.37 28.69 -17.59
CA ILE D 897 -39.11 29.53 -16.64
C ILE D 897 -38.38 30.86 -16.47
N PRO D 898 -39.01 31.99 -16.75
CA PRO D 898 -38.34 33.29 -16.64
C PRO D 898 -37.72 33.49 -15.27
N PHE D 899 -36.50 34.05 -15.24
CA PHE D 899 -35.80 34.20 -13.96
C PHE D 899 -36.60 35.00 -12.91
N PRO D 900 -37.23 36.12 -13.23
CA PRO D 900 -38.01 36.82 -12.21
C PRO D 900 -39.07 35.93 -11.60
N MET D 901 -39.62 35.01 -12.36
CA MET D 901 -40.59 34.07 -11.81
C MET D 901 -39.88 33.03 -10.98
N GLN D 902 -38.72 32.56 -11.43
CA GLN D 902 -38.00 31.51 -10.72
C GLN D 902 -37.69 31.95 -9.31
N MET D 903 -37.16 33.15 -9.13
CA MET D 903 -36.78 33.63 -7.81
C MET D 903 -38.01 33.71 -6.93
N ALA D 904 -39.13 34.12 -7.48
CA ALA D 904 -40.38 34.21 -6.74
C ALA D 904 -40.68 32.87 -6.08
N TYR D 905 -40.64 31.79 -6.84
CA TYR D 905 -40.95 30.47 -6.30
C TYR D 905 -39.98 30.16 -5.18
N ARG D 906 -38.70 30.43 -5.37
CA ARG D 906 -37.70 30.15 -4.36
C ARG D 906 -38.03 30.96 -3.10
N PHE D 907 -38.54 32.17 -3.27
CA PHE D 907 -38.92 33.02 -2.13
C PHE D 907 -40.10 32.37 -1.42
N ASN D 908 -40.96 31.68 -2.13
CA ASN D 908 -42.09 30.97 -1.50
C ASN D 908 -41.55 29.86 -0.62
N GLY D 909 -40.42 29.26 -1.01
CA GLY D 909 -39.83 28.18 -0.23
C GLY D 909 -39.37 28.65 1.13
N ILE D 910 -38.69 29.81 1.19
CA ILE D 910 -38.18 30.33 2.46
C ILE D 910 -39.33 30.73 3.35
N GLY D 911 -40.50 30.96 2.76
CA GLY D 911 -41.69 31.35 3.48
C GLY D 911 -42.11 32.77 3.28
N VAL D 912 -41.71 33.39 2.17
CA VAL D 912 -42.08 34.77 1.83
C VAL D 912 -42.97 34.76 0.60
N THR D 913 -44.17 35.34 0.71
CA THR D 913 -45.13 35.40 -0.39
C THR D 913 -44.46 35.99 -1.61
N GLN D 914 -44.82 35.51 -2.82
CA GLN D 914 -44.16 35.98 -4.02
C GLN D 914 -44.29 37.48 -4.20
N ASN D 915 -45.33 38.09 -3.67
CA ASN D 915 -45.56 39.50 -3.93
C ASN D 915 -44.37 40.33 -3.50
N VAL D 916 -43.59 39.84 -2.54
CA VAL D 916 -42.43 40.58 -2.06
C VAL D 916 -41.40 40.71 -3.16
N LEU D 917 -41.14 39.63 -3.89
CA LEU D 917 -40.11 39.67 -4.93
C LEU D 917 -40.49 40.64 -6.04
N TYR D 918 -41.74 40.62 -6.47
CA TYR D 918 -42.16 41.47 -7.57
C TYR D 918 -42.23 42.93 -7.16
N GLU D 919 -42.62 43.21 -5.93
CA GLU D 919 -42.67 44.59 -5.47
C GLU D 919 -41.30 45.15 -5.12
N ASN D 920 -40.30 44.31 -4.96
CA ASN D 920 -38.96 44.76 -4.61
C ASN D 920 -37.92 44.16 -5.54
N GLN D 921 -38.26 43.99 -6.81
CA GLN D 921 -37.33 43.39 -7.76
C GLN D 921 -36.10 44.26 -7.97
N LYS D 922 -36.29 45.57 -8.03
CA LYS D 922 -35.15 46.47 -8.24
C LYS D 922 -34.16 46.38 -7.09
N LEU D 923 -34.65 46.36 -5.85
CA LEU D 923 -33.77 46.33 -4.70
C LEU D 923 -33.03 45.01 -4.61
N ILE D 924 -33.74 43.90 -4.81
CA ILE D 924 -33.11 42.59 -4.68
C ILE D 924 -32.06 42.39 -5.76
N ALA D 925 -32.34 42.82 -6.97
CA ALA D 925 -31.36 42.69 -8.03
C ALA D 925 -30.10 43.46 -7.73
N ASN D 926 -30.24 44.68 -7.21
CA ASN D 926 -29.06 45.46 -6.85
C ASN D 926 -28.28 44.82 -5.72
N GLN D 927 -28.96 44.29 -4.72
CA GLN D 927 -28.28 43.62 -3.63
C GLN D 927 -27.54 42.38 -4.13
N PHE D 928 -28.17 41.60 -5.00
CA PHE D 928 -27.50 40.44 -5.55
C PHE D 928 -26.30 40.83 -6.39
N ASN D 929 -26.44 41.88 -7.20
CA ASN D 929 -25.33 42.33 -8.02
C ASN D 929 -24.19 42.87 -7.15
N SER D 930 -24.51 43.64 -6.13
CA SER D 930 -23.48 44.17 -5.26
C SER D 930 -22.79 43.07 -4.46
N ALA D 931 -23.56 42.12 -3.96
CA ALA D 931 -22.99 41.05 -3.15
C ALA D 931 -22.05 40.17 -3.95
N ILE D 932 -22.42 39.82 -5.18
CA ILE D 932 -21.57 38.97 -5.99
C ILE D 932 -20.32 39.72 -6.42
N GLY D 933 -20.38 41.05 -6.48
CA GLY D 933 -19.22 41.81 -6.86
C GLY D 933 -18.10 41.72 -5.84
N LYS D 934 -18.44 41.64 -4.57
CA LYS D 934 -17.46 41.58 -3.51
C LYS D 934 -16.88 40.19 -3.31
N ILE D 935 -17.36 39.20 -4.03
CA ILE D 935 -16.86 37.84 -3.86
C ILE D 935 -15.39 37.76 -4.25
N GLN D 936 -15.02 38.37 -5.36
CA GLN D 936 -13.63 38.31 -5.80
C GLN D 936 -12.71 39.00 -4.81
N ASP D 937 -13.13 40.13 -4.28
CA ASP D 937 -12.30 40.84 -3.30
C ASP D 937 -12.14 40.03 -2.03
N SER D 938 -13.18 39.33 -1.60
CA SER D 938 -13.07 38.52 -0.40
C SER D 938 -12.02 37.42 -0.56
N LEU D 939 -12.00 36.76 -1.70
CA LEU D 939 -11.01 35.72 -1.94
C LEU D 939 -9.61 36.32 -2.06
N SER D 940 -9.48 37.44 -2.76
CA SER D 940 -8.17 38.05 -2.95
C SER D 940 -7.58 38.54 -1.63
N SER D 941 -8.41 39.14 -0.78
CA SER D 941 -7.89 39.72 0.45
C SER D 941 -7.52 38.64 1.47
N THR D 942 -8.28 37.58 1.53
CA THR D 942 -8.06 36.56 2.56
C THR D 942 -6.81 35.76 2.27
N PRO D 943 -5.82 35.75 3.15
CA PRO D 943 -4.64 34.89 2.95
C PRO D 943 -4.97 33.41 2.96
N SER D 944 -5.98 33.00 3.73
CA SER D 944 -6.35 31.61 3.86
C SER D 944 -7.38 31.17 2.83
N ALA D 945 -7.73 32.05 1.89
CA ALA D 945 -8.66 31.67 0.84
C ALA D 945 -8.10 30.53 0.02
N LEU D 946 -8.96 29.57 -0.31
CA LEU D 946 -8.56 28.36 -1.01
C LEU D 946 -7.52 27.58 -0.22
N GLY D 947 -7.55 27.71 1.10
CA GLY D 947 -6.61 26.98 1.92
C GLY D 947 -6.84 25.48 1.87
N LYS D 948 -8.11 25.06 1.79
CA LYS D 948 -8.42 23.64 1.74
C LYS D 948 -7.82 22.98 0.51
N LEU D 949 -7.92 23.63 -0.64
CA LEU D 949 -7.32 23.09 -1.85
C LEU D 949 -5.80 23.08 -1.77
N GLN D 950 -5.20 24.12 -1.20
CA GLN D 950 -3.75 24.20 -1.11
C GLN D 950 -3.19 23.17 -0.15
N ASP D 951 -3.93 22.82 0.89
CA ASP D 951 -3.45 21.83 1.83
C ASP D 951 -3.25 20.48 1.18
N VAL D 952 -4.17 20.11 0.27
CA VAL D 952 -4.02 18.85 -0.44
C VAL D 952 -2.77 18.86 -1.29
N VAL D 953 -2.52 19.96 -1.98
CA VAL D 953 -1.34 20.06 -2.84
C VAL D 953 -0.07 20.02 -2.01
N ASN D 954 -0.04 20.71 -0.89
CA ASN D 954 1.15 20.74 -0.07
C ASN D 954 1.39 19.45 0.69
N HIS D 955 0.40 18.57 0.75
CA HIS D 955 0.55 17.33 1.50
C HIS D 955 1.16 16.23 0.65
N ASN D 956 0.53 15.92 -0.47
CA ASN D 956 1.04 14.84 -1.31
C ASN D 956 2.40 15.19 -1.92
N ALA D 957 2.61 16.45 -2.25
CA ALA D 957 3.92 16.85 -2.75
C ALA D 957 5.00 16.65 -1.69
N GLN D 958 4.69 16.97 -0.45
CA GLN D 958 5.64 16.74 0.63
C GLN D 958 5.92 15.26 0.81
N ALA D 959 4.89 14.43 0.71
CA ALA D 959 5.08 13.00 0.87
C ALA D 959 5.99 12.43 -0.20
N LEU D 960 5.84 12.88 -1.44
CA LEU D 960 6.73 12.43 -2.51
C LEU D 960 8.16 12.86 -2.24
N ASN D 961 8.35 14.10 -1.80
CA ASN D 961 9.70 14.57 -1.46
C ASN D 961 10.28 13.76 -0.31
N THR D 962 9.46 13.48 0.70
CA THR D 962 9.93 12.68 1.82
C THR D 962 10.29 11.27 1.37
N LEU D 963 9.50 10.69 0.48
CA LEU D 963 9.81 9.34 0.00
C LEU D 963 11.13 9.32 -0.77
N VAL D 964 11.40 10.35 -1.56
CA VAL D 964 12.65 10.41 -2.31
C VAL D 964 13.84 10.48 -1.37
N LYS D 965 13.73 11.28 -0.32
CA LYS D 965 14.84 11.39 0.63
C LYS D 965 15.13 10.09 1.34
N GLN D 966 14.20 9.16 1.36
CA GLN D 966 14.45 7.88 1.98
C GLN D 966 15.48 7.08 1.22
N LEU D 967 15.68 7.37 -0.06
CA LEU D 967 16.71 6.68 -0.82
C LEU D 967 18.10 6.98 -0.29
N SER D 968 18.35 8.21 0.11
CA SER D 968 19.64 8.55 0.68
C SER D 968 19.84 7.96 2.07
N SER D 969 18.79 7.49 2.71
CA SER D 969 18.93 6.90 4.03
C SER D 969 19.75 5.63 3.97
N LYS D 970 20.64 5.46 4.96
CA LYS D 970 21.53 4.32 4.98
C LYS D 970 20.84 3.02 5.38
N PHE D 971 19.87 3.09 6.28
CA PHE D 971 19.15 1.92 6.76
C PHE D 971 20.13 0.87 7.28
N GLY D 972 21.09 1.32 8.08
CA GLY D 972 22.05 0.41 8.69
C GLY D 972 22.75 -0.48 7.70
N ALA D 973 23.18 0.09 6.57
CA ALA D 973 23.92 -0.62 5.53
C ALA D 973 25.24 0.08 5.28
N ILE D 974 26.16 -0.63 4.62
CA ILE D 974 27.48 -0.06 4.38
C ILE D 974 27.38 1.15 3.45
N SER D 975 26.50 1.08 2.44
CA SER D 975 26.36 2.17 1.48
C SER D 975 24.98 2.12 0.86
N SER D 976 24.42 3.29 0.55
CA SER D 976 23.10 3.35 -0.07
C SER D 976 23.14 2.87 -1.51
N VAL D 977 24.31 2.89 -2.13
CA VAL D 977 24.50 2.46 -3.50
C VAL D 977 24.51 0.94 -3.54
N LEU D 978 23.53 0.36 -4.23
CA LEU D 978 23.45 -1.10 -4.33
C LEU D 978 24.72 -1.64 -4.97
N ASN D 979 25.16 -1.01 -6.06
CA ASN D 979 26.35 -1.45 -6.77
C ASN D 979 27.56 -1.44 -5.83
N ASP D 980 27.66 -0.41 -4.99
CA ASP D 980 28.79 -0.27 -4.08
C ASP D 980 28.87 -1.50 -3.20
N ILE D 981 27.75 -1.93 -2.62
CA ILE D 981 27.75 -3.06 -1.72
C ILE D 981 28.24 -4.30 -2.46
N PHE D 982 27.82 -4.48 -3.70
CA PHE D 982 28.18 -5.68 -4.45
C PHE D 982 29.68 -5.73 -4.68
N SER D 983 30.27 -4.63 -5.14
CA SER D 983 31.68 -4.61 -5.51
C SER D 983 32.59 -4.67 -4.28
N ARG D 984 32.17 -4.12 -3.16
CA ARG D 984 33.02 -4.01 -1.98
C ARG D 984 32.84 -5.14 -1.00
N LEU D 985 31.97 -6.11 -1.28
CA LEU D 985 31.69 -7.16 -0.32
C LEU D 985 31.63 -8.51 -1.02
N ASP D 986 31.91 -9.56 -0.24
CA ASP D 986 31.85 -10.91 -0.76
C ASP D 986 30.41 -11.33 -1.01
N PRO D 987 30.18 -12.28 -1.91
CA PRO D 987 28.83 -12.77 -2.17
C PRO D 987 28.13 -13.26 -0.92
N PRO D 988 28.77 -14.04 -0.04
CA PRO D 988 28.05 -14.46 1.16
C PRO D 988 27.91 -13.37 2.20
N GLU D 989 28.71 -12.32 2.11
CA GLU D 989 28.56 -11.18 3.00
C GLU D 989 27.65 -10.11 2.44
N ALA D 990 27.54 -10.01 1.12
CA ALA D 990 26.66 -9.01 0.53
C ALA D 990 25.20 -9.30 0.82
N GLU D 991 24.80 -10.57 0.74
CA GLU D 991 23.40 -10.93 0.86
C GLU D 991 22.80 -10.40 2.15
N VAL D 992 23.61 -10.28 3.20
CA VAL D 992 23.12 -9.70 4.44
C VAL D 992 22.81 -8.22 4.24
N GLN D 993 23.67 -7.50 3.54
CA GLN D 993 23.54 -6.06 3.45
C GLN D 993 22.41 -5.64 2.53
N ILE D 994 22.29 -6.28 1.36
CA ILE D 994 21.20 -5.94 0.45
C ILE D 994 19.85 -6.27 1.09
N ASP D 995 19.78 -7.41 1.78
CA ASP D 995 18.56 -7.74 2.49
C ASP D 995 18.24 -6.68 3.53
N ARG D 996 19.26 -6.15 4.20
CA ARG D 996 19.04 -5.05 5.12
C ARG D 996 18.56 -3.81 4.37
N LEU D 997 19.13 -3.53 3.22
CA LEU D 997 18.73 -2.36 2.45
C LEU D 997 17.38 -2.56 1.77
N ILE D 998 17.12 -3.76 1.26
CA ILE D 998 15.85 -4.02 0.60
C ILE D 998 14.71 -3.87 1.58
N THR D 999 14.86 -4.38 2.78
CA THR D 999 13.82 -4.25 3.79
C THR D 999 13.56 -2.80 4.13
N GLY D 1000 14.62 -2.01 4.25
CA GLY D 1000 14.44 -0.60 4.57
C GLY D 1000 13.68 0.16 3.50
N ARG D 1001 14.05 -0.03 2.24
CA ARG D 1001 13.36 0.64 1.15
C ARG D 1001 11.90 0.19 1.06
N LEU D 1002 11.66 -1.11 1.21
CA LEU D 1002 10.29 -1.61 1.15
C LEU D 1002 9.45 -1.07 2.29
N GLN D 1003 10.02 -0.99 3.48
CA GLN D 1003 9.29 -0.45 4.61
C GLN D 1003 8.92 1.00 4.38
N SER D 1004 9.84 1.79 3.85
CA SER D 1004 9.54 3.18 3.57
C SER D 1004 8.49 3.32 2.49
N LEU D 1005 8.55 2.48 1.46
CA LEU D 1005 7.61 2.59 0.36
C LEU D 1005 6.19 2.27 0.81
N GLN D 1006 6.02 1.21 1.59
CA GLN D 1006 4.68 0.85 2.02
C GLN D 1006 4.11 1.84 3.02
N THR D 1007 4.95 2.60 3.72
CA THR D 1007 4.43 3.64 4.59
C THR D 1007 3.76 4.73 3.78
N TYR D 1008 4.34 5.12 2.67
CA TYR D 1008 3.72 6.15 1.84
C TYR D 1008 2.40 5.69 1.28
N VAL D 1009 2.31 4.42 0.89
CA VAL D 1009 1.05 3.91 0.36
C VAL D 1009 -0.03 3.94 1.42
N THR D 1010 0.31 3.60 2.64
CA THR D 1010 -0.68 3.64 3.72
C THR D 1010 -1.19 5.05 3.96
N GLN D 1011 -0.30 6.04 3.91
CA GLN D 1011 -0.75 7.42 4.07
C GLN D 1011 -1.69 7.83 2.95
N GLN D 1012 -1.39 7.42 1.73
CA GLN D 1012 -2.26 7.75 0.61
C GLN D 1012 -3.63 7.11 0.77
N LEU D 1013 -3.67 5.86 1.23
CA LEU D 1013 -4.96 5.20 1.43
C LEU D 1013 -5.79 5.93 2.47
N ILE D 1014 -5.17 6.35 3.57
CA ILE D 1014 -5.89 7.07 4.60
C ILE D 1014 -6.37 8.41 4.07
N ARG D 1015 -5.51 9.13 3.36
CA ARG D 1015 -5.90 10.42 2.81
C ARG D 1015 -6.95 10.27 1.72
N ALA D 1016 -6.96 9.15 1.02
CA ALA D 1016 -7.97 8.92 0.00
C ALA D 1016 -9.35 8.86 0.61
N ALA D 1017 -9.49 8.24 1.77
CA ALA D 1017 -10.77 8.18 2.45
C ALA D 1017 -11.26 9.57 2.82
N GLU D 1018 -10.37 10.41 3.30
CA GLU D 1018 -10.76 11.78 3.65
C GLU D 1018 -11.22 12.54 2.43
N ILE D 1019 -10.53 12.39 1.30
CA ILE D 1019 -10.94 13.05 0.07
C ILE D 1019 -12.24 12.46 -0.42
N ARG D 1020 -12.42 11.15 -0.28
CA ARG D 1020 -13.65 10.52 -0.72
C ARG D 1020 -14.84 11.04 0.06
N ALA D 1021 -14.68 11.27 1.36
CA ALA D 1021 -15.75 11.85 2.14
C ALA D 1021 -16.12 13.23 1.65
N SER D 1022 -15.13 14.05 1.33
CA SER D 1022 -15.40 15.36 0.77
C SER D 1022 -16.06 15.27 -0.59
N ALA D 1023 -15.64 14.32 -1.41
CA ALA D 1023 -16.24 14.16 -2.72
C ALA D 1023 -17.70 13.79 -2.61
N ASN D 1024 -18.03 12.87 -1.71
CA ASN D 1024 -19.44 12.52 -1.49
C ASN D 1024 -20.22 13.71 -0.94
N LEU D 1025 -19.61 14.46 -0.02
CA LEU D 1025 -20.28 15.64 0.51
C LEU D 1025 -20.45 16.69 -0.58
N ALA D 1026 -19.46 16.88 -1.42
CA ALA D 1026 -19.58 17.82 -2.51
C ALA D 1026 -20.66 17.40 -3.50
N ALA D 1027 -20.75 16.11 -3.77
CA ALA D 1027 -21.78 15.62 -4.66
C ALA D 1027 -23.16 15.88 -4.08
N THR D 1028 -23.33 15.68 -2.79
CA THR D 1028 -24.62 15.94 -2.16
C THR D 1028 -25.00 17.40 -2.27
N LYS D 1029 -24.05 18.29 -2.01
CA LYS D 1029 -24.35 19.71 -2.11
C LYS D 1029 -24.68 20.12 -3.52
N MET D 1030 -24.05 19.48 -4.51
CA MET D 1030 -24.38 19.78 -5.90
C MET D 1030 -25.82 19.41 -6.21
N SER D 1031 -26.27 18.28 -5.71
CA SER D 1031 -27.62 17.84 -6.01
C SER D 1031 -28.66 18.63 -5.25
N GLU D 1032 -28.41 18.92 -3.98
CA GLU D 1032 -29.43 19.51 -3.13
C GLU D 1032 -29.41 21.03 -3.15
N CYS D 1033 -28.26 21.64 -3.28
CA CYS D 1033 -28.18 23.09 -3.27
C CYS D 1033 -28.27 23.69 -4.66
N VAL D 1034 -27.75 23.03 -5.68
CA VAL D 1034 -27.71 23.60 -7.02
C VAL D 1034 -28.91 23.12 -7.83
N LEU D 1035 -29.06 21.81 -7.97
CA LEU D 1035 -30.14 21.25 -8.75
C LEU D 1035 -31.50 21.48 -8.11
N GLY D 1036 -31.55 21.92 -6.86
CA GLY D 1036 -32.81 22.21 -6.21
C GLY D 1036 -32.58 23.13 -5.03
N GLN D 1037 -33.64 23.38 -4.27
CA GLN D 1037 -33.59 24.20 -3.06
C GLN D 1037 -33.70 23.32 -1.84
N SER D 1038 -32.80 23.52 -0.88
CA SER D 1038 -32.73 22.68 0.29
C SER D 1038 -33.33 23.38 1.50
N LYS D 1039 -34.19 22.67 2.22
CA LYS D 1039 -34.78 23.18 3.44
C LYS D 1039 -33.94 22.89 4.67
N ARG D 1040 -32.85 22.17 4.53
CA ARG D 1040 -32.00 21.85 5.67
C ARG D 1040 -31.37 23.12 6.23
N VAL D 1041 -31.34 23.23 7.55
CA VAL D 1041 -30.83 24.42 8.19
C VAL D 1041 -29.30 24.36 8.25
N ASP D 1042 -28.66 25.43 7.79
CA ASP D 1042 -27.21 25.56 7.84
C ASP D 1042 -26.53 24.42 7.09
N PHE D 1043 -27.05 24.09 5.92
CA PHE D 1043 -26.44 23.08 5.06
C PHE D 1043 -25.84 23.72 3.82
N CYS D 1044 -26.66 24.44 3.05
CA CYS D 1044 -26.12 25.14 1.89
C CYS D 1044 -25.38 26.40 2.31
N GLY D 1045 -26.07 27.32 2.97
CA GLY D 1045 -25.44 28.54 3.43
C GLY D 1045 -26.07 29.00 4.72
N LYS D 1046 -25.41 29.95 5.36
CA LYS D 1046 -25.90 30.49 6.62
C LYS D 1046 -27.10 31.39 6.34
N GLY D 1047 -28.28 30.92 6.69
CA GLY D 1047 -29.52 31.62 6.48
C GLY D 1047 -30.50 30.77 5.72
N TYR D 1048 -31.48 31.40 5.10
CA TYR D 1048 -32.48 30.71 4.30
C TYR D 1048 -31.96 30.57 2.88
N HIS D 1049 -31.72 29.34 2.45
CA HIS D 1049 -31.10 29.09 1.16
C HIS D 1049 -32.01 29.47 0.02
N LEU D 1050 -31.44 30.15 -0.97
CA LEU D 1050 -32.17 30.54 -2.17
C LEU D 1050 -31.60 29.88 -3.42
N MET D 1051 -30.32 30.04 -3.73
CA MET D 1051 -29.70 29.52 -4.95
C MET D 1051 -28.31 29.00 -4.61
N SER D 1052 -27.64 28.43 -5.60
CA SER D 1052 -26.27 27.99 -5.45
C SER D 1052 -25.65 27.87 -6.82
N PHE D 1053 -24.43 28.38 -6.98
CA PHE D 1053 -23.72 28.37 -8.25
C PHE D 1053 -22.36 27.73 -8.05
N PRO D 1054 -22.04 26.65 -8.73
CA PRO D 1054 -20.74 26.02 -8.59
C PRO D 1054 -19.67 26.63 -9.47
N GLN D 1055 -18.43 26.55 -8.99
CA GLN D 1055 -17.28 27.03 -9.74
C GLN D 1055 -16.16 26.01 -9.63
N SER D 1056 -15.54 25.69 -10.76
CA SER D 1056 -14.46 24.73 -10.78
C SER D 1056 -13.20 25.32 -10.15
N ALA D 1057 -12.35 24.45 -9.64
CA ALA D 1057 -11.12 24.86 -9.00
C ALA D 1057 -10.14 23.71 -9.09
N PRO D 1058 -8.84 23.97 -9.03
CA PRO D 1058 -7.86 22.89 -9.05
C PRO D 1058 -8.02 21.94 -7.88
N HIS D 1059 -8.36 20.70 -8.19
CA HIS D 1059 -8.55 19.64 -7.20
C HIS D 1059 -9.60 20.04 -6.16
N GLY D 1060 -10.72 20.54 -6.64
CA GLY D 1060 -11.79 20.92 -5.75
C GLY D 1060 -12.86 21.70 -6.47
N VAL D 1061 -13.87 22.10 -5.70
CA VAL D 1061 -15.00 22.87 -6.22
C VAL D 1061 -15.30 24.01 -5.27
N VAL D 1062 -15.94 25.05 -5.80
CA VAL D 1062 -16.28 26.24 -5.03
C VAL D 1062 -17.75 26.54 -5.26
N PHE D 1063 -18.50 26.77 -4.19
CA PHE D 1063 -19.92 27.06 -4.24
C PHE D 1063 -20.17 28.49 -3.84
N LEU D 1064 -21.15 29.13 -4.47
CA LEU D 1064 -21.57 30.50 -4.15
C LEU D 1064 -23.01 30.42 -3.71
N HIS D 1065 -23.25 30.19 -2.43
CA HIS D 1065 -24.60 30.05 -1.92
C HIS D 1065 -25.25 31.41 -1.76
N VAL D 1066 -26.46 31.56 -2.26
CA VAL D 1066 -27.25 32.77 -2.11
C VAL D 1066 -28.28 32.53 -1.02
N THR D 1067 -28.23 33.32 0.04
CA THR D 1067 -29.05 33.11 1.23
C THR D 1067 -29.92 34.32 1.49
N TYR D 1068 -30.93 34.14 2.34
CA TYR D 1068 -31.86 35.18 2.76
C TYR D 1068 -31.64 35.43 4.24
N VAL D 1069 -31.40 36.67 4.61
CA VAL D 1069 -31.10 37.06 5.98
C VAL D 1069 -32.02 38.21 6.37
N PRO D 1070 -32.87 38.05 7.37
CA PRO D 1070 -33.72 39.16 7.81
C PRO D 1070 -32.93 40.25 8.52
N ALA D 1071 -33.52 41.44 8.52
CA ALA D 1071 -32.89 42.57 9.18
C ALA D 1071 -33.95 43.59 9.55
N GLN D 1072 -33.57 44.53 10.42
CA GLN D 1072 -34.44 45.62 10.85
C GLN D 1072 -35.72 45.10 11.49
N GLU D 1073 -35.55 44.37 12.59
CA GLU D 1073 -36.67 43.80 13.33
C GLU D 1073 -37.31 44.84 14.23
N LYS D 1074 -38.62 44.74 14.39
CA LYS D 1074 -39.38 45.63 15.25
C LYS D 1074 -40.28 44.82 16.16
N ASN D 1075 -40.50 45.32 17.37
CA ASN D 1075 -41.29 44.60 18.36
C ASN D 1075 -42.78 44.84 18.15
N PHE D 1076 -43.57 43.81 18.37
CA PHE D 1076 -45.03 43.89 18.28
C PHE D 1076 -45.64 43.05 19.38
N THR D 1077 -46.89 43.35 19.71
CA THR D 1077 -47.64 42.62 20.71
C THR D 1077 -48.50 41.56 20.04
N THR D 1078 -48.39 40.33 20.50
CA THR D 1078 -49.07 39.21 19.88
C THR D 1078 -50.04 38.55 20.84
N ALA D 1079 -50.79 37.58 20.32
CA ALA D 1079 -51.72 36.80 21.10
C ALA D 1079 -51.93 35.46 20.42
N PRO D 1080 -52.04 34.37 21.17
CA PRO D 1080 -52.22 33.08 20.52
C PRO D 1080 -53.44 32.99 19.66
N ALA D 1081 -54.52 33.66 20.02
CA ALA D 1081 -55.74 33.57 19.24
C ALA D 1081 -56.57 34.82 19.50
N ILE D 1082 -57.55 35.04 18.64
CA ILE D 1082 -58.49 36.15 18.76
C ILE D 1082 -59.90 35.58 18.80
N CYS D 1083 -60.67 35.96 19.81
CA CYS D 1083 -62.03 35.46 19.99
C CYS D 1083 -63.03 36.51 19.55
N HIS D 1084 -63.89 36.14 18.60
CA HIS D 1084 -64.96 37.01 18.12
C HIS D 1084 -66.26 36.24 18.14
N ASP D 1085 -67.35 36.95 18.45
CA ASP D 1085 -68.69 36.40 18.58
C ASP D 1085 -68.71 35.07 19.31
N GLY D 1086 -67.87 34.93 20.33
CA GLY D 1086 -67.80 33.72 21.11
C GLY D 1086 -67.06 32.57 20.47
N LYS D 1087 -66.35 32.81 19.38
CA LYS D 1087 -65.62 31.77 18.68
C LYS D 1087 -64.15 32.16 18.56
N ALA D 1088 -63.27 31.20 18.80
CA ALA D 1088 -61.85 31.43 18.67
C ALA D 1088 -61.42 31.42 17.21
N HIS D 1089 -60.50 32.32 16.86
CA HIS D 1089 -60.02 32.46 15.49
C HIS D 1089 -58.49 32.31 15.51
N PHE D 1090 -58.00 31.21 15.08
CA PHE D 1090 -56.57 31.01 14.93
C PHE D 1090 -56.14 31.42 13.53
N PRO D 1091 -54.93 31.92 13.35
CA PRO D 1091 -54.45 32.31 12.02
C PRO D 1091 -54.09 31.11 11.17
N ARG D 1092 -54.58 31.10 9.93
CA ARG D 1092 -54.25 30.02 9.02
C ARG D 1092 -52.76 29.99 8.72
N GLU D 1093 -52.16 31.16 8.51
CA GLU D 1093 -50.72 31.29 8.33
C GLU D 1093 -50.29 32.61 8.92
N GLY D 1094 -49.06 32.65 9.42
CA GLY D 1094 -48.54 33.84 10.05
C GLY D 1094 -49.01 33.99 11.48
N VAL D 1095 -48.55 35.05 12.13
CA VAL D 1095 -48.85 35.32 13.53
C VAL D 1095 -49.79 36.50 13.62
N PHE D 1096 -50.43 36.63 14.77
CA PHE D 1096 -51.30 37.77 15.06
C PHE D 1096 -50.49 38.90 15.68
N VAL D 1097 -50.58 40.09 15.10
CA VAL D 1097 -49.86 41.26 15.56
C VAL D 1097 -50.81 42.43 15.71
N SER D 1098 -50.37 43.43 16.46
CA SER D 1098 -51.14 44.65 16.69
C SER D 1098 -50.19 45.69 17.23
N ASN D 1099 -50.23 46.90 16.69
CA ASN D 1099 -49.31 47.91 17.19
C ASN D 1099 -49.77 48.44 18.53
N GLY D 1100 -51.05 48.28 18.85
CA GLY D 1100 -51.65 48.84 20.03
C GLY D 1100 -53.08 49.29 19.80
N THR D 1101 -53.46 49.44 18.54
CA THR D 1101 -54.79 49.90 18.18
C THR D 1101 -55.62 48.83 17.50
N HIS D 1102 -55.11 48.25 16.42
CA HIS D 1102 -55.86 47.24 15.68
C HIS D 1102 -54.98 46.03 15.45
N TRP D 1103 -55.61 44.86 15.40
CA TRP D 1103 -54.90 43.61 15.25
C TRP D 1103 -54.72 43.28 13.77
N PHE D 1104 -53.63 42.58 13.46
CA PHE D 1104 -53.27 42.29 12.08
C PHE D 1104 -52.70 40.88 11.99
N VAL D 1105 -52.57 40.39 10.77
CA VAL D 1105 -51.96 39.10 10.48
C VAL D 1105 -50.78 39.32 9.53
N THR D 1106 -49.59 38.88 9.94
CA THR D 1106 -48.39 39.00 9.13
C THR D 1106 -47.65 37.67 9.12
N GLN D 1107 -46.90 37.43 8.05
CA GLN D 1107 -46.10 36.24 7.96
C GLN D 1107 -44.91 36.33 8.91
N ARG D 1108 -44.26 35.22 9.13
CA ARG D 1108 -43.22 35.09 10.14
C ARG D 1108 -41.85 35.56 9.67
N ASN D 1109 -41.70 35.97 8.44
CA ASN D 1109 -40.40 36.38 7.93
C ASN D 1109 -40.40 37.75 7.27
N PHE D 1110 -41.53 38.44 7.25
CA PHE D 1110 -41.60 39.77 6.65
C PHE D 1110 -42.83 40.46 7.20
N TYR D 1111 -42.68 41.69 7.64
CA TYR D 1111 -43.79 42.42 8.24
C TYR D 1111 -44.73 42.91 7.14
N GLU D 1112 -45.84 42.20 6.96
CA GLU D 1112 -46.87 42.55 5.99
C GLU D 1112 -48.22 42.55 6.68
N PRO D 1113 -48.62 43.67 7.24
CA PRO D 1113 -49.92 43.73 7.92
C PRO D 1113 -51.07 43.45 6.97
N GLN D 1114 -52.07 42.74 7.48
CA GLN D 1114 -53.24 42.37 6.70
C GLN D 1114 -54.47 42.44 7.58
N ILE D 1115 -55.57 42.95 7.02
CA ILE D 1115 -56.81 43.07 7.76
C ILE D 1115 -57.36 41.69 8.06
N ILE D 1116 -57.73 41.46 9.32
CA ILE D 1116 -58.22 40.15 9.73
C ILE D 1116 -59.61 39.92 9.16
N THR D 1117 -59.79 38.80 8.49
CA THR D 1117 -61.08 38.41 7.94
C THR D 1117 -61.25 36.90 8.14
N THR D 1118 -62.28 36.34 7.53
CA THR D 1118 -62.53 34.91 7.67
C THR D 1118 -61.69 34.07 6.71
N ASP D 1119 -61.07 34.69 5.71
CA ASP D 1119 -60.30 33.92 4.74
C ASP D 1119 -58.98 33.47 5.33
N ASN D 1120 -58.29 34.36 6.05
CA ASN D 1120 -56.98 34.04 6.59
C ASN D 1120 -57.02 33.49 8.01
N THR D 1121 -58.20 33.39 8.62
CA THR D 1121 -58.34 32.83 9.95
C THR D 1121 -59.40 31.73 9.91
N PHE D 1122 -59.06 30.56 10.42
CA PHE D 1122 -59.98 29.45 10.48
C PHE D 1122 -60.53 29.29 11.88
N VAL D 1123 -61.84 29.12 11.98
CA VAL D 1123 -62.53 29.01 13.26
C VAL D 1123 -62.50 27.56 13.70
N SER D 1124 -61.82 27.30 14.80
CA SER D 1124 -61.73 25.95 15.34
C SER D 1124 -61.85 26.00 16.85
N GLY D 1125 -62.74 25.19 17.40
CA GLY D 1125 -62.89 25.10 18.83
C GLY D 1125 -63.66 26.26 19.44
N ASN D 1126 -64.32 26.00 20.56
CA ASN D 1126 -65.04 27.03 21.28
C ASN D 1126 -64.06 27.96 22.00
N CYS D 1127 -64.51 29.18 22.22
CA CYS D 1127 -63.70 30.16 22.94
C CYS D 1127 -63.56 29.75 24.39
N ASP D 1128 -62.79 30.55 25.13
CA ASP D 1128 -62.52 30.35 26.56
C ASP D 1128 -61.78 29.05 26.84
N VAL D 1129 -61.07 28.50 25.88
CA VAL D 1129 -60.26 27.30 26.08
C VAL D 1129 -58.79 27.52 25.81
N VAL D 1130 -58.39 28.69 25.32
CA VAL D 1130 -57.02 29.00 24.97
C VAL D 1130 -56.52 30.07 25.91
N ILE D 1131 -55.28 29.95 26.36
CA ILE D 1131 -54.67 30.92 27.25
C ILE D 1131 -54.13 32.08 26.42
N GLY D 1132 -54.53 33.29 26.77
CA GLY D 1132 -54.00 34.48 26.14
C GLY D 1132 -54.84 35.06 25.03
N ILE D 1133 -56.10 34.68 24.89
CA ILE D 1133 -56.93 35.26 23.84
C ILE D 1133 -57.21 36.72 24.16
N VAL D 1134 -57.49 37.50 23.11
CA VAL D 1134 -57.77 38.91 23.23
C VAL D 1134 -59.06 39.21 22.49
N ASN D 1135 -59.86 40.12 23.03
CA ASN D 1135 -61.10 40.51 22.39
C ASN D 1135 -60.83 41.34 21.14
N ASN D 1136 -61.55 41.04 20.07
CA ASN D 1136 -61.46 41.79 18.84
C ASN D 1136 -62.64 41.41 17.96
N THR D 1137 -62.86 42.21 16.92
CA THR D 1137 -63.91 41.96 15.95
C THR D 1137 -63.26 41.48 14.66
N VAL D 1138 -63.35 40.18 14.40
CA VAL D 1138 -62.75 39.59 13.20
C VAL D 1138 -63.53 40.01 11.96
N TYR D 1139 -64.85 39.95 12.03
CA TYR D 1139 -65.75 40.21 10.90
C TYR D 1139 -65.24 39.63 9.60
N PRO E 273 4.48 -26.79 35.05
CA PRO E 273 4.72 -25.77 34.03
C PRO E 273 3.44 -25.02 33.66
N ARG E 274 2.92 -24.23 34.59
CA ARG E 274 1.69 -23.48 34.39
C ARG E 274 1.95 -22.00 34.65
N THR E 275 1.51 -21.15 33.73
CA THR E 275 1.63 -19.71 33.91
C THR E 275 0.72 -19.25 35.03
N PHE E 276 1.18 -18.24 35.76
CA PHE E 276 0.45 -17.71 36.91
C PHE E 276 0.26 -16.21 36.76
N LEU E 277 -0.91 -15.74 37.18
CA LEU E 277 -1.23 -14.32 37.19
C LEU E 277 -0.98 -13.79 38.60
N LEU E 278 0.29 -13.60 38.92
CA LEU E 278 0.67 -13.12 40.24
C LEU E 278 0.25 -11.68 40.41
N LYS E 279 -0.60 -11.42 41.41
CA LYS E 279 -1.10 -10.08 41.69
C LYS E 279 -0.31 -9.49 42.86
N TYR E 280 0.28 -8.32 42.62
CA TYR E 280 1.10 -7.66 43.63
C TYR E 280 0.28 -6.56 44.31
N ASN E 281 0.30 -6.54 45.63
CA ASN E 281 -0.39 -5.52 46.40
C ASN E 281 0.48 -4.27 46.49
N GLU E 282 0.10 -3.34 47.35
CA GLU E 282 0.88 -2.12 47.53
C GLU E 282 2.26 -2.39 48.12
N ASN E 283 2.44 -3.52 48.80
CA ASN E 283 3.73 -3.90 49.36
C ASN E 283 4.52 -4.82 48.45
N GLY E 284 4.03 -5.09 47.26
CA GLY E 284 4.71 -5.98 46.34
C GLY E 284 4.79 -7.42 46.80
N THR E 285 3.73 -7.91 47.42
CA THR E 285 3.66 -9.29 47.88
C THR E 285 2.56 -10.03 47.13
N ILE E 286 2.77 -11.32 46.90
CA ILE E 286 1.81 -12.13 46.17
C ILE E 286 0.60 -12.38 47.05
N THR E 287 -0.55 -11.88 46.63
CA THR E 287 -1.79 -12.06 47.37
C THR E 287 -2.79 -12.96 46.65
N ASP E 288 -2.85 -12.91 45.32
CA ASP E 288 -3.77 -13.74 44.56
C ASP E 288 -3.08 -14.20 43.28
N ALA E 289 -3.24 -15.48 42.96
CA ALA E 289 -2.66 -16.06 41.76
C ALA E 289 -3.72 -16.85 41.03
N VAL E 290 -3.77 -16.67 39.71
CA VAL E 290 -4.75 -17.36 38.86
C VAL E 290 -3.99 -18.25 37.88
N ASP E 291 -4.29 -19.53 37.90
CA ASP E 291 -3.69 -20.47 36.97
C ASP E 291 -4.24 -20.27 35.56
N CYS E 292 -3.47 -20.72 34.58
CA CYS E 292 -3.84 -20.60 33.18
C CYS E 292 -4.17 -21.94 32.54
N ALA E 293 -4.34 -22.98 33.35
CA ALA E 293 -4.67 -24.29 32.80
C ALA E 293 -5.73 -25.03 33.60
N LEU E 294 -6.22 -24.47 34.69
CA LEU E 294 -7.17 -25.20 35.53
C LEU E 294 -8.52 -25.36 34.86
N ASP E 295 -9.06 -24.28 34.30
CA ASP E 295 -10.40 -24.29 33.72
C ASP E 295 -10.51 -23.15 32.73
N PRO E 296 -11.49 -23.20 31.82
CA PRO E 296 -11.63 -22.11 30.85
C PRO E 296 -11.84 -20.75 31.49
N LEU E 297 -12.52 -20.67 32.61
CA LEU E 297 -12.66 -19.40 33.31
C LEU E 297 -11.29 -18.87 33.73
N SER E 298 -10.44 -19.76 34.24
CA SER E 298 -9.07 -19.36 34.56
C SER E 298 -8.31 -18.98 33.30
N GLU E 299 -8.54 -19.70 32.21
CA GLU E 299 -7.87 -19.35 30.96
C GLU E 299 -8.30 -17.98 30.47
N THR E 300 -9.58 -17.66 30.59
CA THR E 300 -10.06 -16.37 30.14
C THR E 300 -9.45 -15.24 30.95
N LYS E 301 -9.32 -15.41 32.26
CA LYS E 301 -8.72 -14.37 33.08
C LYS E 301 -7.25 -14.19 32.78
N CYS E 302 -6.55 -15.27 32.45
CA CYS E 302 -5.12 -15.18 32.17
C CYS E 302 -4.86 -14.33 30.94
N THR E 303 -5.65 -14.49 29.89
CA THR E 303 -5.43 -13.76 28.65
C THR E 303 -6.02 -12.36 28.67
N LEU E 304 -6.77 -12.00 29.70
CA LEU E 304 -7.38 -10.69 29.79
C LEU E 304 -6.66 -9.76 30.74
N LYS E 305 -5.78 -10.27 31.58
CA LYS E 305 -5.08 -9.49 32.60
C LYS E 305 -6.09 -8.73 33.47
N SER E 306 -6.89 -9.52 34.18
CA SER E 306 -7.92 -8.99 35.07
C SER E 306 -8.46 -10.13 35.90
N PHE E 307 -8.83 -9.82 37.13
CA PHE E 307 -9.47 -10.78 38.01
C PHE E 307 -10.99 -10.77 37.89
N THR E 308 -11.55 -9.83 37.15
CA THR E 308 -12.99 -9.75 36.92
C THR E 308 -13.26 -9.79 35.43
N VAL E 309 -14.19 -10.63 35.02
CA VAL E 309 -14.52 -10.82 33.61
C VAL E 309 -15.97 -10.40 33.39
N GLU E 310 -16.16 -9.46 32.48
CA GLU E 310 -17.49 -9.00 32.13
C GLU E 310 -18.19 -10.01 31.23
N LYS E 311 -19.51 -9.95 31.23
CA LYS E 311 -20.30 -10.85 30.40
C LYS E 311 -19.99 -10.66 28.93
N GLY E 312 -19.79 -11.76 28.23
CA GLY E 312 -19.49 -11.73 26.81
C GLY E 312 -18.75 -12.98 26.39
N ILE E 313 -18.41 -13.02 25.10
CA ILE E 313 -17.68 -14.12 24.50
C ILE E 313 -16.29 -13.65 24.14
N TYR E 314 -15.28 -14.37 24.60
CA TYR E 314 -13.90 -14.03 24.37
C TYR E 314 -13.14 -15.22 23.80
N GLN E 315 -12.13 -14.92 23.00
CA GLN E 315 -11.26 -15.94 22.43
C GLN E 315 -9.96 -15.98 23.22
N THR E 316 -9.67 -17.13 23.82
CA THR E 316 -8.51 -17.27 24.69
C THR E 316 -7.34 -17.94 23.97
N SER E 317 -7.54 -19.14 23.44
CA SER E 317 -6.49 -19.89 22.77
C SER E 317 -7.08 -20.60 21.56
N ASN E 318 -6.32 -21.51 20.98
CA ASN E 318 -6.75 -22.26 19.82
C ASN E 318 -6.54 -23.75 20.08
N PHE E 319 -7.51 -24.56 19.67
CA PHE E 319 -7.43 -26.00 19.86
C PHE E 319 -6.59 -26.63 18.76
N ARG E 320 -5.74 -27.57 19.17
CA ARG E 320 -4.86 -28.27 18.22
C ARG E 320 -4.64 -29.68 18.75
N VAL E 321 -5.18 -30.68 18.05
CA VAL E 321 -5.01 -32.06 18.48
C VAL E 321 -3.56 -32.48 18.30
N GLN E 322 -3.00 -33.14 19.33
CA GLN E 322 -1.61 -33.54 19.37
C GLN E 322 -1.40 -34.84 18.62
N PRO E 323 -0.21 -35.05 18.06
CA PRO E 323 0.10 -36.32 17.42
C PRO E 323 0.15 -37.47 18.41
N THR E 324 -0.14 -38.67 17.91
CA THR E 324 -0.20 -39.85 18.76
C THR E 324 1.09 -40.65 18.74
N GLU E 325 1.54 -41.08 17.56
CA GLU E 325 2.80 -41.79 17.43
C GLU E 325 3.65 -41.14 16.35
N SER E 326 4.91 -41.56 16.29
CA SER E 326 5.86 -41.08 15.29
C SER E 326 6.35 -42.26 14.46
N ILE E 327 6.44 -42.06 13.15
CA ILE E 327 6.85 -43.12 12.22
C ILE E 327 8.00 -42.62 11.37
N VAL E 328 8.84 -43.54 10.94
CA VAL E 328 9.96 -43.26 10.04
C VAL E 328 9.84 -44.17 8.84
N ARG E 329 9.87 -43.59 7.65
CA ARG E 329 9.70 -44.32 6.39
C ARG E 329 10.95 -44.12 5.54
N PHE E 330 11.81 -45.12 5.48
CA PHE E 330 13.02 -45.14 4.68
C PHE E 330 13.01 -46.36 3.78
N PRO E 331 13.66 -46.29 2.62
CA PRO E 331 13.69 -47.45 1.73
C PRO E 331 14.40 -48.63 2.36
N ASN E 332 13.94 -49.83 2.01
CA ASN E 332 14.50 -51.07 2.55
C ASN E 332 15.83 -51.35 1.86
N ILE E 333 16.89 -50.74 2.37
CA ILE E 333 18.23 -50.89 1.83
C ILE E 333 19.15 -51.37 2.92
N THR E 334 19.92 -52.42 2.63
CA THR E 334 20.87 -53.00 3.58
C THR E 334 22.32 -52.76 3.20
N ASN E 335 22.64 -52.70 1.90
CA ASN E 335 24.00 -52.49 1.47
C ASN E 335 24.48 -51.10 1.87
N LEU E 336 25.69 -51.03 2.40
CA LEU E 336 26.27 -49.76 2.82
C LEU E 336 27.06 -49.15 1.68
N CYS E 337 27.03 -47.83 1.59
CA CYS E 337 27.67 -47.13 0.47
C CYS E 337 29.18 -47.30 0.53
N PRO E 338 29.81 -47.85 -0.48
CA PRO E 338 31.24 -48.17 -0.40
C PRO E 338 32.11 -46.92 -0.40
N PHE E 339 32.79 -46.68 0.72
CA PHE E 339 33.76 -45.60 0.83
C PHE E 339 35.19 -46.08 0.92
N ASP E 340 35.41 -47.40 0.95
CA ASP E 340 36.75 -47.94 1.06
C ASP E 340 37.54 -47.84 -0.24
N GLU E 341 36.86 -47.73 -1.38
CA GLU E 341 37.56 -47.55 -2.64
C GLU E 341 37.86 -46.10 -2.94
N VAL E 342 37.41 -45.17 -2.11
CA VAL E 342 37.69 -43.76 -2.27
C VAL E 342 38.47 -43.19 -1.11
N PHE E 343 38.74 -43.98 -0.08
CA PHE E 343 39.51 -43.50 1.07
C PHE E 343 40.67 -44.44 1.37
N ASN E 344 40.50 -45.73 1.12
CA ASN E 344 41.55 -46.71 1.30
C ASN E 344 42.25 -47.08 -0.02
N ALA E 345 41.95 -46.36 -1.10
CA ALA E 345 42.41 -46.75 -2.43
C ALA E 345 43.93 -46.73 -2.58
N THR E 346 44.61 -45.88 -1.81
CA THR E 346 46.06 -45.70 -1.83
C THR E 346 46.59 -45.19 -3.17
N ARG E 347 45.71 -44.88 -4.12
CA ARG E 347 46.14 -44.37 -5.42
C ARG E 347 45.05 -43.44 -5.93
N PHE E 348 45.27 -42.13 -5.79
CA PHE E 348 44.27 -41.16 -6.21
C PHE E 348 44.59 -40.62 -7.60
N ALA E 349 43.61 -39.98 -8.21
CA ALA E 349 43.80 -39.44 -9.55
C ALA E 349 44.51 -38.08 -9.47
N SER E 350 45.09 -37.66 -10.59
CA SER E 350 45.75 -36.36 -10.64
C SER E 350 44.70 -35.24 -10.63
N VAL E 351 45.11 -34.04 -10.20
CA VAL E 351 44.14 -32.95 -10.08
C VAL E 351 43.52 -32.64 -11.45
N TYR E 352 44.35 -32.58 -12.48
CA TYR E 352 43.83 -32.22 -13.81
C TYR E 352 42.91 -33.28 -14.33
N ALA E 353 42.98 -34.50 -13.80
CA ALA E 353 42.16 -35.59 -14.26
C ALA E 353 41.39 -36.19 -13.10
N TRP E 354 40.68 -35.36 -12.35
CA TRP E 354 39.91 -35.83 -11.21
C TRP E 354 38.83 -36.80 -11.63
N ASN E 355 38.92 -38.06 -11.22
CA ASN E 355 37.88 -39.02 -11.55
C ASN E 355 36.65 -38.80 -10.70
N ARG E 356 35.48 -38.90 -11.31
CA ARG E 356 34.20 -38.72 -10.63
C ARG E 356 33.53 -40.08 -10.48
N LYS E 357 33.22 -40.45 -9.25
CA LYS E 357 32.61 -41.75 -8.94
C LYS E 357 31.22 -41.53 -8.40
N ARG E 358 30.25 -42.26 -8.92
CA ARG E 358 28.86 -42.14 -8.52
C ARG E 358 28.55 -43.16 -7.45
N ILE E 359 27.93 -42.70 -6.36
CA ILE E 359 27.49 -43.56 -5.26
C ILE E 359 25.97 -43.49 -5.20
N SER E 360 25.33 -44.64 -5.38
CA SER E 360 23.87 -44.68 -5.40
C SER E 360 23.40 -46.05 -4.96
N ASN E 361 22.13 -46.08 -4.53
CA ASN E 361 21.47 -47.31 -4.11
C ASN E 361 22.24 -48.03 -3.01
N CYS E 362 22.37 -47.34 -1.89
CA CYS E 362 23.06 -47.88 -0.72
C CYS E 362 22.75 -46.97 0.46
N VAL E 363 23.39 -47.26 1.59
CA VAL E 363 23.26 -46.48 2.81
C VAL E 363 24.60 -45.84 3.11
N ALA E 364 24.63 -44.52 3.18
CA ALA E 364 25.87 -43.76 3.38
C ALA E 364 25.93 -43.31 4.83
N ASP E 365 26.49 -44.15 5.69
CA ASP E 365 26.69 -43.81 7.09
C ASP E 365 28.03 -43.09 7.20
N TYR E 366 28.00 -41.80 7.45
CA TYR E 366 29.20 -40.98 7.51
C TYR E 366 29.99 -41.19 8.79
N SER E 367 29.48 -42.00 9.71
CA SER E 367 30.19 -42.23 10.96
C SER E 367 31.50 -42.97 10.75
N VAL E 368 31.66 -43.65 9.63
CA VAL E 368 32.88 -44.42 9.39
C VAL E 368 34.08 -43.49 9.17
N LEU E 369 33.88 -42.38 8.48
CA LEU E 369 34.95 -41.46 8.14
C LEU E 369 35.12 -40.35 9.17
N TYR E 370 35.22 -40.74 10.44
CA TYR E 370 35.42 -39.80 11.53
C TYR E 370 36.71 -40.08 12.28
N ASN E 371 37.71 -40.64 11.60
CA ASN E 371 39.00 -40.86 12.23
C ASN E 371 39.68 -39.53 12.53
N LEU E 372 40.33 -39.45 13.69
CA LEU E 372 40.87 -38.17 14.16
C LEU E 372 42.08 -37.74 13.33
N ALA E 373 43.02 -38.64 13.10
CA ALA E 373 44.25 -38.28 12.40
C ALA E 373 43.97 -37.79 10.98
N PRO E 374 43.20 -38.49 10.13
CA PRO E 374 42.83 -37.89 8.85
C PRO E 374 41.62 -36.99 8.96
N PHE E 375 41.12 -36.50 7.83
CA PHE E 375 39.94 -35.62 7.78
C PHE E 375 40.17 -34.37 8.63
N PHE E 376 41.31 -33.72 8.40
CA PHE E 376 41.63 -32.52 9.16
C PHE E 376 40.64 -31.41 8.87
N THR E 377 40.25 -31.23 7.62
CA THR E 377 39.30 -30.19 7.22
C THR E 377 38.01 -30.84 6.75
N PHE E 378 36.90 -30.42 7.35
CA PHE E 378 35.58 -30.92 7.01
C PHE E 378 34.64 -29.77 6.69
N LYS E 379 35.11 -28.82 5.91
CA LYS E 379 34.33 -27.63 5.59
C LYS E 379 33.18 -28.02 4.66
N CYS E 380 31.96 -28.03 5.21
CA CYS E 380 30.77 -28.32 4.45
C CYS E 380 30.01 -27.02 4.17
N TYR E 381 29.40 -26.94 3.00
CA TYR E 381 28.69 -25.75 2.55
C TYR E 381 27.23 -26.11 2.34
N GLY E 382 26.35 -25.46 3.11
CA GLY E 382 24.93 -25.67 3.02
C GLY E 382 24.36 -26.73 3.94
N VAL E 383 25.21 -27.59 4.51
CA VAL E 383 24.76 -28.64 5.41
C VAL E 383 25.70 -28.69 6.60
N SER E 384 25.15 -28.66 7.80
CA SER E 384 25.96 -28.76 8.99
C SER E 384 26.56 -30.15 9.09
N PRO E 385 27.84 -30.27 9.45
CA PRO E 385 28.46 -31.60 9.55
C PRO E 385 27.79 -32.51 10.55
N THR E 386 27.29 -31.97 11.66
CA THR E 386 26.61 -32.81 12.65
C THR E 386 25.34 -33.40 12.09
N LYS E 387 24.55 -32.59 11.37
CA LYS E 387 23.32 -33.05 10.75
C LYS E 387 23.61 -33.47 9.31
N LEU E 388 24.27 -34.61 9.19
CA LEU E 388 24.62 -35.16 7.89
C LEU E 388 24.14 -36.60 7.77
N ASN E 389 24.15 -37.32 8.87
CA ASN E 389 23.78 -38.73 8.84
C ASN E 389 22.30 -38.91 8.55
N ASP E 390 21.45 -38.09 9.15
CA ASP E 390 20.00 -38.25 9.05
C ASP E 390 19.43 -37.41 7.91
N LEU E 391 19.95 -37.65 6.71
CA LEU E 391 19.47 -36.98 5.51
C LEU E 391 19.57 -37.91 4.32
N CYS E 392 18.67 -37.74 3.36
CA CYS E 392 18.64 -38.55 2.16
C CYS E 392 19.08 -37.70 0.97
N PHE E 393 19.97 -38.25 0.15
CA PHE E 393 20.48 -37.58 -1.04
C PHE E 393 20.19 -38.40 -2.27
N THR E 394 20.03 -37.71 -3.40
CA THR E 394 19.70 -38.35 -4.67
C THR E 394 20.82 -38.30 -5.70
N ASN E 395 21.77 -37.39 -5.59
CA ASN E 395 22.88 -37.27 -6.53
C ASN E 395 24.16 -37.12 -5.73
N VAL E 396 24.80 -38.24 -5.42
CA VAL E 396 26.04 -38.25 -4.66
C VAL E 396 27.17 -38.62 -5.61
N TYR E 397 28.18 -37.76 -5.70
CA TYR E 397 29.33 -37.99 -6.54
C TYR E 397 30.60 -37.73 -5.75
N ALA E 398 31.57 -38.62 -5.87
CA ALA E 398 32.82 -38.55 -5.12
C ALA E 398 33.98 -38.42 -6.11
N ASP E 399 34.66 -37.27 -6.09
CA ASP E 399 35.84 -37.04 -6.89
C ASP E 399 37.03 -36.84 -5.97
N SER E 400 38.08 -37.62 -6.17
CA SER E 400 39.27 -37.60 -5.33
C SER E 400 40.50 -37.29 -6.18
N PHE E 401 41.38 -36.47 -5.64
CA PHE E 401 42.61 -36.09 -6.32
C PHE E 401 43.65 -35.68 -5.30
N VAL E 402 44.91 -35.67 -5.72
CA VAL E 402 46.03 -35.33 -4.85
C VAL E 402 46.60 -34.00 -5.31
N ILE E 403 46.65 -33.03 -4.40
CA ILE E 403 47.23 -31.72 -4.66
C ILE E 403 48.16 -31.36 -3.52
N ARG E 404 48.90 -30.27 -3.70
CA ARG E 404 49.78 -29.78 -2.65
C ARG E 404 48.96 -29.22 -1.51
N GLY E 405 49.46 -29.44 -0.29
CA GLY E 405 48.73 -29.00 0.90
C GLY E 405 48.53 -27.51 0.97
N ASP E 406 49.47 -26.74 0.43
CA ASP E 406 49.33 -25.30 0.43
C ASP E 406 48.22 -24.82 -0.51
N GLU E 407 47.76 -25.68 -1.41
CA GLU E 407 46.74 -25.31 -2.38
C GLU E 407 45.35 -25.77 -1.98
N VAL E 408 45.17 -26.27 -0.76
CA VAL E 408 43.86 -26.72 -0.31
C VAL E 408 42.89 -25.54 -0.23
N ARG E 409 43.41 -24.35 0.02
CA ARG E 409 42.55 -23.18 0.12
C ARG E 409 41.81 -22.92 -1.19
N GLN E 410 42.46 -23.17 -2.31
CA GLN E 410 41.84 -22.87 -3.60
C GLN E 410 40.61 -23.72 -3.87
N ILE E 411 40.50 -24.89 -3.23
CA ILE E 411 39.37 -25.76 -3.48
C ILE E 411 38.05 -25.15 -3.01
N ALA E 412 38.09 -24.24 -2.06
CA ALA E 412 36.87 -23.61 -1.58
C ALA E 412 36.22 -22.79 -2.70
N PRO E 413 34.90 -22.69 -2.70
CA PRO E 413 34.22 -21.89 -3.73
C PRO E 413 34.63 -20.42 -3.65
N GLY E 414 34.77 -19.81 -4.81
CA GLY E 414 35.11 -18.41 -4.92
C GLY E 414 36.59 -18.10 -4.96
N GLN E 415 37.45 -19.04 -4.57
CA GLN E 415 38.88 -18.81 -4.58
C GLN E 415 39.46 -18.99 -5.97
N THR E 416 40.53 -18.25 -6.26
CA THR E 416 41.20 -18.29 -7.55
C THR E 416 42.67 -18.66 -7.37
N GLY E 417 43.17 -19.49 -8.27
CA GLY E 417 44.55 -19.93 -8.21
C GLY E 417 44.86 -20.84 -9.36
N ASN E 418 46.10 -21.32 -9.39
CA ASN E 418 46.53 -22.21 -10.46
C ASN E 418 45.70 -23.49 -10.47
N ILE E 419 45.48 -24.07 -9.30
CA ILE E 419 44.61 -25.23 -9.21
C ILE E 419 43.16 -24.84 -9.44
N ALA E 420 42.74 -23.72 -8.88
CA ALA E 420 41.34 -23.33 -8.97
C ALA E 420 40.95 -22.94 -10.38
N ASP E 421 41.82 -22.25 -11.10
CA ASP E 421 41.45 -21.72 -12.39
C ASP E 421 41.79 -22.64 -13.56
N TYR E 422 42.80 -23.47 -13.43
CA TYR E 422 43.24 -24.29 -14.54
C TYR E 422 43.11 -25.79 -14.30
N ASN E 423 42.80 -26.23 -13.10
CA ASN E 423 42.72 -27.66 -12.81
C ASN E 423 41.34 -28.09 -12.34
N TYR E 424 40.75 -27.40 -11.37
CA TYR E 424 39.47 -27.81 -10.80
C TYR E 424 38.75 -26.58 -10.27
N LYS E 425 37.49 -26.43 -10.66
CA LYS E 425 36.68 -25.28 -10.28
C LYS E 425 35.39 -25.77 -9.64
N LEU E 426 34.96 -25.09 -8.58
CA LEU E 426 33.74 -25.41 -7.87
C LEU E 426 32.75 -24.26 -7.96
N PRO E 427 31.46 -24.55 -8.13
CA PRO E 427 30.47 -23.47 -8.21
C PRO E 427 30.29 -22.76 -6.89
N ASP E 428 29.84 -21.51 -6.98
CA ASP E 428 29.53 -20.76 -5.77
C ASP E 428 28.37 -21.38 -5.01
N ASP E 429 27.34 -21.83 -5.73
CA ASP E 429 26.20 -22.50 -5.11
C ASP E 429 26.51 -23.98 -4.95
N PHE E 430 27.49 -24.25 -4.10
CA PHE E 430 27.97 -25.61 -3.86
C PHE E 430 27.34 -26.18 -2.61
N THR E 431 26.93 -27.43 -2.68
CA THR E 431 26.32 -28.16 -1.56
C THR E 431 27.09 -29.46 -1.40
N GLY E 432 28.10 -29.46 -0.54
CA GLY E 432 28.90 -30.66 -0.34
C GLY E 432 29.93 -30.43 0.72
N CYS E 433 30.65 -31.50 1.05
CA CYS E 433 31.71 -31.49 2.05
C CYS E 433 33.04 -31.81 1.38
N VAL E 434 34.05 -31.01 1.68
CA VAL E 434 35.38 -31.18 1.12
C VAL E 434 36.28 -31.70 2.24
N ILE E 435 36.56 -32.98 2.23
CA ILE E 435 37.44 -33.58 3.21
C ILE E 435 38.83 -33.68 2.63
N ALA E 436 39.80 -33.12 3.34
CA ALA E 436 41.20 -33.17 2.93
C ALA E 436 42.05 -33.61 4.10
N TRP E 437 42.93 -34.59 3.87
CA TRP E 437 43.80 -35.07 4.93
C TRP E 437 45.23 -35.15 4.41
N ASN E 438 46.18 -34.90 5.30
CA ASN E 438 47.58 -34.95 4.93
C ASN E 438 48.04 -36.38 4.69
N SER E 439 48.84 -36.56 3.64
CA SER E 439 49.40 -37.86 3.29
C SER E 439 50.86 -37.72 2.92
N ASN E 440 51.60 -36.94 3.70
CA ASN E 440 53.02 -36.74 3.42
C ASN E 440 53.79 -38.05 3.56
N LYS E 441 53.48 -38.83 4.58
CA LYS E 441 54.12 -40.13 4.72
C LYS E 441 53.74 -41.06 3.58
N LEU E 442 52.48 -41.05 3.18
CA LEU E 442 52.03 -41.89 2.09
C LEU E 442 52.27 -41.23 0.74
N ASN E 451 54.75 -37.70 -9.84
CA ASN E 451 53.97 -38.36 -10.88
C ASN E 451 52.65 -37.67 -11.08
N TYR E 452 52.14 -37.06 -10.01
CA TYR E 452 50.87 -36.36 -10.06
C TYR E 452 51.00 -35.15 -11.00
N LEU E 453 50.10 -35.07 -11.97
CA LEU E 453 50.16 -34.04 -13.00
C LEU E 453 49.11 -32.96 -12.73
N TYR E 454 49.53 -31.71 -12.81
CA TYR E 454 48.64 -30.56 -12.68
C TYR E 454 48.85 -29.62 -13.85
N ARG E 455 47.75 -29.12 -14.40
CA ARG E 455 47.82 -28.20 -15.53
C ARG E 455 48.06 -26.79 -15.04
N LEU E 456 49.09 -26.14 -15.58
CA LEU E 456 49.45 -24.79 -15.20
C LEU E 456 49.37 -23.80 -16.36
N PHE E 457 49.07 -24.25 -17.56
CA PHE E 457 48.93 -23.38 -18.72
C PHE E 457 47.57 -23.63 -19.37
N ARG E 458 46.82 -22.56 -19.59
CA ARG E 458 45.52 -22.69 -20.23
C ARG E 458 45.13 -21.36 -20.82
N LYS E 459 44.30 -21.39 -21.86
CA LYS E 459 43.84 -20.17 -22.49
C LYS E 459 42.97 -19.36 -21.54
N SER E 460 42.10 -20.03 -20.78
CA SER E 460 41.22 -19.34 -19.85
C SER E 460 40.81 -20.31 -18.75
N ASN E 461 40.28 -19.74 -17.67
CA ASN E 461 39.81 -20.55 -16.56
C ASN E 461 38.59 -21.36 -16.98
N LEU E 462 38.50 -22.58 -16.45
CA LEU E 462 37.43 -23.49 -16.84
C LEU E 462 36.21 -23.31 -15.98
N LYS E 463 35.06 -23.68 -16.53
CA LYS E 463 33.81 -23.65 -15.79
C LYS E 463 33.82 -24.72 -14.71
N PRO E 464 33.02 -24.54 -13.65
CA PRO E 464 33.00 -25.53 -12.57
C PRO E 464 32.57 -26.90 -13.06
N PHE E 465 33.18 -27.92 -12.45
CA PHE E 465 32.88 -29.32 -12.76
C PHE E 465 33.14 -29.63 -14.24
N GLU E 466 34.38 -29.40 -14.65
CA GLU E 466 34.82 -29.72 -16.00
C GLU E 466 36.21 -30.38 -15.94
N ARG E 467 36.47 -31.27 -16.89
CA ARG E 467 37.75 -31.95 -17.02
C ARG E 467 38.42 -31.50 -18.31
N ASP E 468 39.64 -31.00 -18.19
CA ASP E 468 40.45 -30.61 -19.33
C ASP E 468 41.68 -31.50 -19.37
N ILE E 469 41.54 -32.65 -20.00
CA ILE E 469 42.63 -33.61 -20.13
C ILE E 469 43.01 -33.63 -21.60
N SER E 470 44.02 -32.84 -21.94
CA SER E 470 44.52 -32.76 -23.30
C SER E 470 45.95 -32.27 -23.26
N THR E 471 46.76 -32.74 -24.20
CA THR E 471 48.17 -32.40 -24.25
C THR E 471 48.49 -31.45 -25.41
N GLU E 472 47.54 -30.61 -25.79
CA GLU E 472 47.79 -29.61 -26.82
C GLU E 472 48.83 -28.61 -26.33
N ILE E 473 49.79 -28.29 -27.20
CA ILE E 473 50.90 -27.43 -26.81
C ILE E 473 50.42 -26.00 -26.65
N TYR E 474 50.73 -25.39 -25.51
CA TYR E 474 50.32 -24.03 -25.20
C TYR E 474 51.39 -23.08 -25.72
N GLN E 475 51.09 -22.38 -26.79
CA GLN E 475 52.02 -21.40 -27.34
C GLN E 475 52.14 -20.19 -26.42
N ALA E 476 53.34 -19.64 -26.37
CA ALA E 476 53.63 -18.48 -25.54
C ALA E 476 54.45 -17.48 -26.32
N GLY E 477 54.09 -17.25 -27.58
CA GLY E 477 54.83 -16.31 -28.39
C GLY E 477 54.10 -16.01 -29.67
N ASN E 478 54.69 -15.13 -30.47
CA ASN E 478 54.09 -14.77 -31.74
C ASN E 478 54.08 -15.95 -32.70
N LYS E 479 55.08 -16.80 -32.63
CA LYS E 479 55.15 -17.95 -33.53
C LYS E 479 54.09 -18.98 -33.16
N PRO E 480 53.20 -19.35 -34.07
CA PRO E 480 52.21 -20.40 -33.77
C PRO E 480 52.78 -21.80 -33.91
N CYS E 481 53.73 -22.14 -33.06
CA CYS E 481 54.42 -23.41 -33.16
C CYS E 481 53.49 -24.57 -32.78
N ASN E 482 53.45 -25.58 -33.63
CA ASN E 482 52.71 -26.79 -33.35
C ASN E 482 53.59 -27.93 -32.89
N GLY E 483 54.89 -27.70 -32.73
CA GLY E 483 55.79 -28.73 -32.29
C GLY E 483 55.56 -29.12 -30.84
N VAL E 484 56.09 -30.29 -30.49
CA VAL E 484 55.92 -30.79 -29.13
C VAL E 484 56.63 -29.88 -28.13
N ALA E 485 57.77 -29.33 -28.51
CA ALA E 485 58.55 -28.46 -27.63
C ALA E 485 59.22 -27.37 -28.46
N GLY E 486 59.53 -26.24 -27.82
CA GLY E 486 60.16 -25.12 -28.50
C GLY E 486 60.46 -24.00 -27.52
N PHE E 487 61.08 -22.93 -28.04
CA PHE E 487 61.46 -21.81 -27.18
C PHE E 487 60.22 -21.19 -26.54
N ASN E 488 59.19 -20.94 -27.34
CA ASN E 488 57.97 -20.33 -26.82
C ASN E 488 56.87 -21.37 -26.69
N CYS E 489 57.18 -22.64 -27.00
CA CYS E 489 56.21 -23.73 -26.94
C CYS E 489 56.44 -24.53 -25.66
N TYR E 490 55.45 -24.60 -24.77
CA TYR E 490 55.59 -25.29 -23.49
C TYR E 490 54.46 -26.30 -23.30
N PHE E 491 54.77 -27.47 -22.74
CA PHE E 491 53.74 -28.50 -22.47
C PHE E 491 52.89 -28.05 -21.28
N PRO E 492 51.56 -28.23 -21.32
CA PRO E 492 50.71 -27.73 -20.23
C PRO E 492 50.60 -28.63 -19.02
N LEU E 493 51.30 -29.74 -18.97
CA LEU E 493 51.22 -30.66 -17.86
C LEU E 493 52.60 -30.97 -17.31
N ARG E 494 52.72 -30.99 -15.99
CA ARG E 494 53.99 -31.30 -15.36
C ARG E 494 53.73 -32.05 -14.07
N SER E 495 54.69 -32.90 -13.69
CA SER E 495 54.56 -33.69 -12.47
C SER E 495 54.81 -32.83 -11.24
N TYR E 496 54.08 -33.13 -10.17
CA TYR E 496 54.24 -32.39 -8.93
C TYR E 496 55.63 -32.60 -8.34
N SER E 497 56.12 -33.84 -8.34
CA SER E 497 57.42 -34.19 -7.76
C SER E 497 57.51 -33.74 -6.31
N PHE E 498 56.63 -34.33 -5.49
CA PHE E 498 56.54 -33.94 -4.09
C PHE E 498 57.83 -34.24 -3.34
N ARG E 499 58.25 -33.29 -2.51
CA ARG E 499 59.47 -33.44 -1.74
C ARG E 499 59.13 -34.04 -0.38
N PRO E 500 59.61 -35.25 -0.08
CA PRO E 500 59.31 -35.83 1.24
C PRO E 500 59.87 -35.03 2.40
N THR E 501 60.99 -34.34 2.20
CA THR E 501 61.59 -33.59 3.29
C THR E 501 60.73 -32.40 3.72
N TYR E 502 60.02 -31.79 2.77
CA TYR E 502 59.21 -30.62 3.07
C TYR E 502 58.10 -30.98 4.05
N GLY E 503 57.94 -30.15 5.08
CA GLY E 503 56.96 -30.41 6.12
C GLY E 503 55.53 -30.22 5.69
N VAL E 504 55.14 -28.98 5.41
CA VAL E 504 53.78 -28.63 5.03
C VAL E 504 53.73 -28.03 3.63
N GLY E 505 54.59 -27.06 3.36
CA GLY E 505 54.67 -26.49 2.03
C GLY E 505 55.07 -27.51 0.99
N HIS E 506 54.38 -27.53 -0.13
CA HIS E 506 54.67 -28.45 -1.23
C HIS E 506 54.65 -29.91 -0.77
N GLN E 507 53.68 -30.25 0.06
CA GLN E 507 53.53 -31.62 0.54
C GLN E 507 52.31 -32.28 -0.12
N PRO E 508 52.33 -33.60 -0.31
CA PRO E 508 51.15 -34.28 -0.84
C PRO E 508 49.97 -34.16 0.12
N TYR E 509 48.77 -34.05 -0.45
CA TYR E 509 47.56 -33.83 0.34
C TYR E 509 46.39 -34.40 -0.44
N ARG E 510 45.92 -35.59 -0.07
CA ARG E 510 44.77 -36.18 -0.72
C ARG E 510 43.51 -35.40 -0.40
N VAL E 511 42.68 -35.16 -1.42
CA VAL E 511 41.47 -34.38 -1.28
C VAL E 511 40.30 -35.15 -1.89
N VAL E 512 39.24 -35.34 -1.12
CA VAL E 512 38.03 -35.99 -1.58
C VAL E 512 36.87 -35.05 -1.37
N VAL E 513 36.07 -34.84 -2.42
CA VAL E 513 34.92 -33.94 -2.40
C VAL E 513 33.66 -34.76 -2.59
N LEU E 514 32.69 -34.54 -1.71
CA LEU E 514 31.41 -35.24 -1.77
C LEU E 514 30.33 -34.22 -2.13
N SER E 515 30.09 -34.06 -3.41
CA SER E 515 29.06 -33.16 -3.92
C SER E 515 27.74 -33.89 -3.96
N PHE E 516 26.86 -33.59 -3.01
CA PHE E 516 25.56 -34.22 -2.93
C PHE E 516 24.47 -33.19 -3.17
N GLU E 517 23.47 -33.57 -3.95
CA GLU E 517 22.32 -32.71 -4.21
C GLU E 517 21.27 -32.95 -3.14
N LEU E 518 20.73 -31.87 -2.59
CA LEU E 518 19.75 -31.98 -1.53
C LEU E 518 18.47 -32.63 -2.04
N LEU E 519 17.73 -33.26 -1.12
CA LEU E 519 16.57 -34.07 -1.48
C LEU E 519 15.52 -33.25 -2.21
N HIS E 520 15.38 -33.52 -3.50
CA HIS E 520 14.34 -32.90 -4.32
C HIS E 520 13.74 -33.90 -5.31
N ALA E 521 14.10 -35.17 -5.23
CA ALA E 521 13.72 -36.16 -6.22
C ALA E 521 13.81 -37.52 -5.56
N PRO E 522 13.29 -38.57 -6.21
CA PRO E 522 13.47 -39.92 -5.67
C PRO E 522 14.92 -40.23 -5.35
N ALA E 523 15.22 -40.42 -4.07
CA ALA E 523 16.59 -40.58 -3.60
C ALA E 523 16.94 -42.06 -3.45
N THR E 524 18.22 -42.35 -3.62
CA THR E 524 18.74 -43.69 -3.48
C THR E 524 19.80 -43.82 -2.40
N VAL E 525 20.32 -42.72 -1.87
CA VAL E 525 21.34 -42.74 -0.83
C VAL E 525 20.79 -42.02 0.38
N CYS E 526 20.81 -42.69 1.53
CA CYS E 526 20.37 -42.07 2.77
C CYS E 526 21.04 -42.78 3.94
N GLY E 527 21.02 -42.10 5.09
CA GLY E 527 21.64 -42.63 6.28
C GLY E 527 20.88 -43.78 6.88
N PRO E 528 21.51 -44.51 7.77
CA PRO E 528 20.87 -45.69 8.39
C PRO E 528 19.90 -45.29 9.48
N LYS E 529 18.60 -45.45 9.21
CA LYS E 529 17.56 -45.21 10.20
C LYS E 529 16.52 -46.31 10.08
N LYS E 530 16.05 -46.80 11.21
CA LYS E 530 15.07 -47.88 11.21
C LYS E 530 13.74 -47.41 10.64
N SER E 531 13.12 -48.26 9.83
CA SER E 531 11.87 -47.96 9.18
C SER E 531 10.72 -48.67 9.89
N THR E 532 9.67 -47.92 10.22
CA THR E 532 8.50 -48.44 10.92
C THR E 532 7.32 -48.53 9.96
N ASN E 533 6.27 -49.17 10.44
CA ASN E 533 5.07 -49.33 9.64
C ASN E 533 4.24 -48.05 9.66
N LEU E 534 3.73 -47.68 8.49
CA LEU E 534 2.95 -46.47 8.36
C LEU E 534 1.59 -46.61 9.02
N VAL E 535 1.09 -45.51 9.56
CA VAL E 535 -0.22 -45.44 10.19
C VAL E 535 -1.04 -44.39 9.44
N LYS E 536 -2.24 -44.78 9.01
CA LYS E 536 -3.08 -43.92 8.21
C LYS E 536 -4.31 -43.48 8.99
N ASN E 537 -4.94 -42.41 8.49
CA ASN E 537 -6.16 -41.87 9.09
C ASN E 537 -5.98 -41.53 10.57
N LYS E 538 -4.85 -40.93 10.89
CA LYS E 538 -4.56 -40.53 12.27
C LYS E 538 -3.50 -39.44 12.23
N CYS E 539 -3.66 -38.45 13.10
CA CYS E 539 -2.68 -37.37 13.22
C CYS E 539 -1.44 -37.91 13.89
N VAL E 540 -0.42 -38.21 13.10
CA VAL E 540 0.80 -38.84 13.59
C VAL E 540 2.00 -38.14 12.99
N ASN E 541 3.05 -37.98 13.78
CA ASN E 541 4.31 -37.46 13.27
C ASN E 541 4.95 -38.46 12.32
N PHE E 542 5.58 -37.95 11.26
CA PHE E 542 6.17 -38.80 10.24
C PHE E 542 7.54 -38.27 9.83
N ASN E 543 8.29 -39.10 9.11
CA ASN E 543 9.59 -38.73 8.57
C ASN E 543 9.75 -39.44 7.23
N PHE E 544 9.44 -38.74 6.15
CA PHE E 544 9.42 -39.31 4.81
C PHE E 544 10.69 -38.89 4.07
N ASN E 545 11.68 -39.77 4.06
CA ASN E 545 12.93 -39.56 3.33
C ASN E 545 13.60 -38.26 3.75
N GLY E 546 13.55 -37.95 5.04
CA GLY E 546 14.13 -36.76 5.58
C GLY E 546 13.13 -35.62 5.80
N LEU E 547 12.05 -35.61 5.06
CA LEU E 547 11.01 -34.60 5.28
C LEU E 547 10.30 -34.86 6.59
N LYS E 548 10.12 -33.83 7.40
CA LYS E 548 9.51 -33.97 8.71
C LYS E 548 8.25 -33.12 8.80
N GLY E 549 7.28 -33.62 9.55
CA GLY E 549 6.03 -32.91 9.74
C GLY E 549 4.98 -33.82 10.35
N THR E 550 3.82 -33.23 10.63
CA THR E 550 2.70 -33.94 11.21
C THR E 550 1.46 -33.74 10.37
N GLY E 551 0.64 -34.78 10.28
CA GLY E 551 -0.58 -34.68 9.49
C GLY E 551 -1.27 -36.01 9.46
N VAL E 552 -2.43 -36.01 8.80
CA VAL E 552 -3.24 -37.21 8.64
C VAL E 552 -2.89 -37.84 7.31
N LEU E 553 -2.12 -38.91 7.34
CA LEU E 553 -1.71 -39.59 6.12
C LEU E 553 -2.86 -40.40 5.56
N THR E 554 -3.27 -40.07 4.34
CA THR E 554 -4.37 -40.74 3.67
C THR E 554 -4.00 -41.04 2.23
N GLU E 555 -4.61 -42.07 1.67
CA GLU E 555 -4.38 -42.43 0.28
C GLU E 555 -4.99 -41.38 -0.64
N SER E 556 -4.52 -41.36 -1.88
CA SER E 556 -4.95 -40.37 -2.85
C SER E 556 -5.18 -41.02 -4.20
N ASN E 557 -6.03 -40.38 -4.99
CA ASN E 557 -6.28 -40.80 -6.36
C ASN E 557 -5.43 -40.05 -7.38
N LYS E 558 -4.54 -39.17 -6.93
CA LYS E 558 -3.68 -38.43 -7.83
C LYS E 558 -2.71 -39.38 -8.54
N LYS E 559 -2.41 -39.06 -9.78
CA LYS E 559 -1.50 -39.87 -10.60
C LYS E 559 -0.14 -39.19 -10.67
N PHE E 560 0.90 -39.92 -10.31
CA PHE E 560 2.25 -39.42 -10.33
C PHE E 560 2.97 -39.87 -11.59
N LEU E 561 4.24 -39.49 -11.70
CA LEU E 561 5.10 -39.85 -12.81
C LEU E 561 6.40 -40.41 -12.26
N PRO E 562 7.10 -41.24 -13.04
CA PRO E 562 8.31 -41.90 -12.51
C PRO E 562 9.38 -40.95 -12.04
N PHE E 563 9.44 -39.74 -12.59
CA PHE E 563 10.44 -38.77 -12.18
C PHE E 563 9.95 -37.84 -11.08
N GLN E 564 8.75 -38.05 -10.56
CA GLN E 564 8.17 -37.22 -9.52
C GLN E 564 8.05 -38.01 -8.23
N GLN E 565 8.27 -37.34 -7.10
CA GLN E 565 8.14 -37.95 -5.79
C GLN E 565 7.33 -37.14 -4.81
N PHE E 566 7.20 -35.84 -4.98
CA PHE E 566 6.48 -35.00 -4.03
C PHE E 566 5.48 -34.13 -4.75
N GLY E 567 4.34 -33.90 -4.11
CA GLY E 567 3.35 -32.96 -4.58
C GLY E 567 3.37 -31.71 -3.74
N ARG E 568 3.06 -30.58 -4.35
CA ARG E 568 3.10 -29.30 -3.67
C ARG E 568 1.81 -28.54 -3.96
N ASP E 569 1.45 -27.67 -3.04
CA ASP E 569 0.21 -26.91 -3.13
C ASP E 569 0.50 -25.47 -3.50
N ILE E 570 -0.53 -24.64 -3.45
CA ILE E 570 -0.37 -23.23 -3.78
C ILE E 570 0.60 -22.54 -2.83
N ALA E 571 0.73 -23.05 -1.61
CA ALA E 571 1.59 -22.44 -0.62
C ALA E 571 3.01 -23.00 -0.63
N ASP E 572 3.33 -23.86 -1.59
CA ASP E 572 4.67 -24.44 -1.71
C ASP E 572 5.04 -25.28 -0.48
N THR E 573 4.16 -26.21 -0.14
CA THR E 573 4.38 -27.14 0.95
C THR E 573 4.17 -28.56 0.45
N THR E 574 4.86 -29.51 1.09
CA THR E 574 4.75 -30.92 0.70
C THR E 574 3.35 -31.43 0.98
N ASP E 575 2.58 -31.67 -0.06
CA ASP E 575 1.20 -32.13 0.05
C ASP E 575 1.05 -33.62 -0.16
N ALA E 576 1.57 -34.15 -1.26
CA ALA E 576 1.46 -35.57 -1.56
C ALA E 576 2.86 -36.16 -1.65
N VAL E 577 3.11 -37.23 -0.89
CA VAL E 577 4.41 -37.89 -0.85
C VAL E 577 4.20 -39.38 -1.04
N ARG E 578 4.96 -39.99 -1.94
CA ARG E 578 4.95 -41.44 -2.11
C ARG E 578 5.98 -42.06 -1.19
N ASP E 579 5.53 -42.96 -0.33
CA ASP E 579 6.41 -43.52 0.68
C ASP E 579 7.40 -44.49 0.05
N PRO E 580 8.59 -44.60 0.63
CA PRO E 580 9.51 -45.64 0.20
C PRO E 580 9.00 -47.01 0.59
N GLN E 581 9.50 -48.02 -0.09
CA GLN E 581 9.12 -49.43 0.03
C GLN E 581 7.70 -49.66 -0.44
N THR E 582 7.01 -48.65 -0.96
CA THR E 582 5.65 -48.79 -1.43
C THR E 582 5.45 -47.82 -2.57
N LEU E 583 4.35 -47.97 -3.30
CA LEU E 583 4.01 -47.07 -4.39
C LEU E 583 2.79 -46.22 -4.10
N GLU E 584 2.24 -46.30 -2.90
CA GLU E 584 1.08 -45.48 -2.56
C GLU E 584 1.46 -44.02 -2.48
N ILE E 585 0.60 -43.17 -3.03
CA ILE E 585 0.83 -41.73 -3.01
C ILE E 585 0.00 -41.18 -1.86
N LEU E 586 0.61 -41.10 -0.70
CA LEU E 586 -0.09 -40.61 0.48
C LEU E 586 -0.35 -39.11 0.40
N ASP E 587 -1.53 -38.70 0.86
CA ASP E 587 -1.90 -37.30 0.91
C ASP E 587 -1.76 -36.79 2.33
N ILE E 588 -1.03 -35.70 2.52
CA ILE E 588 -0.79 -35.13 3.84
C ILE E 588 -1.81 -34.04 4.11
N THR E 589 -2.59 -34.22 5.17
CA THR E 589 -3.58 -33.25 5.61
C THR E 589 -3.29 -32.87 7.06
N PRO E 590 -3.17 -31.58 7.37
CA PRO E 590 -2.84 -31.17 8.73
C PRO E 590 -3.92 -31.58 9.71
N CYS E 591 -3.50 -31.84 10.95
CA CYS E 591 -4.42 -32.30 11.98
C CYS E 591 -5.49 -31.25 12.25
N SER E 592 -6.70 -31.73 12.57
CA SER E 592 -7.84 -30.84 12.76
C SER E 592 -7.57 -29.86 13.89
N PHE E 593 -7.97 -28.61 13.67
CA PHE E 593 -7.71 -27.56 14.64
C PHE E 593 -8.75 -26.47 14.46
N GLY E 594 -8.84 -25.62 15.47
CA GLY E 594 -9.79 -24.52 15.40
C GLY E 594 -9.66 -23.63 16.62
N GLY E 595 -10.47 -22.57 16.62
CA GLY E 595 -10.45 -21.62 17.72
C GLY E 595 -11.30 -22.07 18.89
N VAL E 596 -10.99 -21.49 20.05
CA VAL E 596 -11.70 -21.75 21.29
C VAL E 596 -12.23 -20.44 21.83
N SER E 597 -13.54 -20.39 22.08
CA SER E 597 -14.19 -19.20 22.63
C SER E 597 -14.98 -19.59 23.87
N VAL E 598 -14.90 -18.77 24.91
CA VAL E 598 -15.56 -19.02 26.19
C VAL E 598 -16.71 -18.04 26.32
N ILE E 599 -17.90 -18.56 26.61
CA ILE E 599 -19.10 -17.75 26.78
C ILE E 599 -19.35 -17.63 28.28
N THR E 600 -18.99 -16.49 28.86
CA THR E 600 -19.15 -16.25 30.29
C THR E 600 -20.28 -15.28 30.55
N PRO E 601 -21.23 -15.61 31.42
CA PRO E 601 -22.28 -14.67 31.77
C PRO E 601 -21.84 -13.55 32.71
N GLY E 602 -20.56 -13.52 33.07
CA GLY E 602 -20.07 -12.52 34.00
C GLY E 602 -19.61 -13.13 35.31
N THR E 603 -18.34 -12.89 35.67
CA THR E 603 -17.80 -13.49 36.87
C THR E 603 -18.51 -13.01 38.12
N ASN E 604 -19.18 -11.85 38.06
CA ASN E 604 -19.94 -11.39 39.21
C ASN E 604 -21.20 -12.20 39.39
N THR E 605 -21.93 -12.48 38.30
CA THR E 605 -23.18 -13.21 38.39
C THR E 605 -22.96 -14.68 38.69
N SER E 606 -22.03 -15.31 37.99
CA SER E 606 -21.80 -16.75 38.16
C SER E 606 -20.41 -17.09 37.66
N ASN E 607 -20.02 -18.35 37.83
CA ASN E 607 -18.74 -18.84 37.38
C ASN E 607 -18.83 -19.95 36.35
N GLN E 608 -19.98 -20.58 36.19
CA GLN E 608 -20.12 -21.63 35.18
C GLN E 608 -20.05 -21.02 33.78
N VAL E 609 -19.25 -21.63 32.90
CA VAL E 609 -19.03 -21.11 31.56
C VAL E 609 -19.19 -22.23 30.54
N ALA E 610 -19.40 -21.83 29.29
CA ALA E 610 -19.52 -22.75 28.18
C ALA E 610 -18.51 -22.36 27.11
N VAL E 611 -17.83 -23.36 26.56
CA VAL E 611 -16.79 -23.13 25.57
C VAL E 611 -17.38 -23.35 24.18
N LEU E 612 -16.72 -22.77 23.18
CA LEU E 612 -17.14 -22.88 21.78
C LEU E 612 -15.95 -23.23 20.92
N TYR E 613 -16.10 -24.26 20.09
CA TYR E 613 -15.08 -24.69 19.14
C TYR E 613 -15.55 -24.28 17.76
N GLN E 614 -14.75 -23.46 17.09
CA GLN E 614 -15.16 -22.86 15.83
C GLN E 614 -14.94 -23.81 14.68
N GLY E 615 -16.03 -24.16 14.00
CA GLY E 615 -15.95 -24.97 12.79
C GLY E 615 -15.31 -26.33 12.96
N VAL E 616 -15.68 -27.04 14.01
CA VAL E 616 -15.14 -28.36 14.30
C VAL E 616 -16.31 -29.29 14.61
N ASN E 617 -16.30 -30.48 14.01
CA ASN E 617 -17.28 -31.51 14.36
C ASN E 617 -17.03 -31.96 15.79
N CYS E 618 -18.11 -32.33 16.48
CA CYS E 618 -18.02 -32.70 17.89
C CYS E 618 -17.28 -34.02 18.10
N THR E 619 -17.31 -34.92 17.12
CA THR E 619 -16.63 -36.20 17.28
C THR E 619 -15.11 -36.03 17.30
N GLU E 620 -14.59 -35.04 16.58
CA GLU E 620 -13.14 -34.82 16.58
C GLU E 620 -12.64 -34.42 17.97
N VAL E 621 -13.39 -33.58 18.67
CA VAL E 621 -13.00 -33.16 19.99
C VAL E 621 -13.23 -34.26 21.02
N ASN E 642 -24.30 -31.05 26.78
CA ASN E 642 -24.92 -30.86 25.48
C ASN E 642 -23.94 -30.23 24.52
N VAL E 643 -23.51 -31.00 23.52
CA VAL E 643 -22.59 -30.45 22.52
C VAL E 643 -23.24 -29.36 21.70
N PHE E 644 -24.52 -29.54 21.36
CA PHE E 644 -25.27 -28.57 20.56
C PHE E 644 -24.47 -28.13 19.32
N GLN E 645 -24.09 -29.12 18.50
CA GLN E 645 -23.36 -28.79 17.29
C GLN E 645 -24.18 -27.84 16.42
N THR E 646 -23.53 -26.78 15.93
CA THR E 646 -24.20 -25.78 15.10
C THR E 646 -23.22 -25.28 14.04
N ARG E 647 -23.76 -24.50 13.09
CA ARG E 647 -22.91 -23.94 12.03
C ARG E 647 -21.63 -23.36 12.60
N ALA E 648 -21.71 -22.67 13.74
CA ALA E 648 -20.51 -22.12 14.36
C ALA E 648 -19.58 -23.22 14.81
N GLY E 649 -20.12 -24.28 15.38
CA GLY E 649 -19.32 -25.40 15.84
C GLY E 649 -20.00 -26.12 16.99
N CYS E 650 -19.18 -26.68 17.88
CA CYS E 650 -19.67 -27.40 19.05
C CYS E 650 -19.67 -26.48 20.25
N LEU E 651 -20.78 -26.44 20.97
CA LEU E 651 -20.98 -25.58 22.13
C LEU E 651 -21.07 -26.45 23.37
N ILE E 652 -19.93 -26.71 23.99
CA ILE E 652 -19.88 -27.54 25.19
C ILE E 652 -20.26 -26.70 26.38
N GLY E 653 -21.21 -27.19 27.17
CA GLY E 653 -21.63 -26.51 28.37
C GLY E 653 -22.89 -25.70 28.26
N ALA E 654 -23.62 -25.79 27.15
CA ALA E 654 -24.85 -25.05 26.97
C ALA E 654 -25.95 -26.00 26.48
N GLU E 655 -27.18 -25.71 26.88
CA GLU E 655 -28.33 -26.53 26.53
C GLU E 655 -29.25 -25.76 25.61
N TYR E 656 -29.68 -26.39 24.52
CA TYR E 656 -30.54 -25.74 23.55
C TYR E 656 -31.98 -25.70 24.04
N VAL E 657 -32.62 -24.56 23.84
CA VAL E 657 -34.00 -24.34 24.24
C VAL E 657 -34.82 -23.97 23.01
N ASN E 658 -35.96 -24.63 22.84
CA ASN E 658 -36.81 -24.34 21.70
C ASN E 658 -37.43 -22.95 21.76
N ASN E 659 -37.47 -22.33 22.93
CA ASN E 659 -38.04 -20.99 23.05
C ASN E 659 -37.14 -19.96 22.40
N SER E 660 -37.71 -18.81 22.09
CA SER E 660 -37.00 -17.72 21.44
C SER E 660 -36.95 -16.52 22.38
N TYR E 661 -35.79 -15.89 22.46
CA TYR E 661 -35.59 -14.71 23.29
C TYR E 661 -34.74 -13.71 22.52
N GLU E 662 -34.49 -12.56 23.13
CA GLU E 662 -33.59 -11.58 22.55
C GLU E 662 -32.14 -12.02 22.72
N CYS E 663 -31.27 -11.45 21.91
CA CYS E 663 -29.88 -11.85 21.90
C CYS E 663 -29.11 -11.15 23.01
N ASP E 664 -28.38 -11.93 23.81
CA ASP E 664 -27.50 -11.41 24.83
C ASP E 664 -26.04 -11.60 24.49
N ILE E 665 -25.64 -12.82 24.14
CA ILE E 665 -24.28 -13.08 23.71
C ILE E 665 -24.32 -13.76 22.35
N PRO E 666 -23.91 -13.08 21.28
CA PRO E 666 -23.98 -13.69 19.95
C PRO E 666 -23.04 -14.87 19.81
N ILE E 667 -23.46 -15.83 19.01
CA ILE E 667 -22.69 -17.02 18.71
C ILE E 667 -22.52 -17.16 17.20
N GLY E 668 -23.46 -16.62 16.45
CA GLY E 668 -23.44 -16.68 15.01
C GLY E 668 -24.52 -17.61 14.46
N ALA E 669 -24.80 -17.44 13.18
CA ALA E 669 -25.81 -18.21 12.50
C ALA E 669 -27.17 -18.10 13.18
N GLY E 670 -27.50 -16.91 13.65
CA GLY E 670 -28.78 -16.69 14.30
C GLY E 670 -28.95 -17.45 15.59
N ILE E 671 -27.91 -17.60 16.37
CA ILE E 671 -27.94 -18.30 17.63
C ILE E 671 -27.28 -17.44 18.68
N CYS E 672 -27.93 -17.29 19.83
CA CYS E 672 -27.40 -16.50 20.92
C CYS E 672 -27.50 -17.28 22.22
N ALA E 673 -26.66 -16.93 23.18
CA ALA E 673 -26.65 -17.56 24.49
C ALA E 673 -26.89 -16.53 25.57
N SER E 674 -27.57 -16.95 26.63
CA SER E 674 -27.89 -16.06 27.74
C SER E 674 -27.98 -16.87 29.02
N TYR E 675 -27.91 -16.16 30.14
CA TYR E 675 -28.00 -16.77 31.47
C TYR E 675 -29.42 -16.58 32.00
N GLN E 676 -30.16 -17.67 32.08
CA GLN E 676 -31.54 -17.61 32.55
C GLN E 676 -31.59 -17.39 34.06
N GLN E 691 -30.06 -19.58 35.90
CA GLN E 691 -29.28 -20.49 36.74
C GLN E 691 -28.24 -21.21 35.91
N SER E 692 -28.57 -21.52 34.66
CA SER E 692 -27.66 -22.20 33.75
C SER E 692 -27.66 -21.50 32.40
N ILE E 693 -26.55 -21.64 31.68
CA ILE E 693 -26.43 -21.01 30.37
C ILE E 693 -27.29 -21.77 29.36
N ILE E 694 -28.08 -21.04 28.59
CA ILE E 694 -28.99 -21.62 27.61
C ILE E 694 -28.71 -21.01 26.26
N ALA E 695 -28.78 -21.84 25.22
CA ALA E 695 -28.62 -21.41 23.84
C ALA E 695 -29.95 -21.54 23.10
N TYR E 696 -30.23 -20.60 22.23
CA TYR E 696 -31.50 -20.56 21.52
C TYR E 696 -31.31 -19.87 20.19
N THR E 697 -32.40 -19.59 19.50
CA THR E 697 -32.34 -18.93 18.20
C THR E 697 -32.77 -17.48 18.35
N MET E 698 -32.27 -16.64 17.45
CA MET E 698 -32.59 -15.23 17.47
C MET E 698 -34.07 -14.98 17.27
N SER E 699 -34.62 -14.05 18.02
CA SER E 699 -35.99 -13.60 17.85
C SER E 699 -35.98 -12.24 17.18
N LEU E 700 -36.51 -12.19 15.95
CA LEU E 700 -36.51 -10.94 15.20
C LEU E 700 -37.35 -9.89 15.89
N GLY E 701 -38.50 -10.28 16.43
CA GLY E 701 -39.35 -9.33 17.13
C GLY E 701 -40.74 -9.92 17.34
N ALA E 702 -41.61 -9.08 17.88
CA ALA E 702 -42.98 -9.51 18.12
C ALA E 702 -43.76 -9.58 16.81
N GLU E 703 -44.41 -10.70 16.58
CA GLU E 703 -45.19 -10.86 15.37
C GLU E 703 -46.41 -9.95 15.39
N ASN E 704 -46.70 -9.33 14.26
CA ASN E 704 -47.83 -8.43 14.14
C ASN E 704 -48.43 -8.54 12.75
N SER E 705 -49.71 -8.20 12.65
CA SER E 705 -50.40 -8.21 11.37
C SER E 705 -51.41 -7.09 11.34
N VAL E 706 -51.44 -6.35 10.24
CA VAL E 706 -52.37 -5.24 10.05
C VAL E 706 -53.29 -5.57 8.90
N ALA E 707 -54.60 -5.49 9.15
CA ALA E 707 -55.59 -5.82 8.12
C ALA E 707 -55.66 -4.70 7.09
N TYR E 708 -55.12 -4.95 5.90
CA TYR E 708 -55.17 -3.99 4.81
C TYR E 708 -56.58 -3.99 4.23
N SER E 709 -57.30 -2.90 4.43
CA SER E 709 -58.66 -2.75 3.94
C SER E 709 -58.73 -1.55 3.00
N ASN E 710 -59.44 -1.74 1.90
CA ASN E 710 -59.57 -0.72 0.87
C ASN E 710 -60.75 0.22 1.09
N ASN E 711 -61.45 0.09 2.20
CA ASN E 711 -62.42 1.09 2.59
C ASN E 711 -62.34 1.34 4.08
N SER E 712 -61.13 1.42 4.63
CA SER E 712 -60.95 1.63 6.06
C SER E 712 -59.71 2.48 6.31
N ILE E 713 -59.60 3.02 7.53
CA ILE E 713 -58.46 3.85 7.91
C ILE E 713 -58.31 3.88 9.43
N ALA E 714 -57.19 4.41 9.94
CA ALA E 714 -56.98 4.48 11.40
C ALA E 714 -56.39 5.82 11.82
N ILE E 715 -57.22 6.85 11.88
CA ILE E 715 -56.74 8.16 12.34
C ILE E 715 -56.42 8.12 13.82
N PRO E 716 -55.25 8.55 14.25
CA PRO E 716 -54.91 8.59 15.67
C PRO E 716 -55.74 9.59 16.45
N THR E 717 -56.07 9.25 17.70
CA THR E 717 -56.90 10.14 18.51
C THR E 717 -56.08 10.90 19.54
N ASN E 718 -55.20 10.23 20.27
CA ASN E 718 -54.37 10.86 21.29
C ASN E 718 -52.92 10.83 20.81
N PHE E 719 -52.01 11.31 21.62
CA PHE E 719 -50.60 11.33 21.24
C PHE E 719 -49.75 11.14 22.48
N THR E 720 -48.43 11.23 22.30
CA THR E 720 -47.52 11.04 23.44
C THR E 720 -46.21 11.72 23.13
N ILE E 721 -45.85 12.72 23.93
CA ILE E 721 -44.58 13.42 23.79
C ILE E 721 -43.48 12.56 24.40
N SER E 722 -42.63 12.00 23.56
CA SER E 722 -41.57 11.12 24.01
C SER E 722 -40.21 11.77 23.80
N VAL E 723 -39.35 11.68 24.80
CA VAL E 723 -38.01 12.26 24.74
C VAL E 723 -37.01 11.12 24.70
N THR E 724 -36.17 11.10 23.68
CA THR E 724 -35.14 10.09 23.51
C THR E 724 -33.76 10.71 23.70
N THR E 725 -32.74 9.89 23.62
CA THR E 725 -31.37 10.32 23.81
C THR E 725 -30.48 9.74 22.73
N GLU E 726 -29.60 10.56 22.19
CA GLU E 726 -28.60 10.15 21.21
C GLU E 726 -27.24 10.63 21.67
N ILE E 727 -26.26 9.74 21.70
CA ILE E 727 -24.92 10.03 22.20
C ILE E 727 -23.93 9.84 21.07
N LEU E 728 -23.12 10.85 20.80
CA LEU E 728 -22.16 10.81 19.71
C LEU E 728 -20.81 11.32 20.21
N PRO E 729 -19.74 10.57 20.06
CA PRO E 729 -18.42 11.09 20.39
C PRO E 729 -18.02 12.23 19.47
N VAL E 730 -17.24 13.16 20.01
CA VAL E 730 -16.80 14.35 19.29
C VAL E 730 -15.30 14.39 19.11
N SER E 731 -14.55 14.26 20.19
CA SER E 731 -13.11 14.35 20.13
C SER E 731 -12.47 13.23 20.94
N MET E 732 -11.24 12.91 20.60
CA MET E 732 -10.47 11.88 21.29
C MET E 732 -9.30 12.52 22.02
N THR E 733 -8.55 11.69 22.73
CA THR E 733 -7.41 12.17 23.49
C THR E 733 -6.27 12.55 22.56
N LYS E 734 -5.70 13.73 22.77
CA LYS E 734 -4.57 14.21 21.98
C LYS E 734 -3.28 13.69 22.61
N THR E 735 -2.60 12.79 21.91
CA THR E 735 -1.40 12.14 22.41
C THR E 735 -0.21 12.49 21.52
N SER E 736 0.89 12.88 22.15
CA SER E 736 2.14 13.15 21.45
C SER E 736 3.27 12.41 22.13
N VAL E 737 4.11 11.76 21.34
CA VAL E 737 5.20 10.94 21.86
C VAL E 737 6.50 11.40 21.25
N ASP E 738 7.51 11.57 22.08
CA ASP E 738 8.85 11.89 21.61
C ASP E 738 9.50 10.62 21.08
N CYS E 739 9.82 10.63 19.79
CA CYS E 739 10.35 9.44 19.14
C CYS E 739 11.69 9.01 19.74
N THR E 740 12.58 9.97 19.94
CA THR E 740 13.92 9.64 20.40
C THR E 740 13.91 8.99 21.78
N MET E 741 13.12 9.52 22.69
CA MET E 741 13.09 8.98 24.05
C MET E 741 12.49 7.58 24.06
N TYR E 742 11.45 7.35 23.27
CA TYR E 742 10.80 6.04 23.27
C TYR E 742 11.74 4.95 22.79
N ILE E 743 12.50 5.22 21.73
CA ILE E 743 13.34 4.17 21.15
C ILE E 743 14.61 3.98 21.96
N CYS E 744 15.33 5.06 22.23
CA CYS E 744 16.59 5.00 22.94
C CYS E 744 16.38 5.45 24.38
N GLY E 745 16.73 4.59 25.32
CA GLY E 745 16.62 4.92 26.72
C GLY E 745 17.82 5.67 27.26
N ASP E 746 17.91 6.96 26.94
CA ASP E 746 19.02 7.81 27.35
C ASP E 746 20.36 7.28 26.85
N SER E 747 20.36 6.67 25.67
CA SER E 747 21.57 6.13 25.06
C SER E 747 22.05 7.10 24.00
N THR E 748 23.22 7.69 24.22
CA THR E 748 23.77 8.64 23.26
C THR E 748 24.11 7.97 21.94
N GLU E 749 24.64 6.75 22.00
CA GLU E 749 25.02 6.04 20.78
C GLU E 749 23.79 5.71 19.93
N CYS E 750 22.69 5.35 20.58
CA CYS E 750 21.46 5.04 19.87
C CYS E 750 20.95 6.25 19.08
N SER E 751 21.22 7.45 19.58
CA SER E 751 20.81 8.66 18.86
C SER E 751 21.37 8.62 17.45
N ASN E 752 22.64 8.26 17.31
CA ASN E 752 23.30 8.23 16.01
C ASN E 752 22.57 7.25 15.09
N LEU E 753 22.31 6.05 15.58
CA LEU E 753 21.70 5.01 14.75
C LEU E 753 20.32 5.45 14.27
N LEU E 754 19.49 5.95 15.18
CA LEU E 754 18.13 6.33 14.82
C LEU E 754 18.20 7.44 13.79
N LEU E 755 19.16 8.34 13.95
CA LEU E 755 19.34 9.44 13.01
C LEU E 755 19.64 8.87 11.62
N GLN E 756 20.50 7.86 11.58
CA GLN E 756 20.87 7.26 10.30
C GLN E 756 19.66 6.60 9.64
N TYR E 757 18.74 6.06 10.44
CA TYR E 757 17.59 5.34 9.91
C TYR E 757 16.80 6.20 8.93
N GLY E 758 16.70 7.50 9.21
CA GLY E 758 16.00 8.36 8.29
C GLY E 758 15.10 9.38 8.96
N SER E 759 14.06 9.81 8.27
CA SER E 759 13.17 10.85 8.76
C SER E 759 11.85 10.31 9.27
N PHE E 760 11.82 9.03 9.66
CA PHE E 760 10.60 8.48 10.24
C PHE E 760 10.25 9.17 11.54
N CYS E 761 11.24 9.67 12.27
CA CYS E 761 10.97 10.39 13.50
C CYS E 761 10.16 11.65 13.24
N THR E 762 10.52 12.40 12.21
CA THR E 762 9.76 13.59 11.87
C THR E 762 8.42 13.23 11.25
N GLN E 763 8.35 12.14 10.50
CA GLN E 763 7.10 11.73 9.89
C GLN E 763 6.05 11.38 10.94
N LEU E 764 6.45 10.66 11.98
CA LEU E 764 5.49 10.27 13.00
C LEU E 764 5.05 11.45 13.84
N LYS E 765 5.98 12.31 14.21
CA LYS E 765 5.62 13.49 14.99
C LYS E 765 4.70 14.39 14.22
N ARG E 766 4.97 14.58 12.93
CA ARG E 766 4.09 15.41 12.12
C ARG E 766 2.71 14.76 11.98
N ALA E 767 2.66 13.45 11.82
CA ALA E 767 1.38 12.77 11.69
C ALA E 767 0.56 12.90 12.96
N LEU E 768 1.18 12.75 14.12
CA LEU E 768 0.45 12.89 15.37
C LEU E 768 0.04 14.34 15.60
N THR E 769 0.84 15.29 15.14
CA THR E 769 0.50 16.69 15.30
C THR E 769 -0.77 17.03 14.54
N GLY E 770 -0.93 16.49 13.34
CA GLY E 770 -2.16 16.73 12.60
C GLY E 770 -3.38 16.17 13.30
N ILE E 771 -3.22 15.02 13.95
CA ILE E 771 -4.33 14.46 14.71
C ILE E 771 -4.70 15.36 15.87
N ALA E 772 -3.70 15.85 16.59
CA ALA E 772 -3.96 16.69 17.75
C ALA E 772 -4.66 17.98 17.36
N VAL E 773 -4.23 18.61 16.28
CA VAL E 773 -4.87 19.84 15.84
C VAL E 773 -6.29 19.57 15.36
N GLU E 774 -6.49 18.44 14.70
CA GLU E 774 -7.81 18.11 14.17
C GLU E 774 -8.82 17.94 15.30
N GLN E 775 -8.41 17.37 16.42
CA GLN E 775 -9.34 17.12 17.51
C GLN E 775 -9.91 18.42 18.05
N ASP E 776 -9.08 19.45 18.18
CA ASP E 776 -9.59 20.73 18.62
C ASP E 776 -10.52 21.35 17.58
N LYS E 777 -10.27 21.10 16.31
CA LYS E 777 -11.17 21.59 15.27
C LYS E 777 -12.52 20.91 15.33
N ASN E 778 -12.57 19.64 15.70
CA ASN E 778 -13.84 18.93 15.79
C ASN E 778 -14.74 19.55 16.84
N THR E 779 -14.18 19.93 17.98
CA THR E 779 -14.98 20.55 19.02
C THR E 779 -15.53 21.90 18.60
N GLN E 780 -14.82 22.61 17.73
CA GLN E 780 -15.27 23.91 17.25
C GLN E 780 -16.29 23.81 16.13
N GLU E 781 -16.58 22.62 15.64
CA GLU E 781 -17.61 22.41 14.64
C GLU E 781 -18.93 21.98 15.27
N VAL E 782 -18.90 21.03 16.21
CA VAL E 782 -20.11 20.66 16.92
C VAL E 782 -20.62 21.81 17.74
N PHE E 783 -19.74 22.46 18.48
CA PHE E 783 -20.07 23.65 19.25
C PHE E 783 -19.56 24.87 18.50
N ALA E 784 -19.68 26.03 19.12
CA ALA E 784 -19.25 27.29 18.55
C ALA E 784 -19.93 27.60 17.24
N GLN E 785 -21.07 26.96 16.95
CA GLN E 785 -21.81 27.30 15.75
C GLN E 785 -22.42 28.69 15.85
N VAL E 786 -22.88 29.06 17.04
CA VAL E 786 -23.42 30.39 17.27
C VAL E 786 -22.28 31.37 17.49
N LYS E 787 -22.52 32.63 17.14
CA LYS E 787 -21.52 33.68 17.27
C LYS E 787 -21.66 34.49 18.55
N GLN E 788 -22.88 34.74 18.99
CA GLN E 788 -23.12 35.53 20.19
C GLN E 788 -23.73 34.64 21.26
N ILE E 789 -23.13 34.64 22.44
CA ILE E 789 -23.65 33.86 23.55
C ILE E 789 -24.87 34.56 24.14
N TYR E 790 -25.95 33.83 24.32
CA TYR E 790 -27.20 34.38 24.82
C TYR E 790 -27.37 34.03 26.29
N LYS E 791 -27.63 35.06 27.09
CA LYS E 791 -27.80 34.86 28.52
C LYS E 791 -29.13 34.18 28.82
N THR E 792 -29.13 33.32 29.83
CA THR E 792 -30.36 32.67 30.25
C THR E 792 -31.31 33.69 30.87
N PRO E 793 -32.60 33.62 30.56
CA PRO E 793 -33.57 34.54 31.14
C PRO E 793 -33.61 34.44 32.65
N PRO E 794 -33.81 35.54 33.35
CA PRO E 794 -33.87 35.50 34.81
C PRO E 794 -35.05 34.70 35.34
N ILE E 795 -36.24 35.02 34.86
CA ILE E 795 -37.46 34.32 35.29
C ILE E 795 -37.68 33.16 34.32
N LYS E 796 -37.57 31.94 34.83
CA LYS E 796 -37.66 30.75 34.00
C LYS E 796 -39.08 30.19 34.03
N TYR E 797 -39.97 30.89 33.34
CA TYR E 797 -41.35 30.47 33.16
C TYR E 797 -41.71 30.57 31.69
N PHE E 798 -41.97 29.42 31.05
CA PHE E 798 -42.29 29.36 29.64
C PHE E 798 -43.56 28.53 29.46
N GLY E 799 -44.71 29.17 29.61
CA GLY E 799 -45.99 28.53 29.38
C GLY E 799 -46.23 27.29 30.22
N GLY E 800 -45.63 27.22 31.39
CA GLY E 800 -45.73 26.06 32.23
C GLY E 800 -44.70 24.98 31.98
N PHE E 801 -43.90 25.12 30.94
CA PHE E 801 -42.84 24.15 30.68
C PHE E 801 -41.73 24.28 31.69
N ASN E 802 -41.14 23.16 32.08
CA ASN E 802 -40.06 23.12 33.06
C ASN E 802 -38.75 22.83 32.35
N PHE E 803 -37.73 23.64 32.63
CA PHE E 803 -36.43 23.49 31.99
C PHE E 803 -35.27 23.49 32.96
N SER E 804 -35.52 23.47 34.26
CA SER E 804 -34.42 23.48 35.22
C SER E 804 -33.58 22.23 35.14
N GLN E 805 -34.12 21.15 34.61
CA GLN E 805 -33.34 19.94 34.47
C GLN E 805 -32.23 20.10 33.44
N ILE E 806 -32.51 20.82 32.36
CA ILE E 806 -31.52 20.99 31.30
C ILE E 806 -30.83 22.34 31.32
N LEU E 807 -31.43 23.35 31.88
CA LEU E 807 -30.78 24.65 31.95
C LEU E 807 -29.71 24.64 33.05
N PRO E 808 -28.61 25.35 32.86
CA PRO E 808 -27.59 25.44 33.90
C PRO E 808 -28.13 26.13 35.14
N ASP E 809 -27.66 25.69 36.29
CA ASP E 809 -28.05 26.27 37.56
C ASP E 809 -26.87 26.96 38.21
N PRO E 810 -27.07 28.17 38.75
CA PRO E 810 -25.95 28.88 39.38
C PRO E 810 -25.51 28.30 40.71
N SER E 811 -26.24 27.36 41.27
CA SER E 811 -25.89 26.81 42.56
C SER E 811 -24.56 26.07 42.50
N LYS E 812 -24.39 25.20 41.53
CA LYS E 812 -23.15 24.44 41.41
C LYS E 812 -22.03 25.33 40.87
N PRO E 813 -20.81 25.21 41.42
CA PRO E 813 -19.72 26.05 40.92
C PRO E 813 -19.39 25.84 39.46
N SER E 814 -19.55 24.62 38.95
CA SER E 814 -19.21 24.32 37.57
C SER E 814 -20.18 24.92 36.58
N LYS E 815 -21.32 25.45 37.05
CA LYS E 815 -22.33 26.03 36.17
C LYS E 815 -22.77 25.03 35.11
N ARG E 816 -22.97 23.78 35.53
CA ARG E 816 -23.38 22.71 34.65
C ARG E 816 -24.79 22.26 35.01
N SER E 817 -25.58 21.92 34.00
CA SER E 817 -26.94 21.47 34.23
C SER E 817 -26.95 20.15 35.00
N PRO E 818 -28.01 19.88 35.75
CA PRO E 818 -28.04 18.62 36.52
C PRO E 818 -27.89 17.39 35.66
N ILE E 819 -28.43 17.41 34.44
CA ILE E 819 -28.22 16.29 33.53
C ILE E 819 -26.76 16.21 33.11
N GLU E 820 -26.13 17.35 32.91
CA GLU E 820 -24.71 17.36 32.55
C GLU E 820 -23.85 16.79 33.66
N ASP E 821 -24.18 17.10 34.91
CA ASP E 821 -23.40 16.60 36.04
C ASP E 821 -23.48 15.09 36.11
N LEU E 822 -24.65 14.52 35.88
CA LEU E 822 -24.77 13.07 35.89
C LEU E 822 -23.93 12.45 34.78
N LEU E 823 -23.95 13.04 33.60
CA LEU E 823 -23.12 12.56 32.50
C LEU E 823 -21.65 12.70 32.84
N PHE E 824 -21.25 13.81 33.43
CA PHE E 824 -19.85 14.02 33.78
C PHE E 824 -19.39 13.01 34.82
N ASN E 825 -20.23 12.72 35.80
CA ASN E 825 -19.81 11.86 36.90
C ASN E 825 -19.66 10.41 36.45
N LYS E 826 -20.64 9.90 35.72
CA LYS E 826 -20.65 8.48 35.40
C LYS E 826 -19.67 8.09 34.31
N VAL E 827 -19.24 9.03 33.47
CA VAL E 827 -18.30 8.69 32.42
C VAL E 827 -16.93 8.39 33.00
N THR E 828 -16.47 9.22 33.93
CA THR E 828 -15.14 9.08 34.54
C THR E 828 -14.04 9.05 33.49
N CYS E 852 0.01 9.45 33.53
CA CYS E 852 0.43 8.55 34.60
C CYS E 852 1.94 8.37 34.60
N ALA E 853 2.39 7.11 34.60
CA ALA E 853 3.81 6.78 34.59
C ALA E 853 4.39 6.70 33.20
N GLN E 854 3.59 6.89 32.16
CA GLN E 854 4.08 6.83 30.79
C GLN E 854 4.92 8.05 30.41
N LYS E 855 4.94 9.09 31.27
CA LYS E 855 5.75 10.26 30.98
C LYS E 855 7.22 9.93 30.94
N PHE E 856 7.64 8.83 31.55
CA PHE E 856 9.04 8.45 31.53
C PHE E 856 9.50 8.15 30.10
N LYS E 857 8.66 7.46 29.34
CA LYS E 857 9.04 6.95 28.03
C LYS E 857 8.70 7.89 26.90
N GLY E 858 8.20 9.08 27.19
CA GLY E 858 7.89 10.06 26.18
C GLY E 858 6.43 10.23 25.85
N LEU E 859 5.58 9.34 26.32
CA LEU E 859 4.15 9.46 26.07
C LEU E 859 3.60 10.66 26.83
N THR E 860 2.85 11.52 26.14
CA THR E 860 2.28 12.71 26.75
C THR E 860 0.86 12.91 26.27
N VAL E 861 0.07 13.63 27.05
CA VAL E 861 -1.31 13.94 26.72
C VAL E 861 -1.47 15.44 26.66
N LEU E 862 -1.97 15.94 25.54
CA LEU E 862 -2.17 17.38 25.36
C LEU E 862 -3.57 17.78 25.83
N PRO E 863 -3.68 18.73 26.73
CA PRO E 863 -5.00 19.14 27.20
C PRO E 863 -5.79 19.79 26.09
N PRO E 864 -7.11 19.65 26.09
CA PRO E 864 -7.92 20.27 25.05
C PRO E 864 -7.88 21.78 25.12
N LEU E 865 -8.03 22.40 23.95
CA LEU E 865 -8.06 23.86 23.88
C LEU E 865 -9.26 24.41 24.61
N LEU E 866 -10.42 23.78 24.47
CA LEU E 866 -11.64 24.22 25.13
C LEU E 866 -11.88 23.36 26.35
N THR E 867 -11.93 23.97 27.52
CA THR E 867 -12.17 23.23 28.75
C THR E 867 -13.62 22.80 28.83
N ASP E 868 -13.91 21.95 29.81
CA ASP E 868 -15.27 21.47 30.00
C ASP E 868 -16.23 22.61 30.34
N GLU E 869 -15.80 23.53 31.19
CA GLU E 869 -16.65 24.67 31.51
C GLU E 869 -16.91 25.52 30.28
N MET E 870 -15.88 25.75 29.47
CA MET E 870 -16.06 26.53 28.26
C MET E 870 -17.01 25.85 27.30
N ILE E 871 -16.91 24.54 27.15
CA ILE E 871 -17.84 23.81 26.30
C ILE E 871 -19.24 23.89 26.87
N ALA E 872 -19.37 23.74 28.17
CA ALA E 872 -20.68 23.82 28.80
C ALA E 872 -21.29 25.21 28.64
N GLN E 873 -20.46 26.24 28.61
CA GLN E 873 -20.99 27.57 28.37
C GLN E 873 -21.56 27.70 26.96
N TYR E 874 -20.94 27.04 26.00
CA TYR E 874 -21.44 27.09 24.63
C TYR E 874 -22.83 26.47 24.53
N THR E 875 -23.05 25.34 25.19
CA THR E 875 -24.35 24.71 25.15
C THR E 875 -25.40 25.55 25.87
N SER E 876 -25.01 26.28 26.89
CA SER E 876 -25.95 27.16 27.57
C SER E 876 -26.45 28.24 26.63
N ALA E 877 -25.57 28.81 25.82
CA ALA E 877 -25.99 29.80 24.85
C ALA E 877 -26.94 29.19 23.83
N LEU E 878 -26.64 28.00 23.35
CA LEU E 878 -27.54 27.34 22.41
C LEU E 878 -28.87 27.01 23.06
N LEU E 879 -28.85 26.53 24.30
CA LEU E 879 -30.08 26.23 25.00
C LEU E 879 -30.90 27.49 25.23
N ALA E 880 -30.27 28.57 25.64
CA ALA E 880 -30.99 29.82 25.82
C ALA E 880 -31.47 30.37 24.50
N GLY E 881 -30.68 30.23 23.45
CA GLY E 881 -31.07 30.76 22.17
C GLY E 881 -32.28 30.06 21.58
N THR E 882 -32.40 28.76 21.80
CA THR E 882 -33.48 27.97 21.23
C THR E 882 -34.74 28.01 22.04
N ILE E 883 -34.76 28.69 23.17
CA ILE E 883 -35.94 28.76 24.01
C ILE E 883 -36.60 30.12 23.80
N THR E 884 -35.83 31.18 24.02
CA THR E 884 -36.35 32.52 23.80
C THR E 884 -36.69 32.75 22.35
N SER E 885 -35.85 32.28 21.45
CA SER E 885 -36.07 32.39 20.02
C SER E 885 -36.23 31.01 19.41
N GLY E 886 -37.02 30.94 18.36
CA GLY E 886 -37.25 29.66 17.72
C GLY E 886 -36.73 29.58 16.30
N TRP E 887 -35.68 28.79 16.11
CA TRP E 887 -35.10 28.48 14.80
C TRP E 887 -34.76 29.71 13.98
N THR E 888 -34.71 30.88 14.61
CA THR E 888 -34.30 32.11 13.96
C THR E 888 -32.92 32.56 14.33
N PHE E 889 -32.43 32.20 15.52
CA PHE E 889 -31.10 32.60 15.92
C PHE E 889 -30.01 31.88 15.15
N GLY E 890 -30.34 30.79 14.50
CA GLY E 890 -29.39 30.10 13.66
C GLY E 890 -29.32 30.55 12.23
N ALA E 891 -30.12 31.56 11.87
CA ALA E 891 -30.13 32.07 10.51
C ALA E 891 -30.18 33.59 10.48
N GLY E 892 -29.59 34.24 11.48
CA GLY E 892 -29.59 35.67 11.56
C GLY E 892 -29.76 36.17 12.97
N PRO E 893 -30.19 37.41 13.13
CA PRO E 893 -30.42 37.94 14.47
C PRO E 893 -31.54 37.19 15.18
N ALA E 894 -31.39 37.04 16.49
CA ALA E 894 -32.41 36.36 17.28
C ALA E 894 -33.67 37.17 17.35
N LEU E 895 -34.81 36.51 17.22
CA LEU E 895 -36.12 37.16 17.28
C LEU E 895 -36.93 36.52 18.40
N GLN E 896 -37.39 37.32 19.35
CA GLN E 896 -38.12 36.79 20.49
C GLN E 896 -39.48 36.25 20.07
N ILE E 897 -39.92 35.20 20.77
CA ILE E 897 -41.20 34.56 20.52
C ILE E 897 -41.63 33.83 21.79
N PRO E 898 -42.86 33.95 22.23
CA PRO E 898 -43.31 33.16 23.38
C PRO E 898 -43.20 31.68 23.09
N PHE E 899 -42.84 30.92 24.13
CA PHE E 899 -42.63 29.47 23.94
C PHE E 899 -43.89 28.75 23.48
N PRO E 900 -45.07 28.99 24.03
CA PRO E 900 -46.26 28.33 23.47
C PRO E 900 -46.48 28.66 22.01
N MET E 901 -46.17 29.87 21.60
CA MET E 901 -46.26 30.21 20.18
C MET E 901 -45.26 29.41 19.37
N GLN E 902 -44.04 29.27 19.87
CA GLN E 902 -43.04 28.45 19.17
C GLN E 902 -43.46 26.99 19.13
N MET E 903 -44.03 26.47 20.21
CA MET E 903 -44.48 25.10 20.22
C MET E 903 -45.59 24.88 19.20
N ALA E 904 -46.50 25.83 19.09
CA ALA E 904 -47.60 25.69 18.14
C ALA E 904 -47.10 25.62 16.72
N TYR E 905 -46.12 26.42 16.38
CA TYR E 905 -45.63 26.41 15.01
C TYR E 905 -44.77 25.20 14.71
N ARG E 906 -44.02 24.70 15.68
CA ARG E 906 -43.34 23.43 15.50
C ARG E 906 -44.33 22.27 15.43
N PHE E 907 -45.47 22.41 16.11
CA PHE E 907 -46.55 21.46 15.92
C PHE E 907 -47.10 21.55 14.50
N ASN E 908 -47.12 22.74 13.93
CA ASN E 908 -47.57 22.90 12.56
C ASN E 908 -46.60 22.30 11.57
N GLY E 909 -45.34 22.11 11.94
CA GLY E 909 -44.39 21.51 11.03
C GLY E 909 -44.71 20.07 10.71
N ILE E 910 -45.22 19.32 11.68
CA ILE E 910 -45.50 17.91 11.50
C ILE E 910 -46.89 17.72 10.93
N GLY E 911 -47.54 18.81 10.55
CA GLY E 911 -48.86 18.73 9.98
C GLY E 911 -50.01 18.70 10.94
N VAL E 912 -49.85 19.26 12.13
CA VAL E 912 -50.89 19.33 13.13
C VAL E 912 -51.23 20.79 13.36
N THR E 913 -52.51 21.13 13.31
CA THR E 913 -52.95 22.52 13.41
C THR E 913 -52.61 23.10 14.77
N GLN E 914 -52.57 24.42 14.84
CA GLN E 914 -52.12 25.11 16.04
C GLN E 914 -53.10 24.91 17.19
N ASN E 915 -54.38 24.77 16.90
CA ASN E 915 -55.37 24.67 17.96
C ASN E 915 -55.17 23.45 18.83
N VAL E 916 -54.52 22.42 18.32
CA VAL E 916 -54.27 21.24 19.13
C VAL E 916 -53.36 21.57 20.30
N LEU E 917 -52.29 22.31 20.05
CA LEU E 917 -51.34 22.64 21.11
C LEU E 917 -51.97 23.55 22.15
N TYR E 918 -52.68 24.58 21.71
CA TYR E 918 -53.24 25.56 22.63
C TYR E 918 -54.32 24.93 23.49
N GLU E 919 -55.16 24.10 22.91
CA GLU E 919 -56.23 23.48 23.68
C GLU E 919 -55.73 22.38 24.60
N ASN E 920 -54.52 21.91 24.43
CA ASN E 920 -53.95 20.88 25.29
C ASN E 920 -52.62 21.32 25.88
N GLN E 921 -52.50 22.61 26.18
CA GLN E 921 -51.24 23.14 26.69
C GLN E 921 -50.86 22.51 28.02
N LYS E 922 -51.82 22.40 28.94
CA LYS E 922 -51.52 21.81 30.25
C LYS E 922 -51.16 20.35 30.13
N LEU E 923 -51.90 19.60 29.33
CA LEU E 923 -51.63 18.17 29.18
C LEU E 923 -50.28 17.94 28.53
N ILE E 924 -49.96 18.71 27.50
CA ILE E 924 -48.68 18.54 26.83
C ILE E 924 -47.53 18.92 27.74
N ALA E 925 -47.67 20.00 28.48
CA ALA E 925 -46.61 20.42 29.39
C ALA E 925 -46.35 19.36 30.45
N ASN E 926 -47.40 18.78 31.01
CA ASN E 926 -47.21 17.74 32.01
C ASN E 926 -46.54 16.52 31.42
N GLN E 927 -46.93 16.11 30.22
CA GLN E 927 -46.29 14.98 29.57
C GLN E 927 -44.83 15.27 29.29
N PHE E 928 -44.53 16.46 28.81
CA PHE E 928 -43.14 16.83 28.54
C PHE E 928 -42.34 16.89 29.83
N ASN E 929 -42.93 17.44 30.89
CA ASN E 929 -42.20 17.58 32.15
C ASN E 929 -41.85 16.22 32.73
N SER E 930 -42.78 15.27 32.69
CA SER E 930 -42.51 13.95 33.23
C SER E 930 -41.50 13.19 32.38
N ALA E 931 -41.51 13.41 31.07
CA ALA E 931 -40.57 12.74 30.19
C ALA E 931 -39.15 13.17 30.48
N ILE E 932 -38.94 14.45 30.76
CA ILE E 932 -37.61 14.94 31.08
C ILE E 932 -37.10 14.31 32.37
N GLY E 933 -37.98 14.16 33.35
CA GLY E 933 -37.57 13.59 34.62
C GLY E 933 -37.08 12.16 34.50
N LYS E 934 -37.73 11.37 33.65
CA LYS E 934 -37.31 9.98 33.48
C LYS E 934 -35.95 9.87 32.83
N ILE E 935 -35.49 10.90 32.13
CA ILE E 935 -34.20 10.84 31.46
C ILE E 935 -33.08 10.70 32.48
N GLN E 936 -33.14 11.45 33.56
CA GLN E 936 -32.05 11.45 34.53
C GLN E 936 -31.88 10.07 35.16
N ASP E 937 -32.97 9.47 35.61
CA ASP E 937 -32.87 8.17 36.25
C ASP E 937 -32.53 7.07 35.26
N SER E 938 -33.00 7.19 34.02
CA SER E 938 -32.67 6.19 33.01
C SER E 938 -31.17 6.19 32.73
N LEU E 939 -30.57 7.37 32.62
CA LEU E 939 -29.13 7.43 32.40
C LEU E 939 -28.37 7.09 33.67
N SER E 940 -28.92 7.41 34.83
CA SER E 940 -28.26 7.11 36.10
C SER E 940 -28.13 5.62 36.33
N SER E 941 -29.05 4.82 35.80
CA SER E 941 -28.94 3.37 35.96
C SER E 941 -27.70 2.82 35.26
N THR E 942 -27.19 3.52 34.26
CA THR E 942 -26.02 3.14 33.48
C THR E 942 -26.08 1.69 33.00
N PRO E 943 -27.03 1.35 32.12
CA PRO E 943 -27.05 0.02 31.50
C PRO E 943 -26.22 0.00 30.22
N SER E 944 -24.95 0.39 30.35
CA SER E 944 -24.05 0.58 29.21
C SER E 944 -24.60 1.61 28.22
N ALA E 945 -25.33 2.60 28.74
CA ALA E 945 -25.88 3.65 27.89
C ALA E 945 -24.79 4.59 27.39
N LEU E 946 -23.88 5.00 28.27
CA LEU E 946 -22.78 5.88 27.92
C LEU E 946 -21.58 5.12 27.40
N GLY E 947 -21.78 3.89 26.93
CA GLY E 947 -20.65 3.10 26.46
C GLY E 947 -20.02 3.63 25.21
N LYS E 948 -20.77 4.37 24.40
CA LYS E 948 -20.21 4.93 23.18
C LYS E 948 -19.08 5.88 23.48
N LEU E 949 -19.24 6.72 24.49
CA LEU E 949 -18.17 7.65 24.85
C LEU E 949 -17.01 6.93 25.53
N GLN E 950 -17.31 5.96 26.38
CA GLN E 950 -16.26 5.30 27.14
C GLN E 950 -15.37 4.44 26.26
N ASP E 951 -15.91 3.89 25.18
CA ASP E 951 -15.10 3.07 24.29
C ASP E 951 -13.99 3.90 23.64
N VAL E 952 -14.22 5.18 23.41
CA VAL E 952 -13.18 6.04 22.88
C VAL E 952 -12.03 6.15 23.87
N VAL E 953 -12.35 6.36 25.14
CA VAL E 953 -11.31 6.46 26.16
C VAL E 953 -10.62 5.12 26.36
N ASN E 954 -11.38 4.03 26.36
CA ASN E 954 -10.79 2.71 26.58
C ASN E 954 -9.81 2.36 25.48
N HIS E 955 -10.15 2.64 24.24
CA HIS E 955 -9.25 2.34 23.14
C HIS E 955 -7.98 3.16 23.21
N ASN E 956 -8.10 4.44 23.58
CA ASN E 956 -6.92 5.27 23.69
C ASN E 956 -5.99 4.77 24.78
N ALA E 957 -6.52 4.36 25.91
CA ALA E 957 -5.69 3.79 26.96
C ALA E 957 -5.11 2.44 26.55
N GLN E 958 -5.86 1.65 25.81
CA GLN E 958 -5.37 0.36 25.36
C GLN E 958 -4.17 0.52 24.44
N ALA E 959 -4.24 1.46 23.52
CA ALA E 959 -3.12 1.67 22.61
C ALA E 959 -1.87 2.14 23.33
N LEU E 960 -2.03 3.05 24.29
CA LEU E 960 -0.87 3.52 25.05
C LEU E 960 -0.30 2.39 25.89
N ASN E 961 -1.14 1.58 26.49
CA ASN E 961 -0.67 0.49 27.34
C ASN E 961 0.13 -0.51 26.54
N THR E 962 -0.34 -0.86 25.35
CA THR E 962 0.38 -1.83 24.55
C THR E 962 1.66 -1.25 23.97
N LEU E 963 1.79 0.06 23.90
CA LEU E 963 3.04 0.65 23.45
C LEU E 963 4.13 0.49 24.49
N VAL E 964 3.80 0.71 25.75
CA VAL E 964 4.78 0.55 26.82
C VAL E 964 5.15 -0.91 26.99
N LYS E 965 4.18 -1.81 26.92
CA LYS E 965 4.46 -3.22 27.11
C LYS E 965 5.34 -3.76 25.99
N GLN E 966 5.26 -3.18 24.80
CA GLN E 966 6.09 -3.64 23.70
C GLN E 966 7.56 -3.33 23.92
N LEU E 967 7.89 -2.40 24.81
CA LEU E 967 9.28 -2.06 25.05
C LEU E 967 10.05 -3.18 25.70
N SER E 968 9.37 -4.07 26.41
CA SER E 968 10.05 -5.20 27.04
C SER E 968 10.38 -6.33 26.08
N SER E 969 9.81 -6.31 24.88
CA SER E 969 10.09 -7.36 23.91
C SER E 969 11.52 -7.26 23.40
N LYS E 970 12.19 -8.40 23.29
CA LYS E 970 13.56 -8.44 22.81
C LYS E 970 13.68 -8.34 21.30
N PHE E 971 12.59 -8.61 20.57
CA PHE E 971 12.59 -8.51 19.11
C PHE E 971 13.66 -9.38 18.49
N GLY E 972 13.95 -10.51 19.11
CA GLY E 972 14.95 -11.44 18.62
C GLY E 972 16.35 -11.18 19.11
N ALA E 973 16.62 -10.03 19.71
CA ALA E 973 17.93 -9.74 20.24
C ALA E 973 18.18 -10.49 21.53
N ILE E 974 19.45 -10.55 21.93
CA ILE E 974 19.80 -11.28 23.14
C ILE E 974 19.32 -10.57 24.39
N SER E 975 18.99 -9.28 24.30
CA SER E 975 18.50 -8.55 25.46
C SER E 975 17.61 -7.42 24.97
N SER E 976 16.74 -6.96 25.86
CA SER E 976 15.82 -5.86 25.56
C SER E 976 16.29 -4.55 26.17
N VAL E 977 17.50 -4.50 26.71
CA VAL E 977 18.03 -3.30 27.32
C VAL E 977 19.19 -2.79 26.47
N LEU E 978 19.12 -1.51 26.10
CA LEU E 978 20.16 -0.94 25.27
C LEU E 978 21.49 -0.85 26.01
N ASN E 979 21.46 -0.53 27.28
CA ASN E 979 22.71 -0.44 28.03
C ASN E 979 23.35 -1.82 28.22
N ASP E 980 22.53 -2.84 28.41
CA ASP E 980 23.06 -4.18 28.62
C ASP E 980 23.81 -4.69 27.40
N ILE E 981 23.27 -4.47 26.21
CA ILE E 981 23.92 -4.95 25.00
C ILE E 981 25.15 -4.10 24.69
N PHE E 982 25.17 -2.86 25.14
CA PHE E 982 26.30 -2.00 24.84
C PHE E 982 27.53 -2.37 25.66
N SER E 983 27.34 -2.66 26.94
CA SER E 983 28.47 -2.95 27.81
C SER E 983 29.09 -4.30 27.48
N ARG E 984 28.29 -5.31 27.19
CA ARG E 984 28.81 -6.66 27.01
C ARG E 984 29.27 -6.88 25.57
N LEU E 985 28.44 -6.57 24.59
CA LEU E 985 28.79 -6.83 23.21
C LEU E 985 29.71 -5.74 22.67
N ASP E 986 30.61 -6.15 21.79
CA ASP E 986 31.54 -5.22 21.16
C ASP E 986 30.82 -4.37 20.10
N PRO E 987 31.31 -3.17 19.85
CA PRO E 987 30.68 -2.28 18.85
C PRO E 987 30.56 -2.92 17.48
N PRO E 988 31.54 -3.70 17.02
CA PRO E 988 31.36 -4.35 15.70
C PRO E 988 30.15 -5.26 15.63
N GLU E 989 29.81 -5.95 16.71
CA GLU E 989 28.65 -6.83 16.72
C GLU E 989 27.44 -6.23 17.43
N ALA E 990 27.62 -5.12 18.14
CA ALA E 990 26.48 -4.49 18.79
C ALA E 990 25.49 -3.92 17.79
N GLU E 991 25.96 -3.51 16.62
CA GLU E 991 25.09 -2.94 15.61
C GLU E 991 24.06 -3.95 15.15
N VAL E 992 24.45 -5.20 15.02
CA VAL E 992 23.52 -6.24 14.58
C VAL E 992 22.40 -6.40 15.58
N GLN E 993 22.72 -6.43 16.87
CA GLN E 993 21.70 -6.64 17.89
C GLN E 993 20.77 -5.43 18.00
N ILE E 994 21.32 -4.22 18.04
CA ILE E 994 20.50 -3.03 18.20
C ILE E 994 19.69 -2.73 16.95
N ASP E 995 20.11 -3.23 15.80
CA ASP E 995 19.33 -3.04 14.59
C ASP E 995 17.97 -3.70 14.72
N ARG E 996 17.93 -4.90 15.29
CA ARG E 996 16.66 -5.57 15.54
C ARG E 996 15.84 -4.80 16.56
N LEU E 997 16.48 -4.27 17.59
CA LEU E 997 15.78 -3.50 18.60
C LEU E 997 15.18 -2.23 18.02
N ILE E 998 15.95 -1.49 17.24
CA ILE E 998 15.48 -0.23 16.67
C ILE E 998 14.37 -0.50 15.66
N THR E 999 14.57 -1.46 14.77
CA THR E 999 13.55 -1.80 13.78
C THR E 999 12.28 -2.21 14.50
N GLY E 1000 12.39 -3.13 15.45
CA GLY E 1000 11.22 -3.62 16.15
C GLY E 1000 10.48 -2.50 16.85
N ARG E 1001 11.19 -1.68 17.62
CA ARG E 1001 10.56 -0.60 18.36
C ARG E 1001 9.93 0.40 17.39
N LEU E 1002 10.65 0.72 16.31
CA LEU E 1002 10.15 1.67 15.34
C LEU E 1002 8.87 1.14 14.71
N GLN E 1003 8.85 -0.14 14.36
CA GLN E 1003 7.65 -0.75 13.80
C GLN E 1003 6.53 -0.66 14.82
N SER E 1004 6.82 -0.92 16.08
CA SER E 1004 5.82 -0.88 17.14
C SER E 1004 5.16 0.49 17.16
N LEU E 1005 5.93 1.53 16.95
CA LEU E 1005 5.38 2.88 16.97
C LEU E 1005 4.59 3.13 15.69
N GLN E 1006 5.06 2.66 14.56
CA GLN E 1006 4.38 2.93 13.30
C GLN E 1006 2.95 2.40 13.32
N THR E 1007 2.74 1.21 13.86
CA THR E 1007 1.39 0.65 13.91
C THR E 1007 0.50 1.48 14.82
N TYR E 1008 1.02 1.97 15.93
CA TYR E 1008 0.23 2.80 16.82
C TYR E 1008 -0.21 4.07 16.13
N VAL E 1009 0.70 4.71 15.40
CA VAL E 1009 0.33 5.91 14.67
C VAL E 1009 -0.68 5.57 13.58
N THR E 1010 -0.47 4.48 12.87
CA THR E 1010 -1.42 4.08 11.83
C THR E 1010 -2.78 3.76 12.43
N GLN E 1011 -2.80 3.06 13.55
CA GLN E 1011 -4.08 2.79 14.20
C GLN E 1011 -4.74 4.06 14.69
N GLN E 1012 -3.96 4.98 15.25
CA GLN E 1012 -4.52 6.24 15.70
C GLN E 1012 -5.09 7.04 14.53
N LEU E 1013 -4.41 7.06 13.41
CA LEU E 1013 -4.93 7.78 12.25
C LEU E 1013 -6.22 7.17 11.76
N ILE E 1014 -6.31 5.85 11.73
CA ILE E 1014 -7.54 5.20 11.31
C ILE E 1014 -8.65 5.47 12.31
N ARG E 1015 -8.36 5.35 13.59
CA ARG E 1015 -9.37 5.57 14.61
C ARG E 1015 -9.86 7.01 14.61
N ALA E 1016 -8.94 7.95 14.45
CA ALA E 1016 -9.34 9.36 14.42
C ALA E 1016 -10.21 9.67 13.22
N ALA E 1017 -10.06 8.93 12.13
CA ALA E 1017 -10.92 9.14 10.98
C ALA E 1017 -12.36 8.82 11.31
N GLU E 1018 -12.59 7.75 12.06
CA GLU E 1018 -13.95 7.42 12.46
C GLU E 1018 -14.56 8.50 13.35
N ILE E 1019 -13.76 9.07 14.24
CA ILE E 1019 -14.25 10.12 15.11
C ILE E 1019 -14.66 11.34 14.29
N ARG E 1020 -13.88 11.68 13.29
CA ARG E 1020 -14.21 12.82 12.44
C ARG E 1020 -15.52 12.60 11.73
N ALA E 1021 -15.78 11.37 11.28
CA ALA E 1021 -17.07 11.08 10.67
C ALA E 1021 -18.20 11.26 11.67
N SER E 1022 -18.00 10.81 12.90
CA SER E 1022 -19.00 11.03 13.93
C SER E 1022 -19.09 12.50 14.31
N ALA E 1023 -17.97 13.20 14.36
CA ALA E 1023 -17.99 14.61 14.68
C ALA E 1023 -18.74 15.40 13.63
N ASN E 1024 -18.53 15.08 12.36
CA ASN E 1024 -19.30 15.73 11.30
C ASN E 1024 -20.76 15.40 11.40
N LEU E 1025 -21.09 14.17 11.77
CA LEU E 1025 -22.48 13.79 11.97
C LEU E 1025 -23.08 14.60 13.11
N ALA E 1026 -22.33 14.80 14.18
CA ALA E 1026 -22.85 15.59 15.28
C ALA E 1026 -23.09 17.03 14.87
N ALA E 1027 -22.26 17.57 14.01
CA ALA E 1027 -22.47 18.92 13.53
C ALA E 1027 -23.78 19.05 12.76
N THR E 1028 -24.08 18.06 11.94
CA THR E 1028 -25.36 18.09 11.21
C THR E 1028 -26.54 18.01 12.15
N LYS E 1029 -26.48 17.16 13.16
CA LYS E 1029 -27.54 17.10 14.15
C LYS E 1029 -27.63 18.41 14.91
N MET E 1030 -26.49 19.04 15.18
CA MET E 1030 -26.50 20.34 15.84
C MET E 1030 -27.20 21.39 14.99
N SER E 1031 -26.95 21.38 13.70
CA SER E 1031 -27.47 22.41 12.82
C SER E 1031 -28.86 22.16 12.31
N GLU E 1032 -29.39 20.96 12.45
CA GLU E 1032 -30.70 20.63 11.93
C GLU E 1032 -31.68 20.22 13.01
N CYS E 1033 -31.27 19.37 13.92
CA CYS E 1033 -32.17 18.91 14.95
C CYS E 1033 -32.41 19.98 16.01
N VAL E 1034 -31.47 20.86 16.25
CA VAL E 1034 -31.59 21.87 17.30
C VAL E 1034 -31.86 23.24 16.73
N LEU E 1035 -31.10 23.66 15.73
CA LEU E 1035 -31.27 24.97 15.15
C LEU E 1035 -32.55 25.08 14.34
N GLY E 1036 -33.25 23.98 14.08
CA GLY E 1036 -34.49 24.05 13.33
C GLY E 1036 -35.26 22.75 13.49
N GLN E 1037 -36.26 22.58 12.65
CA GLN E 1037 -37.07 21.36 12.61
C GLN E 1037 -36.69 20.54 11.40
N SER E 1038 -36.41 19.27 11.60
CA SER E 1038 -35.96 18.37 10.55
C SER E 1038 -37.08 17.43 10.14
N LYS E 1039 -37.31 17.33 8.85
CA LYS E 1039 -38.31 16.43 8.30
C LYS E 1039 -37.75 15.08 7.93
N ARG E 1040 -36.46 14.85 8.13
CA ARG E 1040 -35.87 13.57 7.80
C ARG E 1040 -36.31 12.51 8.79
N VAL E 1041 -36.74 11.36 8.28
CA VAL E 1041 -37.27 10.32 9.15
C VAL E 1041 -36.14 9.65 9.91
N ASP E 1042 -36.36 9.41 11.20
CA ASP E 1042 -35.44 8.72 12.09
C ASP E 1042 -34.10 9.44 12.22
N PHE E 1043 -34.05 10.71 11.85
CA PHE E 1043 -32.83 11.48 12.01
C PHE E 1043 -32.72 12.01 13.42
N CYS E 1044 -33.66 12.85 13.83
CA CYS E 1044 -33.68 13.39 15.19
C CYS E 1044 -34.67 12.60 16.04
N GLY E 1045 -34.24 11.41 16.44
CA GLY E 1045 -35.05 10.54 17.26
C GLY E 1045 -36.11 9.80 16.48
N LYS E 1046 -36.89 9.03 17.21
CA LYS E 1046 -37.96 8.23 16.63
C LYS E 1046 -39.29 8.97 16.76
N GLY E 1047 -39.98 9.14 15.64
CA GLY E 1047 -41.24 9.86 15.60
C GLY E 1047 -41.08 11.21 14.93
N TYR E 1048 -42.20 11.92 14.86
CA TYR E 1048 -42.19 13.24 14.28
C TYR E 1048 -41.41 14.21 15.16
N HIS E 1049 -40.34 14.76 14.62
CA HIS E 1049 -39.44 15.60 15.39
C HIS E 1049 -40.06 16.96 15.68
N LEU E 1050 -39.84 17.46 16.89
CA LEU E 1050 -40.26 18.79 17.30
C LEU E 1050 -39.09 19.70 17.64
N MET E 1051 -38.19 19.28 18.54
CA MET E 1051 -37.04 20.10 18.91
C MET E 1051 -36.06 19.20 19.65
N SER E 1052 -34.86 19.71 19.89
CA SER E 1052 -33.84 18.94 20.58
C SER E 1052 -33.02 19.86 21.46
N PHE E 1053 -32.36 19.28 22.47
CA PHE E 1053 -31.55 20.03 23.42
C PHE E 1053 -30.16 19.44 23.54
N PRO E 1054 -29.11 20.19 23.25
CA PRO E 1054 -27.77 19.67 23.42
C PRO E 1054 -27.36 19.57 24.88
N GLN E 1055 -26.51 18.60 25.17
CA GLN E 1055 -25.96 18.42 26.51
C GLN E 1055 -24.50 18.01 26.38
N SER E 1056 -23.61 18.76 27.00
CA SER E 1056 -22.19 18.45 26.92
C SER E 1056 -21.87 17.19 27.69
N ALA E 1057 -20.79 16.53 27.28
CA ALA E 1057 -20.33 15.29 27.88
C ALA E 1057 -18.84 15.17 27.66
N PRO E 1058 -18.14 14.41 28.49
CA PRO E 1058 -16.71 14.21 28.28
C PRO E 1058 -16.43 13.52 26.95
N HIS E 1059 -15.72 14.25 26.08
CA HIS E 1059 -15.34 13.75 24.76
C HIS E 1059 -16.55 13.35 23.93
N GLY E 1060 -17.61 14.12 24.02
CA GLY E 1060 -18.79 13.80 23.24
C GLY E 1060 -19.90 14.77 23.53
N VAL E 1061 -21.03 14.57 22.85
CA VAL E 1061 -22.22 15.39 23.03
C VAL E 1061 -23.43 14.48 23.16
N VAL E 1062 -24.48 14.98 23.79
CA VAL E 1062 -25.71 14.24 24.01
C VAL E 1062 -26.88 15.11 23.60
N PHE E 1063 -27.79 14.55 22.81
CA PHE E 1063 -28.97 15.24 22.34
C PHE E 1063 -30.20 14.69 23.02
N LEU E 1064 -31.14 15.56 23.32
CA LEU E 1064 -32.42 15.19 23.93
C LEU E 1064 -33.52 15.50 22.92
N HIS E 1065 -33.80 14.53 22.06
CA HIS E 1065 -34.77 14.73 21.00
C HIS E 1065 -36.19 14.64 21.53
N VAL E 1066 -36.98 15.68 21.33
CA VAL E 1066 -38.39 15.70 21.70
C VAL E 1066 -39.22 15.41 20.47
N THR E 1067 -39.96 14.31 20.50
CA THR E 1067 -40.70 13.82 19.35
C THR E 1067 -42.20 13.79 19.63
N TYR E 1068 -42.97 13.50 18.60
CA TYR E 1068 -44.43 13.41 18.68
C TYR E 1068 -44.84 12.03 18.21
N VAL E 1069 -45.30 11.20 19.11
CA VAL E 1069 -45.67 9.81 18.83
C VAL E 1069 -47.19 9.69 18.97
N PRO E 1070 -47.91 9.41 17.89
CA PRO E 1070 -49.35 9.21 18.00
C PRO E 1070 -49.71 7.94 18.73
N ALA E 1071 -50.94 7.89 19.22
CA ALA E 1071 -51.43 6.72 19.93
C ALA E 1071 -52.95 6.73 19.91
N GLN E 1072 -53.54 5.66 20.47
CA GLN E 1072 -54.99 5.52 20.59
C GLN E 1072 -55.67 5.59 19.23
N GLU E 1073 -55.36 4.59 18.40
CA GLU E 1073 -55.92 4.49 17.07
C GLU E 1073 -57.40 4.15 17.14
N LYS E 1074 -58.10 4.42 16.03
CA LYS E 1074 -59.51 4.10 15.93
C LYS E 1074 -59.84 3.87 14.45
N ASN E 1075 -60.63 2.85 14.18
CA ASN E 1075 -60.97 2.50 12.81
C ASN E 1075 -62.07 3.40 12.27
N PHE E 1076 -61.98 3.72 10.99
CA PHE E 1076 -62.98 4.55 10.31
C PHE E 1076 -63.07 4.11 8.87
N THR E 1077 -64.18 4.43 8.22
CA THR E 1077 -64.41 4.12 6.82
C THR E 1077 -64.28 5.37 5.98
N THR E 1078 -63.47 5.30 4.93
CA THR E 1078 -63.19 6.44 4.08
C THR E 1078 -63.41 6.11 2.62
N ALA E 1079 -63.56 7.15 1.82
CA ALA E 1079 -63.68 7.07 0.38
C ALA E 1079 -62.79 8.12 -0.25
N PRO E 1080 -62.32 7.89 -1.47
CA PRO E 1080 -61.46 8.91 -2.11
C PRO E 1080 -62.13 10.25 -2.22
N ALA E 1081 -63.42 10.32 -2.52
CA ALA E 1081 -64.13 11.59 -2.57
C ALA E 1081 -65.61 11.29 -2.60
N ILE E 1082 -66.42 12.33 -2.44
CA ILE E 1082 -67.86 12.18 -2.41
C ILE E 1082 -68.46 12.74 -3.70
N CYS E 1083 -69.67 12.32 -4.00
CA CYS E 1083 -70.40 12.76 -5.17
C CYS E 1083 -71.51 13.70 -4.74
N HIS E 1084 -71.42 14.96 -5.14
CA HIS E 1084 -72.41 15.97 -4.81
C HIS E 1084 -72.78 16.74 -6.06
N ASP E 1085 -74.03 16.59 -6.50
CA ASP E 1085 -74.55 17.30 -7.67
C ASP E 1085 -73.70 17.03 -8.90
N GLY E 1086 -73.27 15.78 -9.07
CA GLY E 1086 -72.47 15.40 -10.22
C GLY E 1086 -71.03 15.83 -10.19
N LYS E 1087 -70.54 16.35 -9.08
CA LYS E 1087 -69.16 16.78 -8.95
C LYS E 1087 -68.49 16.02 -7.82
N ALA E 1088 -67.22 15.73 -7.99
CA ALA E 1088 -66.44 15.00 -7.00
C ALA E 1088 -65.64 16.00 -6.17
N HIS E 1089 -65.98 16.13 -4.90
CA HIS E 1089 -65.28 17.05 -4.02
C HIS E 1089 -64.15 16.30 -3.33
N PHE E 1090 -62.98 16.32 -3.94
CA PHE E 1090 -61.82 15.69 -3.34
C PHE E 1090 -61.39 16.47 -2.11
N PRO E 1091 -61.02 15.80 -1.04
CA PRO E 1091 -60.62 16.49 0.18
C PRO E 1091 -59.35 17.29 0.00
N ARG E 1092 -59.25 18.38 0.72
CA ARG E 1092 -58.07 19.22 0.75
C ARG E 1092 -57.38 19.04 2.10
N GLU E 1093 -56.10 18.69 2.05
CA GLU E 1093 -55.27 18.42 3.22
C GLU E 1093 -56.03 17.69 4.32
N GLY E 1094 -56.65 16.59 3.95
CA GLY E 1094 -57.41 15.81 4.90
C GLY E 1094 -57.87 14.52 4.27
N VAL E 1095 -58.59 13.72 5.05
CA VAL E 1095 -59.12 12.43 4.61
C VAL E 1095 -60.62 12.45 4.87
N PHE E 1096 -61.34 11.61 4.13
CA PHE E 1096 -62.81 11.58 4.18
C PHE E 1096 -63.28 10.51 5.14
N VAL E 1097 -63.03 10.76 6.42
CA VAL E 1097 -63.39 9.82 7.48
C VAL E 1097 -64.88 9.89 7.74
N SER E 1098 -65.53 8.73 7.79
CA SER E 1098 -66.95 8.63 8.06
C SER E 1098 -67.19 7.79 9.31
N ASN E 1099 -68.23 8.13 10.04
CA ASN E 1099 -68.61 7.41 11.26
C ASN E 1099 -69.73 6.42 11.03
N GLY E 1100 -70.11 6.17 9.78
CA GLY E 1100 -71.16 5.25 9.45
C GLY E 1100 -72.49 5.91 9.11
N THR E 1101 -72.66 7.17 9.50
CA THR E 1101 -73.88 7.90 9.18
C THR E 1101 -73.60 9.18 8.41
N HIS E 1102 -72.54 9.91 8.76
CA HIS E 1102 -72.16 11.14 8.09
C HIS E 1102 -70.70 11.05 7.69
N TRP E 1103 -70.29 11.99 6.85
CA TRP E 1103 -68.93 12.06 6.35
C TRP E 1103 -68.28 13.36 6.78
N PHE E 1104 -67.03 13.27 7.22
CA PHE E 1104 -66.29 14.42 7.72
C PHE E 1104 -64.87 14.38 7.17
N VAL E 1105 -64.26 15.55 7.05
CA VAL E 1105 -62.85 15.67 6.73
C VAL E 1105 -62.06 15.66 8.02
N THR E 1106 -60.85 15.13 7.99
CA THR E 1106 -60.05 14.95 9.19
C THR E 1106 -58.58 15.04 8.86
N GLN E 1107 -57.81 15.62 9.77
CA GLN E 1107 -56.37 15.66 9.62
C GLN E 1107 -55.79 14.25 9.74
N ARG E 1108 -54.51 14.13 9.44
CA ARG E 1108 -53.86 12.83 9.46
C ARG E 1108 -53.45 12.42 10.86
N ASN E 1109 -52.69 13.23 11.55
CA ASN E 1109 -52.08 12.86 12.81
C ASN E 1109 -52.97 13.13 14.02
N PHE E 1110 -54.18 13.64 13.82
CA PHE E 1110 -55.10 13.87 14.92
C PHE E 1110 -56.51 13.72 14.40
N TYR E 1111 -57.41 13.28 15.27
CA TYR E 1111 -58.81 13.06 14.90
C TYR E 1111 -59.62 14.30 15.24
N GLU E 1112 -59.86 15.14 14.24
CA GLU E 1112 -60.67 16.35 14.40
C GLU E 1112 -61.70 16.40 13.29
N PRO E 1113 -62.84 15.76 13.47
CA PRO E 1113 -63.88 15.76 12.45
C PRO E 1113 -64.38 17.16 12.16
N GLN E 1114 -64.66 17.43 10.89
CA GLN E 1114 -65.18 18.71 10.46
C GLN E 1114 -66.25 18.49 9.41
N ILE E 1115 -67.26 19.36 9.42
CA ILE E 1115 -68.34 19.27 8.45
C ILE E 1115 -67.79 19.57 7.06
N ILE E 1116 -68.36 18.88 6.06
CA ILE E 1116 -67.90 19.05 4.70
C ILE E 1116 -68.39 20.37 4.14
N THR E 1117 -67.46 21.18 3.66
CA THR E 1117 -67.75 22.51 3.15
C THR E 1117 -66.86 22.79 1.95
N THR E 1118 -67.29 23.74 1.12
CA THR E 1118 -66.50 24.12 -0.05
C THR E 1118 -65.18 24.75 0.30
N ASP E 1119 -64.99 25.16 1.55
CA ASP E 1119 -63.72 25.79 1.94
C ASP E 1119 -62.60 24.76 1.98
N ASN E 1120 -62.83 23.62 2.59
CA ASN E 1120 -61.82 22.58 2.74
C ASN E 1120 -61.94 21.48 1.73
N THR E 1121 -62.78 21.64 0.71
CA THR E 1121 -62.91 20.68 -0.38
C THR E 1121 -62.83 21.41 -1.70
N PHE E 1122 -62.09 20.86 -2.65
CA PHE E 1122 -61.97 21.44 -3.97
C PHE E 1122 -62.51 20.47 -5.01
N VAL E 1123 -63.32 20.97 -5.93
CA VAL E 1123 -63.91 20.13 -6.95
C VAL E 1123 -62.91 19.90 -8.07
N SER E 1124 -63.15 18.85 -8.84
CA SER E 1124 -62.27 18.49 -9.95
C SER E 1124 -63.02 17.57 -10.90
N GLY E 1125 -63.12 17.99 -12.16
CA GLY E 1125 -63.76 17.14 -13.14
C GLY E 1125 -65.22 16.91 -12.84
N ASN E 1126 -65.67 15.69 -13.10
CA ASN E 1126 -67.04 15.31 -12.87
C ASN E 1126 -67.08 14.03 -12.06
N CYS E 1127 -68.27 13.72 -11.54
CA CYS E 1127 -68.44 12.55 -10.70
C CYS E 1127 -68.48 11.28 -11.53
N ASP E 1128 -68.48 10.15 -10.83
CA ASP E 1128 -68.56 8.80 -11.40
C ASP E 1128 -67.36 8.45 -12.26
N VAL E 1129 -66.25 9.18 -12.16
CA VAL E 1129 -65.04 8.82 -12.89
C VAL E 1129 -64.01 8.18 -11.98
N VAL E 1130 -64.07 8.49 -10.68
CA VAL E 1130 -63.13 7.97 -9.71
C VAL E 1130 -63.72 6.74 -9.04
N ILE E 1131 -62.87 5.75 -8.79
CA ILE E 1131 -63.32 4.54 -8.10
C ILE E 1131 -63.52 4.84 -6.62
N GLY E 1132 -64.57 4.28 -6.05
CA GLY E 1132 -64.83 4.43 -4.63
C GLY E 1132 -65.59 5.67 -4.22
N ILE E 1133 -66.16 6.41 -5.16
CA ILE E 1133 -66.92 7.61 -4.81
C ILE E 1133 -68.23 7.23 -4.16
N VAL E 1134 -68.56 7.91 -3.07
CA VAL E 1134 -69.84 7.72 -2.39
C VAL E 1134 -70.68 8.96 -2.58
N ASN E 1135 -71.95 8.88 -2.19
CA ASN E 1135 -72.90 9.97 -2.34
C ASN E 1135 -73.16 10.60 -0.98
N ASN E 1136 -73.01 11.92 -0.92
CA ASN E 1136 -73.25 12.67 0.30
C ASN E 1136 -73.61 14.10 -0.08
N THR E 1137 -73.63 14.98 0.90
CA THR E 1137 -74.06 16.36 0.71
C THR E 1137 -72.93 17.32 1.06
N VAL E 1138 -72.87 18.42 0.32
CA VAL E 1138 -71.91 19.49 0.57
C VAL E 1138 -72.68 20.78 0.82
N TYR E 1139 -72.40 21.42 1.94
CA TYR E 1139 -73.13 22.63 2.31
C TYR E 1139 -72.22 23.57 3.07
N ASP E 1140 -72.63 24.83 3.15
CA ASP E 1140 -71.87 25.85 3.86
C ASP E 1140 -71.98 25.64 5.37
C1 NAG F . 23.71 -51.95 -29.73
C2 NAG F . 23.83 -53.44 -29.97
C3 NAG F . 24.22 -54.16 -28.70
C4 NAG F . 25.49 -53.55 -28.11
C5 NAG F . 25.33 -52.04 -27.96
C6 NAG F . 26.63 -51.38 -27.54
C7 NAG F . 22.45 -54.35 -31.78
C8 NAG F . 23.67 -54.21 -32.66
N2 NAG F . 22.59 -53.97 -30.52
O3 NAG F . 24.43 -55.53 -28.98
O4 NAG F . 25.75 -54.11 -26.83
O5 NAG F . 24.96 -51.45 -29.21
O6 NAG F . 27.74 -51.94 -28.22
O7 NAG F . 21.39 -54.79 -32.22
C1 NAG F . 26.94 -54.92 -26.91
C2 NAG F . 27.68 -54.81 -25.58
C3 NAG F . 28.92 -55.70 -25.58
C4 NAG F . 28.56 -57.12 -25.98
C5 NAG F . 27.79 -57.13 -27.29
C6 NAG F . 27.29 -58.50 -27.68
C7 NAG F . 27.86 -52.90 -24.05
C8 NAG F . 28.27 -51.47 -23.91
N2 NAG F . 28.02 -53.44 -25.27
O3 NAG F . 29.51 -55.68 -24.29
O4 NAG F . 29.74 -57.90 -26.11
O5 NAG F . 26.64 -56.28 -27.19
O6 NAG F . 25.88 -58.60 -27.54
O7 NAG F . 27.41 -53.55 -23.11
C1 NAG G . 35.47 -24.15 -24.59
C2 NAG G . 36.85 -23.72 -24.11
C3 NAG G . 37.05 -22.21 -24.30
C4 NAG G . 36.64 -21.77 -25.69
C5 NAG G . 35.25 -22.28 -26.00
C6 NAG G . 34.79 -21.94 -27.40
C7 NAG G . 36.23 -23.68 -21.73
C8 NAG G . 36.57 -24.17 -20.36
N2 NAG G . 37.03 -24.09 -22.71
O3 NAG G . 38.43 -21.92 -24.08
O4 NAG G . 36.66 -20.36 -25.85
O5 NAG G . 35.27 -23.70 -25.89
O6 NAG G . 34.52 -20.56 -27.51
O7 NAG G . 35.27 -22.93 -21.92
C1 NAG G . 37.87 -19.95 -26.53
C2 NAG G . 37.58 -19.11 -27.79
C3 NAG G . 38.87 -18.54 -28.37
C4 NAG G . 39.69 -17.84 -27.31
C5 NAG G . 39.89 -18.76 -26.12
C6 NAG G . 40.62 -18.09 -24.97
C7 NAG G . 37.34 -20.95 -29.42
C8 NAG G . 36.44 -21.58 -30.43
N2 NAG G . 36.85 -19.87 -28.79
O3 NAG G . 38.55 -17.64 -29.43
O4 NAG G . 40.96 -17.49 -27.86
O5 NAG G . 38.62 -19.17 -25.61
O6 NAG G . 40.36 -18.73 -23.74
O7 NAG G . 38.44 -21.40 -29.15
C1 NAG H . -39.15 21.87 37.70
C2 NAG H . -39.92 22.55 38.83
C3 NAG H . -39.11 22.51 40.12
C4 NAG H . -38.69 21.09 40.45
C5 NAG H . -37.95 20.49 39.27
C6 NAG H . -37.59 19.04 39.47
C7 NAG H . -41.50 24.30 38.22
C8 NAG H . -42.56 23.24 38.30
N2 NAG H . -40.26 23.91 38.47
O3 NAG H . -39.91 23.03 41.18
O4 NAG H . -37.83 21.08 41.59
O5 NAG H . -38.79 20.55 38.10
O6 NAG H . -36.58 18.64 38.56
O7 NAG H . -41.78 25.46 37.92
C1 NAG H . -38.55 20.55 42.71
C2 NAG H . -37.56 19.94 43.70
C3 NAG H . -38.28 19.45 44.95
C4 NAG H . -39.14 20.55 45.54
C5 NAG H . -40.07 21.12 44.48
C6 NAG H . -40.86 22.31 44.98
C7 NAG H . -37.31 17.73 42.63
C8 NAG H . -36.33 16.75 42.06
N2 NAG H . -36.78 18.86 43.10
O3 NAG H . -37.34 18.99 45.92
O4 NAG H . -39.91 20.04 46.63
O5 NAG H . -39.30 21.58 43.36
O6 NAG H . -40.00 23.33 45.47
O7 NAG H . -38.51 17.50 42.66
C1 NAG I . 44.66 -40.11 -23.58
C2 NAG I . 44.87 -38.85 -24.42
C3 NAG I . 46.33 -38.41 -24.37
C4 NAG I . 46.78 -38.25 -22.92
C5 NAG I . 46.50 -39.53 -22.13
C6 NAG I . 46.80 -39.40 -20.66
C7 NAG I . 43.50 -38.34 -26.40
C8 NAG I . 42.85 -37.28 -25.56
N2 NAG I . 44.46 -39.07 -25.80
O3 NAG I . 46.47 -37.19 -25.06
O4 NAG I . 48.17 -37.96 -22.87
O5 NAG I . 45.10 -39.87 -22.24
O6 NAG I . 47.66 -38.28 -20.41
O7 NAG I . 43.18 -38.54 -27.58
C1 NAG J . 12.93 -16.18 -38.36
C2 NAG J . 13.52 -15.13 -39.28
C3 NAG J . 13.86 -13.86 -38.49
C4 NAG J . 12.64 -13.37 -37.76
C5 NAG J . 12.09 -14.45 -36.84
C6 NAG J . 10.79 -14.06 -36.17
C7 NAG J . 14.78 -15.71 -41.31
C8 NAG J . 13.57 -15.24 -42.07
N2 NAG J . 14.69 -15.63 -39.97
O3 NAG J . 14.30 -12.86 -39.39
O4 NAG J . 12.94 -12.24 -36.96
O5 NAG J . 11.80 -15.61 -37.62
O6 NAG J . 11.01 -13.62 -34.83
O7 NAG J . 15.77 -16.14 -41.87
C1 NAG K . 45.96 5.48 -23.00
C2 NAG K . 47.41 5.90 -23.17
C3 NAG K . 47.49 7.28 -23.80
C4 NAG K . 46.69 7.31 -25.10
C5 NAG K . 45.27 6.83 -24.86
C6 NAG K . 44.48 6.71 -26.14
C7 NAG K . 49.28 5.32 -21.69
C8 NAG K . 49.84 5.42 -20.30
N2 NAG K . 48.09 5.91 -21.88
O3 NAG K . 48.85 7.61 -24.06
O4 NAG K . 46.66 8.64 -25.62
O5 NAG K . 45.29 5.54 -24.27
O6 NAG K . 45.30 6.33 -27.23
O7 NAG K . 49.87 4.74 -22.59
C1 NAG L . -7.21 -37.46 -15.58
C2 NAG L . -7.96 -37.31 -16.90
C3 NAG L . -9.30 -38.03 -16.83
C4 NAG L . -9.10 -39.48 -16.40
C5 NAG L . -8.31 -39.55 -15.10
C6 NAG L . -7.97 -40.95 -14.68
C7 NAG L . -7.36 -35.26 -18.06
C8 NAG L . -7.71 -33.82 -18.29
N2 NAG L . -8.16 -35.92 -17.22
O3 NAG L . -9.92 -37.99 -18.10
O4 NAG L . -10.36 -40.12 -16.22
O5 NAG L . -7.06 -38.85 -15.26
O6 NAG L . -6.96 -41.51 -15.50
O7 NAG L . -6.39 -35.79 -18.58
C1 NAG M . -49.04 10.13 -22.10
C2 NAG M . -48.32 8.92 -21.49
C3 NAG M . -49.23 7.70 -21.48
C4 NAG M . -50.28 7.76 -22.59
C5 NAG M . -51.07 9.07 -22.58
C6 NAG M . -52.45 8.92 -22.01
C7 NAG M . -45.91 8.52 -21.61
C8 NAG M . -44.74 8.22 -22.50
N2 NAG M . -47.09 8.64 -22.21
O3 NAG M . -49.87 7.65 -20.22
O4 NAG M . -49.67 7.57 -23.86
O5 NAG M . -50.40 10.05 -21.79
O6 NAG M . -53.29 8.19 -22.89
O7 NAG M . -45.77 8.64 -20.40
C1 NAG N . -48.83 -9.80 -11.19
C2 NAG N . -50.08 -10.39 -11.83
C3 NAG N . -49.95 -11.90 -11.96
C4 NAG N . -48.66 -12.27 -12.67
C5 NAG N . -47.47 -11.61 -11.98
C6 NAG N . -46.16 -11.85 -12.68
C7 NAG N . -51.53 -10.40 -9.85
C8 NAG N . -52.84 -9.93 -9.29
N2 NAG N . -51.28 -10.03 -11.11
O3 NAG N . -51.06 -12.40 -12.69
O4 NAG N . -48.48 -13.68 -12.67
O5 NAG N . -47.67 -10.20 -11.92
O6 NAG N . -45.07 -11.80 -11.77
O7 NAG N . -50.75 -11.07 -9.18
C1 NAG O . -37.34 40.07 -21.94
C2 NAG O . -37.71 41.47 -21.48
C3 NAG O . -37.40 42.49 -22.58
C4 NAG O . -35.93 42.37 -22.94
C5 NAG O . -35.63 40.93 -23.35
C6 NAG O . -34.18 40.66 -23.66
C7 NAG O . -40.15 40.81 -21.80
C8 NAG O . -40.61 41.47 -23.07
N2 NAG O . -39.12 41.36 -21.19
O3 NAG O . -37.62 43.81 -22.09
O4 NAG O . -35.60 43.23 -24.02
O5 NAG O . -36.00 40.03 -22.31
O6 NAG O . -34.04 39.36 -24.23
O7 NAG O . -40.95 40.17 -21.12
C1 NAG P . -41.15 24.67 -26.37
C2 NAG P . -40.02 25.39 -27.14
C3 NAG P . -38.95 24.41 -27.52
C4 NAG P . -38.44 23.67 -26.30
C5 NAG P . -39.58 23.00 -25.55
C6 NAG P . -39.15 22.33 -24.29
C7 NAG P . -40.02 26.46 -29.38
C8 NAG P . -40.71 26.37 -30.70
N2 NAG P . -40.61 25.79 -28.40
O3 NAG P . -37.88 25.10 -28.14
O4 NAG P . -37.54 22.67 -26.77
O5 NAG P . -40.59 23.97 -25.20
O6 NAG P . -38.59 23.28 -23.41
O7 NAG P . -39.08 27.23 -29.20
C1 NAG Q . -58.80 29.57 -25.09
C2 NAG Q . -58.39 28.70 -26.27
C3 NAG Q . -59.47 27.69 -26.60
C4 NAG Q . -59.86 26.91 -25.36
C5 NAG Q . -60.20 27.86 -24.21
C6 NAG Q . -60.47 27.13 -22.91
C7 NAG Q . -58.93 30.29 -28.08
C8 NAG Q . -58.38 31.03 -29.27
N2 NAG Q . -58.06 29.51 -27.43
O3 NAG Q . -58.98 26.81 -27.60
O4 NAG Q . -60.97 26.07 -25.63
O5 NAG Q . -59.10 28.75 -23.97
O6 NAG Q . -61.45 26.12 -23.08
O7 NAG Q . -60.10 30.41 -27.73
C1 NAG R . -22.70 43.17 -14.95
C2 NAG R . -23.24 44.10 -16.02
C3 NAG R . -22.14 44.51 -16.97
C4 NAG R . -20.97 45.10 -16.20
C5 NAG R . -20.51 44.12 -15.13
C6 NAG R . -19.42 44.70 -14.26
C7 NAG R . -25.60 43.52 -16.37
C8 NAG R . -26.58 42.80 -17.24
N2 NAG R . -24.32 43.44 -16.75
O3 NAG R . -22.65 45.47 -17.90
O4 NAG R . -19.87 45.37 -17.07
O5 NAG R . -21.61 43.80 -14.27
O6 NAG R . -18.52 45.50 -15.02
O7 NAG R . -25.94 44.15 -15.39
C1 NAG S . -34.22 47.74 3.54
C2 NAG S . -34.57 49.22 3.40
C3 NAG S . -34.00 49.80 2.11
C4 NAG S . -32.51 49.49 2.02
C5 NAG S . -32.28 48.00 2.19
C6 NAG S . -30.81 47.64 2.20
C7 NAG S . -36.88 48.98 2.59
C8 NAG S . -38.31 49.34 2.84
N2 NAG S . -36.00 49.46 3.47
O3 NAG S . -34.20 51.20 2.08
O4 NAG S . -32.00 49.92 0.76
O5 NAG S . -32.82 47.57 3.45
O6 NAG S . -30.40 47.23 3.50
O7 NAG S . -36.55 48.28 1.64
C1 NAG T . -46.81 36.72 30.72
C2 NAG T . -47.99 36.07 31.42
C3 NAG T . -48.09 36.52 32.87
C4 NAG T . -46.77 36.30 33.59
C5 NAG T . -45.65 36.98 32.81
C6 NAG T . -44.27 36.74 33.40
C7 NAG T . -49.88 35.42 29.98
C8 NAG T . -51.15 35.87 29.33
N2 NAG T . -49.24 36.34 30.72
O3 NAG T . -49.10 35.76 33.52
O4 NAG T . -46.82 36.83 34.90
O5 NAG T . -45.61 36.48 31.47
O6 NAG T . -44.35 36.03 34.63
O7 NAG T . -49.45 34.28 29.85
C1 NAG U . -51.68 51.11 14.20
C2 NAG U . -51.35 52.48 13.64
C3 NAG U . -52.65 53.22 13.28
C4 NAG U . -53.53 52.36 12.40
C5 NAG U . -53.70 50.96 12.98
C6 NAG U . -54.43 50.02 12.05
C7 NAG U . -49.28 53.51 14.46
C8 NAG U . -48.62 52.93 13.25
N2 NAG U . -50.59 53.26 14.60
O3 NAG U . -52.33 54.42 12.59
O4 NAG U . -54.81 52.96 12.26
O5 NAG U . -52.42 50.37 13.25
O6 NAG U . -54.43 50.51 10.72
O7 NAG U . -48.66 54.18 15.29
C1 NAG V . -64.10 40.40 26.34
C2 NAG V . -64.92 39.16 25.98
C3 NAG V . -65.62 38.62 27.22
C4 NAG V . -64.62 38.40 28.34
C5 NAG V . -63.81 39.67 28.60
C6 NAG V . -62.72 39.49 29.62
C7 NAG V . -66.89 40.28 25.00
C8 NAG V . -67.76 40.38 23.77
N2 NAG V . -65.86 39.41 24.91
O3 NAG V . -66.25 37.39 26.90
O4 NAG V . -65.31 38.04 29.54
O5 NAG V . -63.18 40.09 27.38
O6 NAG V . -61.54 38.95 29.02
O7 NAG V . -67.11 40.94 26.00
C1 NAG W . -62.11 -4.07 -1.44
C2 NAG W . -62.93 -4.21 -2.71
C3 NAG W . -63.73 -5.51 -2.69
C4 NAG W . -62.81 -6.69 -2.43
C5 NAG W . -62.00 -6.45 -1.17
C6 NAG W . -60.97 -7.54 -0.90
C7 NAG W . -63.67 -2.17 -3.86
C8 NAG W . -64.68 -1.07 -3.90
N2 NAG W . -63.83 -3.07 -2.88
O3 NAG W . -64.37 -5.67 -3.95
O4 NAG W . -63.58 -7.88 -2.27
O5 NAG W . -61.27 -5.22 -1.29
O6 NAG W . -59.81 -7.34 -1.71
O7 NAG W . -62.76 -2.24 -4.66
C1 NAG X . -54.60 11.35 26.23
C2 NAG X . -55.96 11.48 26.91
C3 NAG X . -55.82 12.24 28.22
C4 NAG X . -54.76 11.59 29.10
C5 NAG X . -53.45 11.47 28.33
C6 NAG X . -52.38 10.74 29.11
C7 NAG X . -57.97 11.52 25.52
C8 NAG X . -58.86 12.35 24.65
N2 NAG X . -56.91 12.14 26.05
O3 NAG X . -57.06 12.25 28.91
O4 NAG X . -54.57 12.36 30.28
O5 NAG X . -53.67 10.74 27.12
O6 NAG X . -52.31 11.20 30.45
O7 NAG X . -58.20 10.34 25.75
C1 NAG Y . 40.04 -46.50 5.26
C2 NAG Y . 41.00 -46.31 6.43
C3 NAG Y . 40.21 -46.19 7.74
C4 NAG Y . 39.14 -45.11 7.61
C5 NAG Y . 38.28 -45.35 6.37
C6 NAG Y . 37.28 -44.26 6.13
C7 NAG Y . 43.14 -47.28 7.12
C8 NAG Y . 44.00 -48.51 7.12
N2 NAG Y . 41.95 -47.40 6.53
O3 NAG Y . 41.10 -45.87 8.80
O4 NAG Y . 38.32 -45.10 8.77
O5 NAG Y . 39.12 -45.43 5.21
O6 NAG Y . 36.26 -44.71 5.23
O7 NAG Y . 43.50 -46.22 7.64
C1 NAG Z . -19.32 -33.55 11.71
C2 NAG Z . -20.16 -34.50 10.85
C3 NAG Z . -20.49 -33.86 9.51
C4 NAG Z . -21.12 -32.50 9.71
C5 NAG Z . -20.25 -31.63 10.59
C6 NAG Z . -20.85 -30.29 10.92
C7 NAG Z . -19.73 -36.84 11.44
C8 NAG Z . -18.95 -38.08 11.10
N2 NAG Z . -19.50 -35.78 10.66
O3 NAG Z . -21.39 -34.71 8.79
O4 NAG Z . -21.31 -31.86 8.44
O5 NAG Z . -20.00 -32.30 11.84
O6 NAG Z . -20.35 -29.28 10.06
O7 NAG Z . -20.51 -36.80 12.38
#